data_2I2Y
#
_entry.id   2I2Y
#
loop_
_entity.id
_entity.type
_entity.pdbx_description
1 polymer "(5'-R(*CP*AP*UP*C)-3')"
2 polymer 'Fusion protein consists of immunoglobulin G-Binding Protein G and Splicing factor, arginine/serine-rich 3'
#
loop_
_entity_poly.entity_id
_entity_poly.type
_entity_poly.pdbx_seq_one_letter_code
_entity_poly.pdbx_strand_id
1 'polyribonucleotide' CAUC B
2 'polypeptide(L)'
;MQYKLILNGKTLKGETTTEAVDAATAEKVFKQYANDNGVDGEWTYDDATKTFTVTEGSHHHHHHMHRDSCPLDCKVYVGN
LGNNGNKTELERAFGYYGPLRSVWVARNPPGFAFVEFEDPRDAADAVRELDGRTLCGCRVRVELSNGEKR
;
A
#
loop_
_chem_comp.id
_chem_comp.type
_chem_comp.name
_chem_comp.formula
A RNA linking ADENOSINE-5'-MONOPHOSPHATE 'C10 H14 N5 O7 P'
C RNA linking CYTIDINE-5'-MONOPHOSPHATE 'C9 H14 N3 O8 P'
U RNA linking URIDINE-5'-MONOPHOSPHATE 'C9 H13 N2 O9 P'
#
# COMPACT_ATOMS: atom_id res chain seq x y z
N MET B 1 -47.73 -6.70 24.91
CA MET B 1 -47.72 -6.09 23.55
C MET B 1 -46.63 -6.75 22.71
N GLN B 2 -46.87 -6.99 21.41
CA GLN B 2 -45.85 -7.61 20.56
C GLN B 2 -44.84 -6.58 20.02
N TYR B 3 -43.58 -6.99 19.88
CA TYR B 3 -42.44 -6.22 19.38
C TYR B 3 -41.71 -7.03 18.30
N LYS B 4 -40.94 -6.39 17.42
CA LYS B 4 -40.23 -7.02 16.28
C LYS B 4 -38.71 -6.98 16.47
N LEU B 5 -37.96 -7.80 15.74
CA LEU B 5 -36.49 -7.84 15.70
C LEU B 5 -35.99 -8.22 14.30
N ILE B 6 -34.96 -7.53 13.79
CA ILE B 6 -34.24 -7.83 12.53
C ILE B 6 -32.78 -8.21 12.81
N LEU B 7 -32.31 -9.30 12.21
CA LEU B 7 -31.00 -9.92 12.36
C LEU B 7 -30.14 -9.69 11.10
N ASN B 8 -29.93 -8.43 10.68
CA ASN B 8 -29.14 -8.07 9.48
C ASN B 8 -27.69 -8.61 9.49
N GLY B 9 -27.43 -9.84 9.03
CA GLY B 9 -26.08 -10.39 8.82
C GLY B 9 -25.72 -10.75 7.39
N LYS B 10 -24.45 -11.10 7.14
CA LYS B 10 -23.91 -11.31 5.79
C LYS B 10 -24.60 -12.47 5.05
N THR B 11 -24.83 -13.60 5.72
CA THR B 11 -25.31 -14.86 5.07
C THR B 11 -26.62 -15.42 5.66
N LEU B 12 -26.83 -15.25 6.97
CA LEU B 12 -27.87 -15.88 7.78
C LEU B 12 -29.11 -15.03 8.08
N LYS B 13 -29.10 -13.76 7.64
CA LYS B 13 -30.06 -12.72 8.01
C LYS B 13 -31.54 -13.11 8.07
N GLY B 14 -32.24 -12.44 8.98
CA GLY B 14 -33.70 -12.52 9.04
C GLY B 14 -34.41 -11.54 9.98
N GLU B 15 -35.62 -11.90 10.43
CA GLU B 15 -36.47 -11.15 11.37
C GLU B 15 -37.47 -12.06 12.10
N THR B 16 -37.97 -11.60 13.25
CA THR B 16 -38.97 -12.27 14.10
C THR B 16 -39.69 -11.25 14.97
N THR B 17 -40.56 -11.71 15.85
CA THR B 17 -41.31 -10.90 16.83
C THR B 17 -41.45 -11.65 18.17
N THR B 18 -41.94 -10.97 19.20
CA THR B 18 -42.28 -11.58 20.49
C THR B 18 -43.30 -10.74 21.26
N GLU B 19 -44.08 -11.38 22.12
CA GLU B 19 -44.90 -10.70 23.11
C GLU B 19 -43.95 -10.26 24.25
N ALA B 20 -43.89 -8.96 24.56
CA ALA B 20 -43.13 -8.39 25.67
C ALA B 20 -43.91 -7.26 26.38
N VAL B 21 -43.34 -6.67 27.44
CA VAL B 21 -43.92 -5.45 28.03
C VAL B 21 -43.42 -4.20 27.28
N ASP B 22 -42.14 -4.21 26.90
CA ASP B 22 -41.36 -3.19 26.19
C ASP B 22 -39.92 -3.70 26.06
N ALA B 23 -38.96 -2.81 25.75
CA ALA B 23 -37.54 -3.13 25.79
C ALA B 23 -37.08 -3.88 27.08
N ALA B 24 -37.77 -3.70 28.22
CA ALA B 24 -37.48 -4.36 29.50
C ALA B 24 -37.76 -5.88 29.50
N THR B 25 -38.32 -6.40 28.40
CA THR B 25 -38.54 -7.83 28.17
C THR B 25 -38.11 -8.25 26.75
N ALA B 26 -38.31 -7.40 25.75
CA ALA B 26 -37.87 -7.64 24.38
C ALA B 26 -36.32 -7.71 24.30
N GLU B 27 -35.61 -6.86 25.08
CA GLU B 27 -34.14 -6.84 25.14
C GLU B 27 -33.50 -8.01 25.92
N LYS B 28 -34.29 -8.98 26.38
CA LYS B 28 -33.82 -10.20 27.03
C LYS B 28 -34.53 -11.45 26.48
N VAL B 29 -35.13 -11.33 25.31
CA VAL B 29 -35.81 -12.43 24.59
C VAL B 29 -35.15 -12.66 23.24
N PHE B 30 -35.00 -11.58 22.47
CA PHE B 30 -34.33 -11.60 21.18
C PHE B 30 -32.86 -12.02 21.27
N LYS B 31 -32.21 -11.79 22.42
CA LYS B 31 -30.83 -12.21 22.70
C LYS B 31 -30.63 -13.72 22.53
N GLN B 32 -31.68 -14.50 22.78
CA GLN B 32 -31.65 -15.97 22.60
C GLN B 32 -31.87 -16.31 21.12
N TYR B 33 -32.96 -15.80 20.53
CA TYR B 33 -33.35 -16.07 19.14
C TYR B 33 -32.27 -15.65 18.14
N ALA B 34 -31.67 -14.49 18.34
CA ALA B 34 -30.57 -13.98 17.54
C ALA B 34 -29.37 -14.93 17.55
N ASN B 35 -28.93 -15.36 18.73
CA ASN B 35 -27.88 -16.36 18.87
C ASN B 35 -28.27 -17.75 18.35
N ASP B 36 -29.56 -18.09 18.23
CA ASP B 36 -30.02 -19.36 17.63
C ASP B 36 -29.95 -19.34 16.09
N ASN B 37 -30.10 -18.16 15.47
CA ASN B 37 -29.80 -18.00 14.04
C ASN B 37 -28.28 -17.89 13.88
N GLY B 38 -27.68 -17.13 14.79
CA GLY B 38 -26.27 -16.94 15.03
C GLY B 38 -25.80 -15.49 15.02
N VAL B 39 -26.69 -14.52 14.76
CA VAL B 39 -26.37 -13.09 14.81
C VAL B 39 -26.21 -12.61 16.23
N ASP B 40 -25.30 -11.66 16.43
CA ASP B 40 -25.19 -10.94 17.69
C ASP B 40 -24.40 -9.61 17.56
N GLY B 41 -24.83 -8.76 16.62
CA GLY B 41 -24.24 -7.45 16.32
C GLY B 41 -24.85 -6.25 17.08
N GLU B 42 -25.07 -5.12 16.39
CA GLU B 42 -25.49 -3.84 16.99
C GLU B 42 -26.95 -3.88 17.52
N TRP B 43 -27.14 -4.17 18.80
CA TRP B 43 -28.47 -4.21 19.42
C TRP B 43 -29.10 -2.82 19.43
N THR B 44 -30.18 -2.69 18.67
CA THR B 44 -30.88 -1.44 18.37
C THR B 44 -32.37 -1.57 18.61
N TYR B 45 -33.06 -0.43 18.71
CA TYR B 45 -34.51 -0.33 18.84
C TYR B 45 -35.02 0.94 18.14
N ASP B 46 -36.23 0.89 17.58
CA ASP B 46 -36.94 2.04 17.03
C ASP B 46 -38.16 2.34 17.90
N ASP B 47 -38.24 3.54 18.47
CA ASP B 47 -39.29 3.89 19.43
C ASP B 47 -40.64 4.31 18.80
N ALA B 48 -40.76 4.33 17.47
CA ALA B 48 -41.96 4.72 16.74
C ALA B 48 -42.61 3.54 16.01
N THR B 49 -41.82 2.55 15.60
CA THR B 49 -42.33 1.28 15.01
C THR B 49 -42.04 0.07 15.89
N LYS B 50 -41.47 0.30 17.08
CA LYS B 50 -41.30 -0.68 18.18
C LYS B 50 -40.57 -1.95 17.72
N THR B 51 -39.55 -1.76 16.88
CA THR B 51 -38.84 -2.80 16.15
C THR B 51 -37.36 -2.75 16.51
N PHE B 52 -36.88 -3.80 17.16
CA PHE B 52 -35.46 -4.03 17.40
C PHE B 52 -34.72 -4.34 16.10
N THR B 53 -33.39 -4.20 16.14
CA THR B 53 -32.49 -4.64 15.08
C THR B 53 -31.18 -5.12 15.73
N VAL B 54 -30.43 -5.96 15.04
CA VAL B 54 -29.14 -6.51 15.44
C VAL B 54 -28.26 -6.72 14.20
N THR B 55 -27.78 -5.61 13.64
CA THR B 55 -26.90 -5.63 12.45
C THR B 55 -25.55 -6.24 12.79
N GLU B 56 -25.31 -7.43 12.25
CA GLU B 56 -24.21 -8.35 12.56
C GLU B 56 -22.79 -7.79 12.40
N GLY B 57 -21.90 -8.27 13.27
CA GLY B 57 -20.44 -8.08 13.22
C GLY B 57 -19.74 -9.03 14.19
N SER B 58 -20.25 -10.26 14.27
CA SER B 58 -19.91 -11.28 15.30
C SER B 58 -19.93 -12.73 14.79
N HIS B 59 -20.53 -13.01 13.63
CA HIS B 59 -20.51 -14.33 12.98
C HIS B 59 -19.23 -14.54 12.12
N HIS B 60 -18.26 -13.62 12.23
CA HIS B 60 -16.90 -13.69 11.69
C HIS B 60 -16.80 -13.89 10.15
N HIS B 61 -17.71 -13.25 9.40
CA HIS B 61 -17.66 -13.18 7.94
C HIS B 61 -18.17 -11.84 7.39
N HIS B 62 -17.41 -11.24 6.47
CA HIS B 62 -17.80 -10.07 5.68
C HIS B 62 -16.85 -9.88 4.47
N HIS B 63 -17.39 -9.37 3.36
CA HIS B 63 -16.64 -8.90 2.19
C HIS B 63 -17.50 -7.94 1.36
N HIS B 64 -16.86 -7.07 0.58
CA HIS B 64 -17.48 -6.21 -0.44
C HIS B 64 -16.44 -5.81 -1.51
N MET B 65 -16.81 -4.90 -2.43
CA MET B 65 -16.03 -4.44 -3.59
C MET B 65 -14.76 -3.60 -3.26
N HIS B 66 -13.83 -4.16 -2.49
CA HIS B 66 -12.51 -3.60 -2.17
C HIS B 66 -11.39 -4.62 -2.41
N ARG B 67 -10.15 -4.16 -2.65
CA ARG B 67 -8.93 -5.00 -2.68
C ARG B 67 -7.63 -4.21 -2.52
N ASP B 68 -7.23 -3.44 -3.53
CA ASP B 68 -5.97 -2.67 -3.56
C ASP B 68 -6.07 -1.30 -2.83
N SER B 69 -6.79 -1.29 -1.69
CA SER B 69 -7.08 -0.13 -0.84
C SER B 69 -7.27 -0.58 0.63
N CYS B 70 -6.46 -1.54 1.08
CA CYS B 70 -6.54 -2.21 2.38
C CYS B 70 -5.36 -1.83 3.30
N PRO B 71 -5.37 -2.22 4.59
CA PRO B 71 -4.25 -2.07 5.52
C PRO B 71 -2.86 -2.53 5.05
N LEU B 72 -2.75 -3.30 3.96
CA LEU B 72 -1.47 -3.64 3.33
C LEU B 72 -0.87 -2.50 2.48
N ASP B 73 -1.69 -1.59 1.94
CA ASP B 73 -1.31 -0.58 0.95
C ASP B 73 -0.72 0.71 1.56
N CYS B 74 -0.70 0.82 2.89
CA CYS B 74 -0.40 2.02 3.67
C CYS B 74 1.02 2.61 3.59
N LYS B 75 1.90 2.10 2.71
CA LYS B 75 3.27 2.66 2.53
C LYS B 75 3.26 3.98 1.74
N VAL B 76 4.11 4.89 2.16
CA VAL B 76 4.16 6.30 1.73
C VAL B 76 5.63 6.73 1.53
N TYR B 77 5.81 7.77 0.73
CA TYR B 77 7.06 8.43 0.38
C TYR B 77 7.01 9.91 0.75
N VAL B 78 8.13 10.47 1.18
CA VAL B 78 8.28 11.92 1.35
C VAL B 78 9.69 12.37 0.97
N GLY B 79 9.77 13.45 0.20
CA GLY B 79 11.07 14.07 -0.13
C GLY B 79 11.03 15.57 -0.42
N ASN B 80 12.22 16.17 -0.58
CA ASN B 80 12.41 17.63 -0.62
C ASN B 80 11.80 18.28 0.63
N LEU B 81 12.21 17.80 1.81
CA LEU B 81 11.71 18.20 3.14
C LEU B 81 12.55 19.28 3.85
N GLY B 82 13.85 19.33 3.57
CA GLY B 82 14.85 20.12 4.29
C GLY B 82 15.80 19.18 5.05
N ASN B 83 17.00 19.65 5.42
CA ASN B 83 18.04 18.79 6.02
C ASN B 83 17.65 18.27 7.41
N ASN B 84 17.05 17.07 7.45
CA ASN B 84 16.55 16.38 8.64
C ASN B 84 16.55 14.85 8.41
N GLY B 85 17.21 14.12 9.31
CA GLY B 85 17.25 12.65 9.36
C GLY B 85 17.08 12.12 10.78
N ASN B 86 16.19 12.74 11.55
CA ASN B 86 15.93 12.44 12.97
C ASN B 86 14.54 11.79 13.18
N LYS B 87 13.77 11.61 12.10
CA LYS B 87 12.36 11.18 11.97
C LYS B 87 11.28 11.88 12.81
N THR B 88 11.58 12.39 13.99
CA THR B 88 10.63 12.89 15.01
C THR B 88 9.60 13.87 14.45
N GLU B 89 10.05 14.86 13.67
CA GLU B 89 9.15 15.87 13.11
C GLU B 89 8.17 15.20 12.15
N LEU B 90 8.69 14.52 11.13
CA LEU B 90 7.83 13.92 10.13
C LEU B 90 6.95 12.82 10.73
N GLU B 91 7.44 12.10 11.73
CA GLU B 91 6.73 11.04 12.44
C GLU B 91 5.51 11.59 13.19
N ARG B 92 5.67 12.68 13.97
CA ARG B 92 4.51 13.35 14.57
C ARG B 92 3.63 14.04 13.53
N ALA B 93 4.20 14.56 12.45
CA ALA B 93 3.44 15.17 11.34
C ALA B 93 2.51 14.14 10.69
N PHE B 94 3.03 12.96 10.38
CA PHE B 94 2.27 11.82 9.86
C PHE B 94 1.24 11.34 10.87
N GLY B 95 1.67 10.87 12.03
CA GLY B 95 0.76 10.37 13.05
C GLY B 95 -0.30 11.37 13.55
N TYR B 96 -0.10 12.69 13.38
CA TYR B 96 -1.10 13.74 13.60
C TYR B 96 -2.38 13.54 12.75
N TYR B 97 -2.25 13.34 11.43
CA TYR B 97 -3.40 13.03 10.55
C TYR B 97 -4.03 11.70 10.95
N GLY B 98 -3.18 10.74 11.34
CA GLY B 98 -3.65 9.51 11.99
C GLY B 98 -2.57 8.47 12.25
N PRO B 99 -2.75 7.48 13.14
CA PRO B 99 -1.67 6.61 13.59
C PRO B 99 -0.88 5.86 12.50
N LEU B 100 0.44 6.05 12.60
CA LEU B 100 1.48 5.33 11.87
C LEU B 100 1.57 3.84 12.25
N ARG B 101 2.35 3.09 11.45
CA ARG B 101 2.79 1.72 11.68
C ARG B 101 4.33 1.61 11.65
N SER B 102 4.98 2.34 10.75
CA SER B 102 6.45 2.45 10.67
C SER B 102 6.88 3.77 10.02
N VAL B 103 8.12 4.20 10.28
CA VAL B 103 8.75 5.40 9.70
C VAL B 103 10.24 5.12 9.50
N TRP B 104 10.81 5.63 8.40
CA TRP B 104 12.21 5.48 8.01
C TRP B 104 12.75 6.80 7.46
N VAL B 105 14.01 7.08 7.73
CA VAL B 105 14.76 8.18 7.10
C VAL B 105 16.18 7.71 6.82
N ALA B 106 16.82 8.31 5.82
CA ALA B 106 18.10 7.80 5.31
C ALA B 106 19.33 8.24 6.15
N ARG B 107 20.55 7.96 5.66
CA ARG B 107 21.81 8.07 6.44
C ARG B 107 22.79 9.19 6.06
N ASN B 108 22.65 9.79 4.88
CA ASN B 108 23.61 10.75 4.30
C ASN B 108 22.87 12.09 4.08
N PRO B 109 23.26 13.18 4.80
CA PRO B 109 22.57 14.48 4.93
C PRO B 109 21.18 14.59 4.27
N PRO B 110 20.19 13.80 4.75
CA PRO B 110 18.92 13.62 4.07
C PRO B 110 17.93 14.78 4.22
N GLY B 111 17.01 14.83 3.27
CA GLY B 111 15.79 15.64 3.21
C GLY B 111 14.73 14.86 2.44
N PHE B 112 14.77 13.54 2.63
CA PHE B 112 14.09 12.47 1.91
C PHE B 112 13.96 11.27 2.89
N ALA B 113 12.82 10.58 2.85
CA ALA B 113 12.43 9.60 3.85
C ALA B 113 11.27 8.68 3.39
N PHE B 114 10.92 7.69 4.20
CA PHE B 114 9.77 6.79 3.93
C PHE B 114 8.88 6.55 5.17
N VAL B 115 7.67 6.03 4.97
CA VAL B 115 6.61 5.96 5.99
C VAL B 115 5.65 4.80 5.68
N GLU B 116 4.98 4.29 6.71
CA GLU B 116 3.87 3.34 6.61
C GLU B 116 2.84 3.66 7.70
N PHE B 117 1.56 3.80 7.31
CA PHE B 117 0.44 4.03 8.24
C PHE B 117 -0.32 2.74 8.60
N GLU B 118 -1.28 2.81 9.54
CA GLU B 118 -2.10 1.65 9.90
C GLU B 118 -3.39 1.55 9.05
N ASP B 119 -4.21 2.61 9.02
CA ASP B 119 -5.35 2.75 8.10
C ASP B 119 -4.86 3.38 6.78
N PRO B 120 -5.19 2.84 5.59
CA PRO B 120 -4.82 3.48 4.32
C PRO B 120 -5.46 4.86 4.15
N ARG B 121 -6.56 5.16 4.86
CA ARG B 121 -7.17 6.49 4.94
C ARG B 121 -6.34 7.48 5.78
N ASP B 122 -5.54 7.01 6.76
CA ASP B 122 -4.57 7.88 7.45
C ASP B 122 -3.46 8.32 6.49
N ALA B 123 -2.90 7.38 5.71
CA ALA B 123 -1.96 7.68 4.64
C ALA B 123 -2.57 8.62 3.60
N ALA B 124 -3.80 8.38 3.16
CA ALA B 124 -4.49 9.23 2.18
C ALA B 124 -4.68 10.67 2.69
N ASP B 125 -5.20 10.86 3.91
CA ASP B 125 -5.37 12.20 4.51
C ASP B 125 -4.02 12.92 4.68
N ALA B 126 -3.00 12.18 5.14
CA ALA B 126 -1.65 12.71 5.31
C ALA B 126 -1.09 13.17 3.95
N VAL B 127 -1.06 12.30 2.95
CA VAL B 127 -0.65 12.62 1.57
C VAL B 127 -1.40 13.84 1.02
N ARG B 128 -2.71 13.96 1.27
CA ARG B 128 -3.54 15.07 0.78
C ARG B 128 -3.27 16.42 1.46
N GLU B 129 -2.69 16.46 2.66
CA GLU B 129 -2.42 17.73 3.37
C GLU B 129 -0.97 17.91 3.86
N LEU B 130 -0.03 17.12 3.32
CA LEU B 130 1.42 17.23 3.52
C LEU B 130 2.20 17.65 2.26
N ASP B 131 1.56 17.72 1.09
CA ASP B 131 2.23 17.87 -0.21
C ASP B 131 2.43 19.30 -0.74
N GLY B 132 3.49 19.48 -1.53
CA GLY B 132 3.79 20.66 -2.36
C GLY B 132 3.91 22.03 -1.68
N ARG B 133 4.17 22.08 -0.36
CA ARG B 133 4.08 23.32 0.44
C ARG B 133 5.33 23.64 1.27
N THR B 134 5.56 22.89 2.35
CA THR B 134 6.55 23.07 3.45
C THR B 134 6.14 22.13 4.60
N LEU B 135 7.11 21.57 5.33
CA LEU B 135 6.84 20.86 6.60
C LEU B 135 7.97 21.10 7.61
N CYS B 136 9.19 20.62 7.33
CA CYS B 136 10.38 20.97 8.11
C CYS B 136 10.99 22.30 7.62
N GLY B 137 11.14 22.48 6.29
CA GLY B 137 11.58 23.75 5.72
C GLY B 137 11.94 23.74 4.24
N CYS B 138 11.07 23.16 3.40
CA CYS B 138 11.30 22.95 1.97
C CYS B 138 9.98 22.90 1.16
N ARG B 139 9.79 21.94 0.24
CA ARG B 139 8.65 21.91 -0.72
C ARG B 139 7.81 20.62 -0.72
N VAL B 140 8.23 19.65 0.06
CA VAL B 140 7.60 18.36 0.40
C VAL B 140 6.78 17.67 -0.69
N ARG B 141 7.45 16.98 -1.61
CA ARG B 141 6.76 16.06 -2.53
C ARG B 141 6.46 14.80 -1.70
N VAL B 142 5.19 14.40 -1.63
CA VAL B 142 4.73 13.33 -0.72
C VAL B 142 3.76 12.45 -1.51
N GLU B 143 4.03 11.15 -1.61
CA GLU B 143 3.31 10.23 -2.52
C GLU B 143 3.11 8.85 -1.87
N LEU B 144 2.28 7.97 -2.42
CA LEU B 144 2.30 6.57 -1.95
C LEU B 144 3.61 5.92 -2.42
N SER B 145 4.16 4.97 -1.65
CA SER B 145 5.41 4.31 -2.03
C SER B 145 5.16 3.25 -3.10
N ASN B 146 5.91 3.33 -4.21
CA ASN B 146 5.89 2.33 -5.29
C ASN B 146 6.71 1.05 -4.99
N GLY B 147 7.28 0.91 -3.79
CA GLY B 147 8.21 -0.15 -3.40
C GLY B 147 7.58 -1.51 -3.04
N GLU B 148 6.66 -2.04 -3.86
CA GLU B 148 6.05 -3.38 -3.66
C GLU B 148 5.69 -4.06 -5.01
N LYS B 149 5.53 -5.40 -4.97
CA LYS B 149 5.15 -6.27 -6.11
C LYS B 149 4.15 -7.38 -5.70
N ARG B 150 3.37 -7.14 -4.63
CA ARG B 150 2.53 -8.11 -3.90
C ARG B 150 3.32 -9.37 -3.49
N MET B 1 -31.54 -30.90 -11.83
CA MET B 1 -31.24 -29.52 -12.25
C MET B 1 -29.82 -29.15 -11.83
N GLN B 2 -29.15 -28.22 -12.51
CA GLN B 2 -27.81 -27.76 -12.10
C GLN B 2 -27.90 -26.57 -11.10
N TYR B 3 -27.00 -26.56 -10.13
CA TYR B 3 -26.87 -25.59 -9.05
C TYR B 3 -25.42 -25.07 -9.01
N LYS B 4 -25.18 -23.88 -8.46
CA LYS B 4 -23.85 -23.24 -8.38
C LYS B 4 -23.34 -23.18 -6.93
N LEU B 5 -22.03 -22.99 -6.74
CA LEU B 5 -21.37 -22.81 -5.45
C LEU B 5 -20.20 -21.84 -5.57
N ILE B 6 -20.05 -20.90 -4.64
CA ILE B 6 -18.90 -19.98 -4.50
C ILE B 6 -18.11 -20.31 -3.22
N LEU B 7 -16.80 -20.47 -3.35
CA LEU B 7 -15.82 -20.76 -2.32
C LEU B 7 -15.05 -19.47 -1.95
N ASN B 8 -15.75 -18.50 -1.40
CA ASN B 8 -15.15 -17.28 -0.85
C ASN B 8 -14.08 -17.58 0.24
N GLY B 9 -12.78 -17.63 -0.11
CA GLY B 9 -11.69 -17.72 0.87
C GLY B 9 -10.40 -16.98 0.51
N LYS B 10 -9.75 -16.50 1.56
CA LYS B 10 -8.60 -15.56 1.63
C LYS B 10 -7.46 -15.64 0.59
N THR B 11 -7.08 -16.83 0.17
CA THR B 11 -5.85 -17.09 -0.61
C THR B 11 -6.09 -18.09 -1.75
N LEU B 12 -7.34 -18.54 -1.93
CA LEU B 12 -7.72 -19.67 -2.79
C LEU B 12 -9.07 -19.56 -3.51
N LYS B 13 -9.84 -18.49 -3.27
CA LYS B 13 -11.23 -18.35 -3.68
C LYS B 13 -11.59 -18.86 -5.08
N GLY B 14 -12.82 -19.36 -5.19
CA GLY B 14 -13.40 -19.69 -6.50
C GLY B 14 -14.90 -20.01 -6.53
N GLU B 15 -15.34 -20.74 -7.57
CA GLU B 15 -16.73 -21.17 -7.81
C GLU B 15 -16.81 -22.39 -8.73
N THR B 16 -17.92 -23.13 -8.66
CA THR B 16 -18.23 -24.31 -9.48
C THR B 16 -19.75 -24.54 -9.54
N THR B 17 -20.18 -25.63 -10.16
CA THR B 17 -21.58 -26.06 -10.25
C THR B 17 -21.69 -27.58 -10.12
N THR B 18 -22.91 -28.10 -9.99
CA THR B 18 -23.20 -29.55 -10.02
C THR B 18 -24.64 -29.82 -10.42
N GLU B 19 -24.91 -31.00 -10.98
CA GLU B 19 -26.26 -31.51 -11.20
C GLU B 19 -26.76 -32.12 -9.87
N ALA B 20 -27.84 -31.55 -9.31
CA ALA B 20 -28.48 -31.99 -8.07
C ALA B 20 -30.02 -32.04 -8.18
N VAL B 21 -30.70 -32.48 -7.12
CA VAL B 21 -32.16 -32.41 -7.01
C VAL B 21 -32.62 -31.06 -6.44
N ASP B 22 -31.86 -30.54 -5.46
CA ASP B 22 -31.90 -29.22 -4.80
C ASP B 22 -30.84 -29.26 -3.67
N ALA B 23 -30.95 -28.45 -2.62
CA ALA B 23 -30.11 -28.55 -1.41
C ALA B 23 -30.08 -29.98 -0.80
N ALA B 24 -31.08 -30.82 -1.08
CA ALA B 24 -31.12 -32.23 -0.68
C ALA B 24 -30.04 -33.09 -1.36
N THR B 25 -29.31 -32.54 -2.33
CA THR B 25 -28.20 -33.18 -3.04
C THR B 25 -27.01 -32.23 -3.26
N ALA B 26 -27.25 -30.94 -3.50
CA ALA B 26 -26.22 -29.92 -3.63
C ALA B 26 -25.48 -29.72 -2.30
N GLU B 27 -26.20 -29.75 -1.16
CA GLU B 27 -25.61 -29.57 0.17
C GLU B 27 -24.85 -30.80 0.72
N LYS B 28 -24.64 -31.85 -0.11
CA LYS B 28 -23.78 -33.01 0.17
C LYS B 28 -22.84 -33.34 -1.00
N VAL B 29 -22.66 -32.38 -1.91
CA VAL B 29 -21.68 -32.44 -3.00
C VAL B 29 -20.68 -31.32 -2.85
N PHE B 30 -21.18 -30.10 -2.63
CA PHE B 30 -20.35 -28.93 -2.44
C PHE B 30 -19.48 -29.01 -1.19
N LYS B 31 -19.91 -29.74 -0.15
CA LYS B 31 -19.13 -29.96 1.08
C LYS B 31 -17.82 -30.71 0.81
N GLN B 32 -17.82 -31.58 -0.21
CA GLN B 32 -16.67 -32.40 -0.61
C GLN B 32 -15.77 -31.60 -1.56
N TYR B 33 -16.37 -30.90 -2.55
CA TYR B 33 -15.64 -30.05 -3.50
C TYR B 33 -14.94 -28.88 -2.80
N ALA B 34 -15.63 -28.24 -1.85
CA ALA B 34 -15.11 -27.09 -1.13
C ALA B 34 -13.89 -27.45 -0.28
N ASN B 35 -13.97 -28.55 0.48
CA ASN B 35 -12.84 -29.07 1.24
C ASN B 35 -11.66 -29.54 0.38
N ASP B 36 -11.89 -29.90 -0.90
CA ASP B 36 -10.81 -30.26 -1.83
C ASP B 36 -10.06 -29.05 -2.40
N ASN B 37 -10.72 -27.89 -2.52
CA ASN B 37 -10.03 -26.63 -2.80
C ASN B 37 -9.39 -26.12 -1.50
N GLY B 38 -10.14 -26.27 -0.40
CA GLY B 38 -9.74 -26.08 0.98
C GLY B 38 -10.62 -25.10 1.77
N VAL B 39 -11.65 -24.49 1.14
CA VAL B 39 -12.60 -23.62 1.85
C VAL B 39 -13.60 -24.46 2.61
N ASP B 40 -13.97 -23.98 3.81
CA ASP B 40 -15.08 -24.56 4.55
C ASP B 40 -15.62 -23.61 5.66
N GLY B 41 -16.09 -22.44 5.22
CA GLY B 41 -16.70 -21.41 6.07
C GLY B 41 -18.22 -21.49 6.23
N GLU B 42 -18.87 -20.34 6.37
CA GLU B 42 -20.33 -20.23 6.53
C GLU B 42 -21.06 -20.69 5.26
N TRP B 43 -21.86 -21.76 5.35
CA TRP B 43 -22.62 -22.28 4.21
C TRP B 43 -23.91 -21.48 4.00
N THR B 44 -24.11 -21.07 2.75
CA THR B 44 -25.17 -20.18 2.28
C THR B 44 -25.79 -20.74 0.99
N TYR B 45 -27.00 -20.30 0.67
CA TYR B 45 -27.78 -20.73 -0.50
C TYR B 45 -28.82 -19.67 -0.89
N ASP B 46 -29.40 -19.76 -2.09
CA ASP B 46 -30.47 -18.88 -2.57
C ASP B 46 -31.53 -19.64 -3.40
N ASP B 47 -32.69 -19.03 -3.65
CA ASP B 47 -33.81 -19.64 -4.41
C ASP B 47 -34.30 -18.80 -5.61
N ALA B 48 -33.68 -17.64 -5.86
CA ALA B 48 -33.88 -16.83 -7.07
C ALA B 48 -32.82 -17.15 -8.14
N THR B 49 -31.61 -17.53 -7.70
CA THR B 49 -30.49 -17.89 -8.57
C THR B 49 -29.84 -19.24 -8.21
N LYS B 50 -30.36 -19.93 -7.20
CA LYS B 50 -30.02 -21.34 -6.85
C LYS B 50 -28.51 -21.58 -6.71
N THR B 51 -27.85 -20.61 -6.08
CA THR B 51 -26.39 -20.50 -5.97
C THR B 51 -26.00 -20.58 -4.50
N PHE B 52 -25.33 -21.66 -4.13
CA PHE B 52 -24.68 -21.83 -2.84
C PHE B 52 -23.49 -20.87 -2.70
N THR B 53 -23.04 -20.68 -1.47
CA THR B 53 -21.80 -19.99 -1.14
C THR B 53 -21.21 -20.64 0.12
N VAL B 54 -19.90 -20.56 0.28
CA VAL B 54 -19.15 -20.95 1.47
C VAL B 54 -18.07 -19.89 1.73
N THR B 55 -18.27 -19.07 2.76
CA THR B 55 -17.40 -17.91 3.07
C THR B 55 -16.56 -18.17 4.31
N GLU B 56 -15.28 -18.46 4.10
CA GLU B 56 -14.30 -18.84 5.12
C GLU B 56 -14.34 -17.91 6.34
N GLY B 57 -14.62 -18.46 7.54
CA GLY B 57 -14.68 -17.69 8.80
C GLY B 57 -15.55 -16.41 8.77
N SER B 58 -16.58 -16.36 7.92
CA SER B 58 -17.44 -15.18 7.68
C SER B 58 -16.69 -13.92 7.19
N HIS B 59 -15.54 -14.09 6.52
CA HIS B 59 -14.77 -13.00 5.89
C HIS B 59 -14.18 -13.40 4.52
N HIS B 60 -13.94 -12.43 3.64
CA HIS B 60 -13.38 -12.69 2.30
C HIS B 60 -12.63 -11.48 1.74
N HIS B 61 -11.30 -11.56 1.74
CA HIS B 61 -10.36 -10.58 1.17
C HIS B 61 -9.30 -11.32 0.30
N HIS B 62 -8.14 -10.70 0.08
CA HIS B 62 -7.00 -11.29 -0.63
C HIS B 62 -5.71 -11.08 0.18
N HIS B 63 -5.25 -12.13 0.86
CA HIS B 63 -3.99 -12.12 1.64
C HIS B 63 -3.26 -13.47 1.57
N HIS B 64 -2.09 -13.57 2.20
CA HIS B 64 -1.13 -14.67 2.03
C HIS B 64 -0.75 -15.32 3.37
N MET B 65 0.54 -15.67 3.57
CA MET B 65 1.14 -16.19 4.82
C MET B 65 1.14 -15.19 6.01
N HIS B 66 0.29 -14.17 5.97
CA HIS B 66 0.11 -13.11 6.97
C HIS B 66 -1.39 -12.76 7.08
N ARG B 67 -1.78 -12.11 8.18
CA ARG B 67 -3.14 -11.55 8.33
C ARG B 67 -3.28 -10.26 7.51
N ASP B 68 -4.46 -10.03 6.92
CA ASP B 68 -4.85 -8.78 6.25
C ASP B 68 -5.03 -7.57 7.19
N SER B 69 -4.92 -7.76 8.51
CA SER B 69 -4.88 -6.69 9.52
C SER B 69 -3.60 -5.82 9.46
N CYS B 70 -2.62 -6.19 8.63
CA CYS B 70 -1.43 -5.41 8.30
C CYS B 70 -1.30 -5.18 6.77
N PRO B 71 -2.09 -4.26 6.17
CA PRO B 71 -1.92 -3.81 4.78
C PRO B 71 -0.53 -3.22 4.49
N LEU B 72 0.48 -4.07 4.25
CA LEU B 72 1.88 -3.72 3.99
C LEU B 72 2.12 -2.81 2.77
N ASP B 73 1.09 -2.60 1.94
CA ASP B 73 1.00 -1.63 0.86
C ASP B 73 0.88 -0.15 1.30
N CYS B 74 0.70 0.15 2.59
CA CYS B 74 0.60 1.51 3.15
C CYS B 74 1.91 2.34 3.11
N LYS B 75 2.93 1.91 2.36
CA LYS B 75 4.25 2.57 2.22
C LYS B 75 4.13 3.86 1.40
N VAL B 76 4.68 4.94 1.94
CA VAL B 76 4.72 6.28 1.33
C VAL B 76 6.13 6.87 1.45
N TYR B 77 6.49 7.65 0.44
CA TYR B 77 7.73 8.38 0.31
C TYR B 77 7.60 9.75 0.98
N VAL B 78 8.71 10.31 1.50
CA VAL B 78 8.70 11.69 1.97
C VAL B 78 10.08 12.33 1.79
N GLY B 79 10.19 13.34 0.94
CA GLY B 79 11.52 13.87 0.59
C GLY B 79 11.62 15.34 0.21
N ASN B 80 12.80 15.72 -0.29
CA ASN B 80 13.18 17.07 -0.74
C ASN B 80 13.13 18.16 0.37
N LEU B 81 13.26 17.79 1.65
CA LEU B 81 13.43 18.73 2.77
C LEU B 81 14.82 19.42 2.77
N GLY B 82 15.82 18.80 2.14
CA GLY B 82 17.18 19.33 1.96
C GLY B 82 18.13 19.14 3.17
N ASN B 83 17.70 19.49 4.39
CA ASN B 83 18.57 19.56 5.58
C ASN B 83 17.84 19.29 6.92
N ASN B 84 16.97 18.28 6.95
CA ASN B 84 16.15 17.89 8.10
C ASN B 84 15.96 16.35 8.20
N GLY B 85 17.04 15.57 8.09
CA GLY B 85 17.04 14.10 8.24
C GLY B 85 16.84 13.61 9.67
N ASN B 86 15.70 13.97 10.27
CA ASN B 86 15.23 13.56 11.59
C ASN B 86 13.71 13.30 11.50
N LYS B 87 13.19 12.40 12.35
CA LYS B 87 11.80 11.91 12.25
C LYS B 87 10.85 12.35 13.37
N THR B 88 11.25 13.20 14.32
CA THR B 88 10.35 13.72 15.36
C THR B 88 9.16 14.47 14.73
N GLU B 89 9.47 15.42 13.84
CA GLU B 89 8.45 16.17 13.11
C GLU B 89 7.62 15.20 12.28
N LEU B 90 8.27 14.32 11.51
CA LEU B 90 7.61 13.40 10.60
C LEU B 90 6.57 12.56 11.33
N GLU B 91 7.01 11.89 12.37
CA GLU B 91 6.22 10.92 13.14
C GLU B 91 4.99 11.57 13.78
N ARG B 92 5.11 12.78 14.35
CA ARG B 92 3.90 13.50 14.79
C ARG B 92 3.08 14.08 13.64
N ALA B 93 3.71 14.58 12.57
CA ALA B 93 3.01 15.21 11.45
C ALA B 93 2.12 14.19 10.73
N PHE B 94 2.65 13.02 10.46
CA PHE B 94 1.95 11.87 9.91
C PHE B 94 0.86 11.37 10.84
N GLY B 95 1.23 10.89 12.03
CA GLY B 95 0.30 10.29 12.95
C GLY B 95 -0.84 11.23 13.43
N TYR B 96 -0.67 12.56 13.31
CA TYR B 96 -1.72 13.57 13.49
C TYR B 96 -2.95 13.30 12.59
N TYR B 97 -2.73 13.08 11.28
CA TYR B 97 -3.81 12.77 10.32
C TYR B 97 -4.38 11.38 10.54
N GLY B 98 -3.49 10.41 10.82
CA GLY B 98 -3.94 9.08 11.28
C GLY B 98 -2.80 8.15 11.69
N PRO B 99 -3.04 7.07 12.46
CA PRO B 99 -1.96 6.30 13.08
C PRO B 99 -0.99 5.59 12.11
N LEU B 100 0.27 5.64 12.51
CA LEU B 100 1.44 5.13 11.79
C LEU B 100 1.76 3.67 12.16
N ARG B 101 2.53 3.02 11.27
CA ARG B 101 3.15 1.70 11.47
C ARG B 101 4.68 1.79 11.54
N SER B 102 5.30 2.67 10.74
CA SER B 102 6.73 3.00 10.79
C SER B 102 7.04 4.34 10.11
N VAL B 103 8.18 4.95 10.46
CA VAL B 103 8.76 6.12 9.79
C VAL B 103 10.28 5.95 9.77
N TRP B 104 10.94 6.38 8.70
CA TRP B 104 12.37 6.17 8.45
C TRP B 104 12.98 7.37 7.72
N VAL B 105 14.25 7.66 7.95
CA VAL B 105 15.01 8.70 7.21
C VAL B 105 16.44 8.20 6.97
N ALA B 106 17.07 8.63 5.89
CA ALA B 106 18.33 8.04 5.44
C ALA B 106 19.58 8.69 6.06
N ARG B 107 20.51 7.84 6.49
CA ARG B 107 21.77 8.15 7.18
C ARG B 107 22.88 8.81 6.33
N ASN B 108 22.65 9.06 5.04
CA ASN B 108 23.62 9.71 4.13
C ASN B 108 23.09 11.03 3.48
N PRO B 109 21.83 11.11 3.00
CA PRO B 109 21.26 12.32 2.41
C PRO B 109 20.18 12.91 3.36
N PRO B 110 20.53 13.88 4.24
CA PRO B 110 19.67 14.37 5.32
C PRO B 110 18.52 15.29 4.86
N GLY B 111 17.82 14.94 3.79
CA GLY B 111 16.67 15.67 3.25
C GLY B 111 15.65 14.78 2.54
N PHE B 112 15.75 13.47 2.71
CA PHE B 112 15.02 12.42 1.98
C PHE B 112 14.72 11.25 2.94
N ALA B 113 13.51 10.67 2.87
CA ALA B 113 12.99 9.76 3.88
C ALA B 113 11.78 8.92 3.41
N PHE B 114 11.26 8.07 4.31
CA PHE B 114 10.10 7.20 4.05
C PHE B 114 9.18 6.99 5.27
N VAL B 115 7.97 6.46 5.02
CA VAL B 115 6.90 6.24 6.02
C VAL B 115 6.03 5.04 5.63
N GLU B 116 5.37 4.42 6.61
CA GLU B 116 4.32 3.43 6.43
C GLU B 116 3.23 3.66 7.48
N PHE B 117 2.01 3.93 7.03
CA PHE B 117 0.84 4.12 7.90
C PHE B 117 0.12 2.80 8.22
N GLU B 118 -0.85 2.80 9.14
CA GLU B 118 -1.72 1.63 9.36
C GLU B 118 -2.86 1.50 8.34
N ASP B 119 -3.23 2.57 7.64
CA ASP B 119 -4.44 2.64 6.80
C ASP B 119 -4.23 3.49 5.53
N PRO B 120 -4.51 3.00 4.30
CA PRO B 120 -4.39 3.75 3.06
C PRO B 120 -5.18 5.07 3.02
N ARG B 121 -6.36 5.15 3.66
CA ARG B 121 -7.15 6.39 3.78
C ARG B 121 -6.34 7.48 4.47
N ASP B 122 -5.71 7.13 5.58
CA ASP B 122 -4.99 8.09 6.40
C ASP B 122 -3.64 8.46 5.77
N ALA B 123 -2.98 7.51 5.10
CA ALA B 123 -1.81 7.79 4.27
C ALA B 123 -2.15 8.77 3.13
N ALA B 124 -3.29 8.57 2.47
CA ALA B 124 -3.75 9.43 1.38
C ALA B 124 -4.13 10.85 1.85
N ASP B 125 -4.86 10.98 2.96
CA ASP B 125 -5.20 12.30 3.52
C ASP B 125 -3.96 13.02 4.09
N ALA B 126 -3.00 12.26 4.66
CA ALA B 126 -1.71 12.78 5.05
C ALA B 126 -0.95 13.31 3.82
N VAL B 127 -0.79 12.51 2.75
CA VAL B 127 -0.22 12.94 1.46
C VAL B 127 -0.89 14.23 0.93
N ARG B 128 -2.23 14.28 0.94
CA ARG B 128 -3.05 15.43 0.53
C ARG B 128 -2.75 16.71 1.32
N GLU B 129 -2.31 16.59 2.58
CA GLU B 129 -1.95 17.70 3.48
C GLU B 129 -0.44 17.74 3.84
N LEU B 130 0.42 17.04 3.09
CA LEU B 130 1.86 16.97 3.33
C LEU B 130 2.72 17.18 2.07
N ASP B 131 2.23 16.83 0.87
CA ASP B 131 2.95 17.11 -0.37
C ASP B 131 3.01 18.62 -0.66
N GLY B 132 4.22 19.13 -0.92
CA GLY B 132 4.53 20.50 -1.39
C GLY B 132 4.36 21.63 -0.36
N ARG B 133 3.33 21.57 0.47
CA ARG B 133 2.83 22.56 1.44
C ARG B 133 3.78 23.03 2.57
N THR B 134 5.05 22.63 2.52
CA THR B 134 6.12 22.87 3.52
C THR B 134 5.89 22.19 4.88
N LEU B 135 6.97 21.57 5.35
CA LEU B 135 7.15 20.80 6.59
C LEU B 135 8.68 20.70 6.68
N CYS B 136 9.27 20.75 7.88
CA CYS B 136 10.73 20.89 8.09
C CYS B 136 11.29 22.21 7.52
N GLY B 137 11.15 22.50 6.23
CA GLY B 137 11.43 23.83 5.66
C GLY B 137 11.69 23.94 4.15
N CYS B 138 11.06 23.11 3.32
CA CYS B 138 11.28 23.11 1.86
C CYS B 138 10.00 22.76 1.07
N ARG B 139 10.16 22.24 -0.16
CA ARG B 139 9.07 21.71 -1.01
C ARG B 139 9.12 20.20 -0.87
N VAL B 140 8.31 19.70 0.06
CA VAL B 140 8.27 18.31 0.47
C VAL B 140 7.70 17.50 -0.69
N ARG B 141 8.28 16.34 -1.00
CA ARG B 141 7.75 15.40 -1.98
C ARG B 141 7.22 14.19 -1.24
N VAL B 142 5.91 14.18 -0.99
CA VAL B 142 5.26 13.15 -0.17
C VAL B 142 4.33 12.38 -1.08
N GLU B 143 4.67 11.14 -1.41
CA GLU B 143 4.00 10.39 -2.48
C GLU B 143 3.81 8.91 -2.12
N LEU B 144 2.74 8.24 -2.52
CA LEU B 144 2.62 6.80 -2.29
C LEU B 144 3.79 6.08 -3.00
N SER B 145 4.48 5.19 -2.27
CA SER B 145 5.74 4.60 -2.74
C SER B 145 5.54 3.76 -4.01
N ASN B 146 6.22 4.16 -5.08
CA ASN B 146 6.14 3.58 -6.42
C ASN B 146 7.52 3.29 -7.05
N GLY B 147 8.60 3.41 -6.26
CA GLY B 147 9.96 3.06 -6.69
C GLY B 147 10.30 1.57 -6.52
N GLU B 148 11.47 1.18 -7.06
CA GLU B 148 12.02 -0.19 -7.01
C GLU B 148 13.56 -0.18 -7.19
N LYS B 149 14.19 -1.36 -7.19
CA LYS B 149 15.61 -1.58 -7.55
C LYS B 149 15.92 -3.07 -7.84
N ARG B 150 17.08 -3.33 -8.45
CA ARG B 150 17.62 -4.67 -8.78
C ARG B 150 19.10 -4.79 -8.40
N MET B 1 -34.07 -10.64 -10.85
CA MET B 1 -32.94 -9.71 -11.11
C MET B 1 -31.65 -10.45 -11.49
N GLN B 2 -31.26 -11.48 -10.70
CA GLN B 2 -29.99 -12.20 -10.71
C GLN B 2 -28.76 -11.33 -10.34
N TYR B 3 -27.88 -11.92 -9.53
CA TYR B 3 -26.67 -11.32 -8.98
C TYR B 3 -25.51 -12.29 -9.23
N LYS B 4 -24.28 -11.78 -9.35
CA LYS B 4 -23.05 -12.57 -9.61
C LYS B 4 -22.18 -12.65 -8.36
N LEU B 5 -21.23 -13.58 -8.32
CA LEU B 5 -20.20 -13.75 -7.28
C LEU B 5 -18.87 -14.19 -7.90
N ILE B 6 -17.75 -13.64 -7.40
CA ILE B 6 -16.36 -14.02 -7.75
C ILE B 6 -15.66 -14.53 -6.49
N LEU B 7 -15.34 -15.81 -6.45
CA LEU B 7 -14.53 -16.48 -5.43
C LEU B 7 -13.03 -16.31 -5.69
N ASN B 8 -12.50 -15.09 -5.59
CA ASN B 8 -11.08 -14.78 -5.84
C ASN B 8 -10.07 -15.42 -4.85
N GLY B 9 -9.84 -16.72 -4.94
CA GLY B 9 -8.79 -17.41 -4.18
C GLY B 9 -7.45 -17.51 -4.91
N LYS B 10 -6.41 -17.93 -4.17
CA LYS B 10 -5.00 -17.88 -4.62
C LYS B 10 -4.79 -18.58 -5.97
N THR B 11 -5.20 -19.84 -6.07
CA THR B 11 -5.04 -20.69 -7.26
C THR B 11 -6.35 -21.29 -7.77
N LEU B 12 -7.35 -21.46 -6.90
CA LEU B 12 -8.60 -22.19 -7.17
C LEU B 12 -9.76 -21.34 -7.72
N LYS B 13 -9.57 -20.02 -7.79
CA LYS B 13 -10.60 -19.02 -8.06
C LYS B 13 -11.65 -19.35 -9.13
N GLY B 14 -12.84 -18.83 -8.90
CA GLY B 14 -13.90 -18.85 -9.91
C GLY B 14 -15.12 -17.98 -9.64
N GLU B 15 -16.24 -18.24 -10.30
CA GLU B 15 -17.44 -17.38 -10.31
C GLU B 15 -18.75 -18.19 -10.31
N THR B 16 -19.86 -17.53 -9.97
CA THR B 16 -21.24 -18.05 -10.12
C THR B 16 -22.24 -16.89 -10.13
N THR B 17 -23.52 -17.21 -10.20
CA THR B 17 -24.66 -16.29 -10.08
C THR B 17 -25.80 -16.94 -9.30
N THR B 18 -26.83 -16.16 -8.94
CA THR B 18 -28.04 -16.64 -8.26
C THR B 18 -29.19 -15.68 -8.48
N GLU B 19 -30.44 -16.18 -8.47
CA GLU B 19 -31.60 -15.30 -8.39
C GLU B 19 -31.77 -14.92 -6.91
N ALA B 20 -31.77 -13.62 -6.61
CA ALA B 20 -31.95 -13.05 -5.28
C ALA B 20 -32.83 -11.78 -5.30
N VAL B 21 -33.16 -11.27 -4.11
CA VAL B 21 -33.80 -9.95 -3.98
C VAL B 21 -32.76 -8.84 -4.13
N ASP B 22 -31.64 -9.00 -3.42
CA ASP B 22 -30.42 -8.16 -3.35
C ASP B 22 -29.48 -8.85 -2.34
N ALA B 23 -28.53 -8.15 -1.70
CA ALA B 23 -27.73 -8.67 -0.59
C ALA B 23 -28.57 -9.29 0.56
N ALA B 24 -29.85 -8.96 0.67
CA ALA B 24 -30.78 -9.60 1.61
C ALA B 24 -31.04 -11.10 1.32
N THR B 25 -30.58 -11.59 0.17
CA THR B 25 -30.68 -12.98 -0.28
C THR B 25 -29.37 -13.48 -0.93
N ALA B 26 -28.65 -12.62 -1.66
CA ALA B 26 -27.36 -12.93 -2.28
C ALA B 26 -26.27 -13.12 -1.21
N GLU B 27 -26.31 -12.37 -0.10
CA GLU B 27 -25.35 -12.52 1.01
C GLU B 27 -25.61 -13.73 1.93
N LYS B 28 -26.56 -14.60 1.59
CA LYS B 28 -26.85 -15.84 2.32
C LYS B 28 -27.07 -17.02 1.38
N VAL B 29 -26.61 -16.91 0.13
CA VAL B 29 -26.70 -17.99 -0.89
C VAL B 29 -25.33 -18.35 -1.46
N PHE B 30 -24.49 -17.34 -1.71
CA PHE B 30 -23.11 -17.52 -2.12
C PHE B 30 -22.22 -18.11 -1.01
N LYS B 31 -22.58 -17.87 0.26
CA LYS B 31 -21.90 -18.41 1.45
C LYS B 31 -21.78 -19.93 1.44
N GLN B 32 -22.73 -20.61 0.80
CA GLN B 32 -22.74 -22.07 0.68
C GLN B 32 -21.80 -22.50 -0.46
N TYR B 33 -21.99 -21.93 -1.66
CA TYR B 33 -21.19 -22.24 -2.84
C TYR B 33 -19.69 -21.93 -2.65
N ALA B 34 -19.37 -20.81 -2.03
CA ALA B 34 -18.01 -20.40 -1.74
C ALA B 34 -17.28 -21.43 -0.89
N ASN B 35 -17.89 -21.81 0.23
CA ASN B 35 -17.32 -22.80 1.15
C ASN B 35 -17.28 -24.23 0.56
N ASP B 36 -18.05 -24.51 -0.51
CA ASP B 36 -18.02 -25.79 -1.22
C ASP B 36 -16.92 -25.85 -2.29
N ASN B 37 -16.55 -24.72 -2.90
CA ASN B 37 -15.34 -24.63 -3.74
C ASN B 37 -14.12 -24.58 -2.80
N GLY B 38 -14.27 -23.86 -1.69
CA GLY B 38 -13.38 -23.78 -0.55
C GLY B 38 -12.91 -22.36 -0.19
N VAL B 39 -13.32 -21.35 -0.95
CA VAL B 39 -13.01 -19.93 -0.64
C VAL B 39 -13.86 -19.43 0.51
N ASP B 40 -13.29 -18.54 1.31
CA ASP B 40 -14.03 -17.79 2.32
C ASP B 40 -13.24 -16.57 2.81
N GLY B 41 -13.16 -15.55 1.96
CA GLY B 41 -12.41 -14.30 2.19
C GLY B 41 -13.25 -13.04 2.36
N GLU B 42 -12.78 -11.92 1.78
CA GLU B 42 -13.36 -10.58 1.94
C GLU B 42 -14.67 -10.41 1.15
N TRP B 43 -15.80 -10.73 1.79
CA TRP B 43 -17.14 -10.63 1.18
C TRP B 43 -17.45 -9.17 0.84
N THR B 44 -17.49 -8.92 -0.46
CA THR B 44 -17.53 -7.62 -1.12
C THR B 44 -18.64 -7.64 -2.20
N TYR B 45 -19.06 -6.47 -2.67
CA TYR B 45 -20.24 -6.29 -3.53
C TYR B 45 -20.15 -4.96 -4.32
N ASP B 46 -21.01 -4.79 -5.33
CA ASP B 46 -21.14 -3.55 -6.10
C ASP B 46 -22.62 -3.22 -6.41
N ASP B 47 -22.93 -1.99 -6.82
CA ASP B 47 -24.29 -1.51 -7.12
C ASP B 47 -24.48 -0.91 -8.53
N ALA B 48 -23.43 -0.94 -9.36
CA ALA B 48 -23.46 -0.60 -10.78
C ALA B 48 -23.54 -1.87 -11.66
N THR B 49 -22.95 -2.97 -11.18
CA THR B 49 -22.96 -4.27 -11.86
C THR B 49 -23.44 -5.43 -10.98
N LYS B 50 -23.81 -5.14 -9.72
CA LYS B 50 -24.50 -6.06 -8.80
C LYS B 50 -23.81 -7.43 -8.67
N THR B 51 -22.49 -7.37 -8.56
CA THR B 51 -21.56 -8.51 -8.60
C THR B 51 -20.79 -8.57 -7.28
N PHE B 52 -21.05 -9.61 -6.49
CA PHE B 52 -20.27 -9.97 -5.31
C PHE B 52 -18.84 -10.36 -5.67
N THR B 53 -17.94 -10.30 -4.71
CA THR B 53 -16.57 -10.83 -4.76
C THR B 53 -16.20 -11.31 -3.36
N VAL B 54 -15.33 -12.32 -3.27
CA VAL B 54 -14.82 -12.88 -2.02
C VAL B 54 -13.35 -13.26 -2.19
N THR B 55 -12.49 -12.24 -2.10
CA THR B 55 -11.04 -12.40 -2.18
C THR B 55 -10.52 -13.16 -0.96
N GLU B 56 -10.10 -14.42 -1.15
CA GLU B 56 -9.72 -15.37 -0.10
C GLU B 56 -8.86 -14.75 1.02
N GLY B 57 -9.23 -15.00 2.28
CA GLY B 57 -8.68 -14.33 3.47
C GLY B 57 -7.16 -14.47 3.67
N SER B 58 -6.52 -15.41 2.98
CA SER B 58 -5.06 -15.54 2.88
C SER B 58 -4.37 -14.30 2.31
N HIS B 59 -5.07 -13.47 1.52
CA HIS B 59 -4.53 -12.29 0.81
C HIS B 59 -5.56 -11.16 0.64
N HIS B 60 -5.12 -10.07 0.00
CA HIS B 60 -5.95 -8.95 -0.49
C HIS B 60 -5.41 -8.52 -1.87
N HIS B 61 -6.25 -7.97 -2.75
CA HIS B 61 -5.91 -7.72 -4.16
C HIS B 61 -6.27 -6.32 -4.70
N HIS B 62 -7.05 -5.49 -3.99
CA HIS B 62 -7.34 -4.11 -4.41
C HIS B 62 -6.18 -3.16 -4.09
N HIS B 63 -5.59 -3.30 -2.89
CA HIS B 63 -4.44 -2.54 -2.39
C HIS B 63 -3.37 -3.46 -1.75
N HIS B 64 -3.40 -4.74 -2.13
CA HIS B 64 -2.41 -5.79 -1.87
C HIS B 64 -1.97 -6.06 -0.41
N MET B 65 -2.61 -5.46 0.61
CA MET B 65 -2.21 -5.42 2.03
C MET B 65 -1.33 -6.59 2.51
N HIS B 66 -1.84 -7.83 2.53
CA HIS B 66 -1.00 -9.02 2.71
C HIS B 66 -0.57 -9.50 1.31
N ARG B 67 0.61 -9.04 0.87
CA ARG B 67 1.16 -9.15 -0.51
C ARG B 67 0.79 -10.45 -1.23
N ASP B 68 -0.05 -10.35 -2.26
CA ASP B 68 -0.47 -11.48 -3.10
C ASP B 68 0.66 -12.09 -3.96
N SER B 69 1.77 -11.36 -4.13
CA SER B 69 3.01 -11.86 -4.74
C SER B 69 4.25 -11.10 -4.21
N CYS B 70 4.33 -9.79 -4.47
CA CYS B 70 5.51 -8.96 -4.20
C CYS B 70 5.37 -7.40 -4.14
N PRO B 71 4.21 -6.73 -4.37
CA PRO B 71 4.09 -5.26 -4.30
C PRO B 71 4.65 -4.58 -3.03
N LEU B 72 4.89 -3.26 -3.10
CA LEU B 72 5.34 -2.41 -1.99
C LEU B 72 4.38 -1.23 -1.68
N ASP B 73 3.24 -1.19 -2.38
CA ASP B 73 2.19 -0.16 -2.28
C ASP B 73 1.55 0.05 -0.88
N CYS B 74 1.82 -0.81 0.11
CA CYS B 74 1.41 -0.54 1.50
C CYS B 74 2.14 0.67 2.12
N LYS B 75 3.38 0.96 1.68
CA LYS B 75 4.24 2.04 2.19
C LYS B 75 3.98 3.37 1.47
N VAL B 76 4.56 4.45 1.99
CA VAL B 76 4.44 5.82 1.46
C VAL B 76 5.79 6.55 1.54
N TYR B 77 6.01 7.42 0.56
CA TYR B 77 7.25 8.16 0.32
C TYR B 77 7.13 9.60 0.80
N VAL B 78 8.25 10.20 1.20
CA VAL B 78 8.31 11.64 1.46
C VAL B 78 9.70 12.18 1.10
N GLY B 79 9.78 13.21 0.27
CA GLY B 79 11.07 13.79 -0.15
C GLY B 79 11.06 15.26 -0.53
N ASN B 80 12.17 15.74 -1.09
CA ASN B 80 12.45 17.16 -1.32
C ASN B 80 11.99 18.03 -0.13
N LEU B 81 12.50 17.70 1.07
CA LEU B 81 12.03 18.20 2.36
C LEU B 81 13.00 19.15 3.08
N GLY B 82 14.30 18.83 3.14
CA GLY B 82 15.32 19.71 3.73
C GLY B 82 16.49 18.98 4.40
N ASN B 83 17.41 19.77 4.97
CA ASN B 83 18.65 19.31 5.62
C ASN B 83 18.43 18.41 6.86
N ASN B 84 17.36 18.65 7.63
CA ASN B 84 17.16 18.02 8.94
C ASN B 84 16.52 16.63 8.81
N GLY B 85 17.28 15.67 8.27
CA GLY B 85 16.93 14.24 8.14
C GLY B 85 16.83 13.51 9.48
N ASN B 86 15.79 13.83 10.24
CA ASN B 86 15.42 13.17 11.50
C ASN B 86 13.90 12.89 11.50
N LYS B 87 13.51 11.72 12.00
CA LYS B 87 12.13 11.23 12.00
C LYS B 87 11.17 11.95 12.95
N THR B 88 11.65 12.51 14.07
CA THR B 88 10.81 13.00 15.18
C THR B 88 9.61 13.88 14.77
N GLU B 89 9.84 14.98 14.05
CA GLU B 89 8.73 15.89 13.73
C GLU B 89 7.87 15.35 12.59
N LEU B 90 8.47 14.77 11.53
CA LEU B 90 7.64 14.19 10.48
C LEU B 90 6.79 13.01 11.00
N GLU B 91 7.29 12.25 11.97
CA GLU B 91 6.58 11.17 12.66
C GLU B 91 5.35 11.69 13.40
N ARG B 92 5.46 12.79 14.17
CA ARG B 92 4.25 13.44 14.72
C ARG B 92 3.37 14.05 13.63
N ALA B 93 3.96 14.60 12.55
CA ALA B 93 3.20 15.22 11.46
C ALA B 93 2.29 14.21 10.76
N PHE B 94 2.84 13.04 10.42
CA PHE B 94 2.12 11.91 9.87
C PHE B 94 1.11 11.35 10.88
N GLY B 95 1.59 10.85 12.02
CA GLY B 95 0.77 10.25 13.04
C GLY B 95 -0.37 11.14 13.60
N TYR B 96 -0.27 12.47 13.46
CA TYR B 96 -1.34 13.44 13.72
C TYR B 96 -2.63 13.16 12.91
N TYR B 97 -2.51 13.01 11.58
CA TYR B 97 -3.64 12.72 10.69
C TYR B 97 -4.20 11.32 10.92
N GLY B 98 -3.30 10.35 11.14
CA GLY B 98 -3.69 9.01 11.60
C GLY B 98 -2.51 8.13 12.00
N PRO B 99 -2.68 7.03 12.74
CA PRO B 99 -1.54 6.32 13.33
C PRO B 99 -0.68 5.57 12.32
N LEU B 100 0.63 5.75 12.51
CA LEU B 100 1.72 5.12 11.76
C LEU B 100 2.02 3.69 12.23
N ARG B 101 2.55 2.87 11.31
CA ARG B 101 3.14 1.55 11.55
C ARG B 101 4.66 1.67 11.72
N SER B 102 5.30 2.48 10.87
CA SER B 102 6.76 2.69 10.88
C SER B 102 7.15 4.00 10.19
N VAL B 103 8.33 4.52 10.53
CA VAL B 103 8.94 5.75 9.99
C VAL B 103 10.44 5.55 9.84
N TRP B 104 10.99 6.00 8.71
CA TRP B 104 12.40 5.88 8.36
C TRP B 104 12.90 7.13 7.62
N VAL B 105 14.17 7.48 7.83
CA VAL B 105 14.88 8.50 7.05
C VAL B 105 16.34 8.04 6.88
N ALA B 106 16.99 8.42 5.79
CA ALA B 106 18.38 8.00 5.56
C ALA B 106 19.35 8.59 6.60
N ARG B 107 20.15 7.71 7.24
CA ARG B 107 21.29 8.05 8.13
C ARG B 107 22.54 8.56 7.37
N ASN B 108 22.34 9.13 6.18
CA ASN B 108 23.34 9.50 5.16
C ASN B 108 22.94 10.89 4.56
N PRO B 109 23.43 11.36 3.38
CA PRO B 109 23.02 12.64 2.79
C PRO B 109 21.48 12.90 2.84
N PRO B 110 21.03 13.99 3.51
CA PRO B 110 19.61 14.21 3.79
C PRO B 110 18.84 14.81 2.60
N GLY B 111 17.51 14.85 2.74
CA GLY B 111 16.57 15.49 1.79
C GLY B 111 15.27 14.70 1.56
N PHE B 112 15.28 13.40 1.89
CA PHE B 112 14.21 12.44 1.61
C PHE B 112 14.03 11.43 2.78
N ALA B 113 12.97 10.63 2.76
CA ALA B 113 12.50 9.79 3.86
C ALA B 113 11.42 8.79 3.41
N PHE B 114 10.99 7.88 4.29
CA PHE B 114 9.86 6.96 4.03
C PHE B 114 9.02 6.66 5.28
N VAL B 115 7.73 6.35 5.09
CA VAL B 115 6.81 5.96 6.18
C VAL B 115 5.83 4.85 5.77
N GLU B 116 5.10 4.30 6.75
CA GLU B 116 3.97 3.39 6.53
C GLU B 116 2.89 3.68 7.59
N PHE B 117 1.63 3.80 7.16
CA PHE B 117 0.46 4.03 8.03
C PHE B 117 -0.38 2.75 8.21
N GLU B 118 -1.14 2.67 9.31
CA GLU B 118 -2.06 1.55 9.57
C GLU B 118 -3.32 1.58 8.68
N ASP B 119 -3.66 2.73 8.10
CA ASP B 119 -4.91 2.95 7.37
C ASP B 119 -4.68 3.81 6.10
N PRO B 120 -5.21 3.39 4.92
CA PRO B 120 -4.93 4.05 3.65
C PRO B 120 -5.74 5.34 3.40
N ARG B 121 -6.91 5.55 4.04
CA ARG B 121 -7.64 6.84 3.92
C ARG B 121 -7.00 7.92 4.80
N ASP B 122 -6.46 7.52 5.95
CA ASP B 122 -5.66 8.41 6.81
C ASP B 122 -4.31 8.73 6.15
N ALA B 123 -3.69 7.75 5.49
CA ALA B 123 -2.52 7.99 4.64
C ALA B 123 -2.84 8.95 3.49
N ALA B 124 -4.00 8.82 2.83
CA ALA B 124 -4.42 9.74 1.76
C ALA B 124 -4.65 11.18 2.27
N ASP B 125 -5.32 11.36 3.42
CA ASP B 125 -5.44 12.67 4.07
C ASP B 125 -4.07 13.26 4.41
N ALA B 126 -3.17 12.44 4.95
CA ALA B 126 -1.82 12.85 5.29
C ALA B 126 -1.06 13.28 4.03
N VAL B 127 -1.01 12.44 3.00
CA VAL B 127 -0.41 12.73 1.69
C VAL B 127 -0.92 14.07 1.12
N ARG B 128 -2.23 14.37 1.17
CA ARG B 128 -2.75 15.63 0.62
C ARG B 128 -2.50 16.87 1.50
N GLU B 129 -2.41 16.72 2.81
CA GLU B 129 -2.10 17.82 3.75
C GLU B 129 -0.59 17.94 4.06
N LEU B 130 0.25 17.07 3.48
CA LEU B 130 1.71 17.06 3.61
C LEU B 130 2.43 17.30 2.27
N ASP B 131 1.86 16.91 1.13
CA ASP B 131 2.44 17.18 -0.18
C ASP B 131 2.39 18.69 -0.55
N GLY B 132 3.56 19.31 -0.74
CA GLY B 132 3.66 20.66 -1.31
C GLY B 132 3.35 21.80 -0.34
N ARG B 133 3.81 21.72 0.93
CA ARG B 133 3.35 22.64 2.01
C ARG B 133 4.35 23.02 3.11
N THR B 134 5.64 22.71 2.97
CA THR B 134 6.74 22.97 3.94
C THR B 134 6.60 22.18 5.26
N LEU B 135 7.69 21.51 5.68
CA LEU B 135 7.70 20.66 6.90
C LEU B 135 9.10 20.49 7.53
N CYS B 136 10.09 21.16 6.93
CA CYS B 136 11.48 21.30 7.36
C CYS B 136 12.03 22.56 6.69
N GLY B 137 11.84 22.68 5.35
CA GLY B 137 12.10 23.92 4.63
C GLY B 137 12.20 23.82 3.11
N CYS B 138 11.32 23.04 2.48
CA CYS B 138 11.34 22.74 1.05
C CYS B 138 9.92 22.38 0.53
N ARG B 139 9.78 21.71 -0.63
CA ARG B 139 8.47 21.49 -1.30
C ARG B 139 7.81 20.14 -0.95
N VAL B 140 8.35 19.43 0.03
CA VAL B 140 7.78 18.23 0.70
C VAL B 140 6.95 17.38 -0.26
N ARG B 141 7.58 16.76 -1.26
CA ARG B 141 6.91 15.94 -2.27
C ARG B 141 6.64 14.56 -1.69
N VAL B 142 5.37 14.25 -1.47
CA VAL B 142 4.90 13.09 -0.69
C VAL B 142 3.95 12.26 -1.54
N GLU B 143 4.17 10.93 -1.63
CA GLU B 143 3.42 10.05 -2.53
C GLU B 143 3.22 8.66 -1.91
N LEU B 144 2.34 7.84 -2.47
CA LEU B 144 2.22 6.42 -2.12
C LEU B 144 3.39 5.66 -2.79
N SER B 145 3.99 4.67 -2.10
CA SER B 145 5.16 3.94 -2.62
C SER B 145 4.88 3.27 -3.97
N ASN B 146 5.58 3.73 -5.00
CA ASN B 146 5.44 3.35 -6.41
C ASN B 146 6.02 1.95 -6.72
N GLY B 147 5.53 0.95 -6.00
CA GLY B 147 5.80 -0.48 -6.18
C GLY B 147 4.51 -1.29 -6.33
N GLU B 148 3.46 -0.67 -6.87
CA GLU B 148 2.21 -1.30 -7.30
C GLU B 148 2.36 -2.09 -8.62
N LYS B 149 1.27 -2.32 -9.35
CA LYS B 149 1.22 -3.09 -10.61
C LYS B 149 0.88 -2.18 -11.80
N ARG B 150 1.50 -2.49 -12.94
CA ARG B 150 1.53 -1.65 -14.14
C ARG B 150 1.72 -2.47 -15.43
N MET B 1 -35.72 -26.77 10.05
CA MET B 1 -35.58 -25.41 9.47
C MET B 1 -34.25 -25.33 8.70
N GLN B 2 -34.19 -24.63 7.56
CA GLN B 2 -32.92 -24.47 6.82
C GLN B 2 -32.10 -23.27 7.32
N TYR B 3 -30.78 -23.46 7.40
CA TYR B 3 -29.78 -22.51 7.89
C TYR B 3 -28.68 -22.37 6.84
N LYS B 4 -28.02 -21.22 6.75
CA LYS B 4 -26.94 -20.93 5.78
C LYS B 4 -25.57 -20.91 6.47
N LEU B 5 -24.48 -20.99 5.70
CA LEU B 5 -23.08 -20.95 6.13
C LEU B 5 -22.22 -20.27 5.06
N ILE B 6 -21.27 -19.39 5.45
CA ILE B 6 -20.25 -18.76 4.58
C ILE B 6 -18.83 -19.18 5.03
N LEU B 7 -18.13 -19.96 4.21
CA LEU B 7 -16.72 -20.34 4.35
C LEU B 7 -15.80 -19.20 3.86
N ASN B 8 -15.75 -18.11 4.62
CA ASN B 8 -14.95 -16.90 4.38
C ASN B 8 -13.40 -17.12 4.42
N GLY B 9 -12.84 -17.96 3.56
CA GLY B 9 -11.41 -18.29 3.52
C GLY B 9 -10.60 -17.53 2.45
N LYS B 10 -9.27 -17.51 2.66
CA LYS B 10 -8.23 -16.72 1.95
C LYS B 10 -8.62 -16.20 0.59
N THR B 11 -8.68 -17.11 -0.39
CA THR B 11 -9.04 -16.82 -1.79
C THR B 11 -10.04 -17.85 -2.34
N LEU B 12 -10.25 -18.96 -1.61
CA LEU B 12 -11.06 -20.12 -1.99
C LEU B 12 -12.54 -20.02 -1.61
N LYS B 13 -12.93 -18.92 -0.94
CA LYS B 13 -14.21 -18.68 -0.26
C LYS B 13 -15.46 -19.35 -0.88
N GLY B 14 -16.39 -19.70 0.00
CA GLY B 14 -17.70 -20.17 -0.44
C GLY B 14 -18.82 -20.10 0.59
N GLU B 15 -19.92 -20.78 0.32
CA GLU B 15 -21.11 -20.88 1.19
C GLU B 15 -21.90 -22.17 0.91
N THR B 16 -22.85 -22.49 1.78
CA THR B 16 -23.85 -23.57 1.62
C THR B 16 -25.01 -23.34 2.59
N THR B 17 -25.94 -24.29 2.65
CA THR B 17 -27.03 -24.36 3.63
C THR B 17 -27.22 -25.80 4.12
N THR B 18 -28.07 -26.01 5.12
CA THR B 18 -28.50 -27.34 5.57
C THR B 18 -29.86 -27.26 6.26
N GLU B 19 -30.56 -28.38 6.39
CA GLU B 19 -31.75 -28.51 7.21
C GLU B 19 -31.33 -28.98 8.62
N ALA B 20 -31.64 -28.18 9.64
CA ALA B 20 -31.23 -28.34 11.03
C ALA B 20 -32.34 -27.91 12.01
N VAL B 21 -32.12 -28.09 13.33
CA VAL B 21 -33.02 -27.51 14.33
C VAL B 21 -32.69 -26.03 14.56
N ASP B 22 -31.40 -25.71 14.62
CA ASP B 22 -30.72 -24.42 14.85
C ASP B 22 -29.21 -24.71 14.97
N ALA B 23 -28.40 -23.83 15.58
CA ALA B 23 -27.00 -24.09 15.91
C ALA B 23 -26.75 -25.43 16.64
N ALA B 24 -27.75 -25.97 17.34
CA ALA B 24 -27.69 -27.30 17.98
C ALA B 24 -27.67 -28.48 16.98
N THR B 25 -27.66 -28.17 15.68
CA THR B 25 -27.47 -29.13 14.58
C THR B 25 -26.65 -28.53 13.44
N ALA B 26 -26.82 -27.25 13.11
CA ALA B 26 -26.04 -26.52 12.12
C ALA B 26 -24.56 -26.43 12.53
N GLU B 27 -24.26 -26.24 13.82
CA GLU B 27 -22.89 -26.14 14.34
C GLU B 27 -22.15 -27.50 14.41
N LYS B 28 -22.75 -28.59 13.97
CA LYS B 28 -22.14 -29.92 13.87
C LYS B 28 -22.38 -30.55 12.51
N VAL B 29 -22.77 -29.74 11.51
CA VAL B 29 -23.01 -30.17 10.11
C VAL B 29 -22.06 -29.45 9.18
N PHE B 30 -22.00 -28.12 9.29
CA PHE B 30 -21.11 -27.28 8.50
C PHE B 30 -19.63 -27.55 8.76
N LYS B 31 -19.30 -28.07 9.94
CA LYS B 31 -17.93 -28.49 10.32
C LYS B 31 -17.35 -29.50 9.34
N GLN B 32 -18.20 -30.35 8.74
CA GLN B 32 -17.78 -31.38 7.80
C GLN B 32 -17.53 -30.76 6.40
N TYR B 33 -18.51 -30.00 5.90
CA TYR B 33 -18.43 -29.30 4.61
C TYR B 33 -17.26 -28.30 4.56
N ALA B 34 -17.04 -27.57 5.65
CA ALA B 34 -15.96 -26.61 5.77
C ALA B 34 -14.60 -27.28 5.58
N ASN B 35 -14.39 -28.39 6.28
CA ASN B 35 -13.17 -29.19 6.19
C ASN B 35 -13.00 -29.88 4.82
N ASP B 36 -14.09 -30.11 4.07
CA ASP B 36 -14.02 -30.66 2.72
C ASP B 36 -13.64 -29.61 1.66
N ASN B 37 -14.03 -28.34 1.86
CA ASN B 37 -13.51 -27.23 1.06
C ASN B 37 -12.10 -26.85 1.53
N GLY B 38 -11.86 -27.02 2.83
CA GLY B 38 -10.62 -26.89 3.55
C GLY B 38 -10.53 -25.68 4.49
N VAL B 39 -11.63 -24.91 4.61
CA VAL B 39 -11.73 -23.78 5.54
C VAL B 39 -12.01 -24.26 6.96
N ASP B 40 -11.47 -23.54 7.95
CA ASP B 40 -11.84 -23.77 9.34
C ASP B 40 -11.42 -22.60 10.27
N GLY B 41 -11.83 -21.39 9.87
CA GLY B 41 -11.58 -20.12 10.58
C GLY B 41 -12.48 -19.81 11.78
N GLU B 42 -12.74 -18.53 12.04
CA GLU B 42 -13.56 -18.04 13.16
C GLU B 42 -15.06 -18.34 12.94
N TRP B 43 -15.54 -19.46 13.49
CA TRP B 43 -16.95 -19.87 13.39
C TRP B 43 -17.85 -18.83 14.04
N THR B 44 -18.84 -18.43 13.26
CA THR B 44 -19.74 -17.31 13.53
C THR B 44 -21.17 -17.68 13.16
N TYR B 45 -22.14 -16.93 13.67
CA TYR B 45 -23.57 -17.11 13.42
C TYR B 45 -24.30 -15.76 13.54
N ASP B 46 -25.54 -15.72 13.09
CA ASP B 46 -26.47 -14.61 13.27
C ASP B 46 -27.86 -15.18 13.58
N ASP B 47 -28.51 -14.73 14.65
CA ASP B 47 -29.79 -15.29 15.08
C ASP B 47 -31.04 -14.65 14.43
N ALA B 48 -30.87 -13.62 13.59
CA ALA B 48 -31.95 -12.92 12.89
C ALA B 48 -32.01 -13.26 11.40
N THR B 49 -30.87 -13.58 10.78
CA THR B 49 -30.78 -14.09 9.41
C THR B 49 -30.32 -15.54 9.34
N LYS B 50 -30.11 -16.17 10.50
CA LYS B 50 -29.88 -17.61 10.68
C LYS B 50 -28.77 -18.16 9.77
N THR B 51 -27.70 -17.37 9.64
CA THR B 51 -26.62 -17.58 8.68
C THR B 51 -25.29 -17.66 9.41
N PHE B 52 -24.71 -18.86 9.42
CA PHE B 52 -23.34 -19.10 9.89
C PHE B 52 -22.31 -18.43 8.99
N THR B 53 -21.11 -18.29 9.52
CA THR B 53 -19.90 -17.88 8.80
C THR B 53 -18.71 -18.60 9.45
N VAL B 54 -17.59 -18.70 8.74
CA VAL B 54 -16.33 -19.23 9.26
C VAL B 54 -15.17 -18.49 8.59
N THR B 55 -14.82 -17.34 9.14
CA THR B 55 -13.85 -16.43 8.53
C THR B 55 -12.41 -16.83 8.84
N GLU B 56 -11.78 -17.48 7.87
CA GLU B 56 -10.39 -17.93 7.88
C GLU B 56 -9.45 -16.91 7.20
N GLY B 57 -9.96 -16.12 6.25
CA GLY B 57 -9.18 -15.21 5.42
C GLY B 57 -9.86 -13.89 5.04
N SER B 58 -11.19 -13.78 5.02
CA SER B 58 -11.92 -12.50 4.86
C SER B 58 -11.90 -11.62 6.14
N HIS B 59 -10.94 -11.83 7.04
CA HIS B 59 -10.90 -11.30 8.40
C HIS B 59 -10.90 -9.77 8.56
N HIS B 60 -9.98 -9.03 7.90
CA HIS B 60 -9.77 -7.60 8.18
C HIS B 60 -9.43 -6.69 6.98
N HIS B 61 -9.19 -7.25 5.79
CA HIS B 61 -8.96 -6.50 4.54
C HIS B 61 -9.26 -7.39 3.32
N HIS B 62 -9.03 -6.85 2.11
CA HIS B 62 -9.29 -7.45 0.79
C HIS B 62 -8.40 -8.66 0.43
N HIS B 63 -7.99 -9.46 1.43
CA HIS B 63 -6.99 -10.54 1.40
C HIS B 63 -7.21 -11.63 0.33
N HIS B 64 -8.33 -11.63 -0.40
CA HIS B 64 -8.60 -12.48 -1.57
C HIS B 64 -7.56 -12.38 -2.70
N MET B 65 -6.85 -11.27 -2.81
CA MET B 65 -5.73 -11.08 -3.75
C MET B 65 -4.54 -10.40 -3.06
N HIS B 66 -3.51 -10.03 -3.82
CA HIS B 66 -2.24 -9.48 -3.32
C HIS B 66 -2.00 -8.08 -3.93
N ARG B 67 -3.04 -7.24 -3.81
CA ARG B 67 -3.22 -5.92 -4.44
C ARG B 67 -4.27 -5.16 -3.61
N ASP B 68 -3.90 -4.00 -3.06
CA ASP B 68 -4.71 -3.18 -2.12
C ASP B 68 -5.31 -3.96 -0.92
N SER B 69 -4.67 -5.09 -0.56
CA SER B 69 -5.16 -6.09 0.39
C SER B 69 -4.25 -6.31 1.60
N CYS B 70 -3.10 -5.63 1.60
CA CYS B 70 -2.11 -5.48 2.66
C CYS B 70 -1.32 -4.17 2.36
N PRO B 71 -0.49 -3.65 3.29
CA PRO B 71 0.38 -2.47 3.08
C PRO B 71 1.45 -2.53 1.96
N LEU B 72 1.34 -3.47 1.02
CA LEU B 72 2.33 -3.87 0.00
C LEU B 72 3.08 -2.71 -0.71
N ASP B 73 2.35 -1.66 -1.09
CA ASP B 73 2.89 -0.42 -1.67
C ASP B 73 2.36 0.85 -0.97
N CYS B 74 1.90 0.70 0.29
CA CYS B 74 1.59 1.80 1.20
C CYS B 74 2.87 2.44 1.80
N LYS B 75 4.05 2.10 1.25
CA LYS B 75 5.36 2.72 1.49
C LYS B 75 5.42 4.15 0.96
N VAL B 76 4.73 5.05 1.66
CA VAL B 76 4.76 6.50 1.43
C VAL B 76 6.21 6.99 1.40
N TYR B 77 6.55 7.76 0.37
CA TYR B 77 7.83 8.46 0.26
C TYR B 77 7.69 9.83 0.89
N VAL B 78 8.80 10.37 1.38
CA VAL B 78 8.85 11.76 1.80
C VAL B 78 10.24 12.32 1.56
N GLY B 79 10.31 13.57 1.13
CA GLY B 79 11.56 14.31 0.94
C GLY B 79 11.42 15.75 1.40
N ASN B 80 11.35 15.90 2.72
CA ASN B 80 11.02 17.12 3.44
C ASN B 80 12.02 18.27 3.18
N LEU B 81 11.51 19.52 3.28
CA LEU B 81 12.16 20.82 3.01
C LEU B 81 12.73 21.02 1.59
N GLY B 82 13.49 20.06 1.07
CA GLY B 82 14.12 20.08 -0.24
C GLY B 82 15.26 19.07 -0.34
N ASN B 83 16.02 18.89 0.74
CA ASN B 83 17.02 17.84 0.89
C ASN B 83 17.29 17.60 2.41
N ASN B 84 16.40 16.86 3.09
CA ASN B 84 16.61 16.50 4.50
C ASN B 84 15.96 15.16 4.89
N GLY B 85 16.33 14.64 6.07
CA GLY B 85 16.01 13.30 6.56
C GLY B 85 16.16 13.17 8.07
N ASN B 86 15.13 13.60 8.79
CA ASN B 86 14.94 13.38 10.23
C ASN B 86 13.48 12.97 10.46
N LYS B 87 13.25 12.05 11.42
CA LYS B 87 11.92 11.50 11.70
C LYS B 87 11.02 12.40 12.54
N THR B 88 11.55 13.16 13.50
CA THR B 88 10.80 13.91 14.54
C THR B 88 9.51 14.57 14.05
N GLU B 89 9.66 15.57 13.17
CA GLU B 89 8.57 16.38 12.67
C GLU B 89 7.60 15.51 11.88
N LEU B 90 8.12 14.82 10.86
CA LEU B 90 7.27 14.09 9.94
C LEU B 90 6.52 12.95 10.64
N GLU B 91 7.13 12.33 11.65
CA GLU B 91 6.54 11.24 12.44
C GLU B 91 5.31 11.73 13.20
N ARG B 92 5.40 12.86 13.92
CA ARG B 92 4.17 13.43 14.49
C ARG B 92 3.23 13.96 13.41
N ALA B 93 3.74 14.50 12.30
CA ALA B 93 2.94 15.09 11.22
C ALA B 93 2.07 14.06 10.50
N PHE B 94 2.61 12.86 10.29
CA PHE B 94 1.92 11.74 9.70
C PHE B 94 0.93 11.14 10.68
N GLY B 95 1.41 10.65 11.83
CA GLY B 95 0.54 10.02 12.81
C GLY B 95 -0.58 10.94 13.37
N TYR B 96 -0.45 12.26 13.24
CA TYR B 96 -1.50 13.26 13.48
C TYR B 96 -2.78 13.00 12.67
N TYR B 97 -2.66 12.70 11.37
CA TYR B 97 -3.80 12.32 10.52
C TYR B 97 -4.30 10.93 10.90
N GLY B 98 -3.36 10.01 11.13
CA GLY B 98 -3.70 8.70 11.73
C GLY B 98 -2.53 7.77 11.93
N PRO B 99 -2.60 6.74 12.78
CA PRO B 99 -1.44 5.95 13.18
C PRO B 99 -0.59 5.37 12.05
N LEU B 100 0.69 5.69 12.13
CA LEU B 100 1.77 5.14 11.33
C LEU B 100 1.99 3.66 11.66
N ARG B 101 2.28 2.86 10.63
CA ARG B 101 2.74 1.47 10.75
C ARG B 101 4.28 1.40 10.81
N SER B 102 4.97 2.26 10.06
CA SER B 102 6.44 2.40 10.08
C SER B 102 6.87 3.83 9.73
N VAL B 103 8.03 4.25 10.24
CA VAL B 103 8.73 5.49 9.87
C VAL B 103 10.22 5.16 9.79
N TRP B 104 10.86 5.53 8.69
CA TRP B 104 12.29 5.34 8.45
C TRP B 104 12.87 6.55 7.73
N VAL B 105 14.11 6.93 8.05
CA VAL B 105 14.84 7.94 7.27
C VAL B 105 16.28 7.50 7.11
N ALA B 106 16.91 7.94 6.02
CA ALA B 106 18.22 7.43 5.61
C ALA B 106 19.38 8.07 6.42
N ARG B 107 20.62 7.58 6.25
CA ARG B 107 21.79 8.01 7.06
C ARG B 107 23.00 8.48 6.26
N ASN B 108 23.28 7.90 5.09
CA ASN B 108 24.24 8.46 4.12
C ASN B 108 23.53 9.68 3.50
N PRO B 109 24.18 10.86 3.40
CA PRO B 109 23.63 12.18 3.04
C PRO B 109 22.14 12.24 2.69
N PRO B 110 21.24 12.12 3.69
CA PRO B 110 19.82 11.91 3.49
C PRO B 110 19.08 13.18 3.01
N GLY B 111 18.73 13.18 1.72
CA GLY B 111 17.83 14.18 1.13
C GLY B 111 16.34 13.81 1.27
N PHE B 112 16.05 12.65 1.87
CA PHE B 112 14.73 12.03 1.92
C PHE B 112 14.47 11.20 3.20
N ALA B 113 13.26 10.65 3.29
CA ALA B 113 12.69 9.78 4.31
C ALA B 113 11.65 8.82 3.67
N PHE B 114 11.09 7.90 4.46
CA PHE B 114 9.98 7.00 4.07
C PHE B 114 9.07 6.68 5.25
N VAL B 115 7.77 6.45 5.00
CA VAL B 115 6.80 5.99 6.02
C VAL B 115 5.81 4.95 5.47
N GLU B 116 5.02 4.41 6.38
CA GLU B 116 3.94 3.44 6.14
C GLU B 116 2.84 3.73 7.17
N PHE B 117 1.57 3.55 6.82
CA PHE B 117 0.42 3.86 7.67
C PHE B 117 -0.46 2.62 7.90
N GLU B 118 -1.11 2.56 9.07
CA GLU B 118 -1.94 1.43 9.47
C GLU B 118 -3.39 1.50 8.95
N ASP B 119 -3.75 2.60 8.27
CA ASP B 119 -5.03 2.76 7.55
C ASP B 119 -4.83 3.60 6.27
N PRO B 120 -5.24 3.12 5.08
CA PRO B 120 -5.04 3.81 3.81
C PRO B 120 -5.87 5.09 3.66
N ARG B 121 -6.99 5.26 4.38
CA ARG B 121 -7.73 6.54 4.46
C ARG B 121 -6.84 7.62 5.04
N ASP B 122 -6.20 7.32 6.17
CA ASP B 122 -5.39 8.30 6.89
C ASP B 122 -4.06 8.53 6.18
N ALA B 123 -3.50 7.51 5.53
CA ALA B 123 -2.35 7.65 4.64
C ALA B 123 -2.67 8.61 3.49
N ALA B 124 -3.84 8.44 2.86
CA ALA B 124 -4.29 9.29 1.75
C ALA B 124 -4.54 10.73 2.21
N ASP B 125 -5.23 10.95 3.32
CA ASP B 125 -5.50 12.29 3.84
C ASP B 125 -4.21 12.99 4.35
N ALA B 126 -3.26 12.21 4.89
CA ALA B 126 -1.93 12.72 5.20
C ALA B 126 -1.24 13.19 3.91
N VAL B 127 -1.13 12.34 2.89
CA VAL B 127 -0.59 12.69 1.56
C VAL B 127 -1.29 13.93 0.96
N ARG B 128 -2.62 14.04 1.11
CA ARG B 128 -3.48 15.17 0.66
C ARG B 128 -3.07 16.50 1.28
N GLU B 129 -2.61 16.48 2.53
CA GLU B 129 -2.37 17.68 3.35
C GLU B 129 -0.89 17.85 3.80
N LEU B 130 0.05 17.09 3.20
CA LEU B 130 1.48 17.15 3.55
C LEU B 130 2.42 17.52 2.39
N ASP B 131 2.02 17.36 1.12
CA ASP B 131 2.92 17.66 0.00
C ASP B 131 3.04 19.17 -0.33
N GLY B 132 4.24 19.54 -0.75
CA GLY B 132 4.70 20.78 -1.35
C GLY B 132 4.59 22.14 -0.65
N ARG B 133 3.54 22.37 0.13
CA ARG B 133 3.21 23.72 0.63
C ARG B 133 4.15 24.25 1.72
N THR B 134 4.60 23.37 2.62
CA THR B 134 5.49 23.57 3.80
C THR B 134 5.23 22.48 4.83
N LEU B 135 6.30 22.05 5.51
CA LEU B 135 6.24 21.21 6.71
C LEU B 135 7.33 21.70 7.69
N CYS B 136 8.62 21.63 7.29
CA CYS B 136 9.72 22.29 8.04
C CYS B 136 9.97 23.76 7.62
N GLY B 137 9.57 24.16 6.39
CA GLY B 137 9.68 25.56 5.93
C GLY B 137 9.83 25.80 4.42
N CYS B 138 9.88 24.76 3.59
CA CYS B 138 10.10 24.85 2.13
C CYS B 138 9.46 23.65 1.39
N ARG B 139 9.85 23.33 0.15
CA ARG B 139 9.30 22.28 -0.73
C ARG B 139 9.50 20.87 -0.17
N VAL B 140 8.63 20.53 0.77
CA VAL B 140 8.41 19.19 1.34
C VAL B 140 7.85 18.31 0.24
N ARG B 141 8.44 17.16 -0.03
CA ARG B 141 7.86 16.16 -0.93
C ARG B 141 7.18 15.09 -0.10
N VAL B 142 6.03 14.61 -0.53
CA VAL B 142 5.39 13.42 0.03
C VAL B 142 4.69 12.68 -1.11
N GLU B 143 5.08 11.44 -1.39
CA GLU B 143 4.56 10.61 -2.50
C GLU B 143 4.38 9.16 -2.00
N LEU B 144 4.31 8.13 -2.86
CA LEU B 144 4.36 6.74 -2.41
C LEU B 144 4.95 5.75 -3.43
N SER B 145 5.63 4.75 -2.89
CA SER B 145 6.16 3.50 -3.48
C SER B 145 6.38 3.41 -5.01
N ASN B 146 6.98 4.42 -5.64
CA ASN B 146 7.17 4.51 -7.10
C ASN B 146 8.62 4.90 -7.49
N GLY B 147 9.51 3.91 -7.46
CA GLY B 147 10.88 3.98 -8.00
C GLY B 147 11.62 2.65 -7.86
N GLU B 148 10.89 1.54 -8.04
CA GLU B 148 11.23 0.13 -7.74
C GLU B 148 10.81 -0.15 -6.27
N LYS B 149 11.61 -0.93 -5.52
CA LYS B 149 11.50 -1.20 -4.09
C LYS B 149 10.16 -1.79 -3.65
N ARG B 150 9.68 -2.66 -4.56
CA ARG B 150 8.58 -3.64 -4.51
C ARG B 150 8.35 -4.26 -3.13
N MET B 1 -22.93 -28.02 -22.23
CA MET B 1 -21.47 -27.78 -22.33
C MET B 1 -20.83 -27.94 -20.95
N GLN B 2 -19.62 -28.49 -20.84
CA GLN B 2 -18.92 -28.57 -19.55
C GLN B 2 -18.16 -27.26 -19.23
N TYR B 3 -18.17 -26.84 -17.95
CA TYR B 3 -17.55 -25.64 -17.41
C TYR B 3 -16.65 -26.05 -16.25
N LYS B 4 -15.62 -25.27 -15.93
CA LYS B 4 -14.67 -25.52 -14.83
C LYS B 4 -14.92 -24.56 -13.65
N LEU B 5 -14.39 -24.87 -12.47
CA LEU B 5 -14.37 -24.03 -11.27
C LEU B 5 -13.06 -24.24 -10.51
N ILE B 6 -12.46 -23.17 -9.99
CA ILE B 6 -11.28 -23.18 -9.12
C ILE B 6 -11.67 -22.61 -7.74
N LEU B 7 -11.71 -23.46 -6.72
CA LEU B 7 -11.84 -23.06 -5.33
C LEU B 7 -10.47 -22.60 -4.80
N ASN B 8 -10.01 -21.42 -5.21
CA ASN B 8 -8.80 -20.75 -4.70
C ASN B 8 -8.88 -20.39 -3.19
N GLY B 9 -9.23 -21.33 -2.32
CA GLY B 9 -9.42 -21.16 -0.88
C GLY B 9 -8.11 -21.14 -0.11
N LYS B 10 -7.34 -20.06 -0.25
CA LYS B 10 -6.07 -19.72 0.40
C LYS B 10 -5.20 -20.95 0.76
N THR B 11 -5.32 -21.51 1.97
CA THR B 11 -4.50 -22.61 2.49
C THR B 11 -4.94 -24.01 2.03
N LEU B 12 -6.19 -24.21 1.59
CA LEU B 12 -6.78 -25.54 1.34
C LEU B 12 -6.81 -25.92 -0.14
N LYS B 13 -7.19 -24.93 -0.98
CA LYS B 13 -7.56 -24.87 -2.40
C LYS B 13 -7.94 -26.13 -3.21
N GLY B 14 -8.72 -25.93 -4.27
CA GLY B 14 -9.01 -26.97 -5.27
C GLY B 14 -9.68 -26.50 -6.57
N GLU B 15 -10.26 -27.44 -7.32
CA GLU B 15 -10.99 -27.23 -8.58
C GLU B 15 -11.91 -28.42 -8.92
N THR B 16 -12.87 -28.20 -9.83
CA THR B 16 -13.80 -29.20 -10.40
C THR B 16 -14.37 -28.72 -11.73
N THR B 17 -15.30 -29.46 -12.31
CA THR B 17 -16.07 -29.11 -13.51
C THR B 17 -17.53 -29.57 -13.39
N THR B 18 -18.38 -29.18 -14.35
CA THR B 18 -19.77 -29.66 -14.45
C THR B 18 -20.33 -29.43 -15.84
N GLU B 19 -21.28 -30.27 -16.26
CA GLU B 19 -22.10 -30.03 -17.43
C GLU B 19 -23.14 -28.96 -17.02
N ALA B 20 -23.17 -27.82 -17.71
CA ALA B 20 -24.12 -26.73 -17.52
C ALA B 20 -24.61 -26.14 -18.87
N VAL B 21 -25.54 -25.18 -18.82
CA VAL B 21 -25.92 -24.40 -20.01
C VAL B 21 -25.01 -23.18 -20.23
N ASP B 22 -24.51 -22.61 -19.13
CA ASP B 22 -23.56 -21.48 -18.95
C ASP B 22 -23.59 -21.08 -17.46
N ALA B 23 -23.17 -19.88 -17.09
CA ALA B 23 -23.36 -19.32 -15.74
C ALA B 23 -24.80 -19.42 -15.20
N ALA B 24 -25.81 -19.53 -16.08
CA ALA B 24 -27.21 -19.76 -15.71
C ALA B 24 -27.47 -21.15 -15.09
N THR B 25 -26.46 -22.02 -15.06
CA THR B 25 -26.46 -23.33 -14.39
C THR B 25 -25.17 -23.60 -13.61
N ALA B 26 -24.00 -23.16 -14.12
CA ALA B 26 -22.71 -23.28 -13.45
C ALA B 26 -22.68 -22.45 -12.14
N GLU B 27 -23.30 -21.25 -12.14
CA GLU B 27 -23.37 -20.38 -10.95
C GLU B 27 -24.38 -20.85 -9.86
N LYS B 28 -25.02 -22.01 -10.04
CA LYS B 28 -25.90 -22.63 -9.05
C LYS B 28 -25.60 -24.12 -8.88
N VAL B 29 -24.41 -24.55 -9.29
CA VAL B 29 -23.91 -25.93 -9.16
C VAL B 29 -22.64 -25.96 -8.33
N PHE B 30 -21.67 -25.12 -8.70
CA PHE B 30 -20.42 -24.99 -7.99
C PHE B 30 -20.60 -24.50 -6.55
N LYS B 31 -21.67 -23.75 -6.28
CA LYS B 31 -22.06 -23.26 -4.95
C LYS B 31 -22.18 -24.38 -3.91
N GLN B 32 -22.56 -25.58 -4.35
CA GLN B 32 -22.72 -26.76 -3.48
C GLN B 32 -21.36 -27.41 -3.19
N TYR B 33 -20.58 -27.68 -4.25
CA TYR B 33 -19.25 -28.27 -4.16
C TYR B 33 -18.26 -27.39 -3.38
N ALA B 34 -18.29 -26.08 -3.61
CA ALA B 34 -17.44 -25.11 -2.94
C ALA B 34 -17.64 -25.15 -1.42
N ASN B 35 -18.88 -25.10 -0.98
CA ASN B 35 -19.25 -25.17 0.43
C ASN B 35 -19.00 -26.57 1.06
N ASP B 36 -18.86 -27.63 0.24
CA ASP B 36 -18.48 -28.97 0.71
C ASP B 36 -16.96 -29.14 0.90
N ASN B 37 -16.15 -28.45 0.10
CA ASN B 37 -14.70 -28.34 0.34
C ASN B 37 -14.44 -27.31 1.46
N GLY B 38 -15.30 -26.28 1.51
CA GLY B 38 -15.42 -25.28 2.55
C GLY B 38 -15.04 -23.86 2.10
N VAL B 39 -14.74 -23.66 0.81
CA VAL B 39 -14.43 -22.35 0.22
C VAL B 39 -15.70 -21.56 -0.04
N ASP B 40 -15.60 -20.23 0.11
CA ASP B 40 -16.66 -19.32 -0.32
C ASP B 40 -16.16 -17.86 -0.43
N GLY B 41 -15.07 -17.68 -1.19
CA GLY B 41 -14.44 -16.39 -1.48
C GLY B 41 -15.11 -15.56 -2.59
N GLU B 42 -14.29 -14.79 -3.31
CA GLU B 42 -14.68 -13.96 -4.47
C GLU B 42 -15.08 -14.80 -5.70
N TRP B 43 -16.35 -15.17 -5.80
CA TRP B 43 -16.92 -15.90 -6.94
C TRP B 43 -16.68 -15.12 -8.24
N THR B 44 -16.02 -15.79 -9.17
CA THR B 44 -15.47 -15.25 -10.40
C THR B 44 -15.79 -16.17 -11.58
N TYR B 45 -15.65 -15.66 -12.80
CA TYR B 45 -15.84 -16.40 -14.05
C TYR B 45 -14.97 -15.80 -15.17
N ASP B 46 -14.67 -16.61 -16.19
CA ASP B 46 -14.01 -16.19 -17.43
C ASP B 46 -14.85 -16.73 -18.59
N ASP B 47 -15.32 -15.85 -19.48
CA ASP B 47 -16.22 -16.27 -20.56
C ASP B 47 -15.52 -16.84 -21.80
N ALA B 48 -14.18 -16.76 -21.87
CA ALA B 48 -13.36 -17.20 -23.00
C ALA B 48 -12.73 -18.57 -22.75
N THR B 49 -12.45 -18.90 -21.48
CA THR B 49 -12.02 -20.24 -21.06
C THR B 49 -13.07 -20.97 -20.20
N LYS B 50 -14.23 -20.33 -19.99
CA LYS B 50 -15.44 -20.91 -19.39
C LYS B 50 -15.16 -21.54 -18.03
N THR B 51 -14.33 -20.86 -17.24
CA THR B 51 -13.75 -21.36 -15.98
C THR B 51 -14.09 -20.41 -14.85
N PHE B 52 -14.99 -20.86 -13.97
CA PHE B 52 -15.29 -20.21 -12.69
C PHE B 52 -14.05 -20.21 -11.79
N THR B 53 -14.06 -19.35 -10.79
CA THR B 53 -13.11 -19.32 -9.69
C THR B 53 -13.86 -18.84 -8.45
N VAL B 54 -13.32 -19.09 -7.26
CA VAL B 54 -13.80 -18.57 -5.98
C VAL B 54 -12.62 -18.41 -5.03
N THR B 55 -11.86 -17.34 -5.23
CA THR B 55 -10.63 -17.07 -4.48
C THR B 55 -10.99 -16.54 -3.11
N GLU B 56 -10.63 -17.25 -2.02
CA GLU B 56 -10.75 -16.71 -0.68
C GLU B 56 -9.59 -15.72 -0.37
N GLY B 57 -9.51 -14.65 -1.18
CA GLY B 57 -8.41 -13.69 -1.20
C GLY B 57 -8.33 -12.87 0.09
N SER B 58 -9.49 -12.36 0.53
CA SER B 58 -9.67 -11.46 1.67
C SER B 58 -11.17 -11.25 1.98
N HIS B 59 -12.00 -12.28 1.77
CA HIS B 59 -13.47 -12.17 1.77
C HIS B 59 -14.23 -13.08 2.76
N HIS B 60 -13.56 -13.96 3.51
CA HIS B 60 -14.17 -14.73 4.62
C HIS B 60 -13.28 -14.82 5.88
N HIS B 61 -11.98 -15.07 5.75
CA HIS B 61 -10.98 -15.03 6.83
C HIS B 61 -10.53 -13.61 7.23
N HIS B 62 -11.31 -12.59 6.88
CA HIS B 62 -11.04 -11.16 7.11
C HIS B 62 -12.30 -10.43 7.60
N HIS B 63 -12.10 -9.49 8.54
CA HIS B 63 -13.10 -8.52 9.00
C HIS B 63 -12.43 -7.32 9.68
N HIS B 64 -13.09 -6.16 9.63
CA HIS B 64 -12.71 -4.92 10.32
C HIS B 64 -13.95 -4.05 10.59
N MET B 65 -13.93 -3.25 11.66
CA MET B 65 -15.12 -2.55 12.18
C MET B 65 -14.99 -1.01 12.28
N HIS B 66 -13.81 -0.45 12.02
CA HIS B 66 -13.49 0.98 12.25
C HIS B 66 -12.59 1.59 11.15
N ARG B 67 -12.10 0.79 10.20
CA ARG B 67 -11.07 1.17 9.22
C ARG B 67 -11.42 0.62 7.84
N ASP B 68 -11.49 1.46 6.82
CA ASP B 68 -11.73 1.11 5.42
C ASP B 68 -10.42 0.70 4.70
N SER B 69 -9.76 -0.32 5.25
CA SER B 69 -8.46 -0.88 4.83
C SER B 69 -8.47 -1.41 3.38
N CYS B 70 -8.22 -0.53 2.40
CA CYS B 70 -8.28 -0.85 0.98
C CYS B 70 -7.23 -1.93 0.54
N PRO B 71 -7.49 -2.69 -0.55
CA PRO B 71 -6.57 -3.65 -1.19
C PRO B 71 -5.20 -3.14 -1.73
N LEU B 72 -4.61 -2.10 -1.14
CA LEU B 72 -3.37 -1.44 -1.57
C LEU B 72 -2.47 -1.06 -0.38
N ASP B 73 -1.17 -0.88 -0.63
CA ASP B 73 -0.16 -0.63 0.42
C ASP B 73 -0.31 0.78 1.06
N CYS B 74 0.16 0.92 2.31
CA CYS B 74 0.17 2.17 3.08
C CYS B 74 1.57 2.74 3.32
N LYS B 75 2.61 2.19 2.67
CA LYS B 75 3.96 2.76 2.61
C LYS B 75 3.92 4.13 1.92
N VAL B 76 4.62 5.11 2.48
CA VAL B 76 4.64 6.51 2.01
C VAL B 76 6.08 6.97 1.81
N TYR B 77 6.28 7.72 0.74
CA TYR B 77 7.49 8.45 0.41
C TYR B 77 7.41 9.88 0.94
N VAL B 78 8.54 10.47 1.32
CA VAL B 78 8.61 11.88 1.68
C VAL B 78 9.98 12.52 1.43
N GLY B 79 9.98 13.81 1.15
CA GLY B 79 11.16 14.70 1.10
C GLY B 79 10.84 16.07 1.69
N ASN B 80 11.86 16.80 2.17
CA ASN B 80 11.71 18.01 3.00
C ASN B 80 12.77 19.10 2.72
N LEU B 81 12.86 20.13 3.59
CA LEU B 81 13.72 21.33 3.44
C LEU B 81 15.10 21.02 2.85
N GLY B 82 15.87 20.13 3.49
CA GLY B 82 17.14 19.59 3.00
C GLY B 82 18.21 19.52 4.10
N ASN B 83 19.08 18.51 4.03
CA ASN B 83 20.15 18.21 5.00
C ASN B 83 19.70 18.36 6.49
N ASN B 84 18.51 17.84 6.81
CA ASN B 84 17.86 17.93 8.12
C ASN B 84 17.24 16.59 8.60
N GLY B 85 17.48 15.49 7.86
CA GLY B 85 16.94 14.14 8.01
C GLY B 85 16.87 13.59 9.44
N ASN B 86 15.74 13.85 10.10
CA ASN B 86 15.34 13.29 11.37
C ASN B 86 13.82 13.05 11.33
N LYS B 87 13.39 11.88 11.80
CA LYS B 87 11.98 11.45 11.77
C LYS B 87 11.02 12.32 12.59
N THR B 88 11.46 13.01 13.64
CA THR B 88 10.60 13.69 14.63
C THR B 88 9.46 14.53 14.05
N GLU B 89 9.76 15.49 13.16
CA GLU B 89 8.73 16.37 12.59
C GLU B 89 7.82 15.62 11.62
N LEU B 90 8.37 14.88 10.66
CA LEU B 90 7.53 14.13 9.74
C LEU B 90 6.67 13.08 10.47
N GLU B 91 7.18 12.47 11.55
CA GLU B 91 6.47 11.50 12.39
C GLU B 91 5.25 12.11 13.08
N ARG B 92 5.35 13.31 13.67
CA ARG B 92 4.14 14.02 14.16
C ARG B 92 3.23 14.40 13.00
N ALA B 93 3.79 14.88 11.89
CA ALA B 93 3.03 15.37 10.74
C ALA B 93 2.16 14.26 10.13
N PHE B 94 2.73 13.06 10.00
CA PHE B 94 2.06 11.86 9.56
C PHE B 94 1.05 11.36 10.59
N GLY B 95 1.52 10.99 11.77
CA GLY B 95 0.66 10.39 12.78
C GLY B 95 -0.51 11.29 13.25
N TYR B 96 -0.43 12.61 13.01
CA TYR B 96 -1.51 13.59 13.17
C TYR B 96 -2.77 13.22 12.36
N TYR B 97 -2.64 12.93 11.06
CA TYR B 97 -3.77 12.52 10.20
C TYR B 97 -4.28 11.14 10.60
N GLY B 98 -3.35 10.24 10.90
CA GLY B 98 -3.71 8.95 11.50
C GLY B 98 -2.51 8.14 11.98
N PRO B 99 -2.64 7.21 12.93
CA PRO B 99 -1.47 6.59 13.56
C PRO B 99 -0.59 5.80 12.59
N LEU B 100 0.71 5.83 12.88
CA LEU B 100 1.78 5.21 12.10
C LEU B 100 2.11 3.78 12.59
N ARG B 101 2.84 3.00 11.78
CA ARG B 101 3.43 1.69 12.16
C ARG B 101 4.94 1.59 11.88
N SER B 102 5.49 2.41 10.99
CA SER B 102 6.93 2.60 10.77
C SER B 102 7.22 3.98 10.19
N VAL B 103 8.39 4.54 10.53
CA VAL B 103 8.91 5.82 10.02
C VAL B 103 10.43 5.67 9.87
N TRP B 104 10.98 6.05 8.72
CA TRP B 104 12.37 5.82 8.35
C TRP B 104 12.94 7.03 7.63
N VAL B 105 14.18 7.40 7.92
CA VAL B 105 14.92 8.41 7.15
C VAL B 105 16.34 7.88 6.94
N ALA B 106 16.92 8.16 5.78
CA ALA B 106 18.15 7.51 5.37
C ALA B 106 19.43 8.06 6.04
N ARG B 107 20.48 7.23 6.06
CA ARG B 107 21.78 7.49 6.73
C ARG B 107 22.82 8.20 5.84
N ASN B 108 22.41 8.58 4.63
CA ASN B 108 23.14 9.36 3.61
C ASN B 108 22.10 10.24 2.86
N PRO B 109 22.46 11.30 2.11
CA PRO B 109 21.53 12.32 1.60
C PRO B 109 20.28 12.62 2.47
N PRO B 110 20.46 13.11 3.71
CA PRO B 110 19.40 13.33 4.71
C PRO B 110 18.50 14.55 4.41
N GLY B 111 17.81 14.55 3.26
CA GLY B 111 16.75 15.50 2.89
C GLY B 111 15.49 14.81 2.34
N PHE B 112 15.45 13.48 2.49
CA PHE B 112 14.51 12.54 1.89
C PHE B 112 14.29 11.38 2.90
N ALA B 113 13.15 10.70 2.84
CA ALA B 113 12.66 9.77 3.87
C ALA B 113 11.51 8.85 3.40
N PHE B 114 11.07 7.94 4.29
CA PHE B 114 9.95 7.00 4.05
C PHE B 114 9.13 6.64 5.32
N VAL B 115 7.99 5.95 5.15
CA VAL B 115 6.97 5.67 6.18
C VAL B 115 6.09 4.46 5.83
N GLU B 116 5.36 3.94 6.82
CA GLU B 116 4.25 2.99 6.68
C GLU B 116 3.20 3.27 7.78
N PHE B 117 1.94 3.52 7.41
CA PHE B 117 0.85 3.87 8.34
C PHE B 117 0.08 2.65 8.88
N GLU B 118 -0.79 2.85 9.88
CA GLU B 118 -1.74 1.82 10.33
C GLU B 118 -2.65 1.36 9.18
N ASP B 119 -3.14 2.31 8.37
CA ASP B 119 -4.19 2.06 7.37
C ASP B 119 -3.95 2.83 6.05
N PRO B 120 -4.18 2.21 4.87
CA PRO B 120 -4.08 2.84 3.56
C PRO B 120 -4.89 4.14 3.38
N ARG B 121 -6.07 4.25 4.00
CA ARG B 121 -6.86 5.49 3.95
C ARG B 121 -6.12 6.65 4.63
N ASP B 122 -5.47 6.38 5.75
CA ASP B 122 -4.72 7.41 6.48
C ASP B 122 -3.41 7.77 5.76
N ALA B 123 -2.70 6.80 5.17
CA ALA B 123 -1.57 7.10 4.30
C ALA B 123 -1.99 7.96 3.09
N ALA B 124 -3.10 7.62 2.44
CA ALA B 124 -3.61 8.37 1.29
C ALA B 124 -4.05 9.80 1.68
N ASP B 125 -4.77 9.95 2.78
CA ASP B 125 -5.23 11.25 3.29
C ASP B 125 -4.09 12.11 3.85
N ALA B 126 -3.06 11.49 4.44
CA ALA B 126 -1.83 12.15 4.82
C ALA B 126 -1.09 12.65 3.57
N VAL B 127 -0.82 11.79 2.58
CA VAL B 127 -0.24 12.18 1.27
C VAL B 127 -1.00 13.35 0.65
N ARG B 128 -2.34 13.27 0.60
CA ARG B 128 -3.24 14.29 0.03
C ARG B 128 -3.07 15.68 0.67
N GLU B 129 -2.89 15.74 1.99
CA GLU B 129 -2.86 17.01 2.74
C GLU B 129 -1.43 17.46 3.14
N LEU B 130 -0.43 16.58 3.04
CA LEU B 130 0.99 16.89 3.22
C LEU B 130 1.66 17.37 1.94
N ASP B 131 1.38 16.74 0.79
CA ASP B 131 2.14 16.97 -0.44
C ASP B 131 2.07 18.41 -0.92
N GLY B 132 3.22 18.94 -1.34
CA GLY B 132 3.41 20.30 -1.86
C GLY B 132 3.12 21.45 -0.88
N ARG B 133 2.86 21.17 0.41
CA ARG B 133 2.52 22.21 1.41
C ARG B 133 3.76 22.87 2.01
N THR B 134 4.42 22.20 2.95
CA THR B 134 5.67 22.56 3.68
C THR B 134 5.83 21.66 4.92
N LEU B 135 7.09 21.33 5.24
CA LEU B 135 7.59 20.69 6.46
C LEU B 135 9.08 21.07 6.52
N CYS B 136 9.60 21.26 7.73
CA CYS B 136 10.93 21.85 8.03
C CYS B 136 11.01 23.33 7.61
N GLY B 137 10.60 23.69 6.38
CA GLY B 137 10.37 25.09 5.99
C GLY B 137 11.08 25.64 4.75
N CYS B 138 10.88 25.01 3.59
CA CYS B 138 11.30 25.54 2.28
C CYS B 138 10.44 24.95 1.15
N ARG B 139 10.31 23.62 1.17
CA ARG B 139 9.47 22.79 0.30
C ARG B 139 9.24 21.42 0.93
N VAL B 140 8.25 20.69 0.43
CA VAL B 140 8.00 19.28 0.78
C VAL B 140 7.51 18.49 -0.43
N ARG B 141 7.83 17.20 -0.45
CA ARG B 141 7.30 16.16 -1.35
C ARG B 141 6.75 15.07 -0.45
N VAL B 142 5.55 14.56 -0.71
CA VAL B 142 5.07 13.36 -0.02
C VAL B 142 4.22 12.54 -1.01
N GLU B 143 4.46 11.23 -1.17
CA GLU B 143 3.70 10.40 -2.12
C GLU B 143 3.45 9.00 -1.57
N LEU B 144 2.60 8.18 -2.19
CA LEU B 144 2.48 6.76 -1.86
C LEU B 144 3.65 6.01 -2.51
N SER B 145 4.34 5.12 -1.78
CA SER B 145 5.46 4.33 -2.29
C SER B 145 5.13 3.55 -3.57
N ASN B 146 5.79 3.91 -4.67
CA ASN B 146 5.61 3.34 -6.02
C ASN B 146 6.95 3.19 -6.74
N GLY B 147 7.70 4.28 -6.92
CA GLY B 147 9.08 4.25 -7.47
C GLY B 147 9.51 5.50 -8.25
N GLU B 148 10.82 5.59 -8.50
CA GLU B 148 11.56 6.63 -9.25
C GLU B 148 11.42 8.08 -8.73
N LYS B 149 12.27 9.00 -9.23
CA LYS B 149 12.20 10.46 -9.01
C LYS B 149 11.96 11.18 -10.34
N ARG B 150 10.79 11.80 -10.44
CA ARG B 150 10.19 12.38 -11.67
C ARG B 150 9.26 13.56 -11.36
N MET B 1 -17.30 -43.90 11.41
CA MET B 1 -17.86 -42.67 12.03
C MET B 1 -17.10 -41.43 11.56
N GLN B 2 -17.66 -40.23 11.71
CA GLN B 2 -17.03 -39.02 11.16
C GLN B 2 -16.05 -38.35 12.14
N TYR B 3 -14.95 -37.83 11.61
CA TYR B 3 -13.86 -37.15 12.31
C TYR B 3 -13.70 -35.75 11.71
N LYS B 4 -13.25 -34.77 12.50
CA LYS B 4 -13.00 -33.38 12.04
C LYS B 4 -11.51 -33.14 11.79
N LEU B 5 -11.18 -32.08 11.06
CA LEU B 5 -9.84 -31.58 10.77
C LEU B 5 -9.84 -30.05 10.72
N ILE B 6 -8.84 -29.41 11.32
CA ILE B 6 -8.58 -27.95 11.26
C ILE B 6 -7.26 -27.72 10.54
N LEU B 7 -7.30 -27.14 9.34
CA LEU B 7 -6.14 -26.65 8.62
C LEU B 7 -5.75 -25.29 9.19
N ASN B 8 -5.14 -25.28 10.38
CA ASN B 8 -4.58 -24.10 11.07
C ASN B 8 -3.43 -23.42 10.29
N GLY B 9 -3.61 -23.11 9.02
CA GLY B 9 -2.64 -22.43 8.16
C GLY B 9 -2.57 -20.93 8.38
N LYS B 10 -2.34 -20.54 9.64
CA LYS B 10 -2.00 -19.21 10.21
C LYS B 10 -2.72 -17.94 9.75
N THR B 11 -2.87 -17.75 8.44
CA THR B 11 -3.40 -16.58 7.75
C THR B 11 -4.56 -16.97 6.82
N LEU B 12 -4.54 -18.19 6.28
CA LEU B 12 -5.51 -18.72 5.29
C LEU B 12 -6.46 -19.79 5.86
N LYS B 13 -6.24 -20.17 7.12
CA LYS B 13 -6.82 -21.32 7.83
C LYS B 13 -8.25 -21.74 7.48
N GLY B 14 -8.49 -23.04 7.62
CA GLY B 14 -9.85 -23.61 7.55
C GLY B 14 -10.07 -24.95 8.24
N GLU B 15 -11.15 -25.67 7.87
CA GLU B 15 -11.58 -26.93 8.52
C GLU B 15 -12.32 -27.87 7.52
N THR B 16 -12.50 -29.14 7.89
CA THR B 16 -13.34 -30.12 7.20
C THR B 16 -13.65 -31.31 8.13
N THR B 17 -14.33 -32.33 7.61
CA THR B 17 -14.59 -33.62 8.27
C THR B 17 -14.48 -34.78 7.27
N THR B 18 -14.47 -36.02 7.75
CA THR B 18 -14.41 -37.22 6.90
C THR B 18 -15.00 -38.43 7.63
N GLU B 19 -15.72 -39.29 6.92
CA GLU B 19 -16.15 -40.59 7.43
C GLU B 19 -14.94 -41.56 7.43
N ALA B 20 -14.42 -41.89 8.62
CA ALA B 20 -13.24 -42.73 8.82
C ALA B 20 -13.45 -43.84 9.87
N VAL B 21 -12.46 -44.73 10.02
CA VAL B 21 -12.43 -45.70 11.14
C VAL B 21 -11.90 -45.02 12.41
N ASP B 22 -10.78 -44.30 12.27
CA ASP B 22 -10.02 -43.50 13.26
C ASP B 22 -8.81 -42.91 12.50
N ALA B 23 -7.71 -42.53 13.15
CA ALA B 23 -6.45 -42.16 12.51
C ALA B 23 -5.91 -43.19 11.48
N ALA B 24 -6.37 -44.45 11.54
CA ALA B 24 -6.07 -45.47 10.54
C ALA B 24 -6.69 -45.18 9.15
N THR B 25 -7.54 -44.16 9.07
CA THR B 25 -8.24 -43.71 7.86
C THR B 25 -8.28 -42.17 7.75
N ALA B 26 -8.43 -41.47 8.88
CA ALA B 26 -8.44 -40.00 8.96
C ALA B 26 -7.02 -39.42 8.69
N GLU B 27 -5.95 -40.09 9.14
CA GLU B 27 -4.57 -39.64 8.92
C GLU B 27 -4.04 -39.88 7.49
N LYS B 28 -4.88 -40.39 6.57
CA LYS B 28 -4.55 -40.62 5.17
C LYS B 28 -5.67 -40.13 4.24
N VAL B 29 -6.54 -39.25 4.72
CA VAL B 29 -7.64 -38.65 3.92
C VAL B 29 -7.59 -37.11 3.95
N PHE B 30 -7.29 -36.54 5.11
CA PHE B 30 -7.07 -35.11 5.29
C PHE B 30 -5.79 -34.62 4.62
N LYS B 31 -4.78 -35.49 4.47
CA LYS B 31 -3.50 -35.20 3.78
C LYS B 31 -3.70 -34.69 2.35
N GLN B 32 -4.75 -35.15 1.68
CA GLN B 32 -5.09 -34.76 0.30
C GLN B 32 -5.78 -33.38 0.28
N TYR B 33 -6.80 -33.20 1.12
CA TYR B 33 -7.57 -31.96 1.27
C TYR B 33 -6.68 -30.79 1.76
N ALA B 34 -5.80 -31.05 2.71
CA ALA B 34 -4.87 -30.07 3.25
C ALA B 34 -3.98 -29.50 2.15
N ASN B 35 -3.38 -30.38 1.35
CA ASN B 35 -2.53 -30.00 0.22
C ASN B 35 -3.31 -29.32 -0.92
N ASP B 36 -4.63 -29.48 -1.00
CA ASP B 36 -5.48 -28.78 -1.97
C ASP B 36 -5.88 -27.36 -1.53
N ASN B 37 -5.98 -27.12 -0.21
CA ASN B 37 -6.11 -25.77 0.33
C ASN B 37 -4.72 -25.10 0.36
N GLY B 38 -3.69 -25.91 0.60
CA GLY B 38 -2.28 -25.62 0.53
C GLY B 38 -1.55 -25.66 1.88
N VAL B 39 -2.26 -26.02 2.96
CA VAL B 39 -1.66 -26.21 4.30
C VAL B 39 -0.99 -27.56 4.40
N ASP B 40 0.10 -27.61 5.16
CA ASP B 40 0.73 -28.87 5.56
C ASP B 40 1.70 -28.69 6.75
N GLY B 41 1.19 -28.08 7.82
CA GLY B 41 1.88 -27.83 9.11
C GLY B 41 2.00 -29.04 10.06
N GLU B 42 1.97 -28.77 11.38
CA GLU B 42 2.08 -29.79 12.44
C GLU B 42 0.82 -30.66 12.58
N TRP B 43 0.80 -31.86 11.99
CA TRP B 43 -0.35 -32.76 12.06
C TRP B 43 -0.59 -33.21 13.50
N THR B 44 -1.80 -32.91 13.98
CA THR B 44 -2.26 -33.06 15.36
C THR B 44 -3.60 -33.77 15.40
N TYR B 45 -3.97 -34.31 16.56
CA TYR B 45 -5.22 -35.06 16.77
C TYR B 45 -5.64 -35.05 18.25
N ASP B 46 -6.88 -35.44 18.54
CA ASP B 46 -7.49 -35.47 19.88
C ASP B 46 -8.31 -36.77 20.07
N ASP B 47 -8.57 -37.18 21.32
CA ASP B 47 -9.32 -38.40 21.68
C ASP B 47 -10.50 -38.18 22.66
N ALA B 48 -11.11 -36.99 22.60
CA ALA B 48 -12.29 -36.58 23.36
C ALA B 48 -13.38 -35.93 22.48
N THR B 49 -12.94 -35.21 21.44
CA THR B 49 -13.75 -34.62 20.37
C THR B 49 -13.34 -35.12 18.97
N LYS B 50 -12.27 -35.95 18.86
CA LYS B 50 -11.88 -36.69 17.65
C LYS B 50 -11.65 -35.77 16.44
N THR B 51 -10.92 -34.70 16.70
CA THR B 51 -10.70 -33.57 15.81
C THR B 51 -9.21 -33.41 15.53
N PHE B 52 -8.80 -33.71 14.29
CA PHE B 52 -7.47 -33.41 13.78
C PHE B 52 -7.21 -31.91 13.72
N THR B 53 -5.94 -31.52 13.62
CA THR B 53 -5.47 -30.16 13.35
C THR B 53 -4.18 -30.25 12.54
N VAL B 54 -3.80 -29.17 11.85
CA VAL B 54 -2.54 -29.05 11.11
C VAL B 54 -2.05 -27.59 11.06
N THR B 55 -1.39 -27.17 12.14
CA THR B 55 -0.96 -25.78 12.32
C THR B 55 0.33 -25.47 11.55
N GLU B 56 0.25 -24.68 10.49
CA GLU B 56 1.42 -24.17 9.77
C GLU B 56 2.24 -23.21 10.67
N GLY B 57 3.57 -23.29 10.60
CA GLY B 57 4.51 -22.60 11.50
C GLY B 57 5.80 -22.12 10.84
N SER B 58 5.85 -22.01 9.50
CA SER B 58 6.97 -21.48 8.70
C SER B 58 7.13 -19.95 8.80
N HIS B 59 6.90 -19.38 9.99
CA HIS B 59 6.89 -17.95 10.32
C HIS B 59 6.42 -17.01 9.19
N HIS B 60 7.29 -16.14 8.67
CA HIS B 60 7.00 -15.10 7.68
C HIS B 60 6.52 -15.59 6.30
N HIS B 61 6.81 -16.85 5.92
CA HIS B 61 6.60 -17.35 4.56
C HIS B 61 5.10 -17.47 4.20
N HIS B 62 4.67 -16.88 3.08
CA HIS B 62 3.29 -16.95 2.58
C HIS B 62 3.28 -17.22 1.06
N HIS B 63 3.25 -16.16 0.24
CA HIS B 63 3.39 -16.22 -1.23
C HIS B 63 4.72 -15.60 -1.70
N HIS B 64 5.47 -15.04 -0.75
CA HIS B 64 6.86 -14.55 -0.82
C HIS B 64 7.48 -14.67 0.59
N MET B 65 8.76 -14.31 0.77
CA MET B 65 9.44 -14.35 2.07
C MET B 65 8.81 -13.40 3.11
N HIS B 66 8.45 -12.18 2.71
CA HIS B 66 7.73 -11.18 3.50
C HIS B 66 7.14 -10.07 2.61
N ARG B 67 6.10 -9.37 3.11
CA ARG B 67 5.53 -8.14 2.56
C ARG B 67 5.00 -7.26 3.69
N ASP B 68 4.66 -6.00 3.38
CA ASP B 68 3.94 -5.08 4.26
C ASP B 68 2.46 -5.48 4.45
N SER B 69 1.77 -5.82 3.36
CA SER B 69 0.40 -6.35 3.28
C SER B 69 0.17 -7.04 1.91
N CYS B 70 -1.07 -7.47 1.63
CA CYS B 70 -1.47 -8.13 0.37
C CYS B 70 -1.12 -7.41 -0.95
N PRO B 71 -1.23 -6.07 -1.12
CA PRO B 71 -0.91 -5.40 -2.39
C PRO B 71 0.60 -5.39 -2.70
N LEU B 72 0.97 -4.97 -3.92
CA LEU B 72 2.36 -4.86 -4.38
C LEU B 72 3.21 -3.92 -3.50
N ASP B 73 2.58 -2.95 -2.84
CA ASP B 73 3.13 -2.08 -1.80
C ASP B 73 1.99 -1.51 -0.94
N CYS B 74 2.25 -1.20 0.34
CA CYS B 74 1.30 -0.62 1.29
C CYS B 74 1.85 0.63 2.02
N LYS B 75 3.00 1.16 1.58
CA LYS B 75 3.77 2.21 2.25
C LYS B 75 3.72 3.55 1.50
N VAL B 76 4.45 4.53 2.03
CA VAL B 76 4.45 5.95 1.67
C VAL B 76 5.91 6.44 1.52
N TYR B 77 6.10 7.51 0.77
CA TYR B 77 7.36 8.15 0.43
C TYR B 77 7.34 9.63 0.79
N VAL B 78 8.48 10.20 1.19
CA VAL B 78 8.62 11.65 1.36
C VAL B 78 10.04 12.11 1.00
N GLY B 79 10.13 13.24 0.32
CA GLY B 79 11.38 13.94 0.07
C GLY B 79 11.19 15.45 -0.09
N ASN B 80 12.16 16.14 -0.70
CA ASN B 80 12.23 17.61 -0.75
C ASN B 80 12.15 18.24 0.66
N LEU B 81 12.88 17.65 1.62
CA LEU B 81 12.98 18.05 3.04
C LEU B 81 14.30 18.80 3.34
N GLY B 82 15.04 19.17 2.30
CA GLY B 82 16.23 20.04 2.34
C GLY B 82 17.50 19.32 2.77
N ASN B 83 17.52 18.78 3.98
CA ASN B 83 18.68 18.09 4.57
C ASN B 83 18.35 17.10 5.71
N ASN B 84 17.31 17.33 6.52
CA ASN B 84 17.09 16.54 7.74
C ASN B 84 16.77 15.05 7.46
N GLY B 85 17.11 14.20 8.43
CA GLY B 85 17.00 12.73 8.38
C GLY B 85 17.04 12.12 9.77
N ASN B 86 16.20 12.65 10.66
CA ASN B 86 16.17 12.35 12.10
C ASN B 86 14.76 11.98 12.61
N LYS B 87 13.83 11.70 11.69
CA LYS B 87 12.39 11.36 11.81
C LYS B 87 11.46 12.22 12.68
N THR B 88 11.93 12.99 13.66
CA THR B 88 11.10 13.69 14.67
C THR B 88 9.94 14.49 14.08
N GLU B 89 10.25 15.46 13.20
CA GLU B 89 9.23 16.35 12.65
C GLU B 89 8.26 15.55 11.79
N LEU B 90 8.78 14.82 10.80
CA LEU B 90 7.92 14.12 9.86
C LEU B 90 7.06 13.05 10.55
N GLU B 91 7.57 12.37 11.58
CA GLU B 91 6.85 11.34 12.32
C GLU B 91 5.64 11.92 13.06
N ARG B 92 5.81 13.04 13.79
CA ARG B 92 4.63 13.71 14.36
C ARG B 92 3.75 14.37 13.30
N ALA B 93 4.33 14.86 12.20
CA ALA B 93 3.59 15.48 11.09
C ALA B 93 2.64 14.48 10.42
N PHE B 94 3.12 13.26 10.19
CA PHE B 94 2.35 12.13 9.71
C PHE B 94 1.30 11.71 10.72
N GLY B 95 1.73 11.21 11.88
CA GLY B 95 0.86 10.74 12.93
C GLY B 95 -0.24 11.72 13.41
N TYR B 96 -0.02 13.03 13.23
CA TYR B 96 -1.02 14.11 13.42
C TYR B 96 -2.31 13.91 12.59
N TYR B 97 -2.18 13.68 11.27
CA TYR B 97 -3.33 13.44 10.38
C TYR B 97 -3.99 12.10 10.70
N GLY B 98 -3.16 11.08 10.94
CA GLY B 98 -3.65 9.75 11.36
C GLY B 98 -2.56 8.83 11.87
N PRO B 99 -2.84 7.76 12.63
CA PRO B 99 -1.78 7.00 13.30
C PRO B 99 -0.92 6.18 12.33
N LEU B 100 0.39 6.33 12.52
CA LEU B 100 1.45 5.60 11.83
C LEU B 100 1.55 4.12 12.25
N ARG B 101 2.23 3.32 11.42
CA ARG B 101 2.65 1.93 11.69
C ARG B 101 4.18 1.76 11.58
N SER B 102 4.85 2.56 10.75
CA SER B 102 6.33 2.66 10.68
C SER B 102 6.77 3.99 10.06
N VAL B 103 8.00 4.41 10.36
CA VAL B 103 8.69 5.57 9.77
C VAL B 103 10.18 5.22 9.61
N TRP B 104 10.78 5.59 8.48
CA TRP B 104 12.19 5.39 8.16
C TRP B 104 12.78 6.64 7.51
N VAL B 105 14.07 6.88 7.71
CA VAL B 105 14.84 7.96 7.08
C VAL B 105 16.25 7.45 6.80
N ALA B 106 16.94 8.04 5.82
CA ALA B 106 18.21 7.52 5.30
C ALA B 106 19.47 7.82 6.16
N ARG B 107 19.37 7.63 7.49
CA ARG B 107 20.38 7.65 8.58
C ARG B 107 21.37 8.83 8.74
N ASN B 108 21.63 9.62 7.70
CA ASN B 108 22.62 10.70 7.67
C ASN B 108 22.14 11.78 6.67
N PRO B 109 22.06 13.07 7.06
CA PRO B 109 21.42 14.19 6.35
C PRO B 109 21.05 14.05 4.84
N PRO B 110 19.91 13.40 4.53
CA PRO B 110 19.48 13.10 3.16
C PRO B 110 18.43 14.08 2.58
N GLY B 111 17.55 14.63 3.42
CA GLY B 111 16.37 15.41 3.01
C GLY B 111 15.30 14.55 2.31
N PHE B 112 15.24 13.26 2.66
CA PHE B 112 14.49 12.19 1.99
C PHE B 112 14.26 11.02 2.98
N ALA B 113 13.11 10.35 2.90
CA ALA B 113 12.63 9.38 3.89
C ALA B 113 11.45 8.50 3.38
N PHE B 114 11.01 7.54 4.21
CA PHE B 114 9.82 6.70 3.94
C PHE B 114 8.92 6.50 5.18
N VAL B 115 7.70 5.98 4.99
CA VAL B 115 6.63 5.92 6.01
C VAL B 115 5.62 4.82 5.71
N GLU B 116 4.88 4.36 6.72
CA GLU B 116 3.71 3.49 6.60
C GLU B 116 2.68 3.89 7.67
N PHE B 117 1.40 4.00 7.30
CA PHE B 117 0.30 4.30 8.23
C PHE B 117 -0.53 3.05 8.55
N GLU B 118 -1.33 3.10 9.63
CA GLU B 118 -2.23 2.00 10.02
C GLU B 118 -3.29 1.66 8.96
N ASP B 119 -3.68 2.65 8.16
CA ASP B 119 -4.72 2.57 7.12
C ASP B 119 -4.24 3.37 5.89
N PRO B 120 -4.26 2.79 4.66
CA PRO B 120 -4.03 3.54 3.42
C PRO B 120 -4.88 4.81 3.25
N ARG B 121 -6.05 4.91 3.89
CA ARG B 121 -6.88 6.14 3.95
C ARG B 121 -6.32 7.19 4.92
N ASP B 122 -5.65 6.79 6.01
CA ASP B 122 -4.89 7.73 6.85
C ASP B 122 -3.67 8.27 6.07
N ALA B 123 -2.93 7.38 5.39
CA ALA B 123 -1.86 7.77 4.47
C ALA B 123 -2.37 8.70 3.37
N ALA B 124 -3.53 8.40 2.76
CA ALA B 124 -4.09 9.23 1.69
C ALA B 124 -4.35 10.67 2.14
N ASP B 125 -4.99 10.90 3.29
CA ASP B 125 -5.25 12.27 3.74
C ASP B 125 -3.97 12.97 4.27
N ALA B 126 -3.03 12.22 4.84
CA ALA B 126 -1.71 12.74 5.20
C ALA B 126 -0.95 13.21 3.94
N VAL B 127 -0.85 12.37 2.90
CA VAL B 127 -0.31 12.73 1.57
C VAL B 127 -1.04 13.95 0.99
N ARG B 128 -2.37 13.98 1.09
CA ARG B 128 -3.24 15.05 0.55
C ARG B 128 -2.94 16.43 1.15
N GLU B 129 -2.49 16.49 2.42
CA GLU B 129 -2.12 17.76 3.09
C GLU B 129 -0.61 17.99 3.22
N LEU B 130 0.22 16.96 3.15
CA LEU B 130 1.69 17.09 3.17
C LEU B 130 2.26 17.44 1.79
N ASP B 131 1.79 16.82 0.72
CA ASP B 131 2.43 16.92 -0.60
C ASP B 131 2.46 18.35 -1.16
N GLY B 132 3.67 18.89 -1.34
CA GLY B 132 3.95 20.20 -1.92
C GLY B 132 3.62 21.40 -1.01
N ARG B 133 3.99 21.37 0.29
CA ARG B 133 3.60 22.40 1.29
C ARG B 133 4.78 23.15 1.91
N THR B 134 5.59 22.47 2.72
CA THR B 134 6.76 22.87 3.55
C THR B 134 6.79 21.99 4.82
N LEU B 135 7.99 21.57 5.22
CA LEU B 135 8.31 20.73 6.39
C LEU B 135 9.84 20.80 6.50
N CYS B 136 10.39 20.79 7.72
CA CYS B 136 11.79 21.10 8.06
C CYS B 136 12.17 22.53 7.65
N GLY B 137 12.14 22.83 6.35
CA GLY B 137 12.25 24.18 5.78
C GLY B 137 12.60 24.21 4.30
N CYS B 138 11.98 23.31 3.51
CA CYS B 138 12.24 23.12 2.09
C CYS B 138 10.94 23.27 1.28
N ARG B 139 10.31 22.18 0.81
CA ARG B 139 8.94 22.21 0.22
C ARG B 139 8.06 21.01 0.52
N VAL B 140 8.69 19.88 0.82
CA VAL B 140 8.15 18.56 1.15
C VAL B 140 7.22 18.03 0.06
N ARG B 141 7.67 16.98 -0.63
CA ARG B 141 6.89 16.28 -1.64
C ARG B 141 6.71 14.85 -1.13
N VAL B 142 5.53 14.29 -1.31
CA VAL B 142 5.14 13.03 -0.66
C VAL B 142 4.33 12.17 -1.64
N GLU B 143 4.59 10.86 -1.73
CA GLU B 143 3.89 9.93 -2.64
C GLU B 143 3.60 8.58 -1.96
N LEU B 144 2.91 7.64 -2.62
CA LEU B 144 2.85 6.26 -2.13
C LEU B 144 4.12 5.52 -2.60
N SER B 145 4.65 4.63 -1.76
CA SER B 145 5.80 3.78 -2.08
C SER B 145 5.49 2.93 -3.33
N ASN B 146 6.19 3.23 -4.43
CA ASN B 146 5.97 2.67 -5.76
C ASN B 146 7.29 2.46 -6.54
N GLY B 147 8.44 2.85 -5.94
CA GLY B 147 9.78 2.61 -6.47
C GLY B 147 10.51 1.43 -5.81
N GLU B 148 9.93 0.83 -4.75
CA GLU B 148 10.39 -0.43 -4.16
C GLU B 148 10.47 -1.55 -5.22
N LYS B 149 11.46 -2.46 -5.07
CA LYS B 149 11.71 -3.72 -5.82
C LYS B 149 12.82 -3.54 -6.88
N ARG B 150 14.01 -3.15 -6.41
CA ARG B 150 15.23 -2.84 -7.20
C ARG B 150 16.51 -3.13 -6.43
N MET B 1 10.65 -28.52 -12.94
CA MET B 1 12.05 -28.01 -12.84
C MET B 1 12.03 -26.63 -12.20
N GLN B 2 13.02 -26.26 -11.39
CA GLN B 2 13.09 -24.91 -10.80
C GLN B 2 13.83 -23.93 -11.74
N TYR B 3 13.30 -22.71 -11.83
CA TYR B 3 13.76 -21.60 -12.67
C TYR B 3 13.98 -20.38 -11.79
N LYS B 4 14.82 -19.43 -12.21
CA LYS B 4 15.16 -18.21 -11.46
C LYS B 4 14.61 -16.95 -12.13
N LEU B 5 14.51 -15.84 -11.39
CA LEU B 5 14.08 -14.51 -11.86
C LEU B 5 14.81 -13.39 -11.10
N ILE B 6 15.29 -12.36 -11.80
CA ILE B 6 15.93 -11.14 -11.22
C ILE B 6 15.11 -9.88 -11.53
N LEU B 7 14.71 -9.16 -10.48
CA LEU B 7 13.89 -7.95 -10.45
C LEU B 7 14.77 -6.69 -10.35
N ASN B 8 15.68 -6.49 -11.30
CA ASN B 8 16.64 -5.37 -11.28
C ASN B 8 15.95 -3.99 -11.39
N GLY B 9 15.84 -3.24 -10.29
CA GLY B 9 15.33 -1.86 -10.29
C GLY B 9 15.77 -1.07 -9.06
N LYS B 10 16.15 0.20 -9.25
CA LYS B 10 16.80 1.06 -8.22
C LYS B 10 16.07 1.10 -6.87
N THR B 11 14.75 1.11 -6.86
CA THR B 11 13.93 1.21 -5.63
C THR B 11 13.62 -0.15 -4.98
N LEU B 12 13.56 -1.22 -5.77
CA LEU B 12 13.01 -2.52 -5.34
C LEU B 12 13.94 -3.75 -5.39
N LYS B 13 15.07 -3.65 -6.10
CA LYS B 13 16.00 -4.73 -6.50
C LYS B 13 15.91 -6.08 -5.78
N GLY B 14 15.84 -7.16 -6.56
CA GLY B 14 15.97 -8.50 -6.00
C GLY B 14 15.95 -9.67 -6.98
N GLU B 15 15.70 -10.88 -6.47
CA GLU B 15 15.61 -12.15 -7.20
C GLU B 15 14.81 -13.21 -6.42
N THR B 16 14.29 -14.20 -7.14
CA THR B 16 13.56 -15.36 -6.60
C THR B 16 13.67 -16.54 -7.58
N THR B 17 12.99 -17.64 -7.29
CA THR B 17 12.87 -18.82 -8.14
C THR B 17 11.45 -19.41 -8.07
N THR B 18 11.14 -20.40 -8.89
CA THR B 18 9.84 -21.10 -8.90
C THR B 18 9.96 -22.49 -9.52
N GLU B 19 9.13 -23.43 -9.08
CA GLU B 19 8.98 -24.72 -9.78
C GLU B 19 8.01 -24.50 -10.97
N ALA B 20 8.49 -24.79 -12.17
CA ALA B 20 7.80 -24.59 -13.44
C ALA B 20 8.10 -25.71 -14.46
N VAL B 21 7.41 -25.71 -15.60
CA VAL B 21 7.77 -26.59 -16.74
C VAL B 21 8.95 -25.98 -17.51
N ASP B 22 8.86 -24.68 -17.78
CA ASP B 22 9.78 -23.81 -18.55
C ASP B 22 9.13 -22.41 -18.60
N ALA B 23 9.46 -21.53 -19.55
CA ALA B 23 8.73 -20.28 -19.78
C ALA B 23 7.20 -20.47 -19.97
N ALA B 24 6.74 -21.67 -20.31
CA ALA B 24 5.33 -22.04 -20.38
C ALA B 24 4.62 -22.04 -19.01
N THR B 25 5.38 -21.83 -17.92
CA THR B 25 4.90 -21.76 -16.54
C THR B 25 5.61 -20.66 -15.73
N ALA B 26 6.91 -20.46 -15.96
CA ALA B 26 7.71 -19.41 -15.33
C ALA B 26 7.27 -18.01 -15.81
N GLU B 27 6.91 -17.87 -17.10
CA GLU B 27 6.43 -16.61 -17.68
C GLU B 27 4.98 -16.23 -17.28
N LYS B 28 4.33 -16.99 -16.38
CA LYS B 28 3.02 -16.68 -15.78
C LYS B 28 2.99 -16.87 -14.27
N VAL B 29 4.15 -17.03 -13.61
CA VAL B 29 4.25 -17.13 -12.13
C VAL B 29 5.10 -16.01 -11.53
N PHE B 30 6.19 -15.65 -12.20
CA PHE B 30 7.02 -14.50 -11.85
C PHE B 30 6.28 -13.19 -12.03
N LYS B 31 5.36 -13.10 -12.99
CA LYS B 31 4.55 -11.90 -13.25
C LYS B 31 3.75 -11.44 -12.03
N GLN B 32 3.38 -12.36 -11.12
CA GLN B 32 2.68 -12.02 -9.87
C GLN B 32 3.67 -11.53 -8.80
N TYR B 33 4.74 -12.30 -8.57
CA TYR B 33 5.78 -12.00 -7.58
C TYR B 33 6.49 -10.67 -7.88
N ALA B 34 6.76 -10.42 -9.16
CA ALA B 34 7.34 -9.20 -9.68
C ALA B 34 6.48 -7.98 -9.34
N ASN B 35 5.17 -8.06 -9.59
CA ASN B 35 4.22 -6.99 -9.26
C ASN B 35 4.12 -6.73 -7.75
N ASP B 36 4.42 -7.71 -6.90
CA ASP B 36 4.40 -7.56 -5.44
C ASP B 36 5.67 -6.88 -4.89
N ASN B 37 6.81 -7.02 -5.58
CA ASN B 37 8.00 -6.21 -5.29
C ASN B 37 7.86 -4.83 -5.96
N GLY B 38 7.17 -4.81 -7.11
CA GLY B 38 6.71 -3.68 -7.86
C GLY B 38 7.31 -3.56 -9.27
N VAL B 39 8.20 -4.49 -9.66
CA VAL B 39 8.81 -4.50 -10.99
C VAL B 39 7.83 -4.98 -12.08
N ASP B 40 8.10 -4.56 -13.31
CA ASP B 40 7.46 -5.05 -14.54
C ASP B 40 8.29 -4.63 -15.78
N GLY B 41 9.62 -4.53 -15.57
CA GLY B 41 10.69 -4.19 -16.54
C GLY B 41 10.86 -5.10 -17.78
N GLU B 42 12.08 -5.12 -18.34
CA GLU B 42 12.44 -5.90 -19.54
C GLU B 42 12.37 -7.42 -19.29
N TRP B 43 11.22 -8.04 -19.52
CA TRP B 43 11.02 -9.48 -19.28
C TRP B 43 11.90 -10.29 -20.22
N THR B 44 12.91 -10.92 -19.63
CA THR B 44 14.00 -11.63 -20.30
C THR B 44 14.12 -13.06 -19.80
N TYR B 45 14.80 -13.91 -20.57
CA TYR B 45 15.07 -15.30 -20.22
C TYR B 45 16.38 -15.81 -20.85
N ASP B 46 16.88 -16.93 -20.36
CA ASP B 46 18.16 -17.55 -20.73
C ASP B 46 17.99 -19.09 -20.79
N ASP B 47 18.85 -19.79 -21.53
CA ASP B 47 18.80 -21.24 -21.73
C ASP B 47 20.12 -21.98 -21.42
N ALA B 48 21.14 -21.25 -20.99
CA ALA B 48 22.37 -21.79 -20.44
C ALA B 48 22.23 -22.01 -18.93
N THR B 49 21.41 -21.19 -18.26
CA THR B 49 21.22 -21.23 -16.80
C THR B 49 19.74 -21.26 -16.37
N LYS B 50 18.82 -21.06 -17.32
CA LYS B 50 17.37 -21.06 -17.12
C LYS B 50 16.92 -19.96 -16.14
N THR B 51 17.42 -18.74 -16.33
CA THR B 51 17.19 -17.60 -15.42
C THR B 51 16.50 -16.44 -16.13
N PHE B 52 15.26 -16.15 -15.73
CA PHE B 52 14.55 -14.93 -16.13
C PHE B 52 15.24 -13.68 -15.53
N THR B 53 14.96 -12.52 -16.11
CA THR B 53 15.31 -11.19 -15.59
C THR B 53 14.18 -10.22 -15.97
N VAL B 54 14.09 -9.08 -15.28
CA VAL B 54 13.07 -8.05 -15.45
C VAL B 54 13.62 -6.68 -15.06
N THR B 55 14.57 -6.17 -15.85
CA THR B 55 15.25 -4.88 -15.63
C THR B 55 14.30 -3.70 -15.81
N GLU B 56 13.95 -3.02 -14.71
CA GLU B 56 13.04 -1.87 -14.71
C GLU B 56 13.62 -0.59 -15.36
N GLY B 57 12.73 0.24 -15.90
CA GLY B 57 13.00 1.55 -16.50
C GLY B 57 11.71 2.31 -16.85
N SER B 58 10.73 2.31 -15.94
CA SER B 58 9.34 2.77 -16.14
C SER B 58 8.58 2.06 -17.28
N HIS B 59 8.89 0.78 -17.51
CA HIS B 59 8.48 -0.02 -18.66
C HIS B 59 6.95 -0.25 -18.81
N HIS B 60 6.18 -0.32 -17.73
CA HIS B 60 4.75 -0.68 -17.77
C HIS B 60 3.89 -0.01 -16.65
N HIS B 61 2.74 -0.61 -16.30
CA HIS B 61 1.62 -0.14 -15.46
C HIS B 61 1.88 0.84 -14.29
N HIS B 62 3.02 0.77 -13.61
CA HIS B 62 3.51 1.72 -12.60
C HIS B 62 3.94 3.08 -13.20
N HIS B 63 3.14 3.66 -14.10
CA HIS B 63 3.43 4.82 -14.94
C HIS B 63 2.15 5.62 -15.32
N HIS B 64 1.11 5.58 -14.48
CA HIS B 64 -0.17 6.24 -14.75
C HIS B 64 -0.28 7.63 -14.07
N MET B 65 -0.71 8.64 -14.85
CA MET B 65 -0.85 10.05 -14.44
C MET B 65 -2.02 10.35 -13.48
N HIS B 66 -2.80 9.35 -13.07
CA HIS B 66 -4.05 9.47 -12.30
C HIS B 66 -3.81 9.87 -10.83
N ARG B 67 -3.52 11.16 -10.61
CA ARG B 67 -3.10 11.77 -9.32
C ARG B 67 -4.23 11.96 -8.28
N ASP B 68 -5.40 11.35 -8.47
CA ASP B 68 -6.53 11.40 -7.53
C ASP B 68 -6.19 10.83 -6.14
N SER B 69 -6.06 9.51 -5.97
CA SER B 69 -5.55 8.83 -4.75
C SER B 69 -5.17 7.38 -5.05
N CYS B 70 -4.68 6.62 -4.07
CA CYS B 70 -4.44 5.17 -4.19
C CYS B 70 -4.68 4.43 -2.85
N PRO B 71 -5.94 4.32 -2.38
CA PRO B 71 -6.30 3.65 -1.13
C PRO B 71 -6.15 2.11 -1.14
N LEU B 72 -5.49 1.54 -2.16
CA LEU B 72 -5.05 0.14 -2.22
C LEU B 72 -3.72 -0.09 -1.46
N ASP B 73 -3.01 0.97 -1.09
CA ASP B 73 -1.70 0.94 -0.42
C ASP B 73 -1.56 2.09 0.61
N CYS B 74 -0.48 2.03 1.39
CA CYS B 74 -0.20 2.85 2.57
C CYS B 74 1.29 3.19 2.76
N LYS B 75 2.21 2.62 1.95
CA LYS B 75 3.62 3.04 1.89
C LYS B 75 3.73 4.47 1.36
N VAL B 76 4.47 5.33 2.06
CA VAL B 76 4.62 6.76 1.74
C VAL B 76 6.09 7.11 1.59
N TYR B 77 6.37 7.99 0.63
CA TYR B 77 7.65 8.65 0.39
C TYR B 77 7.61 10.07 0.95
N VAL B 78 8.75 10.62 1.40
CA VAL B 78 8.84 12.03 1.77
C VAL B 78 10.23 12.60 1.52
N GLY B 79 10.31 13.85 1.10
CA GLY B 79 11.61 14.52 0.96
C GLY B 79 11.61 16.02 0.70
N ASN B 80 12.79 16.55 0.40
CA ASN B 80 13.09 17.91 -0.07
C ASN B 80 12.75 19.08 0.89
N LEU B 81 12.23 18.79 2.10
CA LEU B 81 12.04 19.72 3.22
C LEU B 81 13.34 20.34 3.82
N GLY B 82 14.49 20.11 3.18
CA GLY B 82 15.84 20.46 3.65
C GLY B 82 16.64 19.23 4.07
N ASN B 83 17.83 19.42 4.64
CA ASN B 83 18.62 18.36 5.28
C ASN B 83 18.25 18.14 6.77
N ASN B 84 16.99 18.42 7.17
CA ASN B 84 16.44 18.06 8.48
C ASN B 84 16.12 16.54 8.53
N GLY B 85 17.15 15.71 8.30
CA GLY B 85 17.09 14.25 8.25
C GLY B 85 17.01 13.61 9.64
N ASN B 86 15.93 13.93 10.34
CA ASN B 86 15.57 13.46 11.67
C ASN B 86 14.05 13.31 11.71
N LYS B 87 13.59 12.15 12.21
CA LYS B 87 12.18 11.76 12.14
C LYS B 87 11.21 12.58 13.01
N THR B 88 11.67 13.41 13.95
CA THR B 88 10.81 14.05 14.97
C THR B 88 9.58 14.79 14.42
N GLU B 89 9.75 15.79 13.53
CA GLU B 89 8.59 16.52 13.03
C GLU B 89 7.80 15.70 12.02
N LEU B 90 8.45 15.03 11.05
CA LEU B 90 7.67 14.24 10.10
C LEU B 90 6.87 13.12 10.78
N GLU B 91 7.38 12.51 11.86
CA GLU B 91 6.64 11.57 12.71
C GLU B 91 5.39 12.20 13.32
N ARG B 92 5.49 13.36 13.99
CA ARG B 92 4.27 14.03 14.51
C ARG B 92 3.34 14.47 13.38
N ALA B 93 3.89 14.95 12.26
CA ALA B 93 3.12 15.43 11.11
C ALA B 93 2.30 14.31 10.46
N PHE B 94 2.92 13.14 10.29
CA PHE B 94 2.27 11.92 9.82
C PHE B 94 1.25 11.40 10.81
N GLY B 95 1.72 11.01 12.00
CA GLY B 95 0.87 10.45 13.04
C GLY B 95 -0.30 11.36 13.50
N TYR B 96 -0.20 12.69 13.28
CA TYR B 96 -1.30 13.66 13.44
C TYR B 96 -2.56 13.26 12.63
N TYR B 97 -2.41 12.99 11.32
CA TYR B 97 -3.52 12.57 10.46
C TYR B 97 -4.02 11.19 10.86
N GLY B 98 -3.08 10.26 11.08
CA GLY B 98 -3.42 8.92 11.57
C GLY B 98 -2.21 8.15 12.09
N PRO B 99 -2.35 7.22 13.04
CA PRO B 99 -1.19 6.63 13.73
C PRO B 99 -0.29 5.82 12.78
N LEU B 100 0.98 6.20 12.76
CA LEU B 100 2.06 5.52 12.04
C LEU B 100 2.25 4.08 12.52
N ARG B 101 2.84 3.25 11.66
CA ARG B 101 3.32 1.90 11.98
C ARG B 101 4.84 1.75 11.78
N SER B 102 5.46 2.61 10.96
CA SER B 102 6.92 2.77 10.82
C SER B 102 7.27 4.13 10.16
N VAL B 103 8.45 4.67 10.51
CA VAL B 103 9.04 5.89 9.92
C VAL B 103 10.55 5.65 9.75
N TRP B 104 11.12 6.14 8.66
CA TRP B 104 12.51 5.89 8.25
C TRP B 104 13.11 7.10 7.54
N VAL B 105 14.39 7.39 7.78
CA VAL B 105 15.17 8.36 7.00
C VAL B 105 16.56 7.72 6.79
N ALA B 106 17.16 7.92 5.61
CA ALA B 106 18.35 7.15 5.18
C ALA B 106 19.58 7.22 6.11
N ARG B 107 20.35 6.12 6.12
CA ARG B 107 21.63 5.97 6.86
C ARG B 107 22.82 6.74 6.24
N ASN B 108 22.58 7.60 5.26
CA ASN B 108 23.53 8.50 4.60
C ASN B 108 22.89 9.90 4.50
N PRO B 109 23.66 11.01 4.60
CA PRO B 109 23.23 12.42 4.75
C PRO B 109 21.74 12.73 4.49
N PRO B 110 20.87 12.46 5.48
CA PRO B 110 19.41 12.48 5.29
C PRO B 110 18.79 13.88 5.13
N GLY B 111 17.49 13.86 4.80
CA GLY B 111 16.65 14.99 4.35
C GLY B 111 15.56 14.49 3.40
N PHE B 112 15.85 13.35 2.77
CA PHE B 112 14.99 12.48 1.98
C PHE B 112 14.67 11.25 2.90
N ALA B 113 13.45 10.71 2.83
CA ALA B 113 12.92 9.78 3.83
C ALA B 113 11.72 8.92 3.36
N PHE B 114 11.26 8.02 4.24
CA PHE B 114 10.09 7.13 3.99
C PHE B 114 9.24 6.83 5.24
N VAL B 115 8.06 6.23 5.04
CA VAL B 115 7.01 6.01 6.06
C VAL B 115 6.09 4.85 5.65
N GLU B 116 5.49 4.20 6.65
CA GLU B 116 4.41 3.22 6.50
C GLU B 116 3.36 3.47 7.61
N PHE B 117 2.11 3.70 7.20
CA PHE B 117 0.97 3.87 8.09
C PHE B 117 0.13 2.60 8.25
N GLU B 118 0.37 1.57 7.43
CA GLU B 118 -0.35 0.26 7.36
C GLU B 118 -1.83 0.35 6.91
N ASP B 119 -2.56 1.36 7.38
CA ASP B 119 -3.94 1.66 6.99
C ASP B 119 -3.95 2.66 5.81
N PRO B 120 -4.65 2.36 4.69
CA PRO B 120 -4.71 3.23 3.52
C PRO B 120 -5.35 4.60 3.77
N ARG B 121 -6.33 4.75 4.66
CA ARG B 121 -6.96 6.06 4.98
C ARG B 121 -5.99 6.97 5.75
N ASP B 122 -5.24 6.40 6.69
CA ASP B 122 -4.25 7.15 7.47
C ASP B 122 -3.17 7.75 6.54
N ALA B 123 -2.62 6.91 5.65
CA ALA B 123 -1.72 7.36 4.60
C ALA B 123 -2.41 8.28 3.57
N ALA B 124 -3.66 8.03 3.16
CA ALA B 124 -4.36 8.85 2.18
C ALA B 124 -4.49 10.32 2.64
N ASP B 125 -4.85 10.56 3.90
CA ASP B 125 -4.90 11.94 4.40
C ASP B 125 -3.49 12.53 4.57
N ALA B 126 -2.52 11.70 4.97
CA ALA B 126 -1.11 12.07 5.02
C ALA B 126 -0.41 12.13 3.65
N VAL B 127 -1.11 11.89 2.54
CA VAL B 127 -0.56 11.95 1.17
C VAL B 127 -1.41 12.81 0.24
N ARG B 128 -2.54 13.35 0.74
CA ARG B 128 -3.38 14.38 0.09
C ARG B 128 -3.54 15.66 0.93
N GLU B 129 -2.86 15.77 2.08
CA GLU B 129 -2.75 17.00 2.87
C GLU B 129 -1.29 17.39 3.18
N LEU B 130 -0.34 16.45 3.30
CA LEU B 130 1.09 16.79 3.34
C LEU B 130 1.62 17.16 1.95
N ASP B 131 1.28 16.31 0.95
CA ASP B 131 1.67 16.13 -0.46
C ASP B 131 2.90 16.85 -1.09
N GLY B 132 3.20 18.08 -0.69
CA GLY B 132 4.34 18.87 -1.13
C GLY B 132 4.27 20.35 -0.73
N ARG B 133 3.56 20.70 0.35
CA ARG B 133 3.21 22.09 0.73
C ARG B 133 4.37 22.82 1.41
N THR B 134 4.66 22.50 2.67
CA THR B 134 5.77 22.99 3.50
C THR B 134 5.77 22.15 4.78
N LEU B 135 6.96 21.81 5.27
CA LEU B 135 7.21 20.98 6.46
C LEU B 135 8.69 21.19 6.80
N CYS B 136 9.04 21.27 8.07
CA CYS B 136 10.36 21.69 8.61
C CYS B 136 10.77 23.12 8.21
N GLY B 137 10.68 23.47 6.93
CA GLY B 137 10.79 24.84 6.41
C GLY B 137 11.34 24.97 4.99
N CYS B 138 11.06 23.98 4.12
CA CYS B 138 11.44 24.00 2.71
C CYS B 138 10.32 23.44 1.82
N ARG B 139 10.54 23.43 0.50
CA ARG B 139 9.63 22.88 -0.52
C ARG B 139 9.61 21.36 -0.39
N VAL B 140 8.70 20.83 0.42
CA VAL B 140 8.60 19.42 0.74
C VAL B 140 7.98 18.68 -0.45
N ARG B 141 8.10 17.36 -0.42
CA ARG B 141 7.45 16.38 -1.28
C ARG B 141 6.97 15.26 -0.38
N VAL B 142 5.72 14.82 -0.49
CA VAL B 142 5.27 13.61 0.20
C VAL B 142 4.38 12.82 -0.76
N GLU B 143 4.83 11.67 -1.26
CA GLU B 143 4.14 10.95 -2.36
C GLU B 143 3.76 9.54 -1.91
N LEU B 144 2.74 8.91 -2.50
CA LEU B 144 2.51 7.49 -2.23
C LEU B 144 3.59 6.70 -2.99
N SER B 145 4.25 5.77 -2.30
CA SER B 145 5.45 5.09 -2.76
C SER B 145 5.31 4.39 -4.13
N ASN B 146 6.41 4.22 -4.85
CA ASN B 146 6.52 3.49 -6.13
C ASN B 146 5.49 3.98 -7.18
N GLY B 147 5.51 5.29 -7.46
CA GLY B 147 4.78 5.90 -8.58
C GLY B 147 3.30 6.26 -8.32
N GLU B 148 2.80 6.02 -7.11
CA GLU B 148 1.40 6.14 -6.65
C GLU B 148 0.34 5.29 -7.38
N LYS B 149 0.33 5.25 -8.71
CA LYS B 149 -0.63 4.49 -9.52
C LYS B 149 0.10 3.40 -10.27
N ARG B 150 -0.28 2.17 -9.92
CA ARG B 150 0.29 0.91 -10.35
C ARG B 150 -0.76 -0.21 -10.27
N MET B 1 -3.38 -30.36 -36.83
CA MET B 1 -3.72 -30.75 -35.44
C MET B 1 -3.76 -29.50 -34.56
N GLN B 2 -4.53 -29.49 -33.47
CA GLN B 2 -4.49 -28.37 -32.51
C GLN B 2 -3.38 -28.56 -31.47
N TYR B 3 -2.71 -27.46 -31.11
CA TYR B 3 -1.61 -27.37 -30.14
C TYR B 3 -1.98 -26.31 -29.10
N LYS B 4 -1.45 -26.40 -27.88
CA LYS B 4 -1.70 -25.45 -26.77
C LYS B 4 -0.48 -24.55 -26.52
N LEU B 5 -0.66 -23.43 -25.82
CA LEU B 5 0.39 -22.50 -25.38
C LEU B 5 0.02 -21.90 -24.01
N ILE B 6 0.99 -21.78 -23.10
CA ILE B 6 0.89 -21.11 -21.79
C ILE B 6 1.81 -19.89 -21.75
N LEU B 7 1.28 -18.75 -21.31
CA LEU B 7 1.92 -17.44 -21.25
C LEU B 7 2.26 -17.09 -19.79
N ASN B 8 3.05 -17.89 -19.09
CA ASN B 8 3.53 -17.57 -17.74
C ASN B 8 4.42 -16.30 -17.69
N GLY B 9 3.83 -15.10 -17.78
CA GLY B 9 4.58 -13.84 -17.68
C GLY B 9 5.05 -13.50 -16.26
N LYS B 10 5.70 -12.34 -16.10
CA LYS B 10 6.37 -11.97 -14.83
C LYS B 10 5.39 -11.83 -13.67
N THR B 11 4.29 -11.10 -13.89
CA THR B 11 3.23 -10.81 -12.91
C THR B 11 1.84 -11.20 -13.41
N LEU B 12 1.70 -11.43 -14.71
CA LEU B 12 0.49 -11.83 -15.44
C LEU B 12 0.73 -13.21 -16.05
N LYS B 13 -0.34 -13.94 -16.36
CA LYS B 13 -0.27 -15.21 -17.04
C LYS B 13 -1.58 -15.59 -17.73
N GLY B 14 -1.45 -16.45 -18.74
CA GLY B 14 -2.61 -17.11 -19.37
C GLY B 14 -2.31 -18.30 -20.27
N GLU B 15 -3.25 -18.67 -21.15
CA GLU B 15 -3.15 -19.82 -22.09
C GLU B 15 -3.94 -19.56 -23.40
N THR B 16 -3.65 -20.34 -24.45
CA THR B 16 -4.42 -20.41 -25.70
C THR B 16 -4.11 -21.72 -26.44
N THR B 17 -4.68 -21.90 -27.63
CA THR B 17 -4.43 -23.00 -28.56
C THR B 17 -4.45 -22.50 -30.01
N THR B 18 -4.02 -23.33 -30.96
CA THR B 18 -4.14 -23.06 -32.40
C THR B 18 -4.10 -24.35 -33.22
N GLU B 19 -4.77 -24.35 -34.37
CA GLU B 19 -4.61 -25.39 -35.38
C GLU B 19 -3.27 -25.12 -36.11
N ALA B 20 -2.32 -26.05 -36.03
CA ALA B 20 -1.01 -26.00 -36.67
C ALA B 20 -0.60 -27.35 -37.29
N VAL B 21 0.55 -27.42 -37.98
CA VAL B 21 1.11 -28.72 -38.39
C VAL B 21 1.87 -29.38 -37.24
N ASP B 22 2.60 -28.57 -36.46
CA ASP B 22 3.48 -28.85 -35.31
C ASP B 22 4.21 -27.52 -34.96
N ALA B 23 5.33 -27.53 -34.26
CA ALA B 23 6.21 -26.37 -34.05
C ALA B 23 6.60 -25.62 -35.34
N ALA B 24 6.53 -26.28 -36.51
CA ALA B 24 6.76 -25.63 -37.81
C ALA B 24 5.66 -24.64 -38.21
N THR B 25 4.59 -24.53 -37.40
CA THR B 25 3.52 -23.54 -37.53
C THR B 25 3.10 -22.94 -36.17
N ALA B 26 3.10 -23.73 -35.09
CA ALA B 26 2.79 -23.27 -33.73
C ALA B 26 3.86 -22.27 -33.23
N GLU B 27 5.15 -22.52 -33.55
CA GLU B 27 6.26 -21.62 -33.16
C GLU B 27 6.34 -20.29 -33.94
N LYS B 28 5.38 -20.03 -34.84
CA LYS B 28 5.25 -18.77 -35.59
C LYS B 28 3.82 -18.26 -35.58
N VAL B 29 3.00 -18.73 -34.63
CA VAL B 29 1.59 -18.31 -34.42
C VAL B 29 1.43 -17.74 -33.03
N PHE B 30 1.86 -18.51 -32.04
CA PHE B 30 1.85 -18.11 -30.64
C PHE B 30 2.69 -16.87 -30.35
N LYS B 31 3.72 -16.62 -31.15
CA LYS B 31 4.57 -15.41 -31.08
C LYS B 31 3.77 -14.11 -31.20
N GLN B 32 2.66 -14.13 -31.92
CA GLN B 32 1.79 -12.97 -32.12
C GLN B 32 0.81 -12.80 -30.95
N TYR B 33 0.12 -13.90 -30.59
CA TYR B 33 -0.85 -13.92 -29.49
C TYR B 33 -0.17 -13.63 -28.13
N ALA B 34 1.01 -14.17 -27.90
CA ALA B 34 1.78 -13.94 -26.69
C ALA B 34 2.12 -12.46 -26.50
N ASN B 35 2.65 -11.82 -27.55
CA ASN B 35 2.92 -10.38 -27.56
C ASN B 35 1.64 -9.51 -27.48
N ASP B 36 0.46 -10.04 -27.83
CA ASP B 36 -0.82 -9.32 -27.67
C ASP B 36 -1.36 -9.36 -26.23
N ASN B 37 -1.06 -10.44 -25.49
CA ASN B 37 -1.30 -10.46 -24.03
C ASN B 37 -0.20 -9.66 -23.34
N GLY B 38 1.02 -9.74 -23.90
CA GLY B 38 2.20 -8.99 -23.60
C GLY B 38 3.39 -9.86 -23.15
N VAL B 39 3.21 -11.18 -23.00
CA VAL B 39 4.29 -12.11 -22.64
C VAL B 39 5.22 -12.34 -23.81
N ASP B 40 6.51 -12.45 -23.51
CA ASP B 40 7.49 -12.90 -24.49
C ASP B 40 8.81 -13.38 -23.84
N GLY B 41 8.67 -14.28 -22.87
CA GLY B 41 9.75 -14.92 -22.14
C GLY B 41 10.46 -16.08 -22.86
N GLU B 42 11.00 -17.02 -22.09
CA GLU B 42 11.65 -18.24 -22.56
C GLU B 42 10.63 -19.20 -23.20
N TRP B 43 10.71 -19.43 -24.52
CA TRP B 43 9.80 -20.31 -25.27
C TRP B 43 10.15 -21.77 -25.04
N THR B 44 9.11 -22.58 -24.87
CA THR B 44 9.15 -23.98 -24.45
C THR B 44 8.07 -24.80 -25.17
N TYR B 45 8.21 -26.13 -25.18
CA TYR B 45 7.29 -27.06 -25.88
C TYR B 45 7.39 -28.48 -25.28
N ASP B 46 6.45 -29.37 -25.65
CA ASP B 46 6.45 -30.79 -25.28
C ASP B 46 5.96 -31.68 -26.45
N ASP B 47 6.18 -33.00 -26.39
CA ASP B 47 5.82 -33.98 -27.43
C ASP B 47 4.92 -35.14 -26.95
N ALA B 48 4.54 -35.15 -25.67
CA ALA B 48 3.55 -36.07 -25.09
C ALA B 48 2.18 -35.40 -24.95
N THR B 49 2.16 -34.08 -24.71
CA THR B 49 0.93 -33.27 -24.60
C THR B 49 0.88 -32.10 -25.58
N LYS B 50 1.94 -31.91 -26.37
CA LYS B 50 1.97 -30.98 -27.52
C LYS B 50 1.57 -29.55 -27.14
N THR B 51 2.07 -29.12 -25.98
CA THR B 51 1.71 -27.86 -25.31
C THR B 51 2.95 -26.98 -25.19
N PHE B 52 2.97 -25.89 -25.95
CA PHE B 52 3.95 -24.81 -25.82
C PHE B 52 3.83 -24.11 -24.46
N THR B 53 4.87 -23.35 -24.11
CA THR B 53 4.89 -22.42 -22.99
C THR B 53 5.80 -21.25 -23.36
N VAL B 54 5.60 -20.10 -22.73
CA VAL B 54 6.46 -18.92 -22.79
C VAL B 54 6.51 -18.31 -21.40
N THR B 55 7.67 -18.41 -20.74
CA THR B 55 7.83 -18.06 -19.32
C THR B 55 8.74 -16.85 -19.17
N GLU B 56 8.20 -15.69 -18.75
CA GLU B 56 8.99 -14.49 -18.49
C GLU B 56 9.77 -14.57 -17.15
N GLY B 57 10.68 -15.55 -17.08
CA GLY B 57 11.69 -15.75 -16.05
C GLY B 57 13.10 -15.46 -16.60
N SER B 58 13.21 -14.43 -17.45
CA SER B 58 14.45 -14.09 -18.18
C SER B 58 15.66 -13.85 -17.27
N HIS B 59 16.86 -14.03 -17.83
CA HIS B 59 18.13 -14.08 -17.11
C HIS B 59 19.33 -13.69 -18.00
N HIS B 60 19.53 -12.38 -18.17
CA HIS B 60 20.55 -11.77 -19.05
C HIS B 60 21.25 -10.58 -18.35
N HIS B 61 21.63 -10.75 -17.07
CA HIS B 61 22.10 -9.74 -16.10
C HIS B 61 20.96 -8.82 -15.61
N HIS B 62 19.96 -8.63 -16.47
CA HIS B 62 18.64 -8.03 -16.24
C HIS B 62 17.63 -9.19 -16.34
N HIS B 63 16.47 -9.07 -15.70
CA HIS B 63 15.53 -10.19 -15.50
C HIS B 63 14.13 -9.97 -16.09
N HIS B 64 14.01 -9.12 -17.12
CA HIS B 64 12.73 -8.68 -17.68
C HIS B 64 12.71 -8.60 -19.22
N MET B 65 11.58 -9.00 -19.82
CA MET B 65 11.26 -8.87 -21.26
C MET B 65 10.08 -7.91 -21.50
N HIS B 66 9.27 -7.69 -20.46
CA HIS B 66 8.22 -6.67 -20.36
C HIS B 66 8.33 -6.00 -18.98
N ARG B 67 7.56 -4.93 -18.70
CA ARG B 67 7.66 -4.15 -17.47
C ARG B 67 6.28 -3.86 -16.87
N ASP B 68 5.95 -4.61 -15.82
CA ASP B 68 4.68 -4.50 -15.08
C ASP B 68 4.48 -3.13 -14.38
N SER B 69 5.56 -2.43 -14.03
CA SER B 69 5.56 -1.14 -13.32
C SER B 69 4.65 -1.13 -12.06
N CYS B 70 4.57 -2.27 -11.35
CA CYS B 70 3.63 -2.52 -10.26
C CYS B 70 4.33 -3.07 -8.99
N PRO B 71 5.21 -2.28 -8.33
CA PRO B 71 5.79 -2.62 -7.03
C PRO B 71 4.68 -2.65 -5.96
N LEU B 72 4.28 -3.85 -5.53
CA LEU B 72 3.19 -4.09 -4.58
C LEU B 72 3.55 -3.60 -3.17
N ASP B 73 3.10 -2.40 -2.81
CA ASP B 73 3.46 -1.71 -1.57
C ASP B 73 2.34 -0.74 -1.09
N CYS B 74 2.42 -0.35 0.19
CA CYS B 74 1.45 0.47 0.92
C CYS B 74 2.10 1.58 1.76
N LYS B 75 3.44 1.69 1.76
CA LYS B 75 4.20 2.82 2.32
C LYS B 75 3.88 4.14 1.60
N VAL B 76 4.33 5.25 2.19
CA VAL B 76 4.28 6.61 1.63
C VAL B 76 5.69 7.21 1.64
N TYR B 77 6.00 7.94 0.58
CA TYR B 77 7.28 8.58 0.33
C TYR B 77 7.26 10.00 0.86
N VAL B 78 8.40 10.51 1.31
CA VAL B 78 8.55 11.92 1.68
C VAL B 78 9.95 12.44 1.34
N GLY B 79 10.04 13.66 0.81
CA GLY B 79 11.34 14.29 0.51
C GLY B 79 11.37 15.81 0.33
N ASN B 80 12.54 16.33 -0.01
CA ASN B 80 12.94 17.73 -0.30
C ASN B 80 12.65 18.82 0.76
N LEU B 81 12.11 18.48 1.93
CA LEU B 81 11.91 19.30 3.14
C LEU B 81 13.16 19.98 3.77
N GLY B 82 14.36 19.86 3.15
CA GLY B 82 15.63 20.42 3.62
C GLY B 82 16.64 19.32 4.00
N ASN B 83 17.88 19.69 4.30
CA ASN B 83 18.98 18.77 4.65
C ASN B 83 18.84 18.07 6.03
N ASN B 84 17.74 17.34 6.26
CA ASN B 84 17.38 16.69 7.53
C ASN B 84 17.23 15.15 7.37
N GLY B 85 17.40 14.42 8.47
CA GLY B 85 17.26 12.96 8.55
C GLY B 85 17.18 12.49 10.01
N ASN B 86 16.32 13.15 10.80
CA ASN B 86 16.20 12.96 12.25
C ASN B 86 14.76 12.62 12.69
N LYS B 87 13.86 12.32 11.73
CA LYS B 87 12.47 11.81 11.79
C LYS B 87 11.41 12.48 12.70
N THR B 88 11.77 13.23 13.73
CA THR B 88 10.85 13.72 14.77
C THR B 88 9.68 14.55 14.25
N GLU B 89 9.93 15.58 13.41
CA GLU B 89 8.83 16.41 12.93
C GLU B 89 7.96 15.65 11.96
N LEU B 90 8.54 14.96 10.97
CA LEU B 90 7.72 14.20 10.03
C LEU B 90 6.89 13.11 10.71
N GLU B 91 7.41 12.48 11.78
CA GLU B 91 6.64 11.54 12.59
C GLU B 91 5.40 12.19 13.23
N ARG B 92 5.50 13.39 13.82
CA ARG B 92 4.29 14.10 14.28
C ARG B 92 3.42 14.59 13.13
N ALA B 93 4.01 15.04 12.01
CA ALA B 93 3.30 15.56 10.85
C ALA B 93 2.40 14.48 10.22
N PHE B 94 2.94 13.28 10.08
CA PHE B 94 2.22 12.10 9.65
C PHE B 94 1.21 11.64 10.68
N GLY B 95 1.67 11.20 11.84
CA GLY B 95 0.84 10.67 12.90
C GLY B 95 -0.34 11.56 13.35
N TYR B 96 -0.26 12.88 13.08
CA TYR B 96 -1.37 13.85 13.22
C TYR B 96 -2.62 13.45 12.40
N TYR B 97 -2.46 13.14 11.10
CA TYR B 97 -3.56 12.67 10.23
C TYR B 97 -4.06 11.31 10.68
N GLY B 98 -3.13 10.43 11.04
CA GLY B 98 -3.49 9.16 11.71
C GLY B 98 -2.30 8.30 12.14
N PRO B 99 -2.45 7.27 12.97
CA PRO B 99 -1.28 6.59 13.55
C PRO B 99 -0.43 5.84 12.54
N LEU B 100 0.87 6.11 12.60
CA LEU B 100 1.92 5.46 11.85
C LEU B 100 2.17 4.02 12.31
N ARG B 101 2.50 3.13 11.35
CA ARG B 101 2.99 1.76 11.57
C ARG B 101 4.53 1.72 11.54
N SER B 102 5.16 2.55 10.71
CA SER B 102 6.62 2.73 10.66
C SER B 102 7.02 4.11 10.13
N VAL B 103 8.22 4.57 10.52
CA VAL B 103 8.86 5.79 10.00
C VAL B 103 10.36 5.53 9.85
N TRP B 104 10.90 5.89 8.68
CA TRP B 104 12.31 5.72 8.31
C TRP B 104 12.80 6.96 7.54
N VAL B 105 14.08 7.27 7.70
CA VAL B 105 14.80 8.34 7.00
C VAL B 105 16.22 7.81 6.70
N ALA B 106 16.85 8.29 5.63
CA ALA B 106 18.09 7.67 5.15
C ALA B 106 19.36 7.96 5.98
N ARG B 107 20.40 7.15 5.68
CA ARG B 107 21.69 6.97 6.36
C ARG B 107 22.31 8.21 7.04
N ASN B 108 22.51 9.30 6.31
CA ASN B 108 23.03 10.59 6.81
C ASN B 108 22.18 11.73 6.22
N PRO B 109 21.73 12.74 7.02
CA PRO B 109 20.74 13.78 6.69
C PRO B 109 20.50 14.10 5.20
N PRO B 110 19.66 13.30 4.52
CA PRO B 110 19.50 13.33 3.06
C PRO B 110 18.45 14.34 2.56
N GLY B 111 17.47 14.66 3.41
CA GLY B 111 16.26 15.41 3.04
C GLY B 111 15.27 14.55 2.25
N PHE B 112 15.18 13.29 2.65
CA PHE B 112 14.50 12.20 1.94
C PHE B 112 14.24 11.04 2.93
N ALA B 113 13.07 10.41 2.83
CA ALA B 113 12.56 9.49 3.83
C ALA B 113 11.39 8.60 3.34
N PHE B 114 10.98 7.63 4.17
CA PHE B 114 9.81 6.77 3.87
C PHE B 114 9.06 6.34 5.13
N VAL B 115 7.73 6.19 5.04
CA VAL B 115 6.85 5.87 6.18
C VAL B 115 5.72 4.89 5.81
N GLU B 116 4.98 4.38 6.79
CA GLU B 116 3.74 3.62 6.57
C GLU B 116 2.76 3.92 7.71
N PHE B 117 1.46 3.89 7.41
CA PHE B 117 0.37 4.13 8.35
C PHE B 117 -0.48 2.86 8.61
N GLU B 118 -1.21 2.82 9.74
CA GLU B 118 -2.08 1.69 10.06
C GLU B 118 -3.26 1.51 9.08
N ASP B 119 -3.89 2.61 8.67
CA ASP B 119 -4.96 2.63 7.67
C ASP B 119 -4.44 3.31 6.38
N PRO B 120 -4.52 2.69 5.20
CA PRO B 120 -4.25 3.35 3.92
C PRO B 120 -4.99 4.68 3.71
N ARG B 121 -6.14 4.89 4.38
CA ARG B 121 -6.84 6.18 4.41
C ARG B 121 -6.14 7.23 5.29
N ASP B 122 -5.39 6.83 6.33
CA ASP B 122 -4.51 7.76 7.07
C ASP B 122 -3.38 8.22 6.15
N ALA B 123 -2.76 7.29 5.42
CA ALA B 123 -1.78 7.60 4.40
C ALA B 123 -2.37 8.47 3.26
N ALA B 124 -3.62 8.26 2.85
CA ALA B 124 -4.28 9.10 1.86
C ALA B 124 -4.54 10.54 2.36
N ASP B 125 -5.07 10.71 3.59
CA ASP B 125 -5.19 12.03 4.23
C ASP B 125 -3.82 12.72 4.33
N ALA B 126 -2.79 11.98 4.75
CA ALA B 126 -1.45 12.49 4.92
C ALA B 126 -0.86 12.90 3.57
N VAL B 127 -0.78 12.01 2.59
CA VAL B 127 -0.27 12.27 1.24
C VAL B 127 -1.00 13.45 0.57
N ARG B 128 -2.33 13.55 0.70
CA ARG B 128 -3.11 14.62 0.01
C ARG B 128 -3.12 15.96 0.76
N GLU B 129 -2.66 16.02 2.01
CA GLU B 129 -2.54 17.26 2.78
C GLU B 129 -1.08 17.69 3.08
N LEU B 130 -0.13 16.76 2.98
CA LEU B 130 1.32 16.99 3.01
C LEU B 130 1.90 17.25 1.61
N ASP B 131 1.30 16.65 0.56
CA ASP B 131 1.59 16.56 -0.90
C ASP B 131 2.87 17.18 -1.47
N GLY B 132 3.15 18.42 -1.10
CA GLY B 132 4.35 19.19 -1.33
C GLY B 132 4.24 20.61 -0.75
N ARG B 133 3.67 20.76 0.45
CA ARG B 133 3.38 22.06 1.10
C ARG B 133 4.66 22.81 1.51
N THR B 134 5.19 22.46 2.68
CA THR B 134 6.42 22.92 3.37
C THR B 134 6.44 22.18 4.72
N LEU B 135 7.62 21.74 5.17
CA LEU B 135 7.80 20.83 6.32
C LEU B 135 9.29 20.86 6.64
N CYS B 136 9.70 20.85 7.91
CA CYS B 136 11.07 21.10 8.41
C CYS B 136 11.68 22.46 8.04
N GLY B 137 11.29 23.05 6.91
CA GLY B 137 11.59 24.42 6.50
C GLY B 137 11.82 24.64 5.00
N CYS B 138 11.68 23.58 4.19
CA CYS B 138 11.91 23.61 2.75
C CYS B 138 10.71 23.03 1.98
N ARG B 139 10.80 23.04 0.64
CA ARG B 139 9.75 22.58 -0.27
C ARG B 139 9.71 21.04 -0.26
N VAL B 140 8.87 20.51 0.62
CA VAL B 140 8.59 19.09 0.80
C VAL B 140 7.85 18.57 -0.44
N ARG B 141 7.75 17.25 -0.52
CA ARG B 141 6.98 16.50 -1.51
C ARG B 141 6.69 15.14 -0.89
N VAL B 142 5.42 14.75 -0.85
CA VAL B 142 4.99 13.52 -0.17
C VAL B 142 4.07 12.73 -1.11
N GLU B 143 4.35 11.45 -1.34
CA GLU B 143 3.69 10.64 -2.38
C GLU B 143 3.40 9.21 -1.87
N LEU B 144 2.77 8.35 -2.67
CA LEU B 144 2.70 6.91 -2.35
C LEU B 144 4.03 6.24 -2.71
N SER B 145 4.53 5.33 -1.87
CA SER B 145 5.75 4.54 -2.14
C SER B 145 5.60 3.73 -3.43
N ASN B 146 6.59 3.85 -4.33
CA ASN B 146 6.51 3.30 -5.70
C ASN B 146 7.88 2.97 -6.33
N GLY B 147 8.97 2.94 -5.55
CA GLY B 147 10.29 2.55 -6.03
C GLY B 147 10.40 1.08 -6.48
N GLU B 148 11.29 0.82 -7.44
CA GLU B 148 11.65 -0.53 -7.91
C GLU B 148 13.08 -0.55 -8.50
N LYS B 149 13.77 -1.69 -8.39
CA LYS B 149 15.09 -1.96 -9.01
C LYS B 149 15.24 -3.45 -9.37
N ARG B 150 14.80 -3.78 -10.59
CA ARG B 150 14.85 -5.12 -11.24
C ARG B 150 14.87 -5.01 -12.76
N MET B 1 5.03 -20.98 -33.65
CA MET B 1 4.87 -22.12 -32.73
C MET B 1 3.66 -21.89 -31.83
N GLN B 2 3.02 -22.93 -31.28
CA GLN B 2 1.90 -22.76 -30.34
C GLN B 2 2.41 -22.65 -28.89
N TYR B 3 1.79 -21.76 -28.10
CA TYR B 3 2.10 -21.44 -26.70
C TYR B 3 0.83 -21.60 -25.86
N LYS B 4 0.95 -21.79 -24.54
CA LYS B 4 -0.20 -22.04 -23.63
C LYS B 4 -0.38 -20.90 -22.62
N LEU B 5 -1.54 -20.81 -21.97
CA LEU B 5 -1.89 -19.80 -20.95
C LEU B 5 -2.88 -20.36 -19.92
N ILE B 6 -2.60 -20.24 -18.62
CA ILE B 6 -3.46 -20.64 -17.49
C ILE B 6 -4.01 -19.41 -16.76
N LEU B 7 -5.31 -19.15 -16.92
CA LEU B 7 -6.13 -18.10 -16.30
C LEU B 7 -6.64 -18.52 -14.93
N ASN B 8 -5.75 -18.83 -13.99
CA ASN B 8 -6.14 -19.22 -12.64
C ASN B 8 -6.75 -18.03 -11.89
N GLY B 9 -7.96 -18.18 -11.33
CA GLY B 9 -8.50 -17.19 -10.42
C GLY B 9 -9.28 -17.69 -9.20
N LYS B 10 -9.86 -16.71 -8.51
CA LYS B 10 -10.53 -16.79 -7.19
C LYS B 10 -11.85 -17.56 -7.22
N THR B 11 -12.70 -17.22 -8.19
CA THR B 11 -14.09 -17.70 -8.32
C THR B 11 -14.30 -18.46 -9.65
N LEU B 12 -13.23 -18.55 -10.45
CA LEU B 12 -13.14 -19.18 -11.77
C LEU B 12 -11.68 -19.53 -12.09
N LYS B 13 -11.46 -20.38 -13.09
CA LYS B 13 -10.15 -20.61 -13.70
C LYS B 13 -10.28 -21.37 -15.01
N GLY B 14 -9.24 -21.25 -15.83
CA GLY B 14 -9.09 -22.08 -17.01
C GLY B 14 -7.79 -21.89 -17.78
N GLU B 15 -7.75 -22.32 -19.03
CA GLU B 15 -6.54 -22.32 -19.88
C GLU B 15 -6.87 -22.34 -21.37
N THR B 16 -5.95 -21.84 -22.20
CA THR B 16 -6.03 -21.86 -23.67
C THR B 16 -4.61 -21.88 -24.25
N THR B 17 -4.51 -21.78 -25.57
CA THR B 17 -3.25 -21.70 -26.32
C THR B 17 -3.37 -20.73 -27.50
N THR B 18 -2.26 -20.44 -28.19
CA THR B 18 -2.26 -19.64 -29.43
C THR B 18 -1.02 -19.92 -30.26
N GLU B 19 -1.12 -19.80 -31.58
CA GLU B 19 0.04 -19.76 -32.47
C GLU B 19 0.66 -18.37 -32.33
N ALA B 20 1.91 -18.28 -31.87
CA ALA B 20 2.67 -17.06 -31.69
C ALA B 20 4.14 -17.21 -32.17
N VAL B 21 4.91 -16.12 -32.10
CA VAL B 21 6.36 -16.17 -32.36
C VAL B 21 7.15 -16.56 -31.11
N ASP B 22 6.70 -16.05 -29.95
CA ASP B 22 7.13 -16.32 -28.56
C ASP B 22 6.34 -15.34 -27.66
N ALA B 23 6.82 -15.01 -26.46
CA ALA B 23 6.27 -13.93 -25.63
C ALA B 23 6.15 -12.58 -26.38
N ALA B 24 6.90 -12.38 -27.47
CA ALA B 24 6.80 -11.22 -28.35
C ALA B 24 5.46 -11.14 -29.14
N THR B 25 4.64 -12.19 -29.06
CA THR B 25 3.30 -12.28 -29.66
C THR B 25 2.27 -12.88 -28.69
N ALA B 26 2.66 -13.88 -27.88
CA ALA B 26 1.82 -14.51 -26.86
C ALA B 26 1.44 -13.48 -25.77
N GLU B 27 2.37 -12.61 -25.36
CA GLU B 27 2.14 -11.56 -24.36
C GLU B 27 1.31 -10.36 -24.86
N LYS B 28 0.81 -10.39 -26.11
CA LYS B 28 -0.10 -9.40 -26.68
C LYS B 28 -1.28 -10.06 -27.39
N VAL B 29 -1.53 -11.34 -27.10
CA VAL B 29 -2.66 -12.14 -27.63
C VAL B 29 -3.54 -12.62 -26.49
N PHE B 30 -2.92 -13.23 -25.49
CA PHE B 30 -3.58 -13.71 -24.29
C PHE B 30 -4.24 -12.59 -23.49
N LYS B 31 -3.73 -11.35 -23.58
CA LYS B 31 -4.30 -10.15 -22.95
C LYS B 31 -5.77 -9.91 -23.34
N GLN B 32 -6.14 -10.27 -24.56
CA GLN B 32 -7.51 -10.08 -25.08
C GLN B 32 -8.43 -11.20 -24.60
N TYR B 33 -7.97 -12.45 -24.73
CA TYR B 33 -8.71 -13.66 -24.31
C TYR B 33 -8.88 -13.72 -22.79
N ALA B 34 -7.87 -13.30 -22.04
CA ALA B 34 -7.91 -13.23 -20.58
C ALA B 34 -9.02 -12.31 -20.08
N ASN B 35 -9.10 -11.12 -20.64
CA ASN B 35 -10.15 -10.15 -20.35
C ASN B 35 -11.55 -10.60 -20.82
N ASP B 36 -11.66 -11.57 -21.74
CA ASP B 36 -12.94 -12.17 -22.13
C ASP B 36 -13.41 -13.27 -21.15
N ASN B 37 -12.46 -13.96 -20.49
CA ASN B 37 -12.77 -14.85 -19.36
C ASN B 37 -13.03 -14.00 -18.10
N GLY B 38 -12.30 -12.89 -18.00
CA GLY B 38 -12.38 -11.87 -16.98
C GLY B 38 -11.25 -11.93 -15.95
N VAL B 39 -10.26 -12.79 -16.17
CA VAL B 39 -9.02 -12.82 -15.37
C VAL B 39 -8.04 -11.79 -15.91
N ASP B 40 -7.23 -11.26 -14.99
CA ASP B 40 -6.09 -10.40 -15.32
C ASP B 40 -5.08 -10.34 -14.15
N GLY B 41 -4.78 -11.52 -13.61
CA GLY B 41 -3.84 -11.76 -12.50
C GLY B 41 -2.34 -11.59 -12.80
N GLU B 42 -1.51 -12.34 -12.05
CA GLU B 42 -0.04 -12.27 -12.08
C GLU B 42 0.55 -12.79 -13.42
N TRP B 43 0.80 -11.93 -14.42
CA TRP B 43 1.23 -12.36 -15.75
C TRP B 43 2.64 -12.97 -15.68
N THR B 44 2.68 -14.29 -15.88
CA THR B 44 3.83 -15.18 -15.68
C THR B 44 4.03 -16.01 -16.96
N TYR B 45 5.23 -16.57 -17.13
CA TYR B 45 5.63 -17.41 -18.27
C TYR B 45 6.67 -18.44 -17.81
N ASP B 46 6.88 -19.49 -18.61
CA ASP B 46 7.95 -20.48 -18.45
C ASP B 46 8.58 -20.73 -19.82
N ASP B 47 9.89 -20.58 -19.95
CA ASP B 47 10.55 -20.66 -21.27
C ASP B 47 10.89 -22.10 -21.71
N ALA B 48 10.72 -23.10 -20.83
CA ALA B 48 11.05 -24.50 -21.09
C ALA B 48 9.80 -25.34 -21.39
N THR B 49 8.63 -24.94 -20.87
CA THR B 49 7.33 -25.54 -21.22
C THR B 49 6.41 -24.57 -21.96
N LYS B 50 6.91 -23.35 -22.23
CA LYS B 50 6.30 -22.33 -23.11
C LYS B 50 4.85 -22.01 -22.72
N THR B 51 4.59 -21.94 -21.42
CA THR B 51 3.24 -21.86 -20.82
C THR B 51 3.13 -20.64 -19.92
N PHE B 52 2.30 -19.68 -20.34
CA PHE B 52 1.88 -18.53 -19.54
C PHE B 52 1.00 -18.97 -18.36
N THR B 53 0.91 -18.14 -17.33
CA THR B 53 -0.04 -18.26 -16.21
C THR B 53 -0.39 -16.85 -15.74
N VAL B 54 -1.58 -16.64 -15.18
CA VAL B 54 -2.10 -15.30 -14.84
C VAL B 54 -2.99 -15.30 -13.59
N THR B 55 -2.39 -15.74 -12.47
CA THR B 55 -3.02 -15.99 -11.17
C THR B 55 -3.72 -14.76 -10.56
N GLU B 56 -5.05 -14.68 -10.66
CA GLU B 56 -5.91 -13.57 -10.25
C GLU B 56 -6.03 -13.37 -8.73
N GLY B 57 -5.65 -12.19 -8.24
CA GLY B 57 -5.87 -11.69 -6.87
C GLY B 57 -5.12 -12.44 -5.77
N SER B 58 -5.47 -13.71 -5.59
CA SER B 58 -4.95 -14.67 -4.60
C SER B 58 -3.43 -14.59 -4.37
N HIS B 59 -2.61 -15.02 -5.34
CA HIS B 59 -1.15 -15.06 -5.20
C HIS B 59 -0.44 -13.78 -5.68
N HIS B 60 -1.08 -12.94 -6.50
CA HIS B 60 -0.41 -11.79 -7.14
C HIS B 60 0.25 -10.80 -6.16
N HIS B 61 -0.26 -10.72 -4.91
CA HIS B 61 0.33 -9.93 -3.82
C HIS B 61 1.76 -10.37 -3.42
N HIS B 62 2.18 -11.56 -3.88
CA HIS B 62 3.45 -12.23 -3.58
C HIS B 62 4.22 -12.62 -4.86
N HIS B 63 3.82 -12.11 -6.03
CA HIS B 63 4.50 -12.37 -7.31
C HIS B 63 5.97 -11.89 -7.27
N HIS B 64 6.91 -12.82 -7.20
CA HIS B 64 8.36 -12.59 -7.05
C HIS B 64 9.05 -11.91 -8.26
N MET B 65 8.27 -11.35 -9.19
CA MET B 65 8.74 -10.59 -10.36
C MET B 65 8.31 -9.11 -10.31
N HIS B 66 7.29 -8.78 -9.49
CA HIS B 66 6.71 -7.47 -9.10
C HIS B 66 6.39 -6.40 -10.17
N ARG B 67 7.00 -6.39 -11.37
CA ARG B 67 6.86 -5.35 -12.40
C ARG B 67 5.44 -5.22 -13.01
N ASP B 68 4.58 -6.19 -12.73
CA ASP B 68 3.15 -6.24 -13.06
C ASP B 68 2.21 -5.72 -11.95
N SER B 69 2.75 -5.43 -10.76
CA SER B 69 1.98 -5.15 -9.53
C SER B 69 2.60 -4.11 -8.58
N CYS B 70 3.76 -3.54 -8.91
CA CYS B 70 4.50 -2.56 -8.09
C CYS B 70 3.64 -1.51 -7.34
N PRO B 71 2.74 -0.73 -7.98
CA PRO B 71 2.01 0.37 -7.31
C PRO B 71 0.96 -0.08 -6.27
N LEU B 72 0.68 -1.39 -6.17
CA LEU B 72 -0.29 -1.97 -5.23
C LEU B 72 0.31 -2.10 -3.82
N ASP B 73 0.58 -0.94 -3.21
CA ASP B 73 1.34 -0.76 -1.96
C ASP B 73 0.60 0.12 -0.93
N CYS B 74 1.06 0.10 0.31
CA CYS B 74 0.63 0.96 1.43
C CYS B 74 1.80 1.76 2.05
N LYS B 75 3.05 1.52 1.66
CA LYS B 75 4.18 2.40 2.01
C LYS B 75 3.94 3.79 1.42
N VAL B 76 4.48 4.80 2.08
CA VAL B 76 4.43 6.22 1.71
C VAL B 76 5.84 6.72 1.51
N TYR B 77 6.11 7.36 0.37
CA TYR B 77 7.35 8.05 0.09
C TYR B 77 7.27 9.48 0.63
N VAL B 78 8.37 10.02 1.15
CA VAL B 78 8.41 11.39 1.60
C VAL B 78 9.80 12.01 1.44
N GLY B 79 9.85 13.26 1.00
CA GLY B 79 11.04 14.10 1.02
C GLY B 79 10.66 15.47 1.56
N ASN B 80 11.52 16.05 2.39
CA ASN B 80 11.25 17.25 3.19
C ASN B 80 12.57 17.88 3.69
N LEU B 81 12.60 19.20 3.89
CA LEU B 81 13.76 20.07 4.17
C LEU B 81 14.81 20.11 3.05
N GLY B 82 15.30 18.94 2.60
CA GLY B 82 16.26 18.78 1.51
C GLY B 82 17.70 18.47 1.96
N ASN B 83 18.07 18.78 3.21
CA ASN B 83 19.47 18.73 3.68
C ASN B 83 19.77 17.76 4.85
N ASN B 84 18.79 16.94 5.28
CA ASN B 84 18.96 15.80 6.20
C ASN B 84 17.62 15.05 6.45
N GLY B 85 17.68 13.72 6.56
CA GLY B 85 16.58 12.86 7.01
C GLY B 85 16.59 12.74 8.54
N ASN B 86 15.55 13.29 9.18
CA ASN B 86 15.26 13.10 10.61
C ASN B 86 13.75 12.85 10.79
N LYS B 87 13.41 11.86 11.62
CA LYS B 87 12.03 11.36 11.79
C LYS B 87 11.12 12.24 12.65
N THR B 88 11.65 13.08 13.54
CA THR B 88 10.88 13.81 14.58
C THR B 88 9.62 14.49 14.03
N GLU B 89 9.82 15.44 13.11
CA GLU B 89 8.75 16.25 12.57
C GLU B 89 7.79 15.37 11.79
N LEU B 90 8.31 14.63 10.82
CA LEU B 90 7.44 13.88 9.91
C LEU B 90 6.66 12.79 10.65
N GLU B 91 7.23 12.15 11.67
CA GLU B 91 6.53 11.14 12.49
C GLU B 91 5.32 11.75 13.20
N ARG B 92 5.47 12.90 13.90
CA ARG B 92 4.28 13.55 14.48
C ARG B 92 3.34 14.08 13.39
N ALA B 93 3.88 14.54 12.25
CA ALA B 93 3.09 15.09 11.15
C ALA B 93 2.19 14.03 10.50
N PHE B 94 2.72 12.84 10.28
CA PHE B 94 1.98 11.70 9.76
C PHE B 94 0.97 11.19 10.78
N GLY B 95 1.44 10.71 11.94
CA GLY B 95 0.57 10.17 12.97
C GLY B 95 -0.55 11.12 13.47
N TYR B 96 -0.40 12.43 13.29
CA TYR B 96 -1.44 13.46 13.48
C TYR B 96 -2.72 13.18 12.67
N TYR B 97 -2.59 12.93 11.35
CA TYR B 97 -3.73 12.58 10.48
C TYR B 97 -4.30 11.21 10.88
N GLY B 98 -3.40 10.26 11.19
CA GLY B 98 -3.81 8.98 11.81
C GLY B 98 -2.65 8.05 12.17
N PRO B 99 -2.78 7.07 13.07
CA PRO B 99 -1.63 6.31 13.58
C PRO B 99 -0.78 5.59 12.53
N LEU B 100 0.53 5.67 12.73
CA LEU B 100 1.57 5.03 11.92
C LEU B 100 1.83 3.56 12.32
N ARG B 101 2.39 2.77 11.40
CA ARG B 101 2.94 1.41 11.62
C ARG B 101 4.46 1.38 11.55
N SER B 102 5.08 2.25 10.73
CA SER B 102 6.53 2.37 10.60
C SER B 102 6.94 3.77 10.10
N VAL B 103 8.12 4.24 10.51
CA VAL B 103 8.77 5.46 10.02
C VAL B 103 10.27 5.21 9.86
N TRP B 104 10.81 5.55 8.70
CA TRP B 104 12.23 5.52 8.37
C TRP B 104 12.64 6.80 7.63
N VAL B 105 13.89 7.22 7.76
CA VAL B 105 14.44 8.35 7.03
C VAL B 105 15.91 8.08 6.64
N ALA B 106 16.37 8.68 5.54
CA ALA B 106 17.76 8.59 5.14
C ALA B 106 18.66 9.36 6.12
N ARG B 107 19.34 8.61 6.98
CA ARG B 107 20.30 8.96 8.05
C ARG B 107 21.52 9.82 7.64
N ASN B 108 21.49 10.42 6.46
CA ASN B 108 22.56 11.10 5.73
C ASN B 108 22.14 12.53 5.33
N PRO B 109 22.97 13.32 4.62
CA PRO B 109 22.60 14.64 4.09
C PRO B 109 21.36 14.71 3.16
N PRO B 110 20.92 13.67 2.42
CA PRO B 110 19.63 13.69 1.73
C PRO B 110 18.43 13.90 2.67
N GLY B 111 17.51 14.77 2.27
CA GLY B 111 16.27 15.15 2.98
C GLY B 111 15.10 14.33 2.43
N PHE B 112 15.22 13.02 2.64
CA PHE B 112 14.40 11.96 2.03
C PHE B 112 14.10 10.87 3.06
N ALA B 113 12.96 10.18 2.93
CA ALA B 113 12.40 9.29 3.92
C ALA B 113 11.29 8.37 3.39
N PHE B 114 10.82 7.45 4.23
CA PHE B 114 9.63 6.61 3.94
C PHE B 114 8.86 6.21 5.20
N VAL B 115 7.53 6.08 5.10
CA VAL B 115 6.67 5.66 6.22
C VAL B 115 5.63 4.61 5.80
N GLU B 116 4.89 4.08 6.76
CA GLU B 116 3.71 3.23 6.53
C GLU B 116 2.69 3.49 7.65
N PHE B 117 1.41 3.54 7.32
CA PHE B 117 0.31 3.84 8.26
C PHE B 117 -0.51 2.61 8.64
N GLU B 118 -1.25 2.69 9.75
CA GLU B 118 -2.20 1.65 10.18
C GLU B 118 -3.40 1.51 9.23
N ASP B 119 -3.79 2.58 8.52
CA ASP B 119 -4.99 2.63 7.69
C ASP B 119 -4.74 3.42 6.37
N PRO B 120 -4.98 2.83 5.18
CA PRO B 120 -4.85 3.49 3.88
C PRO B 120 -5.65 4.79 3.73
N ARG B 121 -6.81 4.95 4.39
CA ARG B 121 -7.55 6.23 4.45
C ARG B 121 -6.66 7.34 5.00
N ASP B 122 -6.00 7.06 6.12
CA ASP B 122 -5.21 8.06 6.84
C ASP B 122 -3.88 8.31 6.12
N ALA B 123 -3.28 7.27 5.52
CA ALA B 123 -2.13 7.41 4.63
C ALA B 123 -2.45 8.31 3.43
N ALA B 124 -3.60 8.07 2.80
CA ALA B 124 -4.04 8.83 1.62
C ALA B 124 -4.31 10.29 1.98
N ASP B 125 -5.08 10.58 3.04
CA ASP B 125 -5.36 11.96 3.42
C ASP B 125 -4.13 12.70 3.98
N ALA B 126 -3.21 11.98 4.64
CA ALA B 126 -1.91 12.52 5.03
C ALA B 126 -1.11 12.95 3.79
N VAL B 127 -0.91 12.05 2.81
CA VAL B 127 -0.29 12.36 1.51
C VAL B 127 -0.96 13.56 0.80
N ARG B 128 -2.30 13.61 0.84
CA ARG B 128 -3.16 14.65 0.23
C ARG B 128 -3.04 16.03 0.90
N GLU B 129 -2.60 16.10 2.17
CA GLU B 129 -2.41 17.37 2.89
C GLU B 129 -0.92 17.76 3.07
N LEU B 130 -0.03 16.79 3.32
CA LEU B 130 1.40 17.00 3.57
C LEU B 130 2.19 17.52 2.34
N ASP B 131 1.89 17.01 1.14
CA ASP B 131 2.68 17.23 -0.08
C ASP B 131 2.89 18.70 -0.51
N GLY B 132 4.09 19.00 -1.03
CA GLY B 132 4.46 20.25 -1.69
C GLY B 132 4.66 21.49 -0.81
N ARG B 133 3.58 21.91 -0.13
CA ARG B 133 3.40 23.18 0.58
C ARG B 133 4.13 23.35 1.94
N THR B 134 5.36 22.84 2.05
CA THR B 134 6.31 23.05 3.16
C THR B 134 5.93 22.30 4.45
N LEU B 135 6.93 21.80 5.17
CA LEU B 135 6.76 21.17 6.50
C LEU B 135 7.92 21.51 7.45
N CYS B 136 9.15 21.07 7.17
CA CYS B 136 10.33 21.52 7.93
C CYS B 136 10.75 22.96 7.62
N GLY B 137 10.48 23.45 6.40
CA GLY B 137 10.63 24.88 6.05
C GLY B 137 11.40 25.20 4.76
N CYS B 138 11.26 24.39 3.71
CA CYS B 138 11.91 24.61 2.41
C CYS B 138 10.96 24.16 1.28
N ARG B 139 10.84 22.85 1.08
CA ARG B 139 9.87 22.15 0.23
C ARG B 139 9.53 20.78 0.83
N VAL B 140 8.43 20.20 0.38
CA VAL B 140 8.01 18.82 0.64
C VAL B 140 7.68 18.13 -0.69
N ARG B 141 7.87 16.81 -0.77
CA ARG B 141 7.53 15.97 -1.92
C ARG B 141 7.16 14.56 -1.46
N VAL B 142 5.86 14.29 -1.33
CA VAL B 142 5.27 13.10 -0.67
C VAL B 142 4.36 12.34 -1.64
N GLU B 143 4.49 11.01 -1.72
CA GLU B 143 3.74 10.17 -2.67
C GLU B 143 3.41 8.79 -2.05
N LEU B 144 2.52 8.02 -2.68
CA LEU B 144 2.33 6.60 -2.33
C LEU B 144 3.47 5.81 -3.01
N SER B 145 4.05 4.83 -2.31
CA SER B 145 5.24 4.13 -2.81
C SER B 145 5.01 3.32 -4.09
N ASN B 146 5.75 3.66 -5.14
CA ASN B 146 5.84 2.95 -6.42
C ASN B 146 7.26 3.08 -7.02
N GLY B 147 7.75 1.99 -7.60
CA GLY B 147 9.12 1.82 -8.07
C GLY B 147 9.52 0.34 -7.97
N GLU B 148 10.73 -0.04 -8.42
CA GLU B 148 11.21 -1.42 -8.29
C GLU B 148 11.62 -1.78 -6.84
N LYS B 149 12.18 -0.80 -6.11
CA LYS B 149 12.52 -0.91 -4.68
C LYS B 149 11.24 -0.70 -3.85
N ARG B 150 10.97 -1.56 -2.87
CA ARG B 150 9.69 -1.59 -2.14
C ARG B 150 9.86 -1.55 -0.61
N MET B 1 1.79 31.90 -40.05
CA MET B 1 2.88 31.04 -40.58
C MET B 1 2.89 29.70 -39.85
N GLN B 2 3.33 28.61 -40.47
CA GLN B 2 3.44 27.32 -39.76
C GLN B 2 4.78 27.21 -38.98
N TYR B 3 4.73 26.60 -37.80
CA TYR B 3 5.84 26.34 -36.87
C TYR B 3 5.90 24.85 -36.54
N LYS B 4 7.04 24.32 -36.11
CA LYS B 4 7.25 22.90 -35.76
C LYS B 4 7.46 22.71 -34.24
N LEU B 5 7.30 21.48 -33.74
CA LEU B 5 7.58 21.05 -32.37
C LEU B 5 8.14 19.64 -32.33
N ILE B 6 9.11 19.39 -31.45
CA ILE B 6 9.70 18.07 -31.13
C ILE B 6 9.49 17.77 -29.64
N LEU B 7 8.58 16.85 -29.34
CA LEU B 7 8.37 16.25 -28.03
C LEU B 7 9.45 15.19 -27.78
N ASN B 8 10.66 15.62 -27.48
CA ASN B 8 11.79 14.76 -27.05
C ASN B 8 11.54 14.01 -25.70
N GLY B 9 10.44 13.27 -25.54
CA GLY B 9 10.14 12.51 -24.32
C GLY B 9 10.63 11.08 -24.35
N LYS B 10 11.47 10.74 -23.37
CA LYS B 10 12.16 9.46 -23.14
C LYS B 10 11.46 8.17 -23.61
N THR B 11 10.15 8.06 -23.40
CA THR B 11 9.38 6.83 -23.66
C THR B 11 8.61 6.89 -24.99
N LEU B 12 8.04 8.05 -25.35
CA LEU B 12 7.07 8.19 -26.45
C LEU B 12 7.51 9.00 -27.68
N LYS B 13 8.56 9.80 -27.52
CA LYS B 13 9.05 10.88 -28.40
C LYS B 13 8.48 11.04 -29.82
N GLY B 14 8.16 12.28 -30.19
CA GLY B 14 7.83 12.60 -31.57
C GLY B 14 7.58 14.07 -31.91
N GLU B 15 7.01 14.37 -33.07
CA GLU B 15 6.94 15.74 -33.63
C GLU B 15 5.53 16.14 -34.11
N THR B 16 5.31 17.46 -34.28
CA THR B 16 4.14 18.04 -34.93
C THR B 16 4.45 19.44 -35.46
N THR B 17 3.45 20.12 -36.01
CA THR B 17 3.49 21.50 -36.48
C THR B 17 2.15 22.21 -36.18
N THR B 18 2.10 23.53 -36.36
CA THR B 18 0.85 24.31 -36.26
C THR B 18 0.96 25.63 -37.00
N GLU B 19 -0.15 26.12 -37.53
CA GLU B 19 -0.26 27.49 -38.03
C GLU B 19 -0.37 28.41 -36.79
N ALA B 20 0.58 29.31 -36.62
CA ALA B 20 0.64 30.29 -35.53
C ALA B 20 1.08 31.68 -36.00
N VAL B 21 1.09 32.67 -35.09
CA VAL B 21 1.66 34.00 -35.35
C VAL B 21 3.17 34.01 -35.12
N ASP B 22 3.63 33.31 -34.08
CA ASP B 22 5.01 33.01 -33.62
C ASP B 22 4.87 32.30 -32.25
N ALA B 23 5.87 32.31 -31.38
CA ALA B 23 5.75 31.85 -29.99
C ALA B 23 4.57 32.49 -29.22
N ALA B 24 4.04 33.63 -29.68
CA ALA B 24 2.83 34.26 -29.14
C ALA B 24 1.54 33.44 -29.37
N THR B 25 1.64 32.36 -30.16
CA THR B 25 0.57 31.40 -30.43
C THR B 25 1.06 29.94 -30.40
N ALA B 26 2.27 29.65 -30.89
CA ALA B 26 2.90 28.33 -30.88
C ALA B 26 3.20 27.88 -29.43
N GLU B 27 3.66 28.80 -28.57
CA GLU B 27 3.95 28.52 -27.15
C GLU B 27 2.70 28.37 -26.26
N LYS B 28 1.49 28.41 -26.84
CA LYS B 28 0.22 28.11 -26.17
C LYS B 28 -0.64 27.16 -27.00
N VAL B 29 -0.03 26.44 -27.95
CA VAL B 29 -0.70 25.42 -28.78
C VAL B 29 -0.05 24.06 -28.58
N PHE B 30 1.28 24.02 -28.70
CA PHE B 30 2.04 22.80 -28.47
C PHE B 30 1.90 22.29 -27.03
N LYS B 31 1.61 23.19 -26.08
CA LYS B 31 1.27 22.86 -24.69
C LYS B 31 0.10 21.88 -24.57
N GLN B 32 -0.87 21.93 -25.50
CA GLN B 32 -2.00 20.98 -25.53
C GLN B 32 -1.56 19.63 -26.10
N TYR B 33 -0.91 19.65 -27.27
CA TYR B 33 -0.45 18.44 -27.98
C TYR B 33 0.54 17.64 -27.16
N ALA B 34 1.49 18.32 -26.52
CA ALA B 34 2.47 17.72 -25.64
C ALA B 34 1.80 16.95 -24.51
N ASN B 35 0.84 17.59 -23.83
CA ASN B 35 0.08 16.97 -22.76
C ASN B 35 -0.85 15.85 -23.21
N ASP B 36 -1.29 15.80 -24.49
CA ASP B 36 -2.11 14.68 -24.99
C ASP B 36 -1.28 13.49 -25.52
N ASN B 37 0.01 13.69 -25.77
CA ASN B 37 0.95 12.59 -25.99
C ASN B 37 1.41 12.11 -24.60
N GLY B 38 1.78 13.08 -23.76
CA GLY B 38 2.13 12.97 -22.35
C GLY B 38 3.40 13.71 -21.92
N VAL B 39 4.10 14.39 -22.85
CA VAL B 39 5.29 15.21 -22.58
C VAL B 39 4.95 16.58 -22.01
N ASP B 40 5.92 17.16 -21.28
CA ASP B 40 5.91 18.54 -20.80
C ASP B 40 7.31 18.99 -20.30
N GLY B 41 8.37 18.57 -21.01
CA GLY B 41 9.79 18.80 -20.69
C GLY B 41 10.36 20.22 -20.87
N GLU B 42 11.63 20.32 -21.28
CA GLU B 42 12.39 21.57 -21.46
C GLU B 42 11.92 22.38 -22.69
N TRP B 43 10.93 23.26 -22.53
CA TRP B 43 10.35 24.03 -23.63
C TRP B 43 11.38 24.99 -24.21
N THR B 44 11.76 24.69 -25.45
CA THR B 44 12.85 25.26 -26.22
C THR B 44 12.34 25.62 -27.62
N TYR B 45 13.05 26.50 -28.32
CA TYR B 45 12.61 27.10 -29.59
C TYR B 45 13.82 27.59 -30.43
N ASP B 46 13.61 27.88 -31.70
CA ASP B 46 14.62 28.26 -32.68
C ASP B 46 14.07 29.32 -33.65
N ASP B 47 14.94 30.10 -34.30
CA ASP B 47 14.58 31.21 -35.20
C ASP B 47 15.25 31.15 -36.58
N ALA B 48 16.05 30.13 -36.83
CA ALA B 48 16.59 29.79 -38.13
C ALA B 48 15.62 28.86 -38.88
N THR B 49 14.88 28.03 -38.13
CA THR B 49 13.97 27.01 -38.70
C THR B 49 12.57 27.03 -38.10
N LYS B 50 12.35 27.85 -37.05
CA LYS B 50 11.08 28.04 -36.33
C LYS B 50 10.55 26.75 -35.72
N THR B 51 11.43 26.00 -35.04
CA THR B 51 11.14 24.65 -34.53
C THR B 51 11.29 24.59 -33.01
N PHE B 52 10.16 24.42 -32.31
CA PHE B 52 10.12 24.11 -30.89
C PHE B 52 10.73 22.74 -30.60
N THR B 53 11.18 22.54 -29.35
CA THR B 53 11.63 21.25 -28.82
C THR B 53 11.29 21.20 -27.33
N VAL B 54 11.01 20.01 -26.78
CA VAL B 54 10.58 19.81 -25.40
C VAL B 54 11.07 18.48 -24.83
N THR B 55 12.35 18.49 -24.43
CA THR B 55 13.08 17.32 -23.91
C THR B 55 12.63 16.94 -22.50
N GLU B 56 12.02 15.77 -22.34
CA GLU B 56 11.33 15.30 -21.15
C GLU B 56 11.89 13.92 -20.70
N GLY B 57 12.13 13.74 -19.39
CA GLY B 57 12.88 12.58 -18.87
C GLY B 57 12.35 11.94 -17.57
N SER B 58 11.05 12.02 -17.25
CA SER B 58 10.47 11.32 -16.10
C SER B 58 8.98 10.97 -16.21
N HIS B 59 8.59 9.77 -15.77
CA HIS B 59 7.18 9.37 -15.61
C HIS B 59 6.53 10.00 -14.35
N HIS B 60 7.34 10.47 -13.40
CA HIS B 60 7.02 10.99 -12.06
C HIS B 60 6.24 10.05 -11.12
N HIS B 61 5.12 9.47 -11.58
CA HIS B 61 4.29 8.52 -10.82
C HIS B 61 3.65 7.45 -11.72
N HIS B 62 4.48 6.52 -12.19
CA HIS B 62 4.09 5.28 -12.86
C HIS B 62 3.40 4.40 -11.79
N HIS B 63 2.06 4.49 -11.70
CA HIS B 63 1.21 3.94 -10.62
C HIS B 63 1.19 2.40 -10.44
N HIS B 64 2.11 1.69 -11.10
CA HIS B 64 2.30 0.24 -11.07
C HIS B 64 3.79 -0.07 -11.27
N MET B 65 4.36 -0.99 -10.49
CA MET B 65 5.77 -1.43 -10.61
C MET B 65 5.94 -2.92 -10.27
N HIS B 66 4.88 -3.71 -10.48
CA HIS B 66 4.76 -5.17 -10.34
C HIS B 66 4.78 -5.68 -8.88
N ARG B 67 5.52 -5.02 -7.99
CA ARG B 67 5.63 -5.29 -6.54
C ARG B 67 4.40 -4.86 -5.69
N ASP B 68 3.40 -4.25 -6.33
CA ASP B 68 2.17 -3.71 -5.71
C ASP B 68 1.21 -4.82 -5.21
N SER B 69 0.21 -4.45 -4.38
CA SER B 69 -0.89 -5.36 -3.98
C SER B 69 -2.27 -4.68 -3.89
N CYS B 70 -2.31 -3.47 -3.32
CA CYS B 70 -3.40 -2.53 -3.02
C CYS B 70 -3.66 -2.44 -1.50
N PRO B 71 -3.97 -3.52 -0.75
CA PRO B 71 -4.22 -3.44 0.71
C PRO B 71 -2.99 -3.09 1.55
N LEU B 72 -1.83 -3.70 1.25
CA LEU B 72 -0.59 -3.55 2.04
C LEU B 72 0.17 -2.25 1.67
N ASP B 73 -0.17 -1.63 0.54
CA ASP B 73 0.46 -0.45 -0.06
C ASP B 73 0.22 0.88 0.69
N CYS B 74 -0.03 0.86 2.00
CA CYS B 74 -0.08 2.04 2.89
C CYS B 74 1.30 2.73 3.08
N LYS B 75 2.24 2.47 2.16
CA LYS B 75 3.65 2.86 2.16
C LYS B 75 3.80 4.25 1.52
N VAL B 76 4.61 5.10 2.14
CA VAL B 76 4.75 6.53 1.81
C VAL B 76 6.21 6.92 1.64
N TYR B 77 6.46 7.75 0.63
CA TYR B 77 7.70 8.45 0.38
C TYR B 77 7.66 9.84 1.02
N VAL B 78 8.79 10.36 1.48
CA VAL B 78 8.91 11.76 1.90
C VAL B 78 10.30 12.31 1.62
N GLY B 79 10.38 13.48 0.99
CA GLY B 79 11.67 14.12 0.67
C GLY B 79 11.57 15.62 0.37
N ASN B 80 12.61 16.19 -0.25
CA ASN B 80 12.80 17.63 -0.49
C ASN B 80 12.28 18.47 0.70
N LEU B 81 12.88 18.23 1.87
CA LEU B 81 12.41 18.71 3.18
C LEU B 81 13.37 19.71 3.86
N GLY B 82 14.67 19.66 3.54
CA GLY B 82 15.71 20.39 4.27
C GLY B 82 16.40 19.49 5.31
N ASN B 83 17.34 20.05 6.07
CA ASN B 83 18.28 19.35 6.97
C ASN B 83 17.68 18.50 8.12
N ASN B 84 16.36 18.41 8.29
CA ASN B 84 15.71 17.63 9.36
C ASN B 84 15.63 16.11 9.07
N GLY B 85 16.79 15.49 8.82
CA GLY B 85 16.96 14.04 8.61
C GLY B 85 16.89 13.22 9.91
N ASN B 86 15.79 13.37 10.63
CA ASN B 86 15.41 12.58 11.80
C ASN B 86 13.90 12.36 11.76
N LYS B 87 13.43 11.16 12.14
CA LYS B 87 12.01 10.81 12.06
C LYS B 87 11.10 11.75 12.87
N THR B 88 11.57 12.38 13.94
CA THR B 88 10.78 13.16 14.92
C THR B 88 9.72 14.07 14.29
N GLU B 89 10.17 14.99 13.43
CA GLU B 89 9.27 15.97 12.80
C GLU B 89 8.25 15.26 11.91
N LEU B 90 8.74 14.52 10.91
CA LEU B 90 7.84 13.90 9.95
C LEU B 90 6.91 12.86 10.61
N GLU B 91 7.36 12.16 11.64
CA GLU B 91 6.59 11.20 12.44
C GLU B 91 5.37 11.86 13.08
N ARG B 92 5.56 13.03 13.73
CA ARG B 92 4.40 13.79 14.23
C ARG B 92 3.60 14.43 13.10
N ALA B 93 4.24 14.86 12.01
CA ALA B 93 3.55 15.46 10.85
C ALA B 93 2.59 14.46 10.19
N PHE B 94 3.02 13.21 10.10
CA PHE B 94 2.27 12.08 9.58
C PHE B 94 1.21 11.61 10.56
N GLY B 95 1.61 11.16 11.75
CA GLY B 95 0.65 10.67 12.72
C GLY B 95 -0.35 11.72 13.24
N TYR B 96 -0.12 13.02 13.00
CA TYR B 96 -1.09 14.11 13.21
C TYR B 96 -2.40 13.84 12.43
N TYR B 97 -2.30 13.48 11.14
CA TYR B 97 -3.44 13.05 10.33
C TYR B 97 -3.99 11.74 10.88
N GLY B 98 -3.08 10.78 11.14
CA GLY B 98 -3.46 9.57 11.89
C GLY B 98 -2.36 8.51 12.03
N PRO B 99 -2.44 7.58 12.99
CA PRO B 99 -1.35 6.68 13.36
C PRO B 99 -0.61 5.98 12.20
N LEU B 100 0.71 5.90 12.33
CA LEU B 100 1.60 5.15 11.43
C LEU B 100 2.37 4.02 12.13
N ARG B 101 2.68 2.98 11.33
CA ARG B 101 3.20 1.67 11.76
C ARG B 101 4.74 1.60 11.69
N SER B 102 5.33 2.22 10.67
CA SER B 102 6.80 2.34 10.50
C SER B 102 7.16 3.73 9.96
N VAL B 103 8.30 4.26 10.41
CA VAL B 103 8.81 5.60 10.05
C VAL B 103 10.34 5.48 9.95
N TRP B 104 10.91 5.98 8.86
CA TRP B 104 12.31 5.75 8.49
C TRP B 104 12.93 6.95 7.78
N VAL B 105 14.23 7.18 7.95
CA VAL B 105 14.99 8.16 7.16
C VAL B 105 16.40 7.61 6.87
N ALA B 106 17.02 8.02 5.78
CA ALA B 106 18.28 7.41 5.31
C ALA B 106 19.55 7.91 6.04
N ARG B 107 20.62 7.11 5.94
CA ARG B 107 21.88 7.30 6.68
C ARG B 107 22.72 8.52 6.28
N ASN B 108 22.74 8.93 5.00
CA ASN B 108 23.70 9.95 4.49
C ASN B 108 23.10 11.27 3.97
N PRO B 109 21.96 11.33 3.25
CA PRO B 109 21.30 12.59 2.88
C PRO B 109 20.19 12.96 3.89
N PRO B 110 20.42 13.91 4.83
CA PRO B 110 19.50 14.21 5.92
C PRO B 110 18.33 15.14 5.51
N GLY B 111 17.61 14.78 4.43
CA GLY B 111 16.43 15.52 3.93
C GLY B 111 15.49 14.68 3.05
N PHE B 112 15.56 13.36 3.20
CA PHE B 112 14.86 12.34 2.40
C PHE B 112 14.60 11.11 3.32
N ALA B 113 13.43 10.48 3.17
CA ALA B 113 12.89 9.52 4.11
C ALA B 113 11.72 8.65 3.56
N PHE B 114 11.22 7.73 4.40
CA PHE B 114 10.06 6.86 4.07
C PHE B 114 9.18 6.48 5.28
N VAL B 115 7.97 5.95 5.04
CA VAL B 115 6.92 5.65 6.03
C VAL B 115 6.01 4.49 5.60
N GLU B 116 5.24 3.99 6.57
CA GLU B 116 4.12 3.06 6.43
C GLU B 116 3.02 3.49 7.43
N PHE B 117 1.83 3.89 6.97
CA PHE B 117 0.71 4.18 7.88
C PHE B 117 -0.01 2.91 8.37
N GLU B 118 -0.72 3.01 9.49
CA GLU B 118 -1.56 1.90 10.00
C GLU B 118 -2.83 1.69 9.15
N ASP B 119 -3.22 2.70 8.36
CA ASP B 119 -4.37 2.72 7.45
C ASP B 119 -3.94 3.38 6.12
N PRO B 120 -4.11 2.74 4.95
CA PRO B 120 -3.78 3.35 3.66
C PRO B 120 -4.57 4.64 3.36
N ARG B 121 -5.76 4.81 3.96
CA ARG B 121 -6.53 6.08 3.89
C ARG B 121 -5.87 7.18 4.72
N ASP B 122 -5.17 6.86 5.83
CA ASP B 122 -4.34 7.86 6.53
C ASP B 122 -3.09 8.21 5.73
N ALA B 123 -2.43 7.24 5.08
CA ALA B 123 -1.35 7.55 4.12
C ALA B 123 -1.86 8.47 2.99
N ALA B 124 -3.04 8.21 2.45
CA ALA B 124 -3.65 9.05 1.42
C ALA B 124 -3.98 10.46 1.92
N ASP B 125 -4.62 10.61 3.08
CA ASP B 125 -4.93 11.90 3.72
C ASP B 125 -3.65 12.70 4.03
N ALA B 126 -2.63 12.02 4.54
CA ALA B 126 -1.34 12.62 4.84
C ALA B 126 -0.68 13.10 3.54
N VAL B 127 -0.51 12.23 2.54
CA VAL B 127 0.03 12.59 1.22
C VAL B 127 -0.71 13.80 0.60
N ARG B 128 -2.05 13.81 0.58
CA ARG B 128 -2.83 14.90 -0.05
C ARG B 128 -2.75 16.24 0.67
N GLU B 129 -2.41 16.27 1.96
CA GLU B 129 -2.30 17.52 2.73
C GLU B 129 -0.85 17.87 3.16
N LEU B 130 0.11 16.96 2.99
CA LEU B 130 1.55 17.19 3.18
C LEU B 130 2.24 17.66 1.90
N ASP B 131 1.97 17.04 0.74
CA ASP B 131 2.74 17.27 -0.48
C ASP B 131 2.69 18.73 -0.97
N GLY B 132 3.87 19.32 -1.25
CA GLY B 132 3.96 20.62 -1.94
C GLY B 132 3.39 21.80 -1.14
N ARG B 133 3.59 21.82 0.19
CA ARG B 133 2.98 22.82 1.10
C ARG B 133 3.99 23.71 1.83
N THR B 134 4.91 23.06 2.56
CA THR B 134 5.94 23.53 3.51
C THR B 134 5.94 22.57 4.72
N LEU B 135 7.11 22.04 5.07
CA LEU B 135 7.37 21.19 6.25
C LEU B 135 8.90 21.28 6.43
N CYS B 136 9.39 21.45 7.67
CA CYS B 136 10.78 21.80 8.02
C CYS B 136 11.16 23.18 7.44
N GLY B 137 11.17 23.32 6.11
CA GLY B 137 11.28 24.60 5.39
C GLY B 137 11.41 24.47 3.88
N CYS B 138 10.87 23.41 3.27
CA CYS B 138 11.10 23.06 1.87
C CYS B 138 9.81 22.53 1.17
N ARG B 139 9.92 21.97 -0.04
CA ARG B 139 8.75 21.65 -0.93
C ARG B 139 8.02 20.34 -0.58
N VAL B 140 8.43 19.69 0.50
CA VAL B 140 7.85 18.48 1.12
C VAL B 140 7.30 17.51 0.08
N ARG B 141 8.22 16.88 -0.66
CA ARG B 141 7.97 15.84 -1.69
C ARG B 141 7.43 14.57 -1.03
N VAL B 142 6.11 14.44 -0.89
CA VAL B 142 5.50 13.35 -0.13
C VAL B 142 4.52 12.61 -1.04
N GLU B 143 4.63 11.28 -1.15
CA GLU B 143 3.83 10.53 -2.14
C GLU B 143 3.61 9.08 -1.69
N LEU B 144 2.71 8.32 -2.34
CA LEU B 144 2.64 6.87 -2.08
C LEU B 144 3.82 6.18 -2.78
N SER B 145 4.49 5.28 -2.08
CA SER B 145 5.73 4.64 -2.56
C SER B 145 5.51 3.76 -3.79
N ASN B 146 6.32 3.95 -4.83
CA ASN B 146 6.35 3.09 -6.04
C ASN B 146 7.76 2.65 -6.47
N GLY B 147 8.76 3.55 -6.42
CA GLY B 147 10.15 3.28 -6.81
C GLY B 147 10.74 4.23 -7.88
N GLU B 148 10.07 5.33 -8.24
CA GLU B 148 10.46 6.14 -9.40
C GLU B 148 11.85 6.81 -9.35
N LYS B 149 12.57 6.78 -10.47
CA LYS B 149 13.91 7.40 -10.65
C LYS B 149 14.17 8.01 -12.03
N ARG B 150 13.15 8.01 -12.88
CA ARG B 150 13.10 8.44 -14.30
C ARG B 150 11.64 8.38 -14.78
N MET B 1 18.69 -33.16 -40.63
CA MET B 1 17.75 -33.63 -39.59
C MET B 1 17.38 -32.47 -38.67
N GLN B 2 16.24 -32.51 -37.98
CA GLN B 2 15.75 -31.36 -37.18
C GLN B 2 16.22 -31.39 -35.71
N TYR B 3 16.51 -30.22 -35.17
CA TYR B 3 16.99 -29.95 -33.81
C TYR B 3 16.07 -28.93 -33.14
N LYS B 4 16.06 -28.85 -31.81
CA LYS B 4 15.20 -27.93 -31.01
C LYS B 4 16.03 -26.84 -30.33
N LEU B 5 15.39 -25.74 -29.92
CA LEU B 5 15.99 -24.63 -29.16
C LEU B 5 14.97 -24.02 -28.20
N ILE B 6 15.37 -23.72 -26.96
CA ILE B 6 14.60 -22.97 -25.93
C ILE B 6 15.23 -21.61 -25.65
N LEU B 7 14.47 -20.54 -25.87
CA LEU B 7 14.82 -19.15 -25.64
C LEU B 7 14.50 -18.75 -24.21
N ASN B 8 15.21 -19.34 -23.26
CA ASN B 8 15.01 -19.24 -21.81
C ASN B 8 15.30 -17.83 -21.20
N GLY B 9 14.57 -16.80 -21.63
CA GLY B 9 14.73 -15.42 -21.17
C GLY B 9 13.72 -14.95 -20.13
N LYS B 10 13.86 -13.68 -19.71
CA LYS B 10 13.15 -13.07 -18.58
C LYS B 10 11.63 -13.09 -18.71
N THR B 11 11.09 -12.41 -19.73
CA THR B 11 9.65 -12.12 -19.88
C THR B 11 9.09 -12.61 -21.22
N LEU B 12 9.97 -12.92 -22.17
CA LEU B 12 9.66 -13.20 -23.58
C LEU B 12 9.82 -14.68 -24.00
N LYS B 13 10.31 -15.52 -23.08
CA LYS B 13 10.75 -16.89 -23.34
C LYS B 13 9.89 -17.74 -24.28
N GLY B 14 10.57 -18.63 -24.98
CA GLY B 14 9.90 -19.67 -25.77
C GLY B 14 10.78 -20.78 -26.30
N GLU B 15 10.39 -21.40 -27.43
CA GLU B 15 11.08 -22.50 -28.10
C GLU B 15 10.73 -22.59 -29.60
N THR B 16 11.61 -23.22 -30.37
CA THR B 16 11.46 -23.49 -31.80
C THR B 16 12.34 -24.69 -32.20
N THR B 17 12.40 -25.00 -33.49
CA THR B 17 13.24 -26.05 -34.08
C THR B 17 13.85 -25.58 -35.41
N THR B 18 14.80 -26.33 -35.96
CA THR B 18 15.45 -26.02 -37.25
C THR B 18 15.97 -27.27 -37.92
N GLU B 19 16.05 -27.28 -39.25
CA GLU B 19 16.76 -28.31 -40.00
C GLU B 19 18.27 -27.98 -39.98
N ALA B 20 19.07 -28.92 -39.49
CA ALA B 20 20.51 -28.78 -39.36
C ALA B 20 21.29 -30.10 -39.61
N VAL B 21 22.62 -29.99 -39.66
CA VAL B 21 23.54 -31.13 -39.81
C VAL B 21 24.12 -31.61 -38.46
N ASP B 22 23.99 -30.78 -37.42
CA ASP B 22 24.29 -30.88 -35.96
C ASP B 22 24.64 -29.46 -35.46
N ALA B 23 25.36 -29.30 -34.35
CA ALA B 23 25.88 -27.99 -33.90
C ALA B 23 26.69 -27.24 -34.98
N ALA B 24 27.20 -27.93 -36.00
CA ALA B 24 27.85 -27.33 -37.17
C ALA B 24 26.89 -26.49 -38.05
N THR B 25 25.59 -26.55 -37.77
CA THR B 25 24.53 -25.78 -38.43
C THR B 25 23.52 -25.21 -37.42
N ALA B 26 23.15 -25.95 -36.38
CA ALA B 26 22.21 -25.54 -35.35
C ALA B 26 22.81 -24.40 -34.49
N GLU B 27 24.12 -24.43 -34.20
CA GLU B 27 24.81 -23.37 -33.45
C GLU B 27 25.07 -22.08 -34.26
N LYS B 28 24.59 -22.00 -35.51
CA LYS B 28 24.67 -20.82 -36.38
C LYS B 28 23.35 -20.54 -37.08
N VAL B 29 22.24 -21.06 -36.57
CA VAL B 29 20.88 -20.82 -37.10
C VAL B 29 19.93 -20.28 -36.04
N PHE B 30 20.01 -20.84 -34.84
CA PHE B 30 19.28 -20.36 -33.66
C PHE B 30 19.77 -19.01 -33.17
N LYS B 31 21.04 -18.66 -33.41
CA LYS B 31 21.63 -17.35 -33.06
C LYS B 31 20.86 -16.18 -33.67
N GLN B 32 20.27 -16.38 -34.85
CA GLN B 32 19.48 -15.36 -35.56
C GLN B 32 18.06 -15.30 -35.00
N TYR B 33 17.40 -16.47 -34.89
CA TYR B 33 16.03 -16.59 -34.39
C TYR B 33 15.89 -16.12 -32.94
N ALA B 34 16.86 -16.46 -32.09
CA ALA B 34 16.91 -16.04 -30.69
C ALA B 34 16.97 -14.52 -30.56
N ASN B 35 17.89 -13.88 -31.28
CA ASN B 35 18.00 -12.42 -31.34
C ASN B 35 16.78 -11.73 -31.97
N ASP B 36 15.99 -12.42 -32.81
CA ASP B 36 14.76 -11.88 -33.40
C ASP B 36 13.57 -11.90 -32.43
N ASN B 37 13.54 -12.85 -31.49
CA ASN B 37 12.59 -12.79 -30.37
C ASN B 37 13.13 -11.79 -29.35
N GLY B 38 14.44 -11.86 -29.11
CA GLY B 38 15.27 -10.94 -28.37
C GLY B 38 16.15 -11.57 -27.30
N VAL B 39 16.06 -12.89 -27.09
CA VAL B 39 16.93 -13.61 -26.12
C VAL B 39 18.32 -13.78 -26.71
N ASP B 40 19.33 -13.62 -25.86
CA ASP B 40 20.70 -13.99 -26.21
C ASP B 40 21.62 -14.16 -25.00
N GLY B 41 21.26 -15.14 -24.16
CA GLY B 41 22.04 -15.59 -23.01
C GLY B 41 23.17 -16.59 -23.28
N GLU B 42 23.49 -17.38 -22.26
CA GLU B 42 24.40 -18.54 -22.34
C GLU B 42 23.80 -19.62 -23.27
N TRP B 43 24.60 -20.19 -24.17
CA TRP B 43 24.15 -21.18 -25.15
C TRP B 43 24.49 -22.62 -24.70
N THR B 44 23.42 -23.42 -24.56
CA THR B 44 23.40 -24.80 -24.03
C THR B 44 22.91 -25.76 -25.12
N TYR B 45 23.21 -27.07 -24.98
CA TYR B 45 22.87 -28.11 -25.96
C TYR B 45 22.81 -29.50 -25.29
N ASP B 46 22.23 -30.50 -25.98
CA ASP B 46 22.00 -31.86 -25.50
C ASP B 46 22.15 -32.88 -26.64
N ASP B 47 22.35 -34.17 -26.31
CA ASP B 47 22.55 -35.26 -27.27
C ASP B 47 21.66 -36.49 -27.04
N ALA B 48 20.80 -36.45 -26.02
CA ALA B 48 19.76 -37.45 -25.82
C ALA B 48 18.50 -37.09 -26.61
N THR B 49 18.29 -35.78 -26.84
CA THR B 49 17.09 -35.20 -27.43
C THR B 49 17.38 -34.16 -28.51
N LYS B 50 18.65 -33.73 -28.64
CA LYS B 50 19.15 -32.77 -29.63
C LYS B 50 18.52 -31.38 -29.47
N THR B 51 18.46 -30.91 -28.22
CA THR B 51 17.77 -29.68 -27.82
C THR B 51 18.75 -28.62 -27.30
N PHE B 52 18.96 -27.59 -28.10
CA PHE B 52 19.65 -26.37 -27.69
C PHE B 52 18.83 -25.60 -26.63
N THR B 53 19.47 -24.67 -25.94
CA THR B 53 18.83 -23.69 -25.05
C THR B 53 19.67 -22.41 -25.08
N VAL B 54 19.05 -21.26 -24.80
CA VAL B 54 19.72 -19.97 -24.63
C VAL B 54 19.17 -19.28 -23.38
N THR B 55 19.96 -19.26 -22.30
CA THR B 55 19.50 -18.83 -20.96
C THR B 55 20.04 -17.46 -20.59
N GLU B 56 19.16 -16.46 -20.68
CA GLU B 56 19.45 -15.03 -20.53
C GLU B 56 20.16 -14.68 -19.20
N GLY B 57 21.21 -13.85 -19.27
CA GLY B 57 21.97 -13.36 -18.10
C GLY B 57 21.55 -11.96 -17.62
N SER B 58 20.78 -11.22 -18.43
CA SER B 58 20.33 -9.82 -18.20
C SER B 58 19.21 -9.68 -17.15
N HIS B 59 19.15 -10.59 -16.16
CA HIS B 59 18.13 -10.66 -15.10
C HIS B 59 18.33 -9.65 -13.94
N HIS B 60 19.34 -8.77 -14.03
CA HIS B 60 19.67 -7.72 -13.07
C HIS B 60 18.45 -6.84 -12.66
N HIS B 61 18.09 -6.91 -11.37
CA HIS B 61 17.14 -6.06 -10.61
C HIS B 61 17.18 -6.48 -9.12
N HIS B 62 16.53 -5.73 -8.21
CA HIS B 62 16.39 -6.14 -6.79
C HIS B 62 15.07 -5.67 -6.13
N HIS B 63 14.73 -6.26 -4.98
CA HIS B 63 13.57 -5.92 -4.14
C HIS B 63 13.64 -4.48 -3.58
N HIS B 64 12.50 -3.80 -3.43
CA HIS B 64 12.42 -2.40 -2.92
C HIS B 64 11.31 -2.19 -1.86
N MET B 65 10.76 -3.27 -1.26
CA MET B 65 9.64 -3.22 -0.30
C MET B 65 8.31 -2.66 -0.89
N HIS B 66 8.17 -2.69 -2.22
CA HIS B 66 6.97 -2.34 -3.00
C HIS B 66 7.13 -2.87 -4.44
N ARG B 67 6.12 -2.68 -5.33
CA ARG B 67 6.01 -3.06 -6.77
C ARG B 67 6.51 -4.44 -7.29
N ASP B 68 7.11 -5.29 -6.46
CA ASP B 68 7.75 -6.57 -6.83
C ASP B 68 7.22 -7.79 -6.04
N SER B 69 6.28 -7.54 -5.12
CA SER B 69 5.77 -8.47 -4.10
C SER B 69 4.23 -8.37 -4.02
N CYS B 70 3.61 -9.07 -3.06
CA CYS B 70 2.19 -8.91 -2.73
C CYS B 70 1.86 -7.39 -2.53
N PRO B 71 0.77 -6.83 -3.10
CA PRO B 71 0.41 -5.39 -3.16
C PRO B 71 0.38 -4.49 -1.89
N LEU B 72 1.42 -4.49 -1.04
CA LEU B 72 1.64 -3.56 0.08
C LEU B 72 2.04 -2.12 -0.35
N ASP B 73 1.75 -1.72 -1.59
CA ASP B 73 2.12 -0.43 -2.22
C ASP B 73 1.56 0.83 -1.54
N CYS B 74 0.77 0.70 -0.47
CA CYS B 74 0.36 1.80 0.41
C CYS B 74 1.57 2.45 1.13
N LYS B 75 2.75 1.83 1.05
CA LYS B 75 4.06 2.35 1.46
C LYS B 75 4.25 3.81 0.98
N VAL B 76 4.58 4.71 1.88
CA VAL B 76 4.60 6.17 1.62
C VAL B 76 6.03 6.65 1.43
N TYR B 77 6.25 7.49 0.41
CA TYR B 77 7.50 8.22 0.19
C TYR B 77 7.40 9.61 0.82
N VAL B 78 8.53 10.15 1.26
CA VAL B 78 8.60 11.53 1.71
C VAL B 78 9.98 12.13 1.51
N GLY B 79 10.00 13.42 1.21
CA GLY B 79 11.19 14.28 1.21
C GLY B 79 10.83 15.64 1.79
N ASN B 80 11.74 16.29 2.51
CA ASN B 80 11.39 17.47 3.30
C ASN B 80 12.56 18.46 3.49
N LEU B 81 12.19 19.73 3.67
CA LEU B 81 12.98 20.97 3.66
C LEU B 81 13.64 21.25 2.29
N GLY B 82 14.26 20.22 1.70
CA GLY B 82 15.13 20.26 0.52
C GLY B 82 16.40 19.43 0.73
N ASN B 83 16.82 19.29 1.99
CA ASN B 83 18.05 18.60 2.42
C ASN B 83 17.98 18.04 3.86
N ASN B 84 16.80 17.70 4.40
CA ASN B 84 16.63 17.24 5.79
C ASN B 84 16.32 15.73 5.89
N GLY B 85 16.69 15.12 7.02
CA GLY B 85 16.67 13.66 7.26
C GLY B 85 16.62 13.33 8.74
N ASN B 86 15.55 13.77 9.41
CA ASN B 86 15.23 13.46 10.80
C ASN B 86 13.79 12.96 10.89
N LYS B 87 13.62 11.77 11.48
CA LYS B 87 12.34 11.06 11.58
C LYS B 87 11.25 11.77 12.38
N THR B 88 11.58 12.51 13.44
CA THR B 88 10.57 12.99 14.41
C THR B 88 9.63 14.10 13.92
N GLU B 89 10.07 15.04 13.07
CA GLU B 89 9.13 16.02 12.54
C GLU B 89 8.14 15.35 11.58
N LEU B 90 8.61 14.54 10.63
CA LEU B 90 7.68 13.84 9.76
C LEU B 90 6.81 12.83 10.54
N GLU B 91 7.33 12.19 11.59
CA GLU B 91 6.60 11.28 12.48
C GLU B 91 5.40 11.96 13.13
N ARG B 92 5.57 13.14 13.74
CA ARG B 92 4.42 13.89 14.28
C ARG B 92 3.51 14.36 13.15
N ALA B 93 4.07 14.83 12.04
CA ALA B 93 3.29 15.34 10.90
C ALA B 93 2.37 14.28 10.33
N PHE B 94 2.87 13.04 10.19
CA PHE B 94 2.11 11.89 9.74
C PHE B 94 1.13 11.40 10.79
N GLY B 95 1.64 10.97 11.95
CA GLY B 95 0.81 10.44 13.01
C GLY B 95 -0.31 11.38 13.52
N TYR B 96 -0.19 12.70 13.28
CA TYR B 96 -1.23 13.71 13.48
C TYR B 96 -2.55 13.37 12.73
N TYR B 97 -2.48 13.06 11.43
CA TYR B 97 -3.65 12.67 10.62
C TYR B 97 -4.18 11.29 11.02
N GLY B 98 -3.25 10.37 11.28
CA GLY B 98 -3.61 9.07 11.88
C GLY B 98 -2.41 8.19 12.23
N PRO B 99 -2.55 7.15 13.06
CA PRO B 99 -1.39 6.45 13.59
C PRO B 99 -0.55 5.72 12.53
N LEU B 100 0.75 6.00 12.57
CA LEU B 100 1.79 5.32 11.83
C LEU B 100 1.94 3.85 12.25
N ARG B 101 2.45 3.02 11.31
CA ARG B 101 2.86 1.63 11.52
C ARG B 101 4.39 1.50 11.45
N SER B 102 5.07 2.33 10.67
CA SER B 102 6.53 2.48 10.67
C SER B 102 6.96 3.86 10.15
N VAL B 103 8.16 4.32 10.56
CA VAL B 103 8.80 5.54 10.06
C VAL B 103 10.30 5.25 9.86
N TRP B 104 10.87 5.69 8.73
CA TRP B 104 12.26 5.48 8.36
C TRP B 104 12.82 6.68 7.59
N VAL B 105 14.09 7.02 7.83
CA VAL B 105 14.84 7.99 7.02
C VAL B 105 16.27 7.44 6.88
N ALA B 106 16.96 7.75 5.78
CA ALA B 106 18.23 7.09 5.45
C ALA B 106 19.36 7.24 6.49
N ARG B 107 20.23 6.22 6.51
CA ARG B 107 21.28 5.92 7.50
C ARG B 107 22.25 7.07 7.87
N ASN B 108 22.54 8.01 6.97
CA ASN B 108 23.39 9.17 7.25
C ASN B 108 23.10 10.41 6.38
N PRO B 109 23.13 10.37 5.02
CA PRO B 109 22.96 11.57 4.20
C PRO B 109 21.49 12.04 4.20
N PRO B 110 21.19 13.28 4.61
CA PRO B 110 19.81 13.78 4.71
C PRO B 110 19.27 14.26 3.35
N GLY B 111 17.94 14.18 3.18
CA GLY B 111 17.21 14.78 2.06
C GLY B 111 15.82 14.16 1.80
N PHE B 112 15.67 12.87 2.13
CA PHE B 112 14.50 12.06 1.83
C PHE B 112 14.25 10.98 2.92
N ALA B 113 13.15 10.22 2.82
CA ALA B 113 12.62 9.33 3.86
C ALA B 113 11.49 8.41 3.35
N PHE B 114 11.01 7.49 4.20
CA PHE B 114 9.83 6.64 3.90
C PHE B 114 9.00 6.28 5.16
N VAL B 115 7.68 6.07 5.02
CA VAL B 115 6.78 5.68 6.14
C VAL B 115 5.72 4.64 5.74
N GLU B 116 4.99 4.13 6.73
CA GLU B 116 3.82 3.27 6.59
C GLU B 116 2.78 3.67 7.65
N PHE B 117 1.49 3.60 7.34
CA PHE B 117 0.38 3.92 8.25
C PHE B 117 -0.50 2.69 8.57
N GLU B 118 -1.22 2.75 9.70
CA GLU B 118 -2.06 1.64 10.18
C GLU B 118 -3.36 1.46 9.38
N ASP B 119 -3.99 2.55 8.93
CA ASP B 119 -5.11 2.56 8.00
C ASP B 119 -4.64 3.28 6.70
N PRO B 120 -4.78 2.69 5.50
CA PRO B 120 -4.55 3.39 4.23
C PRO B 120 -5.25 4.75 4.11
N ARG B 121 -6.39 4.95 4.80
CA ARG B 121 -7.06 6.26 4.92
C ARG B 121 -6.26 7.28 5.75
N ASP B 122 -5.42 6.84 6.70
CA ASP B 122 -4.47 7.73 7.37
C ASP B 122 -3.42 8.24 6.37
N ALA B 123 -2.84 7.33 5.56
CA ALA B 123 -1.92 7.68 4.49
C ALA B 123 -2.58 8.61 3.45
N ALA B 124 -3.84 8.36 3.09
CA ALA B 124 -4.60 9.22 2.19
C ALA B 124 -4.85 10.63 2.77
N ASP B 125 -5.31 10.75 4.02
CA ASP B 125 -5.45 12.05 4.71
C ASP B 125 -4.10 12.79 4.75
N ALA B 126 -3.04 12.07 5.10
CA ALA B 126 -1.70 12.59 5.22
C ALA B 126 -1.22 13.13 3.87
N VAL B 127 -1.18 12.29 2.81
CA VAL B 127 -0.84 12.70 1.43
C VAL B 127 -1.67 13.91 0.96
N ARG B 128 -2.97 13.93 1.25
CA ARG B 128 -3.90 15.02 0.86
C ARG B 128 -3.61 16.37 1.52
N GLU B 129 -2.94 16.40 2.67
CA GLU B 129 -2.50 17.65 3.32
C GLU B 129 -0.96 17.86 3.35
N LEU B 130 -0.15 16.84 3.08
CA LEU B 130 1.32 16.84 3.17
C LEU B 130 2.07 16.97 1.83
N ASP B 131 1.37 16.96 0.69
CA ASP B 131 2.00 17.17 -0.62
C ASP B 131 2.76 18.52 -0.72
N GLY B 132 3.55 18.68 -1.79
CA GLY B 132 4.55 19.72 -2.18
C GLY B 132 4.42 21.22 -1.84
N ARG B 133 3.57 21.61 -0.89
CA ARG B 133 3.32 22.95 -0.35
C ARG B 133 4.52 23.40 0.47
N THR B 134 4.79 22.70 1.59
CA THR B 134 5.93 22.69 2.50
C THR B 134 5.58 21.84 3.74
N LEU B 135 6.56 21.61 4.61
CA LEU B 135 6.36 21.01 5.95
C LEU B 135 7.40 21.53 6.95
N CYS B 136 8.69 21.31 6.66
CA CYS B 136 9.80 21.82 7.48
C CYS B 136 10.03 23.33 7.30
N GLY B 137 9.50 23.92 6.21
CA GLY B 137 9.44 25.37 6.00
C GLY B 137 10.27 25.89 4.81
N CYS B 138 10.42 25.09 3.75
CA CYS B 138 11.00 25.52 2.47
C CYS B 138 10.36 24.71 1.32
N ARG B 139 10.73 23.43 1.15
CA ARG B 139 10.09 22.47 0.24
C ARG B 139 9.67 21.16 0.94
N VAL B 140 8.73 20.45 0.33
CA VAL B 140 8.36 19.07 0.68
C VAL B 140 8.02 18.24 -0.58
N ARG B 141 8.00 16.92 -0.45
CA ARG B 141 7.51 15.89 -1.38
C ARG B 141 6.88 14.81 -0.51
N VAL B 142 5.68 14.32 -0.81
CA VAL B 142 5.08 13.19 -0.09
C VAL B 142 4.20 12.40 -1.06
N GLU B 143 4.53 11.14 -1.34
CA GLU B 143 3.90 10.33 -2.41
C GLU B 143 3.75 8.86 -1.95
N LEU B 144 3.40 7.94 -2.85
CA LEU B 144 3.44 6.50 -2.60
C LEU B 144 4.68 5.90 -3.31
N SER B 145 5.27 4.87 -2.71
CA SER B 145 6.52 4.25 -3.16
C SER B 145 6.48 3.81 -4.64
N ASN B 146 7.47 4.27 -5.41
CA ASN B 146 7.70 4.02 -6.83
C ASN B 146 9.22 4.17 -7.13
N GLY B 147 9.92 3.06 -7.40
CA GLY B 147 11.38 3.05 -7.64
C GLY B 147 11.90 1.89 -8.50
N GLU B 148 13.14 2.03 -8.96
CA GLU B 148 13.86 1.14 -9.89
C GLU B 148 15.36 1.51 -9.88
N LYS B 149 16.25 0.55 -9.54
CA LYS B 149 17.72 0.63 -9.67
C LYS B 149 18.34 -0.76 -9.76
N ARG B 150 19.48 -0.83 -10.48
CA ARG B 150 20.36 -1.98 -10.72
C ARG B 150 21.64 -1.56 -11.46
N MET B 1 -15.34 -43.27 4.60
CA MET B 1 -15.61 -41.96 3.97
C MET B 1 -14.28 -41.29 3.63
N GLN B 2 -14.18 -40.48 2.56
CA GLN B 2 -12.92 -39.80 2.24
C GLN B 2 -12.83 -38.41 2.89
N TYR B 3 -11.62 -38.07 3.36
CA TYR B 3 -11.25 -36.84 4.07
C TYR B 3 -10.05 -36.21 3.38
N LYS B 4 -9.89 -34.89 3.46
CA LYS B 4 -8.80 -34.12 2.84
C LYS B 4 -7.80 -33.60 3.87
N LEU B 5 -6.62 -33.17 3.43
CA LEU B 5 -5.53 -32.60 4.23
C LEU B 5 -4.76 -31.56 3.41
N ILE B 6 -4.39 -30.41 4.00
CA ILE B 6 -3.51 -29.36 3.42
C ILE B 6 -2.24 -29.19 4.28
N LEU B 7 -1.07 -29.51 3.73
CA LEU B 7 0.27 -29.29 4.29
C LEU B 7 0.80 -27.87 3.96
N ASN B 8 0.18 -26.84 4.53
CA ASN B 8 0.64 -25.45 4.42
C ASN B 8 2.12 -25.22 4.82
N GLY B 9 3.05 -25.03 3.88
CA GLY B 9 4.44 -24.60 4.14
C GLY B 9 5.09 -23.85 2.95
N LYS B 10 5.80 -22.74 3.23
CA LYS B 10 6.32 -21.77 2.22
C LYS B 10 6.98 -22.37 0.97
N THR B 11 7.93 -23.27 1.14
CA THR B 11 8.79 -23.76 0.06
C THR B 11 8.36 -25.14 -0.48
N LEU B 12 7.30 -25.72 0.09
CA LEU B 12 6.91 -27.12 -0.10
C LEU B 12 5.41 -27.45 -0.09
N LYS B 13 4.53 -26.46 0.13
CA LYS B 13 3.11 -26.68 0.39
C LYS B 13 2.43 -27.72 -0.50
N GLY B 14 1.48 -28.41 0.11
CA GLY B 14 0.61 -29.31 -0.65
C GLY B 14 -0.66 -29.77 0.05
N GLU B 15 -1.28 -30.82 -0.49
CA GLU B 15 -2.53 -31.43 -0.02
C GLU B 15 -2.65 -32.89 -0.48
N THR B 16 -3.49 -33.66 0.20
CA THR B 16 -3.86 -35.04 -0.14
C THR B 16 -5.23 -35.38 0.45
N THR B 17 -5.66 -36.61 0.30
CA THR B 17 -6.90 -37.17 0.87
C THR B 17 -6.66 -38.60 1.35
N THR B 18 -7.63 -39.19 2.07
CA THR B 18 -7.61 -40.61 2.44
C THR B 18 -9.00 -41.13 2.74
N GLU B 19 -9.21 -42.43 2.57
CA GLU B 19 -10.41 -43.12 3.06
C GLU B 19 -10.19 -43.43 4.55
N ALA B 20 -11.07 -42.90 5.39
CA ALA B 20 -11.02 -43.00 6.85
C ALA B 20 -12.41 -43.14 7.48
N VAL B 21 -12.47 -43.32 8.80
CA VAL B 21 -13.73 -43.25 9.54
C VAL B 21 -14.15 -41.79 9.76
N ASP B 22 -13.19 -40.97 10.21
CA ASP B 22 -13.24 -39.55 10.56
C ASP B 22 -11.84 -39.18 11.10
N ALA B 23 -11.69 -38.12 11.90
CA ALA B 23 -10.45 -37.82 12.63
C ALA B 23 -9.92 -39.00 13.48
N ALA B 24 -10.77 -39.98 13.81
CA ALA B 24 -10.39 -41.22 14.50
C ALA B 24 -9.50 -42.15 13.64
N THR B 25 -9.32 -41.82 12.36
CA THR B 25 -8.43 -42.52 11.41
C THR B 25 -7.62 -41.54 10.54
N ALA B 26 -8.19 -40.41 10.14
CA ALA B 26 -7.52 -39.36 9.37
C ALA B 26 -6.38 -38.72 10.18
N GLU B 27 -6.56 -38.55 11.50
CA GLU B 27 -5.53 -37.99 12.40
C GLU B 27 -4.37 -38.95 12.74
N LYS B 28 -4.33 -40.15 12.15
CA LYS B 28 -3.23 -41.12 12.26
C LYS B 28 -2.81 -41.66 10.91
N VAL B 29 -3.20 -40.99 9.83
CA VAL B 29 -2.87 -41.34 8.43
C VAL B 29 -2.07 -40.22 7.79
N PHE B 30 -2.57 -39.00 7.87
CA PHE B 30 -1.91 -37.81 7.36
C PHE B 30 -0.57 -37.52 8.04
N LYS B 31 -0.39 -37.99 9.29
CA LYS B 31 0.86 -37.91 10.06
C LYS B 31 2.05 -38.58 9.38
N GLN B 32 1.79 -39.57 8.52
CA GLN B 32 2.82 -40.23 7.72
C GLN B 32 3.16 -39.34 6.52
N TYR B 33 2.16 -39.02 5.69
CA TYR B 33 2.33 -38.24 4.47
C TYR B 33 2.97 -36.86 4.72
N ALA B 34 2.55 -36.20 5.79
CA ALA B 34 3.05 -34.89 6.19
C ALA B 34 4.55 -34.91 6.48
N ASN B 35 5.00 -35.88 7.29
CA ASN B 35 6.42 -36.02 7.61
C ASN B 35 7.26 -36.40 6.37
N ASP B 36 6.65 -37.03 5.36
CA ASP B 36 7.36 -37.42 4.14
C ASP B 36 7.52 -36.26 3.14
N ASN B 37 6.61 -35.28 3.16
CA ASN B 37 6.78 -34.01 2.44
C ASN B 37 7.69 -33.07 3.26
N GLY B 38 7.51 -33.10 4.59
CA GLY B 38 8.34 -32.50 5.60
C GLY B 38 7.66 -31.40 6.45
N VAL B 39 6.33 -31.25 6.33
CA VAL B 39 5.50 -30.41 7.20
C VAL B 39 5.09 -31.17 8.45
N ASP B 40 4.91 -30.46 9.56
CA ASP B 40 4.30 -31.04 10.76
C ASP B 40 3.76 -29.97 11.77
N GLY B 41 3.27 -28.84 11.24
CA GLY B 41 2.83 -27.65 12.02
C GLY B 41 1.47 -27.73 12.72
N GLU B 42 0.61 -26.71 12.56
CA GLU B 42 -0.69 -26.56 13.24
C GLU B 42 -1.74 -27.59 12.77
N TRP B 43 -1.71 -28.82 13.29
CA TRP B 43 -2.66 -29.88 12.94
C TRP B 43 -4.08 -29.46 13.28
N THR B 44 -4.85 -29.20 12.23
CA THR B 44 -6.20 -28.63 12.25
C THR B 44 -7.17 -29.52 11.49
N TYR B 45 -8.46 -29.29 11.72
CA TYR B 45 -9.57 -29.97 11.04
C TYR B 45 -10.79 -29.03 10.93
N ASP B 46 -11.67 -29.29 9.96
CA ASP B 46 -12.97 -28.64 9.80
C ASP B 46 -14.04 -29.72 9.70
N ASP B 47 -15.05 -29.69 10.56
CA ASP B 47 -16.04 -30.77 10.62
C ASP B 47 -17.19 -30.64 9.60
N ALA B 48 -17.27 -29.51 8.87
CA ALA B 48 -18.32 -29.21 7.90
C ALA B 48 -17.85 -29.45 6.45
N THR B 49 -16.55 -29.30 6.19
CA THR B 49 -15.93 -29.65 4.90
C THR B 49 -14.96 -30.82 5.02
N LYS B 50 -14.82 -31.38 6.23
CA LYS B 50 -14.12 -32.64 6.53
C LYS B 50 -12.67 -32.63 6.00
N THR B 51 -12.00 -31.49 6.16
CA THR B 51 -10.69 -31.19 5.57
C THR B 51 -9.71 -30.76 6.65
N PHE B 52 -8.68 -31.58 6.88
CA PHE B 52 -7.53 -31.26 7.71
C PHE B 52 -6.67 -30.14 7.11
N THR B 53 -5.85 -29.51 7.94
CA THR B 53 -4.80 -28.58 7.55
C THR B 53 -3.63 -28.75 8.53
N VAL B 54 -2.43 -28.32 8.14
CA VAL B 54 -1.23 -28.35 8.97
C VAL B 54 -0.25 -27.27 8.49
N THR B 55 -0.32 -26.09 9.12
CA THR B 55 0.51 -24.92 8.79
C THR B 55 1.82 -24.95 9.56
N GLU B 56 2.93 -25.23 8.86
CA GLU B 56 4.30 -25.19 9.39
C GLU B 56 4.67 -23.82 9.99
N GLY B 57 5.71 -23.76 10.82
CA GLY B 57 6.21 -22.52 11.44
C GLY B 57 7.67 -22.21 11.08
N SER B 58 8.55 -23.21 10.95
CA SER B 58 9.96 -22.98 10.60
C SER B 58 10.14 -22.43 9.18
N HIS B 59 9.29 -22.83 8.23
CA HIS B 59 9.24 -22.28 6.87
C HIS B 59 8.57 -20.89 6.78
N HIS B 60 7.97 -20.38 7.86
CA HIS B 60 7.24 -19.10 7.90
C HIS B 60 7.84 -18.06 8.88
N HIS B 61 8.96 -18.37 9.54
CA HIS B 61 9.68 -17.43 10.44
C HIS B 61 10.12 -16.12 9.74
N HIS B 62 10.24 -16.16 8.41
CA HIS B 62 10.67 -15.06 7.52
C HIS B 62 9.61 -14.73 6.44
N HIS B 63 8.32 -14.86 6.81
CA HIS B 63 7.06 -14.73 6.06
C HIS B 63 6.96 -15.39 4.66
N HIS B 64 5.72 -15.75 4.26
CA HIS B 64 5.46 -16.53 3.04
C HIS B 64 5.76 -15.75 1.74
N MET B 65 5.57 -14.42 1.76
CA MET B 65 5.77 -13.51 0.61
C MET B 65 6.26 -12.11 1.05
N HIS B 66 6.87 -11.39 0.11
CA HIS B 66 7.52 -10.08 0.26
C HIS B 66 7.27 -9.26 -1.02
N ARG B 67 7.05 -7.94 -0.92
CA ARG B 67 6.58 -7.01 -1.97
C ARG B 67 5.24 -7.30 -2.64
N ASP B 68 4.66 -8.49 -2.47
CA ASP B 68 3.41 -8.96 -3.11
C ASP B 68 3.28 -8.55 -4.60
N SER B 69 2.19 -7.91 -5.03
CA SER B 69 1.93 -7.48 -6.42
C SER B 69 1.02 -6.24 -6.53
N CYS B 70 0.75 -5.54 -5.42
CA CYS B 70 -0.14 -4.38 -5.32
C CYS B 70 0.63 -3.18 -4.71
N PRO B 71 0.37 -1.92 -5.10
CA PRO B 71 0.91 -0.75 -4.40
C PRO B 71 0.68 -0.77 -2.87
N LEU B 72 -0.44 -1.32 -2.41
CA LEU B 72 -0.85 -1.49 -0.99
C LEU B 72 -1.24 -0.18 -0.26
N ASP B 73 -0.78 0.96 -0.76
CA ASP B 73 -1.16 2.36 -0.44
C ASP B 73 -0.94 2.88 1.01
N CYS B 74 -0.87 2.03 2.03
CA CYS B 74 -0.46 2.43 3.39
C CYS B 74 1.03 2.79 3.49
N LYS B 75 1.83 2.30 2.54
CA LYS B 75 3.26 2.60 2.35
C LYS B 75 3.39 3.88 1.52
N VAL B 76 4.22 4.81 1.97
CA VAL B 76 4.33 6.17 1.43
C VAL B 76 5.78 6.68 1.48
N TYR B 77 6.02 7.72 0.70
CA TYR B 77 7.30 8.37 0.46
C TYR B 77 7.16 9.86 0.76
N VAL B 78 8.23 10.48 1.28
CA VAL B 78 8.32 11.93 1.42
C VAL B 78 9.73 12.42 1.14
N GLY B 79 9.87 13.51 0.39
CA GLY B 79 11.20 14.06 0.10
C GLY B 79 11.26 15.53 -0.30
N ASN B 80 12.50 15.98 -0.54
CA ASN B 80 12.88 17.39 -0.72
C ASN B 80 12.45 18.28 0.47
N LEU B 81 12.57 17.73 1.69
CA LEU B 81 12.13 18.28 2.98
C LEU B 81 13.18 19.18 3.67
N GLY B 82 14.46 19.04 3.33
CA GLY B 82 15.59 19.75 3.94
C GLY B 82 16.57 18.82 4.65
N ASN B 83 17.53 19.38 5.38
CA ASN B 83 18.56 18.63 6.12
C ASN B 83 18.01 17.77 7.29
N ASN B 84 16.71 17.86 7.62
CA ASN B 84 16.06 17.12 8.71
C ASN B 84 15.89 15.61 8.45
N GLY B 85 17.00 14.87 8.33
CA GLY B 85 17.05 13.40 8.29
C GLY B 85 16.91 12.79 9.68
N ASN B 86 16.00 13.33 10.49
CA ASN B 86 15.68 12.93 11.85
C ASN B 86 14.16 12.81 11.97
N LYS B 87 13.68 11.55 11.91
CA LYS B 87 12.28 11.14 11.79
C LYS B 87 11.28 11.86 12.71
N THR B 88 11.68 12.32 13.88
CA THR B 88 10.82 12.86 14.96
C THR B 88 9.73 13.82 14.48
N GLU B 89 10.07 14.84 13.67
CA GLU B 89 9.08 15.81 13.23
C GLU B 89 8.15 15.25 12.15
N LEU B 90 8.68 14.60 11.12
CA LEU B 90 7.81 13.99 10.11
C LEU B 90 6.95 12.86 10.70
N GLU B 91 7.43 12.16 11.72
CA GLU B 91 6.73 11.12 12.45
C GLU B 91 5.54 11.68 13.24
N ARG B 92 5.68 12.82 13.93
CA ARG B 92 4.50 13.50 14.51
C ARG B 92 3.61 14.09 13.41
N ALA B 93 4.18 14.62 12.33
CA ALA B 93 3.42 15.20 11.22
C ALA B 93 2.53 14.17 10.51
N PHE B 94 3.04 12.94 10.39
CA PHE B 94 2.34 11.78 9.91
C PHE B 94 1.32 11.28 10.93
N GLY B 95 1.77 10.80 12.08
CA GLY B 95 0.86 10.27 13.08
C GLY B 95 -0.20 11.26 13.63
N TYR B 96 -0.04 12.57 13.38
CA TYR B 96 -1.05 13.62 13.57
C TYR B 96 -2.37 13.29 12.85
N TYR B 97 -2.28 12.90 11.56
CA TYR B 97 -3.44 12.40 10.79
C TYR B 97 -3.91 11.08 11.38
N GLY B 98 -2.95 10.18 11.59
CA GLY B 98 -3.24 8.97 12.37
C GLY B 98 -2.10 7.95 12.48
N PRO B 99 -2.18 6.97 13.39
CA PRO B 99 -1.06 6.10 13.75
C PRO B 99 -0.25 5.45 12.62
N LEU B 100 1.01 5.21 12.94
CA LEU B 100 2.08 4.77 12.07
C LEU B 100 2.57 3.38 12.49
N ARG B 101 2.73 2.44 11.53
CA ARG B 101 3.39 1.13 11.78
C ARG B 101 4.91 1.23 11.73
N SER B 102 5.46 2.08 10.85
CA SER B 102 6.90 2.35 10.75
C SER B 102 7.17 3.69 10.06
N VAL B 103 8.35 4.25 10.35
CA VAL B 103 8.95 5.41 9.67
C VAL B 103 10.46 5.15 9.58
N TRP B 104 11.05 5.37 8.40
CA TRP B 104 12.46 5.12 8.10
C TRP B 104 13.03 6.29 7.33
N VAL B 105 14.21 6.79 7.70
CA VAL B 105 14.83 7.92 6.98
C VAL B 105 16.32 7.68 6.79
N ALA B 106 16.84 8.13 5.65
CA ALA B 106 18.24 8.00 5.30
C ALA B 106 19.06 9.11 5.98
N ARG B 107 19.77 8.73 7.07
CA ARG B 107 20.70 9.60 7.81
C ARG B 107 21.91 10.03 6.96
N ASN B 108 22.33 9.14 6.06
CA ASN B 108 23.30 9.40 4.98
C ASN B 108 22.66 10.35 3.95
N PRO B 109 23.42 11.32 3.38
CA PRO B 109 22.94 12.42 2.52
C PRO B 109 21.43 12.76 2.59
N PRO B 110 20.98 13.32 3.74
CA PRO B 110 19.56 13.50 4.04
C PRO B 110 18.87 14.54 3.15
N GLY B 111 17.54 14.41 3.04
CA GLY B 111 16.68 15.20 2.15
C GLY B 111 15.32 14.55 1.89
N PHE B 112 15.27 13.22 2.00
CA PHE B 112 14.06 12.40 1.88
C PHE B 112 13.94 11.36 3.01
N ALA B 113 12.81 10.64 3.00
CA ALA B 113 12.34 9.75 4.06
C ALA B 113 11.22 8.82 3.53
N PHE B 114 10.94 7.76 4.27
CA PHE B 114 9.93 6.74 3.94
C PHE B 114 9.06 6.42 5.16
N VAL B 115 7.85 5.91 4.92
CA VAL B 115 6.81 5.77 5.95
C VAL B 115 5.81 4.65 5.61
N GLU B 116 5.22 4.03 6.65
CA GLU B 116 4.08 3.11 6.53
C GLU B 116 3.07 3.39 7.66
N PHE B 117 1.88 3.85 7.27
CA PHE B 117 0.76 4.10 8.19
C PHE B 117 -0.01 2.83 8.57
N GLU B 118 -0.77 2.89 9.66
CA GLU B 118 -1.70 1.83 10.07
C GLU B 118 -2.90 1.66 9.10
N ASP B 119 -3.32 2.77 8.48
CA ASP B 119 -4.51 2.87 7.62
C ASP B 119 -4.12 3.54 6.29
N PRO B 120 -4.38 2.92 5.11
CA PRO B 120 -4.24 3.58 3.80
C PRO B 120 -4.90 4.97 3.70
N ARG B 121 -5.99 5.21 4.44
CA ARG B 121 -6.65 6.53 4.50
C ARG B 121 -5.89 7.53 5.39
N ASP B 122 -5.13 7.10 6.41
CA ASP B 122 -4.20 8.01 7.11
C ASP B 122 -3.04 8.42 6.19
N ALA B 123 -2.49 7.46 5.44
CA ALA B 123 -1.53 7.74 4.38
C ALA B 123 -2.12 8.66 3.30
N ALA B 124 -3.40 8.51 2.93
CA ALA B 124 -4.08 9.41 1.99
C ALA B 124 -4.23 10.84 2.54
N ASP B 125 -4.66 11.02 3.79
CA ASP B 125 -4.71 12.33 4.46
C ASP B 125 -3.33 13.02 4.49
N ALA B 126 -2.29 12.24 4.77
CA ALA B 126 -0.91 12.70 4.67
C ALA B 126 -0.54 13.09 3.22
N VAL B 127 -0.77 12.22 2.23
CA VAL B 127 -0.58 12.47 0.78
C VAL B 127 -1.41 13.64 0.23
N ARG B 128 -2.44 14.13 0.94
CA ARG B 128 -3.30 15.27 0.57
C ARG B 128 -3.25 16.47 1.53
N GLU B 129 -2.32 16.48 2.50
CA GLU B 129 -2.02 17.67 3.31
C GLU B 129 -0.52 17.97 3.53
N LEU B 130 0.34 16.95 3.53
CA LEU B 130 1.81 17.07 3.66
C LEU B 130 2.51 17.33 2.32
N ASP B 131 1.78 17.23 1.20
CA ASP B 131 2.27 17.33 -0.18
C ASP B 131 2.76 18.73 -0.62
N GLY B 132 3.51 18.75 -1.73
CA GLY B 132 3.97 19.86 -2.58
C GLY B 132 4.48 21.21 -2.06
N ARG B 133 4.32 21.55 -0.77
CA ARG B 133 4.57 22.91 -0.24
C ARG B 133 5.86 22.94 0.57
N THR B 134 5.77 22.44 1.80
CA THR B 134 6.84 22.28 2.80
C THR B 134 6.26 21.57 4.03
N LEU B 135 7.10 21.26 5.00
CA LEU B 135 6.69 20.74 6.32
C LEU B 135 7.69 21.14 7.41
N CYS B 136 8.96 20.74 7.24
CA CYS B 136 10.05 21.17 8.12
C CYS B 136 10.63 22.51 7.64
N GLY B 137 11.00 22.63 6.35
CA GLY B 137 11.46 23.90 5.81
C GLY B 137 12.26 23.82 4.50
N CYS B 138 11.66 23.24 3.47
CA CYS B 138 12.19 23.23 2.09
C CYS B 138 11.06 23.30 1.04
N ARG B 139 11.05 22.40 0.04
CA ARG B 139 10.14 22.38 -1.12
C ARG B 139 9.65 20.94 -1.37
N VAL B 140 9.01 20.40 -0.34
CA VAL B 140 8.60 19.02 -0.15
C VAL B 140 7.70 18.48 -1.26
N ARG B 141 7.67 17.16 -1.33
CA ARG B 141 6.89 16.32 -2.24
C ARG B 141 6.65 14.98 -1.54
N VAL B 142 5.48 14.39 -1.74
CA VAL B 142 5.01 13.21 -0.98
C VAL B 142 4.26 12.29 -1.94
N GLU B 143 4.57 11.00 -2.01
CA GLU B 143 3.92 10.06 -2.92
C GLU B 143 3.63 8.71 -2.26
N LEU B 144 2.86 7.83 -2.88
CA LEU B 144 2.59 6.48 -2.37
C LEU B 144 3.37 5.40 -3.14
N SER B 145 3.67 4.30 -2.46
CA SER B 145 4.53 3.17 -2.87
C SER B 145 4.50 2.82 -4.37
N ASN B 146 5.50 3.31 -5.11
CA ASN B 146 5.69 3.07 -6.56
C ASN B 146 7.17 3.13 -6.98
N GLY B 147 8.06 2.61 -6.11
CA GLY B 147 9.52 2.62 -6.29
C GLY B 147 10.19 1.26 -5.97
N GLU B 148 9.88 0.69 -4.81
CA GLU B 148 10.25 -0.70 -4.46
C GLU B 148 9.16 -1.37 -3.61
N LYS B 149 8.88 -0.79 -2.43
CA LYS B 149 8.06 -1.30 -1.32
C LYS B 149 8.54 -2.63 -0.74
N ARG B 150 8.02 -2.99 0.43
CA ARG B 150 8.51 -4.11 1.25
C ARG B 150 7.36 -5.02 1.68
N MET B 1 -33.31 -13.75 11.12
CA MET B 1 -33.19 -12.30 10.81
C MET B 1 -31.73 -11.89 10.66
N GLN B 2 -31.43 -10.66 10.22
CA GLN B 2 -30.05 -10.20 10.06
C GLN B 2 -29.44 -9.68 11.39
N TYR B 3 -28.14 -9.93 11.57
CA TYR B 3 -27.31 -9.51 12.70
C TYR B 3 -26.07 -8.79 12.17
N LYS B 4 -25.43 -7.93 12.97
CA LYS B 4 -24.24 -7.14 12.59
C LYS B 4 -22.98 -7.66 13.30
N LEU B 5 -21.79 -7.34 12.78
CA LEU B 5 -20.49 -7.58 13.39
C LEU B 5 -19.57 -6.39 13.11
N ILE B 6 -18.81 -5.96 14.12
CA ILE B 6 -17.71 -4.98 14.02
C ILE B 6 -16.41 -5.73 14.29
N LEU B 7 -15.39 -5.38 13.53
CA LEU B 7 -14.05 -5.92 13.51
C LEU B 7 -13.06 -4.77 13.76
N ASN B 8 -13.07 -4.19 14.96
CA ASN B 8 -12.14 -3.16 15.45
C ASN B 8 -10.64 -3.56 15.49
N GLY B 9 -10.16 -4.33 14.52
CA GLY B 9 -8.75 -4.71 14.40
C GLY B 9 -7.87 -3.53 14.00
N LYS B 10 -7.24 -2.89 14.98
CA LYS B 10 -6.30 -1.74 14.89
C LYS B 10 -5.86 -1.32 13.47
N THR B 11 -5.12 -2.18 12.77
CA THR B 11 -4.46 -1.83 11.50
C THR B 11 -5.38 -1.94 10.27
N LEU B 12 -6.45 -2.73 10.34
CA LEU B 12 -7.27 -3.11 9.18
C LEU B 12 -8.75 -2.70 9.24
N LYS B 13 -9.27 -2.51 10.47
CA LYS B 13 -10.64 -2.30 10.97
C LYS B 13 -11.86 -2.30 10.00
N GLY B 14 -12.97 -2.91 10.44
CA GLY B 14 -14.24 -2.77 9.72
C GLY B 14 -15.53 -3.33 10.38
N GLU B 15 -16.56 -3.60 9.57
CA GLU B 15 -17.88 -4.14 9.98
C GLU B 15 -18.62 -4.85 8.82
N THR B 16 -19.61 -5.68 9.16
CA THR B 16 -20.42 -6.50 8.24
C THR B 16 -21.72 -6.93 8.92
N THR B 17 -22.52 -7.75 8.24
CA THR B 17 -23.77 -8.36 8.73
C THR B 17 -23.96 -9.77 8.18
N THR B 18 -24.95 -10.52 8.69
CA THR B 18 -25.37 -11.82 8.15
C THR B 18 -26.80 -12.15 8.52
N GLU B 19 -27.50 -12.91 7.69
CA GLU B 19 -28.78 -13.52 8.05
C GLU B 19 -28.47 -14.73 8.96
N ALA B 20 -28.97 -14.73 10.19
CA ALA B 20 -28.78 -15.79 11.18
C ALA B 20 -30.04 -16.09 12.01
N VAL B 21 -29.98 -17.11 12.87
CA VAL B 21 -31.03 -17.35 13.88
C VAL B 21 -30.87 -16.40 15.07
N ASP B 22 -29.64 -16.31 15.57
CA ASP B 22 -29.11 -15.51 16.70
C ASP B 22 -27.62 -15.90 16.84
N ALA B 23 -26.98 -15.74 18.00
CA ALA B 23 -25.64 -16.29 18.28
C ALA B 23 -25.50 -17.80 17.98
N ALA B 24 -26.61 -18.55 17.92
CA ALA B 24 -26.64 -19.95 17.48
C ALA B 24 -26.25 -20.14 16.00
N THR B 25 -26.10 -19.05 15.25
CA THR B 25 -25.65 -19.03 13.85
C THR B 25 -24.67 -17.88 13.57
N ALA B 26 -24.87 -16.69 14.15
CA ALA B 26 -24.00 -15.52 14.00
C ALA B 26 -22.63 -15.78 14.65
N GLU B 27 -22.58 -16.46 15.82
CA GLU B 27 -21.34 -16.81 16.51
C GLU B 27 -20.54 -17.96 15.85
N LYS B 28 -21.01 -18.48 14.71
CA LYS B 28 -20.30 -19.47 13.89
C LYS B 28 -20.28 -19.08 12.42
N VAL B 29 -20.52 -17.80 12.12
CA VAL B 29 -20.50 -17.22 10.77
C VAL B 29 -19.46 -16.12 10.70
N PHE B 30 -19.53 -15.17 11.63
CA PHE B 30 -18.59 -14.07 11.74
C PHE B 30 -17.16 -14.56 12.00
N LYS B 31 -17.00 -15.72 12.64
CA LYS B 31 -15.68 -16.36 12.88
C LYS B 31 -14.87 -16.58 11.59
N GLN B 32 -15.55 -16.79 10.46
CA GLN B 32 -14.91 -17.02 9.16
C GLN B 32 -14.56 -15.68 8.49
N TYR B 33 -15.53 -14.77 8.41
CA TYR B 33 -15.38 -13.44 7.81
C TYR B 33 -14.33 -12.60 8.57
N ALA B 34 -14.34 -12.68 9.91
CA ALA B 34 -13.40 -11.97 10.75
C ALA B 34 -11.96 -12.45 10.54
N ASN B 35 -11.73 -13.76 10.44
CA ASN B 35 -10.42 -14.29 10.08
C ASN B 35 -9.99 -13.97 8.64
N ASP B 36 -10.91 -13.65 7.73
CA ASP B 36 -10.59 -13.25 6.35
C ASP B 36 -10.21 -11.76 6.24
N ASN B 37 -10.77 -10.91 7.11
CA ASN B 37 -10.31 -9.52 7.28
C ASN B 37 -8.99 -9.55 8.06
N GLY B 38 -8.98 -10.38 9.11
CA GLY B 38 -7.86 -10.77 9.93
C GLY B 38 -8.03 -10.51 11.44
N VAL B 39 -9.20 -10.01 11.87
CA VAL B 39 -9.48 -9.71 13.28
C VAL B 39 -9.87 -10.96 14.03
N ASP B 40 -9.39 -11.06 15.26
CA ASP B 40 -9.83 -12.10 16.19
C ASP B 40 -9.56 -11.77 17.68
N GLY B 41 -9.93 -10.55 18.09
CA GLY B 41 -9.84 -10.05 19.47
C GLY B 41 -11.08 -10.32 20.33
N GLU B 42 -11.59 -9.28 21.01
CA GLU B 42 -12.68 -9.38 22.01
C GLU B 42 -14.05 -9.77 21.41
N TRP B 43 -14.33 -11.05 21.18
CA TRP B 43 -15.61 -11.55 20.65
C TRP B 43 -16.74 -11.23 21.63
N THR B 44 -17.50 -10.21 21.25
CA THR B 44 -18.52 -9.53 22.03
C THR B 44 -19.83 -9.47 21.23
N TYR B 45 -20.95 -9.23 21.90
CA TYR B 45 -22.31 -9.26 21.35
C TYR B 45 -23.25 -8.38 22.20
N ASP B 46 -24.42 -8.05 21.67
CA ASP B 46 -25.40 -7.13 22.25
C ASP B 46 -26.83 -7.63 21.97
N ASP B 47 -27.78 -7.27 22.84
CA ASP B 47 -29.19 -7.71 22.75
C ASP B 47 -30.22 -6.58 22.71
N ALA B 48 -29.75 -5.33 22.66
CA ALA B 48 -30.55 -4.15 22.39
C ALA B 48 -30.55 -3.82 20.90
N THR B 49 -29.46 -4.17 20.19
CA THR B 49 -29.27 -3.85 18.76
C THR B 49 -28.85 -5.05 17.91
N LYS B 50 -28.55 -6.19 18.56
CA LYS B 50 -28.14 -7.45 17.95
C LYS B 50 -26.85 -7.32 17.13
N THR B 51 -25.83 -6.65 17.70
CA THR B 51 -24.58 -6.31 17.02
C THR B 51 -23.37 -6.94 17.72
N PHE B 52 -22.74 -7.90 17.05
CA PHE B 52 -21.44 -8.45 17.45
C PHE B 52 -20.33 -7.39 17.35
N THR B 53 -19.24 -7.63 18.05
CA THR B 53 -17.99 -6.86 17.96
C THR B 53 -16.82 -7.81 18.19
N VAL B 54 -15.66 -7.54 17.60
CA VAL B 54 -14.40 -8.24 17.80
C VAL B 54 -13.28 -7.22 17.66
N THR B 55 -12.44 -7.07 18.69
CA THR B 55 -11.44 -5.96 18.78
C THR B 55 -10.01 -6.44 19.02
N GLU B 56 -9.21 -6.52 17.96
CA GLU B 56 -7.76 -6.74 18.06
C GLU B 56 -7.00 -5.39 18.21
N GLY B 57 -5.89 -5.40 18.94
CA GLY B 57 -4.97 -4.26 19.10
C GLY B 57 -3.49 -4.62 19.30
N SER B 58 -3.14 -5.87 19.62
CA SER B 58 -1.74 -6.32 19.87
C SER B 58 -1.54 -7.84 19.94
N HIS B 59 -2.59 -8.67 20.03
CA HIS B 59 -2.49 -10.13 20.13
C HIS B 59 -1.83 -10.78 18.90
N HIS B 60 -1.87 -10.12 17.73
CA HIS B 60 -1.10 -10.48 16.54
C HIS B 60 0.41 -10.37 16.86
N HIS B 61 1.04 -11.50 17.15
CA HIS B 61 2.44 -11.60 17.60
C HIS B 61 3.45 -10.92 16.65
N HIS B 62 3.20 -11.00 15.33
CA HIS B 62 4.12 -10.57 14.29
C HIS B 62 4.03 -9.06 13.94
N HIS B 63 3.53 -8.22 14.87
CA HIS B 63 3.59 -6.76 14.78
C HIS B 63 5.03 -6.24 14.53
N HIS B 64 6.03 -6.96 15.06
CA HIS B 64 7.46 -6.79 14.75
C HIS B 64 8.19 -8.15 14.85
N MET B 65 9.22 -8.32 14.03
CA MET B 65 10.19 -9.44 14.03
C MET B 65 11.27 -9.19 12.97
N HIS B 66 10.80 -8.87 11.76
CA HIS B 66 11.57 -8.47 10.59
C HIS B 66 10.64 -7.68 9.64
N ARG B 67 11.14 -6.59 9.06
CA ARG B 67 10.42 -5.79 8.06
C ARG B 67 11.43 -5.19 7.08
N ASP B 68 11.30 -5.57 5.82
CA ASP B 68 12.24 -5.27 4.72
C ASP B 68 11.51 -4.81 3.45
N SER B 69 10.38 -5.43 3.13
CA SER B 69 9.39 -5.04 2.12
C SER B 69 8.05 -5.70 2.43
N CYS B 70 6.96 -4.93 2.42
CA CYS B 70 5.60 -5.38 2.75
C CYS B 70 4.62 -5.13 1.58
N PRO B 71 3.63 -6.03 1.35
CA PRO B 71 2.80 -5.99 0.14
C PRO B 71 1.73 -4.89 0.16
N LEU B 72 1.12 -4.63 1.33
CA LEU B 72 0.09 -3.59 1.53
C LEU B 72 0.57 -2.17 1.14
N ASP B 73 -0.34 -1.33 0.64
CA ASP B 73 0.00 -0.01 0.06
C ASP B 73 0.13 1.14 1.08
N CYS B 74 0.51 0.78 2.31
CA CYS B 74 0.92 1.70 3.38
C CYS B 74 2.23 2.45 3.05
N LYS B 75 3.00 1.95 2.06
CA LYS B 75 4.31 2.38 1.54
C LYS B 75 4.39 3.84 1.01
N VAL B 76 4.03 4.81 1.83
CA VAL B 76 4.12 6.24 1.52
C VAL B 76 5.60 6.67 1.41
N TYR B 77 5.88 7.55 0.45
CA TYR B 77 7.16 8.22 0.29
C TYR B 77 7.12 9.61 0.91
N VAL B 78 8.28 10.17 1.28
CA VAL B 78 8.34 11.53 1.80
C VAL B 78 9.71 12.18 1.61
N GLY B 79 9.76 13.50 1.65
CA GLY B 79 11.00 14.28 1.72
C GLY B 79 10.82 15.64 2.42
N ASN B 80 11.91 16.17 2.97
CA ASN B 80 11.95 17.36 3.83
C ASN B 80 12.36 18.62 3.04
N LEU B 81 12.45 19.78 3.75
CA LEU B 81 12.74 21.14 3.24
C LEU B 81 13.96 21.30 2.32
N GLY B 82 14.88 20.32 2.31
CA GLY B 82 16.18 20.37 1.65
C GLY B 82 17.09 19.23 2.11
N ASN B 83 18.40 19.43 2.03
CA ASN B 83 19.47 18.54 2.51
C ASN B 83 19.56 18.38 4.06
N ASN B 84 18.42 18.35 4.75
CA ASN B 84 18.27 18.11 6.19
C ASN B 84 17.01 17.26 6.42
N GLY B 85 17.13 16.17 7.18
CA GLY B 85 16.06 15.19 7.40
C GLY B 85 16.20 14.44 8.73
N ASN B 86 15.07 14.26 9.40
CA ASN B 86 14.92 13.47 10.63
C ASN B 86 13.45 13.02 10.72
N LYS B 87 13.21 11.79 11.23
CA LYS B 87 11.85 11.24 11.36
C LYS B 87 10.93 12.04 12.29
N THR B 88 11.44 12.75 13.31
CA THR B 88 10.67 13.40 14.39
C THR B 88 9.46 14.21 13.89
N GLU B 89 9.71 15.20 13.02
CA GLU B 89 8.67 16.10 12.53
C GLU B 89 7.65 15.32 11.71
N LEU B 90 8.12 14.62 10.68
CA LEU B 90 7.21 13.94 9.77
C LEU B 90 6.42 12.84 10.47
N GLU B 91 7.01 12.16 11.47
CA GLU B 91 6.37 11.13 12.29
C GLU B 91 5.18 11.69 13.08
N ARG B 92 5.30 12.85 13.74
CA ARG B 92 4.11 13.48 14.34
C ARG B 92 3.15 14.03 13.28
N ALA B 93 3.67 14.56 12.16
CA ALA B 93 2.83 15.12 11.10
C ALA B 93 1.94 14.07 10.44
N PHE B 94 2.49 12.87 10.25
CA PHE B 94 1.80 11.69 9.76
C PHE B 94 0.85 11.12 10.80
N GLY B 95 1.37 10.71 11.95
CA GLY B 95 0.53 10.06 12.95
C GLY B 95 -0.57 10.95 13.55
N TYR B 96 -0.49 12.28 13.36
CA TYR B 96 -1.57 13.24 13.60
C TYR B 96 -2.88 12.83 12.88
N TYR B 97 -2.81 12.49 11.60
CA TYR B 97 -3.95 11.97 10.81
C TYR B 97 -4.32 10.56 11.28
N GLY B 98 -3.31 9.71 11.44
CA GLY B 98 -3.54 8.39 12.07
C GLY B 98 -2.28 7.55 12.30
N PRO B 99 -2.24 6.62 13.27
CA PRO B 99 -1.01 5.95 13.69
C PRO B 99 -0.14 5.34 12.59
N LEU B 100 1.15 5.19 12.89
CA LEU B 100 2.21 4.76 11.99
C LEU B 100 2.84 3.44 12.48
N ARG B 101 3.22 2.56 11.55
CA ARG B 101 3.82 1.24 11.79
C ARG B 101 5.34 1.25 11.60
N SER B 102 5.79 2.00 10.59
CA SER B 102 7.21 2.30 10.34
C SER B 102 7.37 3.73 9.81
N VAL B 103 8.48 4.37 10.17
CA VAL B 103 8.87 5.70 9.69
C VAL B 103 10.40 5.72 9.61
N TRP B 104 10.95 6.15 8.48
CA TRP B 104 12.38 6.03 8.16
C TRP B 104 12.87 7.21 7.34
N VAL B 105 14.10 7.65 7.53
CA VAL B 105 14.74 8.62 6.62
C VAL B 105 16.22 8.27 6.49
N ALA B 106 16.78 8.39 5.29
CA ALA B 106 18.15 7.95 5.00
C ALA B 106 19.17 8.78 5.79
N ARG B 107 19.90 8.14 6.71
CA ARG B 107 20.79 8.82 7.68
C ARG B 107 22.08 9.43 7.09
N ASN B 108 22.48 9.02 5.89
CA ASN B 108 23.70 9.47 5.21
C ASN B 108 23.48 10.55 4.12
N PRO B 109 22.30 10.67 3.47
CA PRO B 109 21.91 11.80 2.61
C PRO B 109 20.56 12.39 3.12
N PRO B 110 20.49 12.85 4.39
CA PRO B 110 19.22 13.22 5.04
C PRO B 110 18.49 14.35 4.31
N GLY B 111 17.18 14.15 4.10
CA GLY B 111 16.31 15.03 3.29
C GLY B 111 15.24 14.27 2.47
N PHE B 112 15.42 12.95 2.32
CA PHE B 112 14.56 11.99 1.63
C PHE B 112 14.18 10.90 2.67
N ALA B 113 12.93 10.45 2.65
CA ALA B 113 12.33 9.63 3.69
C ALA B 113 11.29 8.61 3.16
N PHE B 114 10.83 7.75 4.06
CA PHE B 114 9.79 6.74 3.83
C PHE B 114 8.88 6.50 5.05
N VAL B 115 7.69 5.96 4.81
CA VAL B 115 6.65 5.67 5.83
C VAL B 115 5.87 4.38 5.53
N GLU B 116 5.25 3.84 6.58
CA GLU B 116 4.27 2.76 6.54
C GLU B 116 3.17 3.05 7.58
N PHE B 117 1.97 3.50 7.16
CA PHE B 117 0.83 3.82 8.04
C PHE B 117 0.03 2.59 8.55
N GLU B 118 -0.67 2.75 9.67
CA GLU B 118 -1.62 1.77 10.25
C GLU B 118 -3.06 1.91 9.72
N ASP B 119 -3.29 2.74 8.69
CA ASP B 119 -4.59 2.90 8.05
C ASP B 119 -4.46 3.50 6.63
N PRO B 120 -5.11 2.93 5.59
CA PRO B 120 -4.96 3.38 4.21
C PRO B 120 -5.69 4.70 3.90
N ARG B 121 -6.81 5.02 4.58
CA ARG B 121 -7.52 6.30 4.38
C ARG B 121 -6.89 7.45 5.17
N ASP B 122 -6.23 7.19 6.29
CA ASP B 122 -5.42 8.16 7.01
C ASP B 122 -4.10 8.42 6.26
N ALA B 123 -3.50 7.39 5.64
CA ALA B 123 -2.39 7.56 4.71
C ALA B 123 -2.78 8.43 3.51
N ALA B 124 -3.98 8.23 2.96
CA ALA B 124 -4.54 9.09 1.92
C ALA B 124 -4.78 10.53 2.40
N ASP B 125 -5.36 10.72 3.60
CA ASP B 125 -5.60 12.04 4.20
C ASP B 125 -4.28 12.79 4.49
N ALA B 126 -3.26 12.04 4.90
CA ALA B 126 -1.89 12.52 5.08
C ALA B 126 -1.32 12.97 3.73
N VAL B 127 -1.31 12.12 2.70
CA VAL B 127 -0.93 12.47 1.31
C VAL B 127 -1.71 13.68 0.76
N ARG B 128 -2.95 13.88 1.21
CA ARG B 128 -3.88 14.98 0.83
C ARG B 128 -3.58 16.31 1.53
N GLU B 129 -2.92 16.31 2.69
CA GLU B 129 -2.64 17.51 3.50
C GLU B 129 -1.14 17.74 3.84
N LEU B 130 -0.24 16.87 3.37
CA LEU B 130 1.20 16.94 3.59
C LEU B 130 2.00 17.18 2.28
N ASP B 131 1.31 17.57 1.21
CA ASP B 131 1.87 17.80 -0.14
C ASP B 131 3.08 18.77 -0.21
N GLY B 132 3.87 18.62 -1.28
CA GLY B 132 5.21 19.20 -1.53
C GLY B 132 5.51 20.70 -1.33
N ARG B 133 4.51 21.54 -1.05
CA ARG B 133 4.67 23.01 -0.98
C ARG B 133 5.47 23.52 0.22
N THR B 134 5.26 22.90 1.40
CA THR B 134 5.84 23.24 2.71
C THR B 134 5.22 22.35 3.79
N LEU B 135 6.08 21.90 4.71
CA LEU B 135 5.72 21.22 5.98
C LEU B 135 6.76 21.60 7.04
N CYS B 136 8.03 21.26 6.76
CA CYS B 136 9.18 21.69 7.55
C CYS B 136 9.48 23.20 7.40
N GLY B 137 9.39 23.74 6.18
CA GLY B 137 9.43 25.20 5.93
C GLY B 137 9.78 25.68 4.52
N CYS B 138 10.06 24.77 3.59
CA CYS B 138 10.38 25.03 2.17
C CYS B 138 9.90 23.84 1.31
N ARG B 139 10.47 23.63 0.12
CA ARG B 139 10.27 22.47 -0.75
C ARG B 139 10.24 21.17 0.07
N VAL B 140 9.09 20.52 0.20
CA VAL B 140 8.96 19.15 0.76
C VAL B 140 8.47 18.17 -0.31
N ARG B 141 8.27 16.91 0.05
CA ARG B 141 7.60 15.89 -0.79
C ARG B 141 6.84 14.92 0.10
N VAL B 142 5.73 14.39 -0.41
CA VAL B 142 5.01 13.24 0.17
C VAL B 142 4.32 12.55 -1.01
N GLU B 143 4.54 11.25 -1.22
CA GLU B 143 4.02 10.52 -2.39
C GLU B 143 3.75 9.05 -2.04
N LEU B 144 3.65 8.15 -3.03
CA LEU B 144 3.57 6.70 -2.85
C LEU B 144 4.74 6.02 -3.57
N SER B 145 5.28 4.96 -2.96
CA SER B 145 6.50 4.25 -3.42
C SER B 145 6.63 4.06 -4.94
N ASN B 146 7.84 4.31 -5.45
CA ASN B 146 8.29 4.26 -6.86
C ASN B 146 7.67 5.38 -7.74
N GLY B 147 8.33 6.56 -7.81
CA GLY B 147 7.86 7.70 -8.62
C GLY B 147 8.89 8.76 -9.05
N GLU B 148 9.85 9.14 -8.21
CA GLU B 148 10.88 10.19 -8.47
C GLU B 148 12.13 9.95 -7.60
N LYS B 149 13.16 10.83 -7.58
CA LYS B 149 14.26 10.74 -6.60
C LYS B 149 14.78 12.06 -5.99
N ARG B 150 13.84 12.80 -5.39
CA ARG B 150 14.01 14.09 -4.68
C ARG B 150 13.35 14.11 -3.30
N MET B 1 0.79 -24.23 -26.63
CA MET B 1 1.21 -24.69 -25.28
C MET B 1 0.33 -24.03 -24.21
N GLN B 2 -0.03 -24.71 -23.13
CA GLN B 2 -0.78 -24.07 -22.04
C GLN B 2 0.15 -23.27 -21.09
N TYR B 3 -0.36 -22.16 -20.56
CA TYR B 3 0.28 -21.23 -19.63
C TYR B 3 -0.67 -20.99 -18.45
N LYS B 4 -0.13 -20.71 -17.25
CA LYS B 4 -0.91 -20.44 -16.02
C LYS B 4 -0.98 -18.94 -15.74
N LEU B 5 -1.91 -18.49 -14.90
CA LEU B 5 -2.02 -17.13 -14.35
C LEU B 5 -2.52 -17.20 -12.89
N ILE B 6 -1.96 -16.35 -12.02
CA ILE B 6 -2.43 -16.11 -10.63
C ILE B 6 -2.96 -14.69 -10.54
N LEU B 7 -4.12 -14.53 -9.91
CA LEU B 7 -4.85 -13.30 -9.68
C LEU B 7 -4.82 -12.97 -8.18
N ASN B 8 -3.63 -12.66 -7.68
CA ASN B 8 -3.42 -12.09 -6.34
C ASN B 8 -4.14 -10.73 -6.19
N GLY B 9 -5.41 -10.71 -5.77
CA GLY B 9 -6.17 -9.48 -5.56
C GLY B 9 -7.16 -9.52 -4.40
N LYS B 10 -7.53 -8.33 -3.91
CA LYS B 10 -8.27 -8.13 -2.66
C LYS B 10 -9.55 -8.92 -2.56
N THR B 11 -9.65 -9.56 -1.40
CA THR B 11 -10.79 -10.31 -0.88
C THR B 11 -11.22 -11.53 -1.73
N LEU B 12 -10.87 -11.57 -3.03
CA LEU B 12 -11.42 -12.50 -4.03
C LEU B 12 -10.50 -13.65 -4.44
N LYS B 13 -9.19 -13.35 -4.61
CA LYS B 13 -8.06 -14.08 -5.19
C LYS B 13 -8.28 -15.38 -6.01
N GLY B 14 -7.41 -15.61 -7.00
CA GLY B 14 -7.43 -16.93 -7.67
C GLY B 14 -6.28 -17.28 -8.62
N GLU B 15 -6.51 -18.30 -9.45
CA GLU B 15 -5.62 -18.77 -10.53
C GLU B 15 -6.38 -19.52 -11.62
N THR B 16 -5.79 -19.58 -12.82
CA THR B 16 -6.36 -20.14 -14.06
C THR B 16 -5.24 -20.52 -15.03
N THR B 17 -5.59 -21.00 -16.22
CA THR B 17 -4.66 -21.31 -17.33
C THR B 17 -5.29 -20.96 -18.69
N THR B 18 -4.49 -20.97 -19.76
CA THR B 18 -4.97 -20.84 -21.15
C THR B 18 -4.00 -21.49 -22.13
N GLU B 19 -4.50 -21.95 -23.27
CA GLU B 19 -3.68 -22.37 -24.41
C GLU B 19 -3.21 -21.12 -25.19
N ALA B 20 -1.90 -20.90 -25.24
CA ALA B 20 -1.26 -19.76 -25.93
C ALA B 20 0.01 -20.15 -26.71
N VAL B 21 0.63 -19.18 -27.39
CA VAL B 21 1.97 -19.35 -27.98
C VAL B 21 3.06 -19.21 -26.91
N ASP B 22 2.96 -18.13 -26.12
CA ASP B 22 3.81 -17.65 -25.01
C ASP B 22 3.20 -16.31 -24.55
N ALA B 23 3.94 -15.40 -23.91
CA ALA B 23 3.50 -14.03 -23.63
C ALA B 23 2.98 -13.27 -24.89
N ALA B 24 3.34 -13.72 -26.10
CA ALA B 24 2.81 -13.19 -27.36
C ALA B 24 1.30 -13.46 -27.57
N THR B 25 0.70 -14.27 -26.69
CA THR B 25 -0.74 -14.59 -26.67
C THR B 25 -1.31 -14.64 -25.24
N ALA B 26 -0.55 -15.15 -24.26
CA ALA B 26 -0.96 -15.22 -22.84
C ALA B 26 -1.08 -13.81 -22.25
N GLU B 27 -0.17 -12.89 -22.61
CA GLU B 27 -0.18 -11.49 -22.15
C GLU B 27 -1.30 -10.62 -22.76
N LYS B 28 -2.17 -11.19 -23.60
CA LYS B 28 -3.36 -10.54 -24.15
C LYS B 28 -4.59 -11.42 -24.02
N VAL B 29 -4.56 -12.42 -23.14
CA VAL B 29 -5.70 -13.31 -22.83
C VAL B 29 -6.09 -13.16 -21.37
N PHE B 30 -5.11 -13.31 -20.49
CA PHE B 30 -5.33 -13.16 -19.06
C PHE B 30 -5.83 -11.77 -18.70
N LYS B 31 -5.47 -10.75 -19.50
CA LYS B 31 -5.96 -9.37 -19.36
C LYS B 31 -7.50 -9.29 -19.37
N GLN B 32 -8.19 -10.19 -20.10
CA GLN B 32 -9.65 -10.25 -20.11
C GLN B 32 -10.19 -10.96 -18.86
N TYR B 33 -9.69 -12.17 -18.61
CA TYR B 33 -10.15 -13.03 -17.52
C TYR B 33 -9.91 -12.40 -16.14
N ALA B 34 -8.74 -11.80 -15.95
CA ALA B 34 -8.37 -11.14 -14.71
C ALA B 34 -9.28 -9.95 -14.41
N ASN B 35 -9.51 -9.06 -15.37
CA ASN B 35 -10.42 -7.94 -15.20
C ASN B 35 -11.90 -8.37 -15.06
N ASP B 36 -12.27 -9.61 -15.41
CA ASP B 36 -13.60 -10.17 -15.18
C ASP B 36 -13.78 -10.74 -13.77
N ASN B 37 -12.71 -11.28 -13.17
CA ASN B 37 -12.71 -11.62 -11.73
C ASN B 37 -12.62 -10.32 -10.92
N GLY B 38 -11.84 -9.37 -11.45
CA GLY B 38 -11.66 -8.01 -11.02
C GLY B 38 -10.23 -7.65 -10.63
N VAL B 39 -9.29 -8.61 -10.64
CA VAL B 39 -7.88 -8.33 -10.37
C VAL B 39 -7.25 -7.69 -11.58
N ASP B 40 -6.44 -6.68 -11.32
CA ASP B 40 -5.65 -6.06 -12.40
C ASP B 40 -4.39 -5.32 -11.91
N GLY B 41 -3.75 -5.86 -10.88
CA GLY B 41 -2.48 -5.40 -10.32
C GLY B 41 -1.28 -5.36 -11.27
N GLU B 42 -0.10 -5.33 -10.66
CA GLU B 42 1.19 -5.47 -11.37
C GLU B 42 1.22 -6.83 -12.09
N TRP B 43 1.42 -6.83 -13.40
CA TRP B 43 1.44 -8.05 -14.24
C TRP B 43 2.86 -8.62 -14.34
N THR B 44 2.98 -9.89 -13.95
CA THR B 44 4.22 -10.66 -13.78
C THR B 44 4.16 -11.95 -14.62
N TYR B 45 5.31 -12.57 -14.87
CA TYR B 45 5.45 -13.81 -15.64
C TYR B 45 6.72 -14.58 -15.20
N ASP B 46 6.88 -15.83 -15.64
CA ASP B 46 7.97 -16.75 -15.29
C ASP B 46 8.33 -17.64 -16.49
N ASP B 47 9.50 -18.29 -16.46
CA ASP B 47 10.01 -19.18 -17.52
C ASP B 47 10.56 -20.53 -17.02
N ALA B 48 10.55 -20.76 -15.71
CA ALA B 48 10.84 -22.07 -15.13
C ALA B 48 9.59 -22.94 -15.16
N THR B 49 8.42 -22.30 -15.10
CA THR B 49 7.09 -22.92 -14.94
C THR B 49 6.04 -22.34 -15.89
N LYS B 50 6.34 -21.20 -16.53
CA LYS B 50 5.49 -20.53 -17.52
C LYS B 50 4.17 -20.03 -16.91
N THR B 51 4.29 -19.38 -15.75
CA THR B 51 3.18 -18.95 -14.91
C THR B 51 3.12 -17.43 -14.78
N PHE B 52 2.10 -16.82 -15.40
CA PHE B 52 1.75 -15.42 -15.19
C PHE B 52 1.30 -15.17 -13.76
N THR B 53 1.30 -13.91 -13.34
CA THR B 53 0.71 -13.44 -12.10
C THR B 53 0.20 -12.02 -12.33
N VAL B 54 -0.77 -11.59 -11.54
CA VAL B 54 -1.27 -10.22 -11.46
C VAL B 54 -1.51 -9.90 -9.98
N THR B 55 -0.65 -9.03 -9.41
CA THR B 55 -0.59 -8.75 -7.96
C THR B 55 -1.01 -7.33 -7.64
N GLU B 56 -2.23 -7.22 -7.14
CA GLU B 56 -2.98 -5.99 -6.93
C GLU B 56 -2.84 -5.46 -5.49
N GLY B 57 -2.73 -4.13 -5.37
CA GLY B 57 -2.69 -3.39 -4.11
C GLY B 57 -3.11 -1.94 -4.34
N SER B 58 -4.19 -1.77 -5.10
CA SER B 58 -4.71 -0.52 -5.69
C SER B 58 -5.88 -0.72 -6.67
N HIS B 59 -6.49 -1.92 -6.69
CA HIS B 59 -7.47 -2.43 -7.67
C HIS B 59 -6.93 -2.58 -9.12
N HIS B 60 -6.14 -1.63 -9.62
CA HIS B 60 -5.53 -1.63 -10.95
C HIS B 60 -4.10 -1.07 -10.91
N HIS B 61 -3.21 -1.56 -11.78
CA HIS B 61 -1.88 -0.98 -12.00
C HIS B 61 -1.94 0.47 -12.56
N HIS B 62 -3.01 0.82 -13.29
CA HIS B 62 -3.29 2.20 -13.72
C HIS B 62 -3.61 3.17 -12.55
N HIS B 63 -3.96 2.65 -11.36
CA HIS B 63 -4.28 3.48 -10.19
C HIS B 63 -3.03 4.14 -9.55
N HIS B 64 -1.79 3.76 -9.91
CA HIS B 64 -0.59 4.48 -9.45
C HIS B 64 -0.57 5.98 -9.84
N MET B 65 -1.38 6.39 -10.82
CA MET B 65 -1.64 7.80 -11.20
C MET B 65 -2.64 8.54 -10.27
N HIS B 66 -3.20 7.88 -9.24
CA HIS B 66 -4.22 8.42 -8.33
C HIS B 66 -3.89 8.09 -6.85
N ARG B 67 -3.70 9.14 -6.03
CA ARG B 67 -3.23 9.05 -4.63
C ARG B 67 -4.16 8.33 -3.66
N ASP B 68 -5.47 8.53 -3.78
CA ASP B 68 -6.49 7.99 -2.86
C ASP B 68 -6.81 6.51 -3.14
N SER B 69 -5.79 5.66 -3.07
CA SER B 69 -5.90 4.20 -3.20
C SER B 69 -6.42 3.55 -1.91
N CYS B 70 -7.66 3.88 -1.55
CA CYS B 70 -8.37 3.38 -0.37
C CYS B 70 -8.39 1.84 -0.16
N PRO B 71 -8.35 0.97 -1.21
CA PRO B 71 -8.22 -0.48 -1.03
C PRO B 71 -7.09 -0.92 -0.08
N LEU B 72 -5.92 -0.26 -0.08
CA LEU B 72 -4.84 -0.41 0.90
C LEU B 72 -3.69 0.60 0.68
N ASP B 73 -3.14 1.13 1.78
CA ASP B 73 -1.89 1.89 1.73
C ASP B 73 -0.75 0.95 1.34
N CYS B 74 0.28 1.46 0.66
CA CYS B 74 1.41 0.69 0.12
C CYS B 74 2.75 1.37 0.49
N LYS B 75 2.84 1.88 1.72
CA LYS B 75 3.89 2.78 2.25
C LYS B 75 3.83 4.15 1.56
N VAL B 76 4.32 5.20 2.22
CA VAL B 76 4.38 6.56 1.64
C VAL B 76 5.80 7.11 1.67
N TYR B 77 6.21 7.64 0.53
CA TYR B 77 7.48 8.31 0.31
C TYR B 77 7.38 9.77 0.73
N VAL B 78 8.46 10.35 1.26
CA VAL B 78 8.53 11.79 1.49
C VAL B 78 9.94 12.31 1.23
N GLY B 79 10.05 13.42 0.51
CA GLY B 79 11.37 14.00 0.21
C GLY B 79 11.40 15.50 -0.11
N ASN B 80 12.60 16.00 -0.41
CA ASN B 80 12.95 17.42 -0.53
C ASN B 80 12.32 18.31 0.55
N LEU B 81 12.46 17.88 1.81
CA LEU B 81 12.13 18.67 3.02
C LEU B 81 13.42 19.27 3.63
N GLY B 82 13.33 19.96 4.78
CA GLY B 82 14.48 20.60 5.43
C GLY B 82 15.69 19.67 5.65
N ASN B 83 16.91 20.23 5.62
CA ASN B 83 18.19 19.50 5.65
C ASN B 83 18.57 18.93 7.05
N ASN B 84 17.57 18.49 7.82
CA ASN B 84 17.67 17.97 9.18
C ASN B 84 16.92 16.64 9.32
N GLY B 85 16.79 15.88 8.22
CA GLY B 85 16.20 14.53 8.08
C GLY B 85 16.35 13.65 9.32
N ASN B 86 15.29 13.66 10.14
CA ASN B 86 15.12 12.91 11.36
C ASN B 86 13.61 12.64 11.51
N LYS B 87 13.25 11.48 12.07
CA LYS B 87 11.85 11.06 12.17
C LYS B 87 10.94 12.01 12.96
N THR B 88 11.44 12.78 13.93
CA THR B 88 10.64 13.56 14.89
C THR B 88 9.46 14.37 14.31
N GLU B 89 9.70 15.37 13.45
CA GLU B 89 8.60 16.19 12.92
C GLU B 89 7.75 15.41 11.94
N LEU B 90 8.34 14.71 10.97
CA LEU B 90 7.53 13.96 10.00
C LEU B 90 6.67 12.89 10.67
N GLU B 91 7.15 12.24 11.73
CA GLU B 91 6.40 11.25 12.51
C GLU B 91 5.18 11.88 13.21
N ARG B 92 5.32 13.05 13.87
CA ARG B 92 4.13 13.76 14.36
C ARG B 92 3.24 14.24 13.21
N ALA B 93 3.82 14.69 12.09
CA ALA B 93 3.08 15.24 10.95
C ALA B 93 2.23 14.20 10.23
N PHE B 94 2.76 12.99 10.07
CA PHE B 94 2.08 11.84 9.53
C PHE B 94 1.03 11.33 10.51
N GLY B 95 1.47 10.89 11.69
CA GLY B 95 0.55 10.40 12.70
C GLY B 95 -0.54 11.38 13.16
N TYR B 96 -0.38 12.70 12.92
CA TYR B 96 -1.40 13.74 13.07
C TYR B 96 -2.69 13.44 12.25
N TYR B 97 -2.54 13.13 10.95
CA TYR B 97 -3.67 12.69 10.10
C TYR B 97 -4.22 11.37 10.61
N GLY B 98 -3.31 10.46 10.99
CA GLY B 98 -3.71 9.25 11.72
C GLY B 98 -2.56 8.27 12.00
N PRO B 99 -2.65 7.38 13.00
CA PRO B 99 -1.52 6.59 13.46
C PRO B 99 -0.70 5.87 12.39
N LEU B 100 0.61 6.06 12.50
CA LEU B 100 1.64 5.35 11.76
C LEU B 100 1.79 3.91 12.28
N ARG B 101 2.51 3.09 11.51
CA ARG B 101 2.96 1.73 11.85
C ARG B 101 4.49 1.58 11.74
N SER B 102 5.17 2.42 10.94
CA SER B 102 6.63 2.57 10.92
C SER B 102 7.06 3.89 10.26
N VAL B 103 8.27 4.37 10.57
CA VAL B 103 8.89 5.60 10.04
C VAL B 103 10.40 5.36 9.93
N TRP B 104 11.00 5.70 8.78
CA TRP B 104 12.42 5.49 8.48
C TRP B 104 12.99 6.66 7.67
N VAL B 105 14.24 7.05 7.90
CA VAL B 105 14.92 8.05 7.06
C VAL B 105 16.41 7.69 6.90
N ALA B 106 17.02 8.03 5.76
CA ALA B 106 18.40 7.66 5.43
C ALA B 106 19.46 8.48 6.21
N ARG B 107 20.66 7.90 6.41
CA ARG B 107 21.84 8.61 6.96
C ARG B 107 22.46 9.59 5.96
N ASN B 108 22.54 9.16 4.70
CA ASN B 108 23.05 9.94 3.55
C ASN B 108 22.14 11.16 3.29
N PRO B 109 22.67 12.29 2.75
CA PRO B 109 22.04 13.62 2.62
C PRO B 109 20.60 13.76 3.17
N PRO B 110 20.46 13.91 4.51
CA PRO B 110 19.18 13.85 5.23
C PRO B 110 18.23 15.01 4.93
N GLY B 111 17.44 14.84 3.87
CA GLY B 111 16.30 15.67 3.46
C GLY B 111 15.20 14.86 2.74
N PHE B 112 15.17 13.55 3.01
CA PHE B 112 14.41 12.49 2.34
C PHE B 112 14.13 11.36 3.35
N ALA B 113 13.01 10.65 3.21
CA ALA B 113 12.50 9.69 4.19
C ALA B 113 11.45 8.73 3.57
N PHE B 114 11.07 7.70 4.31
CA PHE B 114 9.93 6.81 3.96
C PHE B 114 9.13 6.38 5.20
N VAL B 115 7.82 6.23 5.05
CA VAL B 115 6.89 5.93 6.16
C VAL B 115 5.83 4.90 5.80
N GLU B 116 5.11 4.44 6.81
CA GLU B 116 4.19 3.31 6.77
C GLU B 116 3.04 3.58 7.75
N PHE B 117 1.78 3.46 7.32
CA PHE B 117 0.60 3.87 8.09
C PHE B 117 -0.32 2.69 8.48
N GLU B 118 -1.06 2.85 9.58
CA GLU B 118 -1.99 1.84 10.11
C GLU B 118 -3.37 1.84 9.41
N ASP B 119 -3.68 2.87 8.61
CA ASP B 119 -4.99 3.09 7.98
C ASP B 119 -4.85 3.76 6.58
N PRO B 120 -5.56 3.29 5.54
CA PRO B 120 -5.36 3.74 4.16
C PRO B 120 -5.92 5.14 3.83
N ARG B 121 -6.98 5.61 4.49
CA ARG B 121 -7.54 6.95 4.26
C ARG B 121 -6.84 8.03 5.10
N ASP B 122 -6.28 7.65 6.25
CA ASP B 122 -5.38 8.53 7.02
C ASP B 122 -4.06 8.71 6.27
N ALA B 123 -3.51 7.62 5.70
CA ALA B 123 -2.37 7.67 4.79
C ALA B 123 -2.66 8.53 3.55
N ALA B 124 -3.84 8.40 2.93
CA ALA B 124 -4.23 9.20 1.77
C ALA B 124 -4.38 10.70 2.10
N ASP B 125 -5.01 11.06 3.23
CA ASP B 125 -5.04 12.47 3.67
C ASP B 125 -3.63 13.03 3.91
N ALA B 126 -2.71 12.21 4.46
CA ALA B 126 -1.33 12.61 4.64
C ALA B 126 -0.64 12.85 3.28
N VAL B 127 -0.67 11.84 2.38
CA VAL B 127 -0.08 11.88 1.04
C VAL B 127 -0.63 13.00 0.13
N ARG B 128 -1.81 13.54 0.44
CA ARG B 128 -2.51 14.60 -0.31
C ARG B 128 -2.42 16.00 0.32
N GLU B 129 -2.21 16.11 1.64
CA GLU B 129 -2.20 17.40 2.36
C GLU B 129 -0.80 17.79 2.88
N LEU B 130 0.11 16.83 3.13
CA LEU B 130 1.53 17.10 3.39
C LEU B 130 2.25 17.59 2.12
N ASP B 131 1.78 17.17 0.94
CA ASP B 131 2.45 17.37 -0.35
C ASP B 131 2.50 18.84 -0.80
N GLY B 132 3.68 19.28 -1.25
CA GLY B 132 3.97 20.63 -1.75
C GLY B 132 3.73 21.76 -0.74
N ARG B 133 3.62 21.44 0.55
CA ARG B 133 3.17 22.31 1.65
C ARG B 133 4.29 23.18 2.25
N THR B 134 5.24 22.50 2.89
CA THR B 134 6.40 22.91 3.72
C THR B 134 6.42 21.98 4.94
N LEU B 135 7.57 21.41 5.29
CA LEU B 135 7.75 20.46 6.41
C LEU B 135 9.27 20.38 6.66
N CYS B 136 9.70 20.44 7.92
CA CYS B 136 11.09 20.60 8.38
C CYS B 136 11.78 21.91 7.89
N GLY B 137 11.54 22.34 6.63
CA GLY B 137 11.92 23.64 6.09
C GLY B 137 12.24 23.69 4.59
N CYS B 138 11.68 22.79 3.76
CA CYS B 138 11.87 22.82 2.29
C CYS B 138 10.59 22.44 1.52
N ARG B 139 10.71 22.38 0.18
CA ARG B 139 9.67 22.12 -0.84
C ARG B 139 9.21 20.65 -0.85
N VAL B 140 8.75 20.18 0.31
CA VAL B 140 8.39 18.80 0.61
C VAL B 140 7.44 18.23 -0.44
N ARG B 141 7.77 17.04 -0.93
CA ARG B 141 7.08 16.33 -2.00
C ARG B 141 6.85 14.91 -1.49
N VAL B 142 5.62 14.45 -1.53
CA VAL B 142 5.18 13.23 -0.82
C VAL B 142 4.35 12.33 -1.76
N GLU B 143 4.58 11.02 -1.79
CA GLU B 143 3.88 10.10 -2.71
C GLU B 143 3.56 8.75 -2.08
N LEU B 144 2.70 7.96 -2.72
CA LEU B 144 2.46 6.54 -2.39
C LEU B 144 3.59 5.72 -3.06
N SER B 145 4.20 4.77 -2.33
CA SER B 145 5.43 4.11 -2.78
C SER B 145 5.34 3.38 -4.13
N ASN B 146 6.49 3.23 -4.79
CA ASN B 146 6.67 2.42 -6.00
C ASN B 146 7.47 1.12 -5.73
N GLY B 147 7.89 0.88 -4.48
CA GLY B 147 8.75 -0.25 -4.09
C GLY B 147 8.02 -1.42 -3.43
N GLU B 148 6.75 -1.26 -3.05
CA GLU B 148 5.96 -2.26 -2.30
C GLU B 148 4.45 -2.16 -2.58
N LYS B 149 3.73 -3.30 -2.53
CA LYS B 149 2.25 -3.41 -2.57
C LYS B 149 1.73 -4.53 -1.68
N ARG B 150 0.46 -4.43 -1.24
CA ARG B 150 -0.20 -5.32 -0.26
C ARG B 150 -1.67 -5.55 -0.62
N MET B 1 -47.67 -22.68 8.12
CA MET B 1 -47.30 -21.25 8.23
C MET B 1 -45.80 -21.10 8.04
N GLN B 2 -45.31 -19.91 7.66
CA GLN B 2 -43.86 -19.65 7.55
C GLN B 2 -43.31 -19.11 8.88
N TYR B 3 -42.13 -19.60 9.29
CA TYR B 3 -41.43 -19.29 10.54
C TYR B 3 -40.03 -18.77 10.21
N LYS B 4 -39.43 -17.96 11.09
CA LYS B 4 -38.08 -17.38 10.90
C LYS B 4 -37.03 -18.08 11.76
N LEU B 5 -35.75 -17.94 11.42
CA LEU B 5 -34.59 -18.44 12.15
C LEU B 5 -33.40 -17.49 12.00
N ILE B 6 -32.70 -17.19 13.10
CA ILE B 6 -31.43 -16.43 13.16
C ILE B 6 -30.29 -17.34 13.64
N LEU B 7 -29.33 -17.63 12.76
CA LEU B 7 -28.05 -18.29 13.05
C LEU B 7 -27.04 -17.27 13.57
N ASN B 8 -27.19 -16.78 14.80
CA ASN B 8 -26.21 -15.92 15.50
C ASN B 8 -24.83 -16.59 15.76
N GLY B 9 -24.10 -17.01 14.72
CA GLY B 9 -22.74 -17.59 14.82
C GLY B 9 -21.62 -16.55 14.62
N LYS B 10 -20.56 -16.63 15.41
CA LYS B 10 -19.50 -15.62 15.58
C LYS B 10 -18.99 -14.92 14.30
N THR B 11 -18.53 -15.69 13.32
CA THR B 11 -17.81 -15.17 12.13
C THR B 11 -18.59 -15.35 10.82
N LEU B 12 -19.80 -15.93 10.90
CA LEU B 12 -20.59 -16.40 9.74
C LEU B 12 -22.09 -16.09 9.78
N LYS B 13 -22.59 -15.47 10.88
CA LYS B 13 -24.02 -15.30 11.18
C LYS B 13 -24.95 -15.01 10.01
N GLY B 14 -26.17 -15.50 10.15
CA GLY B 14 -27.26 -15.13 9.26
C GLY B 14 -28.68 -15.45 9.72
N GLU B 15 -29.65 -15.38 8.81
CA GLU B 15 -31.07 -15.66 9.06
C GLU B 15 -31.80 -16.12 7.78
N THR B 16 -32.90 -16.85 7.97
CA THR B 16 -33.76 -17.39 6.91
C THR B 16 -35.15 -17.66 7.48
N THR B 17 -36.02 -18.28 6.68
CA THR B 17 -37.36 -18.71 7.08
C THR B 17 -37.68 -20.10 6.48
N THR B 18 -38.80 -20.71 6.87
CA THR B 18 -39.27 -22.00 6.35
C THR B 18 -40.77 -22.16 6.53
N GLU B 19 -41.43 -22.89 5.64
CA GLU B 19 -42.82 -23.30 5.83
C GLU B 19 -42.85 -24.52 6.78
N ALA B 20 -43.42 -24.37 7.97
CA ALA B 20 -43.59 -25.40 8.99
C ALA B 20 -45.01 -25.46 9.56
N VAL B 21 -45.28 -26.42 10.46
CA VAL B 21 -46.54 -26.49 11.21
C VAL B 21 -46.50 -25.65 12.50
N ASP B 22 -45.34 -25.63 13.16
CA ASP B 22 -44.91 -24.84 14.34
C ASP B 22 -43.51 -25.35 14.73
N ALA B 23 -43.05 -25.18 15.97
CA ALA B 23 -41.84 -25.83 16.48
C ALA B 23 -41.81 -27.36 16.26
N ALA B 24 -42.96 -28.01 16.06
CA ALA B 24 -43.10 -29.43 15.74
C ALA B 24 -42.57 -29.79 14.33
N THR B 25 -42.19 -28.79 13.53
CA THR B 25 -41.59 -28.94 12.19
C THR B 25 -40.44 -27.94 11.95
N ALA B 26 -40.51 -26.73 12.51
CA ALA B 26 -39.44 -25.72 12.45
C ALA B 26 -38.21 -26.19 13.25
N GLU B 27 -38.39 -26.91 14.37
CA GLU B 27 -37.28 -27.44 15.18
C GLU B 27 -36.59 -28.69 14.59
N LYS B 28 -36.97 -29.14 13.38
CA LYS B 28 -36.32 -30.24 12.67
C LYS B 28 -36.02 -29.89 11.22
N VAL B 29 -36.02 -28.59 10.86
CA VAL B 29 -35.75 -28.11 9.50
C VAL B 29 -34.64 -27.07 9.47
N PHE B 30 -34.64 -26.16 10.43
CA PHE B 30 -33.54 -25.23 10.66
C PHE B 30 -32.26 -25.95 11.07
N LYS B 31 -32.36 -27.11 11.70
CA LYS B 31 -31.24 -28.00 12.05
C LYS B 31 -30.39 -28.39 10.82
N GLN B 32 -31.00 -28.49 9.64
CA GLN B 32 -30.28 -28.78 8.38
C GLN B 32 -29.55 -27.53 7.86
N TYR B 33 -30.27 -26.42 7.74
CA TYR B 33 -29.75 -25.13 7.27
C TYR B 33 -28.62 -24.61 8.17
N ALA B 34 -28.78 -24.72 9.48
CA ALA B 34 -27.80 -24.30 10.46
C ALA B 34 -26.46 -25.00 10.28
N ASN B 35 -26.50 -26.33 10.17
CA ASN B 35 -25.31 -27.14 9.96
C ASN B 35 -24.71 -26.98 8.54
N ASP B 36 -25.48 -26.47 7.57
CA ASP B 36 -24.98 -26.15 6.22
C ASP B 36 -24.26 -24.79 6.15
N ASN B 37 -24.65 -23.83 6.99
CA ASN B 37 -23.87 -22.60 7.17
C ASN B 37 -22.68 -22.91 8.09
N GLY B 38 -22.96 -23.66 9.17
CA GLY B 38 -22.06 -24.27 10.11
C GLY B 38 -22.23 -23.85 11.58
N VAL B 39 -23.36 -23.20 11.90
CA VAL B 39 -23.78 -22.84 13.27
C VAL B 39 -24.55 -23.97 13.92
N ASP B 40 -24.42 -24.07 15.25
CA ASP B 40 -25.27 -24.94 16.08
C ASP B 40 -25.17 -24.58 17.59
N GLY B 41 -25.50 -23.33 17.91
CA GLY B 41 -25.50 -22.73 19.26
C GLY B 41 -26.80 -22.93 20.09
N GLU B 42 -27.20 -21.90 20.85
CA GLU B 42 -28.37 -21.89 21.75
C GLU B 42 -29.72 -21.91 20.99
N TRP B 43 -30.26 -23.10 20.67
CA TRP B 43 -31.53 -23.21 19.96
C TRP B 43 -32.67 -22.62 20.78
N THR B 44 -33.21 -21.51 20.27
CA THR B 44 -34.19 -20.64 20.91
C THR B 44 -35.40 -20.43 20.01
N TYR B 45 -36.50 -19.96 20.60
CA TYR B 45 -37.74 -19.64 19.88
C TYR B 45 -38.49 -18.46 20.54
N ASP B 46 -39.49 -17.93 19.84
CA ASP B 46 -40.32 -16.78 20.20
C ASP B 46 -41.75 -17.08 19.75
N ASP B 47 -42.76 -16.96 20.62
CA ASP B 47 -44.15 -17.27 20.29
C ASP B 47 -45.06 -16.04 20.09
N ALA B 48 -44.47 -14.85 20.17
CA ALA B 48 -45.09 -13.59 19.81
C ALA B 48 -44.78 -13.25 18.33
N THR B 49 -43.64 -13.70 17.82
CA THR B 49 -43.15 -13.36 16.46
C THR B 49 -42.84 -14.58 15.60
N LYS B 50 -42.84 -15.76 16.23
CA LYS B 50 -42.61 -17.07 15.59
C LYS B 50 -41.21 -17.17 14.93
N THR B 51 -40.21 -16.65 15.65
CA THR B 51 -38.81 -16.52 15.19
C THR B 51 -37.85 -17.35 16.06
N PHE B 52 -37.29 -18.40 15.49
CA PHE B 52 -36.19 -19.16 16.08
C PHE B 52 -34.90 -18.32 16.12
N THR B 53 -33.96 -18.70 16.98
CA THR B 53 -32.61 -18.15 17.04
C THR B 53 -31.65 -19.29 17.46
N VAL B 54 -30.35 -19.13 17.16
CA VAL B 54 -29.31 -20.09 17.54
C VAL B 54 -27.94 -19.39 17.69
N THR B 55 -27.77 -18.71 18.83
CA THR B 55 -26.57 -17.96 19.20
C THR B 55 -25.42 -18.89 19.60
N GLU B 56 -24.35 -18.93 18.79
CA GLU B 56 -23.16 -19.75 19.06
C GLU B 56 -22.26 -19.16 20.16
N GLY B 57 -21.99 -17.84 20.09
CA GLY B 57 -21.12 -17.07 21.01
C GLY B 57 -19.61 -17.40 21.02
N SER B 58 -19.23 -18.63 20.63
CA SER B 58 -17.87 -19.18 20.76
C SER B 58 -16.79 -18.50 19.87
N HIS B 59 -15.55 -18.97 19.95
CA HIS B 59 -14.46 -18.59 19.03
C HIS B 59 -14.76 -18.90 17.54
N HIS B 60 -15.59 -19.92 17.26
CA HIS B 60 -15.83 -20.54 15.95
C HIS B 60 -14.55 -21.15 15.32
N HIS B 61 -14.68 -21.82 14.17
CA HIS B 61 -13.55 -22.45 13.45
C HIS B 61 -13.58 -22.30 11.92
N HIS B 62 -14.65 -22.73 11.24
CA HIS B 62 -14.87 -22.87 9.77
C HIS B 62 -13.70 -23.30 8.84
N HIS B 63 -12.52 -23.66 9.36
CA HIS B 63 -11.30 -24.10 8.67
C HIS B 63 -10.68 -23.13 7.65
N HIS B 64 -11.37 -22.08 7.20
CA HIS B 64 -10.92 -21.18 6.12
C HIS B 64 -10.71 -19.72 6.55
N MET B 65 -9.88 -19.02 5.78
CA MET B 65 -9.35 -17.67 6.07
C MET B 65 -9.22 -16.83 4.78
N HIS B 66 -10.09 -17.09 3.81
CA HIS B 66 -10.04 -16.56 2.43
C HIS B 66 -10.66 -15.15 2.26
N ARG B 67 -11.16 -14.53 3.35
CA ARG B 67 -11.96 -13.28 3.33
C ARG B 67 -11.71 -12.43 4.59
N ASP B 68 -10.44 -12.36 5.03
CA ASP B 68 -10.01 -11.82 6.33
C ASP B 68 -8.98 -10.68 6.24
N SER B 69 -8.84 -10.03 5.08
CA SER B 69 -7.99 -8.85 4.84
C SER B 69 -8.58 -7.94 3.75
N CYS B 70 -8.15 -6.67 3.74
CA CYS B 70 -8.66 -5.62 2.84
C CYS B 70 -7.63 -4.50 2.53
N PRO B 71 -6.90 -3.90 3.51
CA PRO B 71 -5.89 -2.87 3.22
C PRO B 71 -4.65 -3.49 2.53
N LEU B 72 -4.61 -3.37 1.20
CA LEU B 72 -3.60 -3.98 0.31
C LEU B 72 -2.16 -3.55 0.69
N ASP B 73 -1.95 -2.24 0.82
CA ASP B 73 -0.71 -1.61 1.32
C ASP B 73 -0.98 -0.18 1.82
N CYS B 74 0.00 0.45 2.47
CA CYS B 74 -0.09 1.76 3.12
C CYS B 74 1.28 2.46 3.32
N LYS B 75 2.33 2.01 2.61
CA LYS B 75 3.65 2.66 2.53
C LYS B 75 3.58 3.99 1.78
N VAL B 76 4.31 5.00 2.25
CA VAL B 76 4.38 6.34 1.62
C VAL B 76 5.81 6.89 1.66
N TYR B 77 6.18 7.51 0.56
CA TYR B 77 7.42 8.23 0.31
C TYR B 77 7.35 9.64 0.87
N VAL B 78 8.46 10.21 1.30
CA VAL B 78 8.51 11.62 1.69
C VAL B 78 9.87 12.28 1.46
N GLY B 79 9.81 13.58 1.23
CA GLY B 79 10.95 14.50 1.21
C GLY B 79 10.63 15.82 1.92
N ASN B 80 11.68 16.52 2.36
CA ASN B 80 11.62 17.66 3.27
C ASN B 80 12.86 18.56 3.19
N LEU B 81 12.75 19.81 3.67
CA LEU B 81 13.70 20.94 3.63
C LEU B 81 14.61 21.07 2.38
N GLY B 82 15.56 20.15 2.22
CA GLY B 82 16.62 20.15 1.22
C GLY B 82 17.68 19.08 1.52
N ASN B 83 18.03 18.88 2.79
CA ASN B 83 19.07 17.92 3.20
C ASN B 83 18.93 17.31 4.62
N ASN B 84 17.90 17.63 5.41
CA ASN B 84 17.73 17.08 6.78
C ASN B 84 17.17 15.64 6.81
N GLY B 85 17.31 14.95 7.94
CA GLY B 85 16.95 13.53 8.08
C GLY B 85 16.81 13.10 9.54
N ASN B 86 15.74 13.59 10.17
CA ASN B 86 15.27 13.18 11.50
C ASN B 86 13.74 13.07 11.47
N LYS B 87 13.20 11.99 12.06
CA LYS B 87 11.78 11.65 11.98
C LYS B 87 10.82 12.56 12.76
N THR B 88 11.28 13.34 13.74
CA THR B 88 10.44 14.10 14.70
C THR B 88 9.23 14.81 14.07
N GLU B 89 9.49 15.76 13.17
CA GLU B 89 8.43 16.58 12.57
C GLU B 89 7.54 15.70 11.71
N LEU B 90 8.13 14.98 10.75
CA LEU B 90 7.33 14.23 9.78
C LEU B 90 6.51 13.12 10.44
N GLU B 91 7.02 12.50 11.50
CA GLU B 91 6.36 11.44 12.27
C GLU B 91 5.10 11.96 12.96
N ARG B 92 5.17 13.12 13.67
CA ARG B 92 3.93 13.71 14.20
C ARG B 92 3.04 14.27 13.09
N ALA B 93 3.62 14.79 12.00
CA ALA B 93 2.88 15.34 10.86
C ALA B 93 2.01 14.28 10.18
N PHE B 94 2.57 13.08 10.03
CA PHE B 94 1.88 11.90 9.54
C PHE B 94 0.87 11.38 10.54
N GLY B 95 1.35 10.94 11.71
CA GLY B 95 0.48 10.35 12.71
C GLY B 95 -0.69 11.24 13.20
N TYR B 96 -0.61 12.57 12.97
CA TYR B 96 -1.71 13.54 13.11
C TYR B 96 -2.95 13.17 12.28
N TYR B 97 -2.79 12.86 10.98
CA TYR B 97 -3.89 12.38 10.11
C TYR B 97 -4.38 11.03 10.61
N GLY B 98 -3.43 10.16 10.97
CA GLY B 98 -3.77 8.91 11.67
C GLY B 98 -2.55 8.03 12.00
N PRO B 99 -2.63 7.07 12.93
CA PRO B 99 -1.44 6.38 13.45
C PRO B 99 -0.59 5.68 12.39
N LEU B 100 0.72 5.81 12.58
CA LEU B 100 1.77 5.17 11.79
C LEU B 100 2.08 3.76 12.31
N ARG B 101 2.51 2.86 11.41
CA ARG B 101 3.07 1.54 11.74
C ARG B 101 4.60 1.55 11.77
N SER B 102 5.24 2.36 10.92
CA SER B 102 6.70 2.61 10.91
C SER B 102 7.05 3.95 10.25
N VAL B 103 8.20 4.52 10.63
CA VAL B 103 8.80 5.73 10.05
C VAL B 103 10.33 5.53 9.95
N TRP B 104 10.91 5.94 8.82
CA TRP B 104 12.32 5.79 8.47
C TRP B 104 12.83 7.02 7.74
N VAL B 105 14.10 7.34 7.91
CA VAL B 105 14.82 8.41 7.20
C VAL B 105 16.26 7.95 6.93
N ALA B 106 16.89 8.44 5.87
CA ALA B 106 18.21 7.93 5.47
C ALA B 106 19.33 8.36 6.42
N ARG B 107 20.28 7.43 6.62
CA ARG B 107 21.45 7.46 7.55
C ARG B 107 22.42 8.65 7.43
N ASN B 108 22.30 9.48 6.39
CA ASN B 108 23.19 10.60 6.09
C ASN B 108 22.45 11.69 5.27
N PRO B 109 22.70 13.00 5.50
CA PRO B 109 21.96 14.17 5.01
C PRO B 109 21.19 14.04 3.68
N PRO B 110 19.89 13.64 3.72
CA PRO B 110 19.13 13.31 2.52
C PRO B 110 18.07 14.35 2.10
N GLY B 111 17.38 14.98 3.06
CA GLY B 111 16.18 15.80 2.81
C GLY B 111 15.03 14.93 2.29
N PHE B 112 15.02 13.66 2.71
CA PHE B 112 14.22 12.57 2.16
C PHE B 112 14.05 11.45 3.20
N ALA B 113 13.00 10.64 3.05
CA ALA B 113 12.52 9.70 4.06
C ALA B 113 11.49 8.69 3.49
N PHE B 114 11.10 7.71 4.31
CA PHE B 114 10.00 6.76 3.96
C PHE B 114 9.21 6.29 5.19
N VAL B 115 7.91 6.02 5.02
CA VAL B 115 6.99 5.64 6.13
C VAL B 115 5.98 4.58 5.72
N GLU B 116 5.22 4.06 6.70
CA GLU B 116 4.06 3.20 6.50
C GLU B 116 3.01 3.51 7.58
N PHE B 117 1.80 3.86 7.16
CA PHE B 117 0.67 4.07 8.07
C PHE B 117 0.04 2.75 8.56
N GLU B 118 -0.79 2.80 9.61
CA GLU B 118 -1.58 1.64 10.03
C GLU B 118 -2.73 1.31 9.05
N ASP B 119 -3.09 2.23 8.14
CA ASP B 119 -4.10 2.00 7.10
C ASP B 119 -3.95 2.93 5.87
N PRO B 120 -4.49 2.52 4.69
CA PRO B 120 -4.40 3.28 3.45
C PRO B 120 -5.17 4.60 3.46
N ARG B 121 -6.28 4.73 4.21
CA ARG B 121 -6.99 6.01 4.36
C ARG B 121 -6.10 7.06 5.02
N ASP B 122 -5.37 6.69 6.08
CA ASP B 122 -4.46 7.60 6.76
C ASP B 122 -3.27 8.00 5.88
N ALA B 123 -2.66 7.04 5.16
CA ALA B 123 -1.65 7.33 4.15
C ALA B 123 -2.18 8.21 3.00
N ALA B 124 -3.40 7.97 2.51
CA ALA B 124 -4.02 8.76 1.45
C ALA B 124 -4.30 10.21 1.89
N ASP B 125 -4.74 10.42 3.12
CA ASP B 125 -5.00 11.75 3.70
C ASP B 125 -3.69 12.57 3.88
N ALA B 126 -2.65 11.88 4.32
CA ALA B 126 -1.29 12.39 4.37
C ALA B 126 -0.79 12.77 2.96
N VAL B 127 -0.80 11.84 2.00
CA VAL B 127 -0.47 12.07 0.58
C VAL B 127 -1.35 13.15 -0.08
N ARG B 128 -2.59 13.35 0.41
CA ARG B 128 -3.56 14.33 -0.12
C ARG B 128 -3.09 15.75 0.14
N GLU B 129 -2.54 16.04 1.32
CA GLU B 129 -2.15 17.44 1.63
C GLU B 129 -0.73 17.71 2.18
N LEU B 130 0.03 16.73 2.66
CA LEU B 130 1.42 16.94 3.09
C LEU B 130 2.38 17.29 1.93
N ASP B 131 2.10 16.83 0.71
CA ASP B 131 2.97 16.98 -0.46
C ASP B 131 3.28 18.45 -0.84
N GLY B 132 4.56 18.76 -1.12
CA GLY B 132 5.03 20.02 -1.72
C GLY B 132 4.91 21.33 -0.91
N ARG B 133 4.03 21.40 0.10
CA ARG B 133 3.63 22.65 0.78
C ARG B 133 4.71 23.40 1.57
N THR B 134 5.39 22.73 2.49
CA THR B 134 6.36 23.17 3.53
C THR B 134 6.25 22.26 4.75
N LEU B 135 7.39 21.72 5.19
CA LEU B 135 7.59 20.80 6.32
C LEU B 135 9.11 20.79 6.50
N CYS B 136 9.60 20.82 7.74
CA CYS B 136 11.00 21.07 8.13
C CYS B 136 11.44 22.52 7.81
N GLY B 137 10.85 23.17 6.81
CA GLY B 137 10.98 24.61 6.52
C GLY B 137 10.96 25.06 5.07
N CYS B 138 10.98 24.14 4.08
CA CYS B 138 11.19 24.48 2.67
C CYS B 138 10.61 23.38 1.74
N ARG B 139 11.32 22.97 0.68
CA ARG B 139 10.97 21.94 -0.29
C ARG B 139 10.48 20.65 0.40
N VAL B 140 9.23 20.28 0.17
CA VAL B 140 8.66 18.98 0.58
C VAL B 140 8.23 18.16 -0.63
N ARG B 141 8.05 16.87 -0.39
CA ARG B 141 7.44 15.88 -1.28
C ARG B 141 6.77 14.83 -0.40
N VAL B 142 5.62 14.31 -0.79
CA VAL B 142 5.01 13.13 -0.14
C VAL B 142 4.21 12.39 -1.21
N GLU B 143 4.38 11.08 -1.38
CA GLU B 143 3.58 10.30 -2.34
C GLU B 143 3.38 8.86 -1.84
N LEU B 144 2.37 8.12 -2.32
CA LEU B 144 2.25 6.70 -1.95
C LEU B 144 3.40 5.90 -2.59
N SER B 145 4.01 4.98 -1.85
CA SER B 145 5.23 4.28 -2.30
C SER B 145 4.98 3.42 -3.54
N ASN B 146 5.64 3.81 -4.64
CA ASN B 146 5.45 3.32 -6.01
C ASN B 146 6.81 3.15 -6.73
N GLY B 147 7.89 2.94 -5.98
CA GLY B 147 9.24 2.66 -6.51
C GLY B 147 10.05 1.74 -5.58
N GLU B 148 11.00 1.03 -6.16
CA GLU B 148 11.96 0.13 -5.49
C GLU B 148 13.10 -0.24 -6.47
N LYS B 149 14.21 -0.82 -5.98
CA LYS B 149 15.35 -1.27 -6.80
C LYS B 149 16.05 -2.51 -6.25
N ARG B 150 16.88 -3.15 -7.07
CA ARG B 150 17.65 -4.38 -6.77
C ARG B 150 18.85 -4.56 -7.72
N MET B 1 -23.11 -17.86 -28.67
CA MET B 1 -21.81 -18.56 -28.48
C MET B 1 -21.53 -18.71 -26.98
N GLN B 2 -20.67 -19.64 -26.57
CA GLN B 2 -20.25 -19.73 -25.16
C GLN B 2 -19.00 -18.87 -24.89
N TYR B 3 -18.99 -18.22 -23.73
CA TYR B 3 -17.97 -17.29 -23.24
C TYR B 3 -17.50 -17.78 -21.87
N LYS B 4 -16.27 -17.44 -21.47
CA LYS B 4 -15.66 -17.87 -20.19
C LYS B 4 -15.59 -16.71 -19.20
N LEU B 5 -15.44 -17.00 -17.91
CA LEU B 5 -15.19 -16.06 -16.82
C LEU B 5 -14.23 -16.64 -15.81
N ILE B 6 -13.30 -15.83 -15.31
CA ILE B 6 -12.42 -16.09 -14.17
C ILE B 6 -12.81 -15.12 -13.05
N LEU B 7 -12.78 -15.59 -11.81
CA LEU B 7 -13.04 -14.87 -10.56
C LEU B 7 -11.77 -14.87 -9.70
N ASN B 8 -10.69 -14.27 -10.19
CA ASN B 8 -9.44 -14.10 -9.46
C ASN B 8 -9.60 -13.37 -8.10
N GLY B 9 -9.82 -14.10 -7.00
CA GLY B 9 -9.78 -13.57 -5.64
C GLY B 9 -8.74 -14.25 -4.74
N LYS B 10 -8.59 -13.78 -3.50
CA LYS B 10 -7.48 -14.21 -2.61
C LYS B 10 -7.39 -15.71 -2.33
N THR B 11 -8.51 -16.32 -1.95
CA THR B 11 -8.55 -17.74 -1.51
C THR B 11 -9.70 -18.53 -2.16
N LEU B 12 -10.79 -17.85 -2.54
CA LEU B 12 -12.02 -18.44 -3.09
C LEU B 12 -12.05 -18.63 -4.61
N LYS B 13 -11.02 -18.13 -5.31
CA LYS B 13 -10.96 -18.00 -6.77
C LYS B 13 -11.49 -19.18 -7.57
N GLY B 14 -12.04 -18.85 -8.74
CA GLY B 14 -12.41 -19.87 -9.72
C GLY B 14 -12.77 -19.39 -11.12
N GLU B 15 -13.41 -20.24 -11.91
CA GLU B 15 -13.80 -19.97 -13.31
C GLU B 15 -15.02 -20.79 -13.76
N THR B 16 -15.71 -20.30 -14.79
CA THR B 16 -16.95 -20.85 -15.36
C THR B 16 -17.14 -20.35 -16.79
N THR B 17 -18.28 -20.67 -17.41
CA THR B 17 -18.69 -20.22 -18.75
C THR B 17 -20.20 -19.95 -18.81
N THR B 18 -20.68 -19.38 -19.92
CA THR B 18 -22.12 -19.22 -20.19
C THR B 18 -22.38 -19.08 -21.68
N GLU B 19 -23.54 -19.52 -22.15
CA GLU B 19 -24.02 -19.25 -23.51
C GLU B 19 -24.58 -17.81 -23.56
N ALA B 20 -23.93 -16.92 -24.31
CA ALA B 20 -24.28 -15.50 -24.45
C ALA B 20 -24.29 -15.04 -25.93
N VAL B 21 -24.70 -13.78 -26.16
CA VAL B 21 -24.55 -13.13 -27.48
C VAL B 21 -23.16 -12.52 -27.67
N ASP B 22 -22.62 -11.94 -26.59
CA ASP B 22 -21.27 -11.38 -26.37
C ASP B 22 -21.29 -10.72 -24.96
N ALA B 23 -20.43 -9.74 -24.66
CA ALA B 23 -20.51 -8.92 -23.45
C ALA B 23 -21.90 -8.29 -23.21
N ALA B 24 -22.73 -8.15 -24.26
CA ALA B 24 -24.11 -7.70 -24.19
C ALA B 24 -25.06 -8.68 -23.46
N THR B 25 -24.55 -9.87 -23.10
CA THR B 25 -25.24 -10.90 -22.31
C THR B 25 -24.31 -11.53 -21.27
N ALA B 26 -23.02 -11.75 -21.57
CA ALA B 26 -22.02 -12.28 -20.65
C ALA B 26 -21.75 -11.31 -19.49
N GLU B 27 -21.66 -10.00 -19.78
CA GLU B 27 -21.40 -8.97 -18.76
C GLU B 27 -22.65 -8.61 -17.90
N LYS B 28 -23.76 -9.32 -18.06
CA LYS B 28 -24.95 -9.26 -17.19
C LYS B 28 -25.38 -10.65 -16.72
N VAL B 29 -24.52 -11.65 -16.87
CA VAL B 29 -24.70 -13.02 -16.36
C VAL B 29 -23.64 -13.32 -15.30
N PHE B 30 -22.37 -13.08 -15.64
CA PHE B 30 -21.25 -13.32 -14.74
C PHE B 30 -21.30 -12.47 -13.48
N LYS B 31 -21.94 -11.30 -13.52
CA LYS B 31 -22.14 -10.41 -12.36
C LYS B 31 -22.91 -11.08 -11.22
N GLN B 32 -23.77 -12.05 -11.54
CA GLN B 32 -24.53 -12.82 -10.55
C GLN B 32 -23.65 -13.95 -9.99
N TYR B 33 -23.07 -14.78 -10.86
CA TYR B 33 -22.22 -15.91 -10.49
C TYR B 33 -21.01 -15.47 -9.65
N ALA B 34 -20.38 -14.36 -10.02
CA ALA B 34 -19.29 -13.77 -9.28
C ALA B 34 -19.68 -13.47 -7.83
N ASN B 35 -20.78 -12.74 -7.65
CA ASN B 35 -21.34 -12.42 -6.34
C ASN B 35 -21.87 -13.66 -5.59
N ASP B 36 -22.20 -14.76 -6.28
CA ASP B 36 -22.60 -16.02 -5.63
C ASP B 36 -21.41 -16.80 -5.07
N ASN B 37 -20.23 -16.69 -5.69
CA ASN B 37 -18.98 -17.20 -5.10
C ASN B 37 -18.48 -16.19 -4.05
N GLY B 38 -18.64 -14.91 -4.36
CA GLY B 38 -18.45 -13.74 -3.53
C GLY B 38 -17.37 -12.77 -4.03
N VAL B 39 -16.78 -13.03 -5.20
CA VAL B 39 -15.87 -12.07 -5.87
C VAL B 39 -16.66 -10.97 -6.55
N ASP B 40 -16.12 -9.76 -6.53
CA ASP B 40 -16.62 -8.65 -7.36
C ASP B 40 -15.59 -7.52 -7.49
N GLY B 41 -14.38 -7.87 -7.94
CA GLY B 41 -13.28 -6.94 -8.24
C GLY B 41 -13.44 -6.12 -9.53
N GLU B 42 -12.33 -5.61 -10.08
CA GLU B 42 -12.31 -4.98 -11.41
C GLU B 42 -12.64 -6.03 -12.48
N TRP B 43 -13.59 -5.71 -13.36
CA TRP B 43 -13.99 -6.58 -14.48
C TRP B 43 -13.15 -6.29 -15.73
N THR B 44 -12.79 -7.36 -16.41
CA THR B 44 -11.95 -7.43 -17.60
C THR B 44 -12.55 -8.46 -18.56
N TYR B 45 -12.22 -8.34 -19.85
CA TYR B 45 -12.72 -9.18 -20.94
C TYR B 45 -11.70 -9.20 -22.09
N ASP B 46 -11.84 -10.14 -23.03
CA ASP B 46 -10.94 -10.30 -24.18
C ASP B 46 -11.71 -10.67 -25.48
N ASP B 47 -11.04 -10.65 -26.63
CA ASP B 47 -11.61 -11.00 -27.95
C ASP B 47 -10.75 -11.97 -28.78
N ALA B 48 -9.56 -12.33 -28.30
CA ALA B 48 -8.77 -13.41 -28.87
C ALA B 48 -9.25 -14.77 -28.31
N THR B 49 -9.81 -14.72 -27.09
CA THR B 49 -10.17 -15.89 -26.28
C THR B 49 -11.57 -15.81 -25.69
N LYS B 50 -12.18 -14.63 -25.77
CA LYS B 50 -13.56 -14.35 -25.34
C LYS B 50 -13.81 -14.73 -23.86
N THR B 51 -12.81 -14.45 -23.03
CA THR B 51 -12.73 -14.85 -21.63
C THR B 51 -12.73 -13.61 -20.73
N PHE B 52 -13.79 -13.48 -19.93
CA PHE B 52 -13.88 -12.52 -18.85
C PHE B 52 -12.91 -12.85 -17.71
N THR B 53 -12.57 -11.85 -16.91
CA THR B 53 -11.79 -12.01 -15.68
C THR B 53 -12.21 -10.90 -14.74
N VAL B 54 -12.55 -11.24 -13.50
CA VAL B 54 -12.77 -10.27 -12.43
C VAL B 54 -11.69 -10.46 -11.36
N THR B 55 -11.07 -9.36 -10.91
CA THR B 55 -9.86 -9.39 -10.07
C THR B 55 -10.09 -8.70 -8.72
N GLU B 56 -10.43 -9.48 -7.68
CA GLU B 56 -10.89 -9.02 -6.37
C GLU B 56 -9.97 -8.00 -5.68
N GLY B 57 -8.65 -8.15 -5.84
CA GLY B 57 -7.64 -7.28 -5.23
C GLY B 57 -7.56 -5.86 -5.81
N SER B 58 -8.39 -5.53 -6.80
CA SER B 58 -8.38 -4.26 -7.52
C SER B 58 -9.80 -3.81 -7.90
N HIS B 59 -9.95 -2.52 -8.17
CA HIS B 59 -11.12 -1.82 -8.72
C HIS B 59 -10.68 -0.82 -9.83
N HIS B 60 -9.48 -0.99 -10.38
CA HIS B 60 -8.81 -0.21 -11.45
C HIS B 60 -8.43 1.25 -11.13
N HIS B 61 -9.19 1.96 -10.30
CA HIS B 61 -9.08 3.41 -10.03
C HIS B 61 -7.91 3.83 -9.10
N HIS B 62 -6.78 3.12 -9.14
CA HIS B 62 -5.69 3.24 -8.18
C HIS B 62 -4.57 4.24 -8.56
N HIS B 63 -4.67 4.87 -9.75
CA HIS B 63 -3.80 5.96 -10.22
C HIS B 63 -2.28 5.65 -10.08
N HIS B 64 -1.92 4.38 -10.30
CA HIS B 64 -0.57 3.83 -10.14
C HIS B 64 0.52 4.45 -11.05
N MET B 65 1.77 4.13 -10.75
CA MET B 65 2.94 4.42 -11.61
C MET B 65 3.93 3.23 -11.58
N HIS B 66 3.37 2.02 -11.56
CA HIS B 66 4.06 0.73 -11.69
C HIS B 66 3.04 -0.37 -12.10
N ARG B 67 3.52 -1.60 -12.29
CA ARG B 67 2.78 -2.86 -12.56
C ARG B 67 1.92 -3.33 -11.35
N ASP B 68 1.32 -2.42 -10.58
CA ASP B 68 0.67 -2.72 -9.29
C ASP B 68 -0.84 -2.48 -9.28
N SER B 69 -1.56 -3.28 -8.48
CA SER B 69 -3.03 -3.25 -8.38
C SER B 69 -3.49 -3.68 -6.97
N CYS B 70 -3.81 -2.68 -6.15
CA CYS B 70 -4.28 -2.81 -4.76
C CYS B 70 -5.26 -1.64 -4.46
N PRO B 71 -6.21 -1.77 -3.49
CA PRO B 71 -7.28 -0.77 -3.28
C PRO B 71 -6.71 0.64 -3.04
N LEU B 72 -5.66 0.71 -2.23
CA LEU B 72 -4.76 1.84 -2.00
C LEU B 72 -3.49 1.27 -1.36
N ASP B 73 -2.32 1.82 -1.70
CA ASP B 73 -1.08 1.43 -1.00
C ASP B 73 -1.05 2.01 0.44
N CYS B 74 -0.26 1.40 1.30
CA CYS B 74 -0.12 1.77 2.72
C CYS B 74 1.25 2.38 3.04
N LYS B 75 2.23 2.20 2.15
CA LYS B 75 3.53 2.88 2.17
C LYS B 75 3.44 4.27 1.54
N VAL B 76 4.36 5.13 1.95
CA VAL B 76 4.44 6.55 1.60
C VAL B 76 5.91 6.90 1.37
N TYR B 77 6.19 7.50 0.23
CA TYR B 77 7.47 8.10 -0.07
C TYR B 77 7.57 9.47 0.62
N VAL B 78 8.76 9.88 1.05
CA VAL B 78 8.94 11.26 1.50
C VAL B 78 10.35 11.77 1.25
N GLY B 79 10.48 13.08 1.00
CA GLY B 79 11.78 13.76 0.96
C GLY B 79 11.74 15.01 1.86
N ASN B 80 12.25 14.85 3.08
CA ASN B 80 12.15 15.77 4.21
C ASN B 80 13.07 17.01 4.10
N LEU B 81 12.50 18.21 4.28
CA LEU B 81 13.12 19.56 4.25
C LEU B 81 13.82 19.91 2.93
N GLY B 82 14.81 19.10 2.56
CA GLY B 82 15.68 19.19 1.39
C GLY B 82 17.01 18.48 1.67
N ASN B 83 17.59 18.73 2.86
CA ASN B 83 18.93 18.28 3.26
C ASN B 83 19.02 17.80 4.75
N ASN B 84 17.98 17.15 5.30
CA ASN B 84 18.09 16.51 6.62
C ASN B 84 17.17 15.28 6.80
N GLY B 85 17.75 14.11 7.12
CA GLY B 85 17.03 12.88 7.45
C GLY B 85 16.95 12.67 8.96
N ASN B 86 16.02 13.38 9.63
CA ASN B 86 15.94 13.47 11.10
C ASN B 86 14.65 12.90 11.75
N LYS B 87 13.68 12.44 10.94
CA LYS B 87 12.35 11.86 11.23
C LYS B 87 11.38 12.56 12.21
N THR B 88 11.81 13.16 13.31
CA THR B 88 10.94 13.62 14.42
C THR B 88 9.70 14.42 14.02
N GLU B 89 9.85 15.49 13.22
CA GLU B 89 8.69 16.30 12.87
C GLU B 89 7.85 15.61 11.79
N LEU B 90 8.43 15.00 10.76
CA LEU B 90 7.60 14.25 9.81
C LEU B 90 6.82 13.11 10.47
N GLU B 91 7.38 12.49 11.50
CA GLU B 91 6.74 11.44 12.30
C GLU B 91 5.48 11.97 13.01
N ARG B 92 5.56 13.12 13.70
CA ARG B 92 4.32 13.75 14.22
C ARG B 92 3.41 14.29 13.12
N ALA B 93 3.97 14.80 12.02
CA ALA B 93 3.21 15.36 10.90
C ALA B 93 2.32 14.29 10.25
N PHE B 94 2.88 13.13 9.96
CA PHE B 94 2.17 11.97 9.46
C PHE B 94 1.14 11.46 10.46
N GLY B 95 1.60 11.02 11.62
CA GLY B 95 0.73 10.46 12.64
C GLY B 95 -0.42 11.38 13.13
N TYR B 96 -0.30 12.70 12.95
CA TYR B 96 -1.36 13.69 13.15
C TYR B 96 -2.61 13.43 12.27
N TYR B 97 -2.45 13.28 10.94
CA TYR B 97 -3.57 13.02 10.02
C TYR B 97 -4.18 11.64 10.27
N GLY B 98 -3.32 10.65 10.59
CA GLY B 98 -3.77 9.33 11.07
C GLY B 98 -2.61 8.47 11.55
N PRO B 99 -2.81 7.40 12.35
CA PRO B 99 -1.69 6.71 13.00
C PRO B 99 -0.77 5.94 12.04
N LEU B 100 0.52 6.11 12.28
CA LEU B 100 1.62 5.42 11.59
C LEU B 100 1.79 3.95 12.03
N ARG B 101 2.55 3.18 11.24
CA ARG B 101 3.03 1.82 11.56
C ARG B 101 4.56 1.70 11.44
N SER B 102 5.20 2.50 10.58
CA SER B 102 6.66 2.64 10.51
C SER B 102 7.08 4.00 9.95
N VAL B 103 8.24 4.52 10.37
CA VAL B 103 8.86 5.76 9.86
C VAL B 103 10.36 5.54 9.73
N TRP B 104 10.91 5.90 8.57
CA TRP B 104 12.31 5.74 8.22
C TRP B 104 12.81 6.95 7.41
N VAL B 105 14.08 7.28 7.57
CA VAL B 105 14.80 8.33 6.86
C VAL B 105 16.24 7.85 6.63
N ALA B 106 16.98 8.41 5.67
CA ALA B 106 18.29 7.89 5.27
C ALA B 106 19.47 8.27 6.19
N ARG B 107 19.27 8.12 7.51
CA ARG B 107 20.22 8.17 8.64
C ARG B 107 21.36 9.23 8.62
N ASN B 108 21.21 10.30 7.84
CA ASN B 108 22.23 11.31 7.51
C ASN B 108 21.54 12.51 6.79
N PRO B 109 22.30 13.53 6.30
CA PRO B 109 21.77 14.66 5.51
C PRO B 109 20.97 14.44 4.20
N PRO B 110 20.88 13.28 3.51
CA PRO B 110 20.17 13.16 2.22
C PRO B 110 18.72 13.69 2.14
N GLY B 111 17.99 13.80 3.26
CA GLY B 111 16.61 14.34 3.32
C GLY B 111 15.54 13.35 2.85
N PHE B 112 15.81 12.66 1.74
CA PHE B 112 15.07 11.52 1.23
C PHE B 112 14.76 10.47 2.35
N ALA B 113 13.56 9.88 2.34
CA ALA B 113 13.00 9.07 3.42
C ALA B 113 11.79 8.19 2.99
N PHE B 114 11.22 7.41 3.93
CA PHE B 114 10.00 6.60 3.69
C PHE B 114 9.19 6.36 4.97
N VAL B 115 7.86 6.26 4.86
CA VAL B 115 6.97 5.86 5.97
C VAL B 115 5.94 4.82 5.54
N GLU B 116 5.25 4.23 6.50
CA GLU B 116 4.11 3.34 6.30
C GLU B 116 3.08 3.60 7.40
N PHE B 117 1.81 3.75 7.02
CA PHE B 117 0.73 4.03 7.97
C PHE B 117 -0.01 2.76 8.43
N GLU B 118 -0.85 2.87 9.46
CA GLU B 118 -1.65 1.74 9.95
C GLU B 118 -2.80 1.36 8.98
N ASP B 119 -3.43 2.34 8.33
CA ASP B 119 -4.47 2.15 7.31
C ASP B 119 -4.14 2.97 6.05
N PRO B 120 -4.40 2.46 4.83
CA PRO B 120 -4.26 3.20 3.58
C PRO B 120 -5.01 4.55 3.55
N ARG B 121 -6.13 4.69 4.28
CA ARG B 121 -6.82 5.97 4.50
C ARG B 121 -5.90 7.00 5.17
N ASP B 122 -5.12 6.58 6.16
CA ASP B 122 -4.22 7.47 6.88
C ASP B 122 -3.08 7.95 5.98
N ALA B 123 -2.47 7.03 5.21
CA ALA B 123 -1.48 7.38 4.20
C ALA B 123 -2.04 8.34 3.14
N ALA B 124 -3.21 8.05 2.58
CA ALA B 124 -3.83 8.87 1.55
C ALA B 124 -4.21 10.27 2.07
N ASP B 125 -4.80 10.38 3.26
CA ASP B 125 -5.19 11.64 3.89
C ASP B 125 -3.95 12.49 4.27
N ALA B 126 -2.91 11.83 4.76
CA ALA B 126 -1.65 12.48 5.08
C ALA B 126 -1.00 12.99 3.79
N VAL B 127 -0.78 12.13 2.80
CA VAL B 127 -0.18 12.51 1.51
C VAL B 127 -0.97 13.64 0.85
N ARG B 128 -2.30 13.53 0.73
CA ARG B 128 -3.14 14.55 0.06
C ARG B 128 -3.06 15.92 0.73
N GLU B 129 -2.72 16.01 2.01
CA GLU B 129 -2.51 17.30 2.69
C GLU B 129 -1.08 17.55 3.20
N LEU B 130 -0.09 16.81 2.66
CA LEU B 130 1.35 16.99 2.89
C LEU B 130 2.12 17.33 1.61
N ASP B 131 1.71 16.77 0.46
CA ASP B 131 2.46 16.82 -0.80
C ASP B 131 2.84 18.27 -1.21
N GLY B 132 4.14 18.56 -1.19
CA GLY B 132 4.70 19.87 -1.58
C GLY B 132 4.22 21.08 -0.77
N ARG B 133 3.55 20.91 0.39
CA ARG B 133 2.99 22.03 1.17
C ARG B 133 4.07 22.94 1.77
N THR B 134 4.85 22.38 2.71
CA THR B 134 5.95 22.93 3.54
C THR B 134 5.83 22.26 4.92
N LEU B 135 6.95 21.75 5.45
CA LEU B 135 7.05 21.00 6.71
C LEU B 135 8.57 20.91 6.99
N CYS B 136 8.99 20.89 8.26
CA CYS B 136 10.39 21.06 8.69
C CYS B 136 10.95 22.47 8.36
N GLY B 137 10.49 23.08 7.27
CA GLY B 137 10.71 24.49 6.93
C GLY B 137 10.90 24.86 5.45
N CYS B 138 10.81 23.92 4.49
CA CYS B 138 11.09 24.25 3.09
C CYS B 138 10.27 23.36 2.18
N ARG B 139 10.67 22.10 1.98
CA ARG B 139 9.97 21.10 1.17
C ARG B 139 9.60 19.85 1.98
N VAL B 140 8.61 19.17 1.43
CA VAL B 140 8.11 17.83 1.79
C VAL B 140 7.75 17.09 0.52
N ARG B 141 8.75 16.40 -0.04
CA ARG B 141 8.66 15.60 -1.26
C ARG B 141 7.91 14.28 -1.00
N VAL B 142 6.70 14.39 -0.48
CA VAL B 142 5.83 13.28 -0.07
C VAL B 142 5.05 12.74 -1.29
N GLU B 143 4.90 11.42 -1.42
CA GLU B 143 4.01 10.78 -2.41
C GLU B 143 3.51 9.41 -1.88
N LEU B 144 2.44 8.83 -2.44
CA LEU B 144 2.08 7.44 -2.13
C LEU B 144 3.00 6.48 -2.90
N SER B 145 3.32 5.32 -2.33
CA SER B 145 4.12 4.28 -2.99
C SER B 145 3.55 3.88 -4.36
N ASN B 146 4.29 4.16 -5.43
CA ASN B 146 3.92 3.74 -6.79
C ASN B 146 4.05 2.22 -7.00
N GLY B 147 5.04 1.60 -6.34
CA GLY B 147 5.50 0.22 -6.54
C GLY B 147 7.02 0.15 -6.36
N GLU B 148 7.52 0.64 -5.23
CA GLU B 148 8.95 0.89 -4.98
C GLU B 148 9.94 -0.25 -5.29
N LYS B 149 9.74 -1.45 -4.70
CA LYS B 149 10.67 -2.60 -4.79
C LYS B 149 9.92 -3.95 -4.76
N ARG B 150 8.91 -4.06 -5.62
CA ARG B 150 8.07 -5.25 -5.82
C ARG B 150 7.45 -5.26 -7.22
N MET B 1 -14.57 -29.31 25.70
CA MET B 1 -13.14 -28.90 25.74
C MET B 1 -13.06 -27.38 25.52
N GLN B 2 -12.08 -26.67 26.08
CA GLN B 2 -11.93 -25.23 25.83
C GLN B 2 -11.07 -24.93 24.59
N TYR B 3 -11.47 -23.92 23.82
CA TYR B 3 -10.85 -23.44 22.58
C TYR B 3 -10.62 -21.94 22.72
N LYS B 4 -9.63 -21.38 22.00
CA LYS B 4 -9.25 -19.96 22.02
C LYS B 4 -9.62 -19.25 20.71
N LEU B 5 -9.65 -17.92 20.71
CA LEU B 5 -9.93 -17.06 19.56
C LEU B 5 -9.13 -15.74 19.66
N ILE B 6 -8.52 -15.27 18.56
CA ILE B 6 -7.83 -13.97 18.43
C ILE B 6 -8.52 -13.08 17.37
N LEU B 7 -9.11 -11.98 17.81
CA LEU B 7 -9.74 -10.92 17.01
C LEU B 7 -8.71 -9.89 16.49
N ASN B 8 -7.77 -10.31 15.65
CA ASN B 8 -6.65 -9.48 15.14
C ASN B 8 -7.05 -8.33 14.18
N GLY B 9 -7.81 -7.34 14.64
CA GLY B 9 -8.07 -6.10 13.87
C GLY B 9 -6.99 -5.04 14.01
N LYS B 10 -7.11 -3.96 13.23
CA LYS B 10 -6.04 -2.95 13.08
C LYS B 10 -5.51 -2.35 14.39
N THR B 11 -6.42 -1.91 15.26
CA THR B 11 -6.11 -1.11 16.45
C THR B 11 -6.90 -1.52 17.70
N LEU B 12 -8.02 -2.23 17.50
CA LEU B 12 -8.96 -2.65 18.55
C LEU B 12 -8.76 -4.08 19.06
N LYS B 13 -7.84 -4.82 18.44
CA LYS B 13 -7.64 -6.27 18.60
C LYS B 13 -7.71 -6.83 20.02
N GLY B 14 -8.12 -8.09 20.08
CA GLY B 14 -8.04 -8.89 21.28
C GLY B 14 -8.22 -10.40 21.12
N GLU B 15 -8.64 -11.08 22.17
CA GLU B 15 -8.78 -12.55 22.24
C GLU B 15 -9.79 -12.98 23.33
N THR B 16 -10.29 -14.21 23.22
CA THR B 16 -11.15 -14.88 24.20
C THR B 16 -11.01 -16.39 24.08
N THR B 17 -11.79 -17.13 24.87
CA THR B 17 -11.91 -18.60 24.83
C THR B 17 -13.37 -19.01 25.06
N THR B 18 -13.68 -20.29 24.87
CA THR B 18 -15.02 -20.85 25.14
C THR B 18 -14.95 -22.36 25.35
N GLU B 19 -15.88 -22.90 26.13
CA GLU B 19 -16.08 -24.35 26.23
C GLU B 19 -16.96 -24.77 25.03
N ALA B 20 -16.40 -25.64 24.19
CA ALA B 20 -16.99 -26.11 22.94
C ALA B 20 -16.78 -27.62 22.72
N VAL B 21 -17.44 -28.21 21.72
CA VAL B 21 -17.15 -29.59 21.29
C VAL B 21 -15.95 -29.66 20.36
N ASP B 22 -15.84 -28.67 19.45
CA ASP B 22 -14.75 -28.37 18.49
C ASP B 22 -15.25 -27.20 17.62
N ALA B 23 -14.78 -27.01 16.39
CA ALA B 23 -15.35 -26.06 15.42
C ALA B 23 -16.87 -26.24 15.19
N ALA B 24 -17.44 -27.40 15.52
CA ALA B 24 -18.89 -27.65 15.54
C ALA B 24 -19.65 -26.79 16.57
N THR B 25 -18.91 -26.09 17.44
CA THR B 25 -19.42 -25.22 18.50
C THR B 25 -18.63 -23.90 18.57
N ALA B 26 -17.31 -23.95 18.43
CA ALA B 26 -16.40 -22.82 18.46
C ALA B 26 -16.59 -21.93 17.23
N GLU B 27 -16.91 -22.50 16.05
CA GLU B 27 -17.19 -21.73 14.84
C GLU B 27 -18.59 -21.09 14.78
N LYS B 28 -19.38 -21.19 15.86
CA LYS B 28 -20.71 -20.57 15.98
C LYS B 28 -20.92 -19.91 17.34
N VAL B 29 -19.83 -19.62 18.07
CA VAL B 29 -19.85 -18.94 19.37
C VAL B 29 -18.98 -17.69 19.39
N PHE B 30 -17.80 -17.77 18.77
CA PHE B 30 -16.90 -16.64 18.57
C PHE B 30 -17.46 -15.61 17.59
N LYS B 31 -18.30 -16.05 16.65
CA LYS B 31 -18.98 -15.19 15.66
C LYS B 31 -19.77 -14.05 16.31
N GLN B 32 -20.32 -14.28 17.50
CA GLN B 32 -21.11 -13.30 18.25
C GLN B 32 -20.19 -12.31 18.97
N TYR B 33 -19.20 -12.82 19.72
CA TYR B 33 -18.21 -12.02 20.44
C TYR B 33 -17.39 -11.13 19.49
N ALA B 34 -16.95 -11.67 18.36
CA ALA B 34 -16.19 -10.95 17.36
C ALA B 34 -16.92 -9.72 16.85
N ASN B 35 -18.17 -9.91 16.43
CA ASN B 35 -19.00 -8.84 15.89
C ASN B 35 -19.52 -7.88 16.98
N ASP B 36 -19.39 -8.23 18.27
CA ASP B 36 -19.68 -7.33 19.39
C ASP B 36 -18.48 -6.43 19.75
N ASN B 37 -17.25 -6.91 19.54
CA ASN B 37 -16.05 -6.06 19.60
C ASN B 37 -15.96 -5.23 18.31
N GLY B 38 -16.35 -5.85 17.19
CA GLY B 38 -16.58 -5.29 15.88
C GLY B 38 -15.70 -5.88 14.77
N VAL B 39 -14.84 -6.85 15.11
CA VAL B 39 -14.03 -7.61 14.12
C VAL B 39 -14.86 -8.65 13.40
N ASP B 40 -14.48 -8.92 12.15
CA ASP B 40 -15.00 -10.05 11.36
C ASP B 40 -14.09 -10.34 10.15
N GLY B 41 -12.78 -10.28 10.39
CA GLY B 41 -11.71 -10.58 9.42
C GLY B 41 -11.63 -12.01 8.88
N GLU B 42 -10.42 -12.44 8.52
CA GLU B 42 -10.12 -13.77 7.96
C GLU B 42 -10.19 -14.89 9.01
N TRP B 43 -11.41 -15.43 9.22
CA TRP B 43 -11.70 -16.50 10.17
C TRP B 43 -10.82 -17.72 9.89
N THR B 44 -9.99 -18.03 10.87
CA THR B 44 -8.93 -19.04 10.82
C THR B 44 -9.02 -19.96 12.05
N TYR B 45 -8.38 -21.12 11.99
CA TYR B 45 -8.35 -22.13 13.07
C TYR B 45 -7.11 -23.03 12.97
N ASP B 46 -6.77 -23.75 14.05
CA ASP B 46 -5.67 -24.73 14.11
C ASP B 46 -6.06 -26.02 14.88
N ASP B 47 -5.27 -27.09 14.76
CA ASP B 47 -5.51 -28.40 15.41
C ASP B 47 -4.34 -28.91 16.30
N ALA B 48 -3.25 -28.16 16.39
CA ALA B 48 -2.15 -28.40 17.33
C ALA B 48 -2.30 -27.57 18.61
N THR B 49 -2.90 -26.37 18.50
CA THR B 49 -3.16 -25.47 19.63
C THR B 49 -4.63 -25.05 19.75
N LYS B 50 -5.48 -25.50 18.83
CA LYS B 50 -6.95 -25.39 18.91
C LYS B 50 -7.44 -23.95 19.15
N THR B 51 -6.78 -23.03 18.45
CA THR B 51 -6.93 -21.58 18.61
C THR B 51 -7.39 -20.96 17.30
N PHE B 52 -8.61 -20.43 17.29
CA PHE B 52 -9.12 -19.61 16.21
C PHE B 52 -8.36 -18.27 16.11
N THR B 53 -8.45 -17.64 14.95
CA THR B 53 -7.99 -16.26 14.71
C THR B 53 -8.95 -15.63 13.69
N VAL B 54 -8.97 -14.30 13.57
CA VAL B 54 -9.86 -13.58 12.64
C VAL B 54 -9.25 -12.23 12.25
N THR B 55 -8.13 -12.28 11.53
CA THR B 55 -7.32 -11.10 11.20
C THR B 55 -8.03 -10.16 10.22
N GLU B 56 -8.25 -8.92 10.67
CA GLU B 56 -9.11 -7.92 10.04
C GLU B 56 -8.35 -6.66 9.58
N GLY B 57 -8.69 -6.17 8.38
CA GLY B 57 -8.32 -4.89 7.76
C GLY B 57 -6.99 -4.23 8.18
N SER B 58 -5.91 -5.00 8.14
CA SER B 58 -4.54 -4.60 8.51
C SER B 58 -3.51 -5.54 7.89
N HIS B 59 -3.83 -6.83 7.91
CA HIS B 59 -3.16 -7.94 7.24
C HIS B 59 -4.21 -8.79 6.50
N HIS B 60 -3.77 -9.48 5.45
CA HIS B 60 -4.55 -10.50 4.75
C HIS B 60 -3.60 -11.61 4.26
N HIS B 61 -3.97 -12.87 4.48
CA HIS B 61 -3.18 -14.06 4.10
C HIS B 61 -2.82 -14.11 2.60
N HIS B 62 -1.73 -14.82 2.31
CA HIS B 62 -1.13 -14.90 0.98
C HIS B 62 -2.05 -15.40 -0.14
N HIS B 63 -1.86 -14.86 -1.34
CA HIS B 63 -2.56 -15.22 -2.59
C HIS B 63 -1.75 -14.95 -3.87
N HIS B 64 -0.48 -14.55 -3.73
CA HIS B 64 0.45 -14.06 -4.77
C HIS B 64 -0.07 -12.88 -5.63
N MET B 65 0.77 -12.42 -6.57
CA MET B 65 0.63 -11.21 -7.38
C MET B 65 0.52 -9.92 -6.55
N HIS B 66 -0.64 -9.59 -5.99
CA HIS B 66 -0.88 -8.31 -5.32
C HIS B 66 -0.65 -8.39 -3.80
N ARG B 67 -0.16 -7.29 -3.20
CA ARG B 67 0.19 -7.04 -1.79
C ARG B 67 1.07 -8.05 -0.98
N ASP B 68 1.43 -9.21 -1.54
CA ASP B 68 2.37 -10.18 -0.91
C ASP B 68 3.84 -9.67 -0.90
N SER B 69 4.12 -8.77 0.05
CA SER B 69 5.45 -8.28 0.43
C SER B 69 5.37 -7.61 1.82
N CYS B 70 4.39 -6.71 1.96
CA CYS B 70 3.91 -6.06 3.18
C CYS B 70 2.44 -5.65 2.90
N PRO B 71 1.43 -6.16 3.64
CA PRO B 71 0.01 -5.91 3.39
C PRO B 71 -0.39 -4.43 3.18
N LEU B 72 -1.41 -4.21 2.34
CA LEU B 72 -2.04 -2.92 1.98
C LEU B 72 -1.10 -1.93 1.26
N ASP B 73 -1.66 -0.80 0.81
CA ASP B 73 -0.96 0.26 0.04
C ASP B 73 -0.90 1.59 0.82
N CYS B 74 -1.03 1.51 2.14
CA CYS B 74 -0.80 2.54 3.16
C CYS B 74 0.68 2.99 3.29
N LYS B 75 1.47 2.84 2.22
CA LYS B 75 2.92 3.07 2.15
C LYS B 75 3.20 4.40 1.47
N VAL B 76 4.19 5.14 1.96
CA VAL B 76 4.42 6.54 1.62
C VAL B 76 5.90 6.89 1.46
N TYR B 77 6.22 7.56 0.36
CA TYR B 77 7.50 8.19 0.09
C TYR B 77 7.47 9.62 0.64
N VAL B 78 8.62 10.14 1.10
CA VAL B 78 8.69 11.51 1.58
C VAL B 78 10.08 12.12 1.44
N GLY B 79 10.11 13.45 1.32
CA GLY B 79 11.30 14.29 1.40
C GLY B 79 10.94 15.63 2.07
N ASN B 80 11.88 16.29 2.76
CA ASN B 80 11.56 17.44 3.64
C ASN B 80 12.62 18.53 3.63
N LEU B 81 12.18 19.81 3.71
CA LEU B 81 12.94 21.08 3.64
C LEU B 81 13.81 21.33 2.38
N GLY B 82 14.33 20.26 1.77
CA GLY B 82 15.35 20.23 0.72
C GLY B 82 16.60 19.45 1.21
N ASN B 83 16.78 19.34 2.53
CA ASN B 83 17.94 18.73 3.20
C ASN B 83 17.65 18.14 4.60
N ASN B 84 16.38 18.12 5.07
CA ASN B 84 16.00 17.53 6.36
C ASN B 84 15.94 16.00 6.27
N GLY B 85 16.62 15.31 7.20
CA GLY B 85 16.73 13.84 7.25
C GLY B 85 16.72 13.31 8.69
N ASN B 86 15.67 13.65 9.45
CA ASN B 86 15.40 13.13 10.78
C ASN B 86 13.99 12.54 10.84
N LYS B 87 13.89 11.27 11.28
CA LYS B 87 12.64 10.51 11.34
C LYS B 87 11.54 11.13 12.20
N THR B 88 11.86 11.79 13.31
CA THR B 88 10.86 12.19 14.31
C THR B 88 9.98 13.37 13.89
N GLU B 89 10.48 14.31 13.07
CA GLU B 89 9.60 15.36 12.58
C GLU B 89 8.51 14.77 11.67
N LEU B 90 8.91 14.00 10.66
CA LEU B 90 7.93 13.37 9.79
C LEU B 90 7.08 12.32 10.53
N GLU B 91 7.63 11.63 11.53
CA GLU B 91 6.87 10.72 12.39
C GLU B 91 5.68 11.42 13.07
N ARG B 92 5.87 12.60 13.67
CA ARG B 92 4.72 13.40 14.15
C ARG B 92 3.89 13.93 12.99
N ALA B 93 4.50 14.34 11.87
CA ALA B 93 3.76 14.89 10.72
C ALA B 93 2.76 13.89 10.13
N PHE B 94 3.13 12.61 10.13
CA PHE B 94 2.34 11.50 9.64
C PHE B 94 1.36 11.01 10.68
N GLY B 95 1.87 10.57 11.83
CA GLY B 95 1.07 10.20 12.97
C GLY B 95 0.01 11.24 13.41
N TYR B 96 0.20 12.53 13.07
CA TYR B 96 -0.79 13.61 13.20
C TYR B 96 -2.14 13.26 12.53
N TYR B 97 -2.12 12.81 11.26
CA TYR B 97 -3.32 12.42 10.50
C TYR B 97 -3.87 11.08 11.00
N GLY B 98 -2.97 10.12 11.21
CA GLY B 98 -3.37 8.81 11.78
C GLY B 98 -2.21 7.89 12.14
N PRO B 99 -2.40 6.79 12.87
CA PRO B 99 -1.28 6.04 13.42
C PRO B 99 -0.44 5.29 12.38
N LEU B 100 0.85 5.60 12.41
CA LEU B 100 1.92 4.94 11.69
C LEU B 100 2.07 3.45 12.08
N ARG B 101 2.79 2.70 11.23
CA ARG B 101 3.14 1.29 11.41
C ARG B 101 4.65 1.07 11.30
N SER B 102 5.35 1.91 10.52
CA SER B 102 6.82 2.05 10.50
C SER B 102 7.24 3.39 9.87
N VAL B 103 8.43 3.87 10.24
CA VAL B 103 9.03 5.13 9.80
C VAL B 103 10.53 4.89 9.56
N TRP B 104 11.07 5.37 8.43
CA TRP B 104 12.50 5.24 8.11
C TRP B 104 13.04 6.42 7.31
N VAL B 105 14.29 6.82 7.56
CA VAL B 105 14.99 7.82 6.74
C VAL B 105 16.47 7.44 6.60
N ALA B 106 17.12 7.88 5.52
CA ALA B 106 18.56 7.72 5.36
C ALA B 106 19.31 9.00 5.79
N ARG B 107 20.41 8.84 6.54
CA ARG B 107 21.27 9.94 7.01
C ARG B 107 22.56 10.10 6.19
N ASN B 108 22.87 9.16 5.29
CA ASN B 108 23.96 9.29 4.32
C ASN B 108 23.71 10.45 3.30
N PRO B 109 22.51 10.61 2.73
CA PRO B 109 22.10 11.79 1.94
C PRO B 109 20.90 12.52 2.61
N PRO B 110 21.13 13.38 3.63
CA PRO B 110 20.05 14.06 4.35
C PRO B 110 19.10 14.83 3.42
N GLY B 111 17.83 14.43 3.37
CA GLY B 111 16.79 15.16 2.62
C GLY B 111 15.55 14.34 2.23
N PHE B 112 15.68 13.01 2.25
CA PHE B 112 14.69 12.06 1.74
C PHE B 112 14.40 10.95 2.80
N ALA B 113 13.24 10.30 2.70
CA ALA B 113 12.69 9.42 3.74
C ALA B 113 11.53 8.53 3.25
N PHE B 114 10.99 7.68 4.13
CA PHE B 114 9.78 6.87 3.89
C PHE B 114 8.97 6.58 5.16
N VAL B 115 7.67 6.27 4.99
CA VAL B 115 6.78 5.76 6.05
C VAL B 115 5.78 4.73 5.54
N GLU B 116 5.07 4.11 6.47
CA GLU B 116 4.07 3.06 6.29
C GLU B 116 3.09 3.18 7.47
N PHE B 117 1.79 3.24 7.19
CA PHE B 117 0.73 3.50 8.18
C PHE B 117 -0.12 2.24 8.43
N GLU B 118 -0.77 2.13 9.60
CA GLU B 118 -1.70 1.02 9.88
C GLU B 118 -2.99 1.09 9.02
N ASP B 119 -3.28 2.24 8.39
CA ASP B 119 -4.53 2.53 7.71
C ASP B 119 -4.32 3.33 6.39
N PRO B 120 -4.97 2.93 5.27
CA PRO B 120 -4.76 3.56 3.96
C PRO B 120 -5.49 4.89 3.75
N ARG B 121 -6.60 5.17 4.46
CA ARG B 121 -7.26 6.49 4.45
C ARG B 121 -6.37 7.53 5.13
N ASP B 122 -5.74 7.16 6.25
CA ASP B 122 -4.78 8.02 6.94
C ASP B 122 -3.50 8.24 6.12
N ALA B 123 -2.98 7.21 5.46
CA ALA B 123 -1.87 7.34 4.52
C ALA B 123 -2.21 8.26 3.33
N ALA B 124 -3.41 8.09 2.75
CA ALA B 124 -3.87 8.91 1.64
C ALA B 124 -4.07 10.37 2.06
N ASP B 125 -4.75 10.62 3.18
CA ASP B 125 -4.98 11.95 3.74
C ASP B 125 -3.68 12.67 4.11
N ALA B 126 -2.70 11.93 4.62
CA ALA B 126 -1.35 12.41 4.82
C ALA B 126 -0.71 12.80 3.46
N VAL B 127 -0.67 11.89 2.49
CA VAL B 127 -0.15 12.13 1.13
C VAL B 127 -0.75 13.37 0.45
N ARG B 128 -2.06 13.62 0.58
CA ARG B 128 -2.74 14.78 -0.04
C ARG B 128 -2.53 16.11 0.68
N GLU B 129 -2.29 16.10 2.00
CA GLU B 129 -2.19 17.31 2.83
C GLU B 129 -0.75 17.69 3.24
N LEU B 130 0.18 16.74 3.22
CA LEU B 130 1.59 16.96 3.50
C LEU B 130 2.39 17.52 2.30
N ASP B 131 2.08 17.10 1.08
CA ASP B 131 2.91 17.39 -0.10
C ASP B 131 3.03 18.87 -0.49
N GLY B 132 4.20 19.24 -1.03
CA GLY B 132 4.56 20.50 -1.70
C GLY B 132 4.60 21.79 -0.85
N ARG B 133 3.59 21.99 0.01
CA ARG B 133 3.29 23.23 0.76
C ARG B 133 4.45 23.81 1.56
N THR B 134 5.02 22.98 2.45
CA THR B 134 6.01 23.21 3.52
C THR B 134 5.71 22.18 4.63
N LEU B 135 6.73 21.76 5.39
CA LEU B 135 6.55 20.93 6.60
C LEU B 135 7.56 21.30 7.69
N CYS B 136 8.87 21.17 7.44
CA CYS B 136 9.90 21.71 8.34
C CYS B 136 9.88 23.24 8.37
N GLY B 137 9.74 23.85 7.18
CA GLY B 137 9.76 25.30 6.97
C GLY B 137 10.09 25.78 5.54
N CYS B 138 10.24 24.86 4.59
CA CYS B 138 10.50 25.10 3.17
C CYS B 138 10.03 23.85 2.40
N ARG B 139 10.35 23.75 1.09
CA ARG B 139 9.81 22.75 0.15
C ARG B 139 9.87 21.32 0.69
N VAL B 140 8.72 20.66 0.67
CA VAL B 140 8.49 19.26 1.07
C VAL B 140 8.02 18.43 -0.14
N ARG B 141 8.24 17.13 -0.09
CA ARG B 141 7.81 16.12 -1.07
C ARG B 141 7.11 14.98 -0.34
N VAL B 142 5.97 14.52 -0.82
CA VAL B 142 5.34 13.29 -0.33
C VAL B 142 4.59 12.60 -1.48
N GLU B 143 4.73 11.28 -1.65
CA GLU B 143 3.93 10.49 -2.60
C GLU B 143 3.58 9.12 -1.98
N LEU B 144 2.66 8.35 -2.59
CA LEU B 144 2.49 6.94 -2.18
C LEU B 144 3.72 6.14 -2.66
N SER B 145 4.28 5.27 -1.82
CA SER B 145 5.45 4.46 -2.17
C SER B 145 5.20 3.58 -3.40
N ASN B 146 6.25 3.32 -4.17
CA ASN B 146 6.26 2.32 -5.24
C ASN B 146 7.24 1.20 -4.84
N GLY B 147 8.55 1.40 -5.01
CA GLY B 147 9.64 0.47 -4.68
C GLY B 147 9.57 -0.88 -5.42
N GLU B 148 8.59 -1.71 -5.07
CA GLU B 148 8.25 -2.99 -5.72
C GLU B 148 6.76 -3.37 -5.64
N LYS B 149 5.90 -2.61 -4.93
CA LYS B 149 4.53 -3.00 -4.59
C LYS B 149 3.68 -3.20 -5.81
N ARG B 150 2.79 -4.19 -5.68
CA ARG B 150 1.84 -4.59 -6.70
C ARG B 150 0.43 -4.70 -6.11
N MET B 1 -21.11 -20.05 -39.64
CA MET B 1 -21.61 -18.98 -38.74
C MET B 1 -20.44 -18.34 -37.99
N GLN B 2 -20.57 -17.12 -37.46
CA GLN B 2 -19.52 -16.52 -36.63
C GLN B 2 -19.70 -16.90 -35.15
N TYR B 3 -18.57 -17.15 -34.47
CA TYR B 3 -18.45 -17.54 -33.06
C TYR B 3 -17.51 -16.56 -32.36
N LYS B 4 -17.62 -16.40 -31.04
CA LYS B 4 -16.80 -15.48 -30.24
C LYS B 4 -15.77 -16.22 -29.38
N LEU B 5 -14.74 -15.53 -28.88
CA LEU B 5 -13.76 -16.00 -27.91
C LEU B 5 -13.40 -14.87 -26.93
N ILE B 6 -13.25 -15.21 -25.66
CA ILE B 6 -12.77 -14.33 -24.57
C ILE B 6 -11.48 -14.91 -24.01
N LEU B 7 -10.35 -14.25 -24.30
CA LEU B 7 -9.06 -14.50 -23.67
C LEU B 7 -9.05 -13.80 -22.30
N ASN B 8 -9.70 -14.39 -21.30
CA ASN B 8 -9.65 -13.96 -19.88
C ASN B 8 -8.24 -14.04 -19.23
N GLY B 9 -7.18 -13.55 -19.90
CA GLY B 9 -5.80 -13.55 -19.40
C GLY B 9 -5.55 -12.44 -18.37
N LYS B 10 -5.16 -12.81 -17.16
CA LYS B 10 -4.98 -11.97 -15.95
C LYS B 10 -4.65 -10.50 -16.24
N THR B 11 -3.50 -10.22 -16.83
CA THR B 11 -2.97 -8.86 -17.00
C THR B 11 -3.25 -8.29 -18.42
N LEU B 12 -3.54 -9.16 -19.41
CA LEU B 12 -3.58 -8.83 -20.84
C LEU B 12 -4.93 -9.01 -21.56
N LYS B 13 -5.96 -9.48 -20.84
CA LYS B 13 -7.26 -9.96 -21.34
C LYS B 13 -7.85 -9.28 -22.58
N GLY B 14 -8.56 -10.07 -23.37
CA GLY B 14 -9.38 -9.55 -24.47
C GLY B 14 -10.38 -10.50 -25.13
N GLU B 15 -10.90 -10.12 -26.30
CA GLU B 15 -11.93 -10.87 -27.04
C GLU B 15 -11.68 -10.82 -28.56
N THR B 16 -12.25 -11.79 -29.29
CA THR B 16 -12.30 -11.82 -30.77
C THR B 16 -13.46 -12.70 -31.24
N THR B 17 -13.60 -12.87 -32.55
CA THR B 17 -14.58 -13.76 -33.20
C THR B 17 -13.97 -14.44 -34.43
N THR B 18 -14.68 -15.40 -35.02
CA THR B 18 -14.30 -16.04 -36.29
C THR B 18 -15.48 -16.69 -36.98
N GLU B 19 -15.47 -16.74 -38.30
CA GLU B 19 -16.40 -17.57 -39.07
C GLU B 19 -15.91 -19.03 -38.92
N ALA B 20 -16.76 -19.90 -38.37
CA ALA B 20 -16.50 -21.34 -38.20
C ALA B 20 -17.73 -22.19 -38.57
N VAL B 21 -17.59 -23.52 -38.56
CA VAL B 21 -18.73 -24.44 -38.68
C VAL B 21 -19.40 -24.70 -37.33
N ASP B 22 -18.62 -24.67 -36.25
CA ASP B 22 -18.90 -24.80 -34.80
C ASP B 22 -17.54 -25.00 -34.08
N ALA B 23 -17.51 -25.56 -32.87
CA ALA B 23 -16.27 -25.99 -32.19
C ALA B 23 -15.35 -26.88 -33.06
N ALA B 24 -15.88 -27.55 -34.09
CA ALA B 24 -15.11 -28.33 -35.07
C ALA B 24 -14.22 -27.45 -35.98
N THR B 25 -14.33 -26.13 -35.87
CA THR B 25 -13.46 -25.14 -36.53
C THR B 25 -13.04 -24.01 -35.57
N ALA B 26 -13.91 -23.55 -34.67
CA ALA B 26 -13.60 -22.53 -33.68
C ALA B 26 -12.54 -23.02 -32.66
N GLU B 27 -12.60 -24.30 -32.26
CA GLU B 27 -11.63 -24.91 -31.33
C GLU B 27 -10.26 -25.23 -31.97
N LYS B 28 -10.04 -24.87 -33.24
CA LYS B 28 -8.75 -24.98 -33.93
C LYS B 28 -8.40 -23.68 -34.66
N VAL B 29 -9.05 -22.57 -34.28
CA VAL B 29 -8.82 -21.23 -34.84
C VAL B 29 -8.38 -20.27 -33.74
N PHE B 30 -9.15 -20.22 -32.65
CA PHE B 30 -8.82 -19.40 -31.49
C PHE B 30 -7.49 -19.81 -30.83
N LYS B 31 -7.09 -21.08 -30.99
CA LYS B 31 -5.79 -21.61 -30.54
C LYS B 31 -4.59 -20.82 -31.09
N GLN B 32 -4.74 -20.21 -32.26
CA GLN B 32 -3.68 -19.39 -32.89
C GLN B 32 -3.71 -17.97 -32.31
N TYR B 33 -4.89 -17.34 -32.30
CA TYR B 33 -5.09 -15.98 -31.79
C TYR B 33 -4.72 -15.87 -30.31
N ALA B 34 -5.13 -16.83 -29.49
CA ALA B 34 -4.84 -16.88 -28.07
C ALA B 34 -3.34 -16.86 -27.82
N ASN B 35 -2.61 -17.76 -28.47
CA ASN B 35 -1.16 -17.87 -28.32
C ASN B 35 -0.38 -16.69 -28.94
N ASP B 36 -0.97 -15.91 -29.87
CA ASP B 36 -0.33 -14.68 -30.35
C ASP B 36 -0.60 -13.43 -29.48
N ASN B 37 -1.62 -13.46 -28.62
CA ASN B 37 -1.78 -12.47 -27.55
C ASN B 37 -0.93 -12.93 -26.35
N GLY B 38 -0.96 -14.24 -26.08
CA GLY B 38 -0.15 -14.99 -25.15
C GLY B 38 -0.93 -15.91 -24.19
N VAL B 39 -2.26 -15.94 -24.27
CA VAL B 39 -3.13 -16.81 -23.45
C VAL B 39 -3.23 -18.23 -23.99
N ASP B 40 -3.51 -19.16 -23.08
CA ASP B 40 -3.89 -20.54 -23.34
C ASP B 40 -4.40 -21.25 -22.05
N GLY B 41 -5.31 -20.58 -21.34
CA GLY B 41 -5.88 -21.02 -20.05
C GLY B 41 -7.05 -22.01 -20.12
N GLU B 42 -8.10 -21.80 -19.30
CA GLU B 42 -9.27 -22.70 -19.21
C GLU B 42 -10.17 -22.64 -20.46
N TRP B 43 -9.83 -23.36 -21.52
CA TRP B 43 -10.59 -23.38 -22.78
C TRP B 43 -12.02 -23.86 -22.54
N THR B 44 -12.95 -22.93 -22.67
CA THR B 44 -14.37 -23.07 -22.40
C THR B 44 -15.20 -22.66 -23.62
N TYR B 45 -16.48 -23.06 -23.64
CA TYR B 45 -17.43 -22.77 -24.70
C TYR B 45 -18.87 -22.76 -24.16
N ASP B 46 -19.83 -22.23 -24.94
CA ASP B 46 -21.27 -22.23 -24.65
C ASP B 46 -22.10 -22.52 -25.91
N ASP B 47 -23.35 -22.99 -25.74
CA ASP B 47 -24.25 -23.37 -26.85
C ASP B 47 -25.57 -22.59 -26.91
N ALA B 48 -25.74 -21.59 -26.03
CA ALA B 48 -26.83 -20.61 -26.05
C ALA B 48 -26.37 -19.26 -26.62
N THR B 49 -25.08 -18.92 -26.45
CA THR B 49 -24.48 -17.68 -26.97
C THR B 49 -23.22 -17.94 -27.81
N LYS B 50 -22.84 -19.21 -28.00
CA LYS B 50 -21.80 -19.65 -28.97
C LYS B 50 -20.47 -18.90 -28.84
N THR B 51 -20.07 -18.69 -27.58
CA THR B 51 -18.95 -17.84 -27.17
C THR B 51 -17.95 -18.67 -26.36
N PHE B 52 -16.76 -18.86 -26.92
CA PHE B 52 -15.62 -19.44 -26.23
C PHE B 52 -15.12 -18.52 -25.11
N THR B 53 -14.37 -19.07 -24.16
CA THR B 53 -13.63 -18.35 -23.13
C THR B 53 -12.34 -19.12 -22.84
N VAL B 54 -11.32 -18.46 -22.30
CA VAL B 54 -10.01 -19.04 -21.98
C VAL B 54 -9.30 -18.22 -20.90
N THR B 55 -9.65 -18.48 -19.64
CA THR B 55 -9.12 -17.77 -18.46
C THR B 55 -7.70 -18.20 -18.11
N GLU B 56 -6.74 -17.28 -18.23
CA GLU B 56 -5.34 -17.46 -17.85
C GLU B 56 -4.93 -16.67 -16.60
N GLY B 57 -3.84 -17.11 -15.97
CA GLY B 57 -3.14 -16.41 -14.90
C GLY B 57 -1.69 -16.86 -14.67
N SER B 58 -1.29 -18.05 -15.14
CA SER B 58 0.04 -18.63 -14.86
C SER B 58 0.50 -19.80 -15.77
N HIS B 59 -0.35 -20.36 -16.65
CA HIS B 59 0.00 -21.51 -17.50
C HIS B 59 1.10 -21.20 -18.53
N HIS B 60 1.07 -20.00 -19.09
CA HIS B 60 2.04 -19.46 -20.07
C HIS B 60 2.24 -17.94 -19.87
N HIS B 61 1.16 -17.21 -19.58
CA HIS B 61 1.19 -15.82 -19.14
C HIS B 61 1.72 -15.73 -17.69
N HIS B 62 2.96 -15.24 -17.54
CA HIS B 62 3.68 -15.11 -16.27
C HIS B 62 2.93 -14.32 -15.17
N HIS B 63 3.27 -14.56 -13.92
CA HIS B 63 2.61 -14.02 -12.71
C HIS B 63 2.66 -12.48 -12.59
N HIS B 64 3.63 -11.82 -13.25
CA HIS B 64 3.94 -10.39 -13.12
C HIS B 64 4.52 -9.84 -14.44
N MET B 65 4.48 -8.52 -14.64
CA MET B 65 4.94 -7.90 -15.91
C MET B 65 5.45 -6.44 -15.78
N HIS B 66 4.90 -5.65 -14.86
CA HIS B 66 5.18 -4.22 -14.68
C HIS B 66 4.90 -3.77 -13.24
N ARG B 67 5.28 -2.52 -12.89
CA ARG B 67 5.00 -1.93 -11.56
C ARG B 67 3.49 -1.83 -11.27
N ASP B 68 3.15 -1.60 -10.00
CA ASP B 68 1.79 -1.72 -9.47
C ASP B 68 1.43 -0.72 -8.37
N SER B 69 0.13 -0.56 -8.14
CA SER B 69 -0.51 0.14 -7.00
C SER B 69 -1.99 -0.27 -6.94
N CYS B 70 -2.60 -0.17 -5.75
CA CYS B 70 -3.94 -0.61 -5.31
C CYS B 70 -3.96 -1.87 -4.37
N PRO B 71 -2.96 -2.78 -4.27
CA PRO B 71 -3.02 -3.94 -3.38
C PRO B 71 -2.73 -3.56 -1.91
N LEU B 72 -3.63 -2.78 -1.31
CA LEU B 72 -3.55 -2.09 0.00
C LEU B 72 -2.48 -0.97 0.06
N ASP B 73 -1.29 -1.23 -0.47
CA ASP B 73 -0.06 -0.44 -0.45
C ASP B 73 0.41 0.03 0.94
N CYS B 74 -0.35 0.93 1.60
CA CYS B 74 -0.16 1.50 2.95
C CYS B 74 1.18 2.23 3.23
N LYS B 75 2.16 2.10 2.34
CA LYS B 75 3.53 2.62 2.44
C LYS B 75 3.67 3.92 1.66
N VAL B 76 4.55 4.82 2.11
CA VAL B 76 4.68 6.21 1.64
C VAL B 76 6.15 6.58 1.44
N TYR B 77 6.42 7.32 0.38
CA TYR B 77 7.69 7.99 0.10
C TYR B 77 7.59 9.43 0.59
N VAL B 78 8.71 10.02 1.02
CA VAL B 78 8.74 11.42 1.41
C VAL B 78 10.13 12.04 1.26
N GLY B 79 10.13 13.36 1.10
CA GLY B 79 11.31 14.21 1.17
C GLY B 79 10.94 15.60 1.71
N ASN B 80 11.85 16.26 2.42
CA ASN B 80 11.55 17.49 3.18
C ASN B 80 12.81 18.33 3.50
N LEU B 81 12.60 19.65 3.63
CA LEU B 81 13.55 20.73 3.94
C LEU B 81 14.76 20.89 2.98
N GLY B 82 15.55 19.82 2.83
CA GLY B 82 16.85 19.78 2.17
C GLY B 82 17.99 19.39 3.13
N ASN B 83 17.76 19.50 4.45
CA ASN B 83 18.75 19.27 5.51
C ASN B 83 18.15 18.74 6.84
N ASN B 84 17.14 17.87 6.77
CA ASN B 84 16.59 17.11 7.90
C ASN B 84 16.43 15.61 7.54
N GLY B 85 17.16 14.74 8.26
CA GLY B 85 17.07 13.28 8.20
C GLY B 85 17.02 12.67 9.61
N ASN B 86 16.13 13.19 10.46
CA ASN B 86 16.06 12.91 11.91
C ASN B 86 14.67 12.34 12.34
N LYS B 87 13.77 12.10 11.38
CA LYS B 87 12.36 11.66 11.46
C LYS B 87 11.37 12.40 12.38
N THR B 88 11.79 13.01 13.47
CA THR B 88 10.92 13.57 14.54
C THR B 88 9.76 14.42 14.05
N GLU B 89 10.01 15.40 13.16
CA GLU B 89 8.95 16.28 12.69
C GLU B 89 8.07 15.58 11.66
N LEU B 90 8.63 14.89 10.66
CA LEU B 90 7.78 14.17 9.71
C LEU B 90 6.93 13.09 10.42
N GLU B 91 7.45 12.46 11.45
CA GLU B 91 6.75 11.48 12.29
C GLU B 91 5.52 12.08 12.99
N ARG B 92 5.63 13.26 13.64
CA ARG B 92 4.44 13.94 14.17
C ARG B 92 3.51 14.43 13.05
N ALA B 93 4.07 14.94 11.95
CA ALA B 93 3.31 15.48 10.82
C ALA B 93 2.44 14.42 10.16
N PHE B 94 2.99 13.22 9.98
CA PHE B 94 2.27 12.05 9.49
C PHE B 94 1.25 11.58 10.49
N GLY B 95 1.69 11.15 11.67
CA GLY B 95 0.80 10.59 12.68
C GLY B 95 -0.36 11.51 13.14
N TYR B 96 -0.24 12.82 12.91
CA TYR B 96 -1.30 13.84 13.05
C TYR B 96 -2.55 13.52 12.19
N TYR B 97 -2.38 13.19 10.90
CA TYR B 97 -3.48 12.74 10.03
C TYR B 97 -4.02 11.39 10.51
N GLY B 98 -3.09 10.51 10.88
CA GLY B 98 -3.47 9.27 11.57
C GLY B 98 -2.29 8.37 11.93
N PRO B 99 -2.43 7.42 12.85
CA PRO B 99 -1.30 6.69 13.42
C PRO B 99 -0.43 5.95 12.39
N LEU B 100 0.86 5.87 12.71
CA LEU B 100 1.91 5.31 11.87
C LEU B 100 2.26 3.88 12.33
N ARG B 101 2.52 2.99 11.38
CA ARG B 101 3.02 1.61 11.60
C ARG B 101 4.54 1.51 11.45
N SER B 102 5.16 2.36 10.63
CA SER B 102 6.62 2.56 10.57
C SER B 102 6.98 3.95 10.01
N VAL B 103 8.18 4.44 10.36
CA VAL B 103 8.78 5.67 9.84
C VAL B 103 10.29 5.44 9.71
N TRP B 104 10.86 5.88 8.59
CA TRP B 104 12.26 5.65 8.23
C TRP B 104 12.84 6.85 7.49
N VAL B 105 14.13 7.13 7.66
CA VAL B 105 14.84 8.20 6.94
C VAL B 105 16.28 7.75 6.63
N ALA B 106 16.87 8.32 5.57
CA ALA B 106 18.19 7.91 5.08
C ALA B 106 19.29 8.88 5.55
N ARG B 107 20.35 8.32 6.14
CA ARG B 107 21.46 9.09 6.73
C ARG B 107 22.40 9.76 5.70
N ASN B 108 22.55 9.19 4.50
CA ASN B 108 23.46 9.73 3.48
C ASN B 108 22.87 10.95 2.74
N PRO B 109 21.57 11.00 2.39
CA PRO B 109 20.87 12.18 1.90
C PRO B 109 19.84 12.66 2.93
N PRO B 110 20.24 13.43 3.97
CA PRO B 110 19.36 13.89 5.06
C PRO B 110 18.37 14.97 4.61
N GLY B 111 17.41 14.57 3.77
CA GLY B 111 16.26 15.36 3.29
C GLY B 111 15.24 14.47 2.55
N PHE B 112 15.29 13.16 2.80
CA PHE B 112 14.59 12.07 2.11
C PHE B 112 14.25 10.98 3.14
N ALA B 113 13.11 10.33 2.95
CA ALA B 113 12.50 9.45 3.92
C ALA B 113 11.49 8.43 3.31
N PHE B 114 11.06 7.48 4.14
CA PHE B 114 9.94 6.57 3.83
C PHE B 114 9.08 6.26 5.09
N VAL B 115 7.86 5.73 4.90
CA VAL B 115 6.84 5.55 5.94
C VAL B 115 5.89 4.39 5.62
N GLU B 116 5.16 3.91 6.62
CA GLU B 116 4.00 3.03 6.49
C GLU B 116 2.97 3.46 7.55
N PHE B 117 1.75 3.82 7.12
CA PHE B 117 0.69 4.21 8.04
C PHE B 117 -0.09 2.99 8.58
N GLU B 118 -0.94 3.18 9.60
CA GLU B 118 -1.79 2.12 10.14
C GLU B 118 -2.99 1.81 9.21
N ASP B 119 -3.64 2.84 8.67
CA ASP B 119 -4.73 2.78 7.69
C ASP B 119 -4.24 3.44 6.38
N PRO B 120 -4.38 2.80 5.19
CA PRO B 120 -4.08 3.42 3.90
C PRO B 120 -4.74 4.78 3.66
N ARG B 121 -5.89 5.05 4.30
CA ARG B 121 -6.55 6.37 4.27
C ARG B 121 -5.79 7.44 5.06
N ASP B 122 -4.98 7.08 6.07
CA ASP B 122 -4.05 8.02 6.72
C ASP B 122 -2.92 8.40 5.75
N ALA B 123 -2.36 7.41 5.05
CA ALA B 123 -1.40 7.64 3.97
C ALA B 123 -2.02 8.47 2.83
N ALA B 124 -3.29 8.24 2.47
CA ALA B 124 -4.00 9.05 1.49
C ALA B 124 -4.21 10.51 1.95
N ASP B 125 -4.58 10.74 3.21
CA ASP B 125 -4.62 12.08 3.82
C ASP B 125 -3.25 12.77 3.74
N ALA B 126 -2.16 12.05 3.99
CA ALA B 126 -0.81 12.61 3.93
C ALA B 126 -0.35 12.86 2.47
N VAL B 127 -0.55 11.92 1.56
CA VAL B 127 -0.27 12.08 0.13
C VAL B 127 -1.11 13.21 -0.51
N ARG B 128 -2.30 13.51 0.03
CA ARG B 128 -3.16 14.62 -0.40
C ARG B 128 -2.81 15.96 0.26
N GLU B 129 -2.44 15.98 1.55
CA GLU B 129 -2.35 17.20 2.36
C GLU B 129 -0.95 17.50 2.97
N LEU B 130 -0.12 16.47 3.20
CA LEU B 130 1.26 16.58 3.71
C LEU B 130 2.28 16.77 2.57
N ASP B 131 1.91 16.42 1.33
CA ASP B 131 2.65 16.71 0.09
C ASP B 131 2.63 18.20 -0.30
N GLY B 132 3.70 18.70 -0.91
CA GLY B 132 3.82 20.01 -1.59
C GLY B 132 3.61 21.33 -0.84
N ARG B 133 3.10 21.37 0.40
CA ARG B 133 2.86 22.65 1.12
C ARG B 133 4.17 23.24 1.62
N THR B 134 4.61 22.76 2.79
CA THR B 134 5.81 23.14 3.56
C THR B 134 5.86 22.20 4.78
N LEU B 135 7.06 21.89 5.23
CA LEU B 135 7.38 21.19 6.48
C LEU B 135 8.83 21.55 6.79
N CYS B 136 9.17 21.74 8.06
CA CYS B 136 10.42 22.33 8.56
C CYS B 136 10.51 23.82 8.21
N GLY B 137 10.27 24.19 6.94
CA GLY B 137 10.06 25.58 6.52
C GLY B 137 10.52 26.00 5.12
N CYS B 138 10.60 25.10 4.13
CA CYS B 138 10.92 25.46 2.76
C CYS B 138 10.09 24.61 1.80
N ARG B 139 10.41 23.33 1.66
CA ARG B 139 9.70 22.37 0.80
C ARG B 139 9.45 21.04 1.51
N VAL B 140 8.40 20.37 1.06
CA VAL B 140 8.03 18.99 1.39
C VAL B 140 7.43 18.34 0.14
N ARG B 141 7.68 17.05 -0.07
CA ARG B 141 7.20 16.24 -1.19
C ARG B 141 6.92 14.83 -0.69
N VAL B 142 5.75 14.27 -0.96
CA VAL B 142 5.28 13.02 -0.34
C VAL B 142 4.46 12.22 -1.38
N GLU B 143 4.71 10.92 -1.56
CA GLU B 143 3.94 10.09 -2.50
C GLU B 143 3.61 8.72 -1.89
N LEU B 144 2.68 7.97 -2.48
CA LEU B 144 2.47 6.57 -2.08
C LEU B 144 3.62 5.72 -2.64
N SER B 145 4.27 4.91 -1.81
CA SER B 145 5.46 4.14 -2.17
C SER B 145 5.14 3.13 -3.28
N ASN B 146 5.93 3.17 -4.36
CA ASN B 146 5.70 2.45 -5.61
C ASN B 146 7.00 1.83 -6.18
N GLY B 147 8.14 1.97 -5.49
CA GLY B 147 9.39 1.30 -5.91
C GLY B 147 9.34 -0.22 -5.73
N GLU B 148 8.91 -0.70 -4.55
CA GLU B 148 8.61 -2.11 -4.26
C GLU B 148 7.67 -2.25 -3.04
N LYS B 149 7.02 -3.40 -2.88
CA LYS B 149 5.98 -3.71 -1.87
C LYS B 149 6.54 -4.73 -0.89
N ARG B 150 7.09 -4.15 0.17
CA ARG B 150 7.93 -4.79 1.21
C ARG B 150 7.56 -4.36 2.63
N MET B 1 -21.58 -25.34 3.29
CA MET B 1 -21.80 -24.34 4.38
C MET B 1 -20.78 -23.21 4.23
N GLN B 2 -21.05 -22.00 4.72
CA GLN B 2 -20.08 -20.90 4.65
C GLN B 2 -19.10 -20.90 5.85
N TYR B 3 -17.83 -20.57 5.59
CA TYR B 3 -16.73 -20.48 6.54
C TYR B 3 -16.09 -19.08 6.43
N LYS B 4 -15.36 -18.62 7.45
CA LYS B 4 -14.70 -17.30 7.50
C LYS B 4 -13.17 -17.43 7.39
N LEU B 5 -12.48 -16.35 7.05
CA LEU B 5 -11.01 -16.21 7.04
C LEU B 5 -10.60 -14.81 7.52
N ILE B 6 -9.50 -14.71 8.27
CA ILE B 6 -8.86 -13.46 8.70
C ILE B 6 -7.45 -13.39 8.11
N LEU B 7 -7.16 -12.28 7.45
CA LEU B 7 -5.96 -11.96 6.68
C LEU B 7 -5.14 -10.91 7.44
N ASN B 8 -4.65 -11.28 8.61
CA ASN B 8 -3.92 -10.47 9.60
C ASN B 8 -2.55 -9.87 9.16
N GLY B 9 -2.43 -9.44 7.92
CA GLY B 9 -1.15 -9.08 7.32
C GLY B 9 -0.74 -7.62 7.51
N LYS B 10 0.58 -7.46 7.65
CA LYS B 10 1.30 -6.24 8.05
C LYS B 10 0.86 -4.94 7.38
N THR B 11 0.52 -4.96 6.09
CA THR B 11 0.26 -3.76 5.27
C THR B 11 -1.12 -3.73 4.60
N LEU B 12 -2.01 -4.65 4.97
CA LEU B 12 -3.28 -4.91 4.24
C LEU B 12 -4.48 -5.41 5.05
N LYS B 13 -4.28 -5.75 6.34
CA LYS B 13 -5.21 -6.50 7.21
C LYS B 13 -6.72 -6.55 6.85
N GLY B 14 -7.29 -7.76 6.90
CA GLY B 14 -8.75 -7.89 6.79
C GLY B 14 -9.37 -9.27 7.02
N GLU B 15 -10.56 -9.49 6.46
CA GLU B 15 -11.37 -10.72 6.61
C GLU B 15 -12.15 -11.04 5.32
N THR B 16 -12.64 -12.27 5.20
CA THR B 16 -13.57 -12.73 4.16
C THR B 16 -14.32 -13.99 4.60
N THR B 17 -15.14 -14.56 3.71
CA THR B 17 -15.84 -15.83 3.87
C THR B 17 -15.90 -16.58 2.53
N THR B 18 -16.30 -17.86 2.57
CA THR B 18 -16.47 -18.71 1.37
C THR B 18 -17.43 -19.85 1.65
N GLU B 19 -18.15 -20.31 0.62
CA GLU B 19 -18.92 -21.55 0.69
C GLU B 19 -17.92 -22.72 0.53
N ALA B 20 -17.81 -23.59 1.54
CA ALA B 20 -16.99 -24.79 1.53
C ALA B 20 -17.70 -26.03 2.10
N VAL B 21 -17.04 -27.19 2.05
CA VAL B 21 -17.51 -28.42 2.74
C VAL B 21 -17.04 -28.46 4.20
N ASP B 22 -15.81 -27.99 4.44
CA ASP B 22 -15.09 -27.76 5.71
C ASP B 22 -13.65 -27.35 5.34
N ALA B 23 -12.65 -27.51 6.21
CA ALA B 23 -11.22 -27.36 5.86
C ALA B 23 -10.78 -28.17 4.62
N ALA B 24 -11.52 -29.21 4.24
CA ALA B 24 -11.31 -29.99 3.01
C ALA B 24 -11.60 -29.19 1.71
N THR B 25 -12.14 -27.97 1.84
CA THR B 25 -12.42 -27.03 0.75
C THR B 25 -12.04 -25.58 1.13
N ALA B 26 -12.22 -25.17 2.38
CA ALA B 26 -11.83 -23.86 2.91
C ALA B 26 -10.29 -23.70 2.87
N GLU B 27 -9.54 -24.78 3.14
CA GLU B 27 -8.07 -24.75 3.11
C GLU B 27 -7.44 -24.80 1.70
N LYS B 28 -8.25 -24.74 0.63
CA LYS B 28 -7.79 -24.64 -0.76
C LYS B 28 -8.55 -23.57 -1.54
N VAL B 29 -9.24 -22.66 -0.85
CA VAL B 29 -10.03 -21.58 -1.48
C VAL B 29 -9.62 -20.20 -0.97
N PHE B 30 -9.38 -20.10 0.33
CA PHE B 30 -8.79 -18.90 0.93
C PHE B 30 -7.36 -18.68 0.44
N LYS B 31 -6.62 -19.75 0.10
CA LYS B 31 -5.25 -19.69 -0.44
C LYS B 31 -5.13 -18.81 -1.69
N GLN B 32 -6.20 -18.69 -2.48
CA GLN B 32 -6.23 -17.81 -3.65
C GLN B 32 -6.45 -16.35 -3.22
N TYR B 33 -7.55 -16.11 -2.51
CA TYR B 33 -8.00 -14.77 -2.08
C TYR B 33 -7.00 -14.09 -1.14
N ALA B 34 -6.41 -14.86 -0.23
CA ALA B 34 -5.36 -14.43 0.67
C ALA B 34 -4.16 -13.86 -0.10
N ASN B 35 -3.65 -14.61 -1.08
CA ASN B 35 -2.54 -14.15 -1.93
C ASN B 35 -2.91 -12.93 -2.79
N ASP B 36 -4.20 -12.67 -3.06
CA ASP B 36 -4.63 -11.45 -3.78
C ASP B 36 -4.74 -10.22 -2.87
N ASN B 37 -4.99 -10.39 -1.57
CA ASN B 37 -4.85 -9.27 -0.63
C ASN B 37 -3.35 -9.09 -0.36
N GLY B 38 -2.65 -10.20 -0.14
CA GLY B 38 -1.22 -10.34 -0.12
C GLY B 38 -0.70 -11.25 1.01
N VAL B 39 -1.57 -11.68 1.92
CA VAL B 39 -1.24 -12.60 2.99
C VAL B 39 -0.95 -14.02 2.51
N ASP B 40 -0.15 -14.76 3.28
CA ASP B 40 0.07 -16.21 3.11
C ASP B 40 0.84 -16.91 4.28
N GLY B 41 0.83 -16.33 5.49
CA GLY B 41 1.60 -16.73 6.67
C GLY B 41 1.08 -17.95 7.45
N GLU B 42 0.97 -17.82 8.78
CA GLU B 42 0.57 -18.89 9.71
C GLU B 42 -0.93 -19.27 9.59
N TRP B 43 -1.26 -20.09 8.59
CA TRP B 43 -2.62 -20.55 8.32
C TRP B 43 -3.17 -21.33 9.52
N THR B 44 -4.25 -20.79 10.07
CA THR B 44 -4.92 -21.23 11.30
C THR B 44 -6.40 -21.50 11.05
N TYR B 45 -7.06 -22.21 11.97
CA TYR B 45 -8.49 -22.53 11.93
C TYR B 45 -9.06 -22.69 13.35
N ASP B 46 -10.39 -22.72 13.45
CA ASP B 46 -11.14 -23.06 14.66
C ASP B 46 -12.35 -23.92 14.27
N ASP B 47 -12.50 -25.11 14.86
CA ASP B 47 -13.57 -26.04 14.48
C ASP B 47 -14.93 -25.79 15.16
N ALA B 48 -15.04 -24.81 16.06
CA ALA B 48 -16.25 -24.48 16.81
C ALA B 48 -16.89 -23.17 16.33
N THR B 49 -16.08 -22.23 15.84
CA THR B 49 -16.55 -20.99 15.20
C THR B 49 -16.27 -20.95 13.69
N LYS B 50 -15.64 -22.03 13.17
CA LYS B 50 -15.47 -22.31 11.73
C LYS B 50 -14.80 -21.15 10.97
N THR B 51 -13.80 -20.54 11.62
CA THR B 51 -13.15 -19.30 11.18
C THR B 51 -11.65 -19.52 11.02
N PHE B 52 -11.19 -19.54 9.77
CA PHE B 52 -9.78 -19.52 9.41
C PHE B 52 -9.11 -18.22 9.84
N THR B 53 -7.78 -18.23 9.92
CA THR B 53 -6.93 -17.07 10.10
C THR B 53 -5.64 -17.32 9.31
N VAL B 54 -4.92 -16.26 8.98
CA VAL B 54 -3.59 -16.27 8.38
C VAL B 54 -2.89 -15.01 8.90
N THR B 55 -1.71 -15.19 9.53
CA THR B 55 -0.95 -14.08 10.14
C THR B 55 0.50 -14.09 9.68
N GLU B 56 0.96 -12.94 9.22
CA GLU B 56 2.25 -12.78 8.53
C GLU B 56 3.43 -12.65 9.51
N GLY B 57 3.67 -13.70 10.31
CA GLY B 57 4.85 -13.89 11.16
C GLY B 57 6.11 -13.98 10.31
N SER B 58 6.69 -12.82 10.00
CA SER B 58 7.76 -12.62 9.00
C SER B 58 8.99 -11.85 9.52
N HIS B 59 9.09 -11.66 10.85
CA HIS B 59 10.17 -10.99 11.57
C HIS B 59 11.51 -11.79 11.60
N HIS B 60 11.85 -12.47 10.49
CA HIS B 60 12.94 -13.46 10.38
C HIS B 60 13.74 -13.33 9.05
N HIS B 61 13.50 -12.30 8.22
CA HIS B 61 14.23 -12.12 6.94
C HIS B 61 14.54 -10.65 6.62
N HIS B 62 13.53 -9.82 6.28
CA HIS B 62 13.71 -8.45 5.79
C HIS B 62 12.41 -7.65 5.95
N HIS B 63 12.08 -7.27 7.20
CA HIS B 63 10.88 -6.51 7.56
C HIS B 63 9.61 -7.08 6.88
N HIS B 64 8.98 -6.33 5.96
CA HIS B 64 7.89 -6.75 5.09
C HIS B 64 7.93 -5.93 3.79
N MET B 65 7.80 -6.57 2.63
CA MET B 65 7.88 -5.92 1.30
C MET B 65 7.11 -6.72 0.24
N HIS B 66 6.54 -6.00 -0.73
CA HIS B 66 5.82 -6.55 -1.89
C HIS B 66 6.11 -5.76 -3.17
N ARG B 67 6.03 -6.43 -4.32
CA ARG B 67 6.06 -5.87 -5.69
C ARG B 67 5.33 -6.83 -6.62
N ASP B 68 4.13 -7.23 -6.22
CA ASP B 68 3.33 -8.31 -6.80
C ASP B 68 1.84 -7.91 -6.81
N SER B 69 1.15 -8.00 -5.67
CA SER B 69 -0.20 -7.40 -5.52
C SER B 69 -0.09 -5.90 -5.20
N CYS B 70 -1.23 -5.19 -5.21
CA CYS B 70 -1.29 -3.72 -5.17
C CYS B 70 -2.05 -3.03 -4.02
N PRO B 71 -3.06 -3.61 -3.31
CA PRO B 71 -3.87 -2.91 -2.31
C PRO B 71 -3.18 -2.78 -0.93
N LEU B 72 -1.90 -2.39 -0.94
CA LEU B 72 -0.97 -2.28 0.20
C LEU B 72 -0.50 -0.82 0.36
N ASP B 73 -1.30 0.14 -0.11
CA ASP B 73 -0.98 1.57 -0.27
C ASP B 73 -0.55 2.36 0.98
N CYS B 74 -0.58 1.76 2.19
CA CYS B 74 -0.15 2.41 3.43
C CYS B 74 1.36 2.76 3.50
N LYS B 75 2.20 2.15 2.66
CA LYS B 75 3.63 2.54 2.48
C LYS B 75 3.78 3.82 1.63
N VAL B 76 4.53 4.77 2.17
CA VAL B 76 4.67 6.17 1.73
C VAL B 76 6.14 6.56 1.54
N TYR B 77 6.40 7.37 0.51
CA TYR B 77 7.66 8.04 0.25
C TYR B 77 7.68 9.45 0.84
N VAL B 78 8.85 9.95 1.26
CA VAL B 78 8.99 11.35 1.63
C VAL B 78 10.40 11.89 1.43
N GLY B 79 10.48 13.17 1.12
CA GLY B 79 11.70 13.98 1.11
C GLY B 79 11.37 15.42 1.46
N ASN B 80 12.17 16.07 2.31
CA ASN B 80 11.79 17.36 2.89
C ASN B 80 12.95 18.27 3.33
N LEU B 81 12.74 19.59 3.21
CA LEU B 81 13.58 20.75 3.53
C LEU B 81 14.96 20.80 2.84
N GLY B 82 15.72 19.71 2.92
CA GLY B 82 17.13 19.55 2.56
C GLY B 82 17.89 18.79 3.67
N ASN B 83 17.38 18.88 4.91
CA ASN B 83 17.81 18.11 6.09
C ASN B 83 16.59 17.80 6.99
N ASN B 84 16.27 16.51 7.15
CA ASN B 84 15.15 15.94 7.91
C ASN B 84 15.45 14.54 8.49
N GLY B 85 16.70 14.06 8.38
CA GLY B 85 17.14 12.68 8.68
C GLY B 85 17.26 12.32 10.18
N ASN B 86 16.35 12.85 11.00
CA ASN B 86 16.18 12.57 12.43
C ASN B 86 14.73 12.13 12.74
N LYS B 87 13.88 11.99 11.70
CA LYS B 87 12.44 11.68 11.66
C LYS B 87 11.45 12.52 12.50
N THR B 88 11.89 13.21 13.54
CA THR B 88 11.04 13.87 14.57
C THR B 88 9.85 14.66 14.02
N GLU B 89 10.08 15.64 13.15
CA GLU B 89 9.00 16.49 12.69
C GLU B 89 8.12 15.76 11.67
N LEU B 90 8.70 15.05 10.70
CA LEU B 90 7.87 14.29 9.75
C LEU B 90 7.02 13.22 10.45
N GLU B 91 7.52 12.63 11.53
CA GLU B 91 6.82 11.63 12.34
C GLU B 91 5.58 12.23 13.01
N ARG B 92 5.68 13.42 13.63
CA ARG B 92 4.47 14.12 14.12
C ARG B 92 3.57 14.59 12.98
N ALA B 93 4.17 15.04 11.86
CA ALA B 93 3.43 15.57 10.70
C ALA B 93 2.53 14.51 10.08
N PHE B 94 3.06 13.30 9.91
CA PHE B 94 2.33 12.13 9.44
C PHE B 94 1.27 11.69 10.44
N GLY B 95 1.70 11.26 11.62
CA GLY B 95 0.79 10.68 12.59
C GLY B 95 -0.36 11.60 13.06
N TYR B 96 -0.23 12.92 12.86
CA TYR B 96 -1.29 13.92 13.01
C TYR B 96 -2.54 13.62 12.15
N TYR B 97 -2.37 13.32 10.85
CA TYR B 97 -3.49 12.95 9.95
C TYR B 97 -4.04 11.58 10.31
N GLY B 98 -3.14 10.64 10.62
CA GLY B 98 -3.55 9.36 11.20
C GLY B 98 -2.38 8.50 11.67
N PRO B 99 -2.54 7.56 12.62
CA PRO B 99 -1.41 6.88 13.24
C PRO B 99 -0.48 6.15 12.25
N LEU B 100 0.81 6.23 12.55
CA LEU B 100 1.87 5.50 11.87
C LEU B 100 2.09 4.11 12.51
N ARG B 101 2.71 3.20 11.75
CA ARG B 101 3.18 1.88 12.20
C ARG B 101 4.70 1.73 12.05
N SER B 102 5.30 2.40 11.06
CA SER B 102 6.76 2.55 10.91
C SER B 102 7.10 3.93 10.33
N VAL B 103 8.26 4.46 10.71
CA VAL B 103 8.86 5.68 10.13
C VAL B 103 10.36 5.43 9.98
N TRP B 104 10.91 5.72 8.80
CA TRP B 104 12.26 5.39 8.39
C TRP B 104 12.88 6.55 7.62
N VAL B 105 14.17 6.77 7.80
CA VAL B 105 14.95 7.81 7.10
C VAL B 105 16.36 7.28 6.82
N ALA B 106 17.03 7.82 5.81
CA ALA B 106 18.41 7.45 5.50
C ALA B 106 19.37 8.57 5.92
N ARG B 107 20.43 8.23 6.68
CA ARG B 107 21.49 9.19 7.06
C ARG B 107 22.23 9.70 5.82
N ASN B 108 22.55 8.82 4.87
CA ASN B 108 23.44 9.10 3.73
C ASN B 108 23.02 10.40 3.00
N PRO B 109 21.80 10.51 2.41
CA PRO B 109 21.22 11.78 1.99
C PRO B 109 20.24 12.21 3.11
N PRO B 110 20.64 13.06 4.08
CA PRO B 110 19.87 13.32 5.31
C PRO B 110 18.58 14.15 5.13
N GLY B 111 17.94 14.13 3.96
CA GLY B 111 16.71 14.89 3.63
C GLY B 111 15.67 14.06 2.86
N PHE B 112 15.79 12.74 2.90
CA PHE B 112 15.00 11.74 2.17
C PHE B 112 14.65 10.59 3.13
N ALA B 113 13.46 9.98 2.96
CA ALA B 113 12.86 9.09 3.93
C ALA B 113 11.73 8.21 3.38
N PHE B 114 11.21 7.31 4.22
CA PHE B 114 10.01 6.49 3.91
C PHE B 114 9.18 6.19 5.17
N VAL B 115 7.85 6.08 5.05
CA VAL B 115 6.97 5.76 6.19
C VAL B 115 5.91 4.71 5.85
N GLU B 116 5.21 4.24 6.88
CA GLU B 116 4.15 3.25 6.79
C GLU B 116 3.06 3.64 7.78
N PHE B 117 1.91 4.08 7.27
CA PHE B 117 0.74 4.37 8.09
C PHE B 117 0.03 3.10 8.57
N GLU B 118 -0.78 3.21 9.62
CA GLU B 118 -1.61 2.11 10.11
C GLU B 118 -2.56 1.61 9.02
N ASP B 119 -3.22 2.48 8.27
CA ASP B 119 -4.16 2.09 7.21
C ASP B 119 -4.02 2.99 5.96
N PRO B 120 -4.25 2.48 4.73
CA PRO B 120 -4.19 3.27 3.49
C PRO B 120 -4.97 4.58 3.51
N ARG B 121 -6.12 4.64 4.19
CA ARG B 121 -6.89 5.88 4.40
C ARG B 121 -6.13 6.95 5.19
N ASP B 122 -5.24 6.57 6.10
CA ASP B 122 -4.38 7.51 6.83
C ASP B 122 -3.26 8.03 5.93
N ALA B 123 -2.61 7.15 5.16
CA ALA B 123 -1.63 7.55 4.15
C ALA B 123 -2.24 8.45 3.07
N ALA B 124 -3.46 8.18 2.62
CA ALA B 124 -4.16 9.01 1.64
C ALA B 124 -4.49 10.41 2.19
N ASP B 125 -5.06 10.53 3.40
CA ASP B 125 -5.28 11.82 4.06
C ASP B 125 -3.97 12.61 4.24
N ALA B 126 -2.90 11.92 4.64
CA ALA B 126 -1.59 12.51 4.80
C ALA B 126 -1.07 13.01 3.45
N VAL B 127 -0.86 12.13 2.46
CA VAL B 127 -0.35 12.49 1.13
C VAL B 127 -1.14 13.64 0.49
N ARG B 128 -2.47 13.66 0.64
CA ARG B 128 -3.34 14.73 0.14
C ARG B 128 -3.07 16.11 0.77
N GLU B 129 -2.84 16.21 2.09
CA GLU B 129 -2.63 17.48 2.80
C GLU B 129 -1.16 17.82 3.16
N LEU B 130 -0.23 16.86 3.05
CA LEU B 130 1.15 16.92 3.55
C LEU B 130 2.21 17.10 2.43
N ASP B 131 1.85 16.81 1.18
CA ASP B 131 2.71 16.98 0.00
C ASP B 131 2.72 18.43 -0.54
N GLY B 132 3.76 18.77 -1.31
CA GLY B 132 3.96 19.99 -2.13
C GLY B 132 3.95 21.38 -1.48
N ARG B 133 3.43 21.52 -0.25
CA ARG B 133 3.16 22.82 0.41
C ARG B 133 4.33 23.42 1.18
N THR B 134 5.11 22.55 1.82
CA THR B 134 6.29 22.69 2.69
C THR B 134 6.04 22.04 4.05
N LEU B 135 7.13 21.74 4.74
CA LEU B 135 7.21 21.09 6.07
C LEU B 135 8.61 21.41 6.59
N CYS B 136 8.74 21.72 7.89
CA CYS B 136 9.95 22.30 8.49
C CYS B 136 10.22 23.73 7.94
N GLY B 137 10.31 23.92 6.61
CA GLY B 137 10.28 25.24 5.98
C GLY B 137 11.19 25.50 4.78
N CYS B 138 11.03 24.76 3.67
CA CYS B 138 11.70 25.09 2.39
C CYS B 138 10.92 24.50 1.19
N ARG B 139 10.80 23.17 1.12
CA ARG B 139 10.02 22.42 0.12
C ARG B 139 9.81 20.98 0.60
N VAL B 140 8.70 20.36 0.21
CA VAL B 140 8.35 18.97 0.57
C VAL B 140 7.88 18.15 -0.65
N ARG B 141 8.22 16.86 -0.63
CA ARG B 141 7.75 15.79 -1.52
C ARG B 141 7.28 14.64 -0.63
N VAL B 142 6.03 14.23 -0.74
CA VAL B 142 5.46 13.10 0.01
C VAL B 142 4.59 12.33 -0.98
N GLU B 143 4.79 11.01 -1.14
CA GLU B 143 4.16 10.22 -2.21
C GLU B 143 3.80 8.81 -1.74
N LEU B 144 3.17 7.97 -2.57
CA LEU B 144 3.01 6.55 -2.26
C LEU B 144 4.30 5.81 -2.69
N SER B 145 4.91 5.02 -1.79
CA SER B 145 6.11 4.22 -2.09
C SER B 145 5.89 3.32 -3.31
N ASN B 146 6.72 3.49 -4.33
CA ASN B 146 6.65 2.83 -5.64
C ASN B 146 8.04 2.35 -6.12
N GLY B 147 9.10 2.60 -5.34
CA GLY B 147 10.46 2.14 -5.60
C GLY B 147 10.63 0.61 -5.55
N GLU B 148 11.81 0.14 -5.96
CA GLU B 148 12.27 -1.25 -5.88
C GLU B 148 13.73 -1.26 -5.39
N LYS B 149 14.15 -2.32 -4.68
CA LYS B 149 15.43 -2.34 -3.95
C LYS B 149 16.51 -3.18 -4.61
N ARG B 150 17.76 -2.80 -4.36
CA ARG B 150 18.96 -3.29 -5.04
C ARG B 150 20.02 -3.84 -4.06
N MET B 1 24.84 -9.65 -31.78
CA MET B 1 23.63 -9.89 -32.63
C MET B 1 22.38 -9.42 -31.86
N GLN B 2 21.35 -8.90 -32.53
CA GLN B 2 20.09 -8.51 -31.88
C GLN B 2 19.07 -9.66 -31.89
N TYR B 3 18.41 -9.87 -30.75
CA TYR B 3 17.44 -10.93 -30.48
C TYR B 3 16.12 -10.30 -30.05
N LYS B 4 14.99 -10.98 -30.27
CA LYS B 4 13.64 -10.49 -29.89
C LYS B 4 13.11 -11.25 -28.66
N LEU B 5 12.09 -10.72 -27.99
CA LEU B 5 11.33 -11.33 -26.90
C LEU B 5 9.86 -10.91 -26.99
N ILE B 6 8.94 -11.85 -26.75
CA ILE B 6 7.49 -11.62 -26.61
C ILE B 6 7.08 -11.95 -25.17
N LEU B 7 6.76 -10.92 -24.39
CA LEU B 7 6.15 -11.04 -23.08
C LEU B 7 4.66 -11.36 -23.25
N ASN B 8 4.32 -12.58 -23.63
CA ASN B 8 2.95 -13.08 -23.83
C ASN B 8 2.07 -13.15 -22.55
N GLY B 9 2.09 -12.09 -21.72
CA GLY B 9 1.38 -12.03 -20.46
C GLY B 9 -0.12 -11.79 -20.63
N LYS B 10 -0.90 -12.68 -20.03
CA LYS B 10 -2.37 -12.82 -20.11
C LYS B 10 -3.15 -11.50 -20.23
N THR B 11 -2.87 -10.57 -19.32
CA THR B 11 -3.66 -9.34 -19.13
C THR B 11 -2.86 -8.06 -19.48
N LEU B 12 -1.60 -8.18 -19.94
CA LEU B 12 -0.66 -7.06 -20.09
C LEU B 12 0.35 -7.13 -21.26
N LYS B 13 0.32 -8.22 -22.04
CA LYS B 13 1.32 -8.63 -23.05
C LYS B 13 2.04 -7.54 -23.87
N GLY B 14 3.27 -7.88 -24.23
CA GLY B 14 4.05 -7.11 -25.20
C GLY B 14 5.31 -7.79 -25.73
N GLU B 15 6.31 -7.02 -26.19
CA GLU B 15 7.56 -7.50 -26.81
C GLU B 15 8.68 -6.46 -26.75
N THR B 16 9.93 -6.89 -26.98
CA THR B 16 11.14 -6.05 -27.07
C THR B 16 12.24 -6.80 -27.84
N THR B 17 13.44 -6.22 -27.91
CA THR B 17 14.65 -6.83 -28.45
C THR B 17 15.88 -6.42 -27.61
N THR B 18 17.04 -7.02 -27.86
CA THR B 18 18.32 -6.62 -27.24
C THR B 18 19.51 -7.08 -28.06
N GLU B 19 20.63 -6.37 -27.95
CA GLU B 19 21.91 -6.85 -28.46
C GLU B 19 22.48 -7.85 -27.44
N ALA B 20 22.76 -9.06 -27.89
CA ALA B 20 23.27 -10.18 -27.11
C ALA B 20 24.27 -11.04 -27.90
N VAL B 21 24.90 -12.01 -27.24
CA VAL B 21 25.73 -13.01 -27.93
C VAL B 21 24.93 -14.21 -28.45
N ASP B 22 23.85 -14.56 -27.73
CA ASP B 22 22.80 -15.58 -27.94
C ASP B 22 22.01 -15.72 -26.63
N ALA B 23 21.31 -16.83 -26.37
CA ALA B 23 20.70 -17.15 -25.07
C ALA B 23 21.66 -17.00 -23.87
N ALA B 24 22.98 -17.08 -24.09
CA ALA B 24 24.00 -16.84 -23.06
C ALA B 24 24.07 -15.37 -22.59
N THR B 25 23.29 -14.48 -23.21
CA THR B 25 23.11 -13.08 -22.82
C THR B 25 21.63 -12.64 -22.90
N ALA B 26 20.87 -13.10 -23.89
CA ALA B 26 19.44 -12.81 -24.04
C ALA B 26 18.62 -13.43 -22.88
N GLU B 27 18.97 -14.63 -22.42
CA GLU B 27 18.29 -15.32 -21.31
C GLU B 27 18.60 -14.74 -19.91
N LYS B 28 19.38 -13.66 -19.82
CA LYS B 28 19.69 -12.92 -18.59
C LYS B 28 19.52 -11.41 -18.80
N VAL B 29 18.78 -11.00 -19.82
CA VAL B 29 18.48 -9.60 -20.13
C VAL B 29 16.97 -9.39 -20.20
N PHE B 30 16.30 -10.27 -20.94
CA PHE B 30 14.85 -10.25 -21.03
C PHE B 30 14.18 -10.50 -19.69
N LYS B 31 14.83 -11.26 -18.79
CA LYS B 31 14.38 -11.50 -17.42
C LYS B 31 14.18 -10.19 -16.64
N GLN B 32 14.97 -9.16 -16.93
CA GLN B 32 14.89 -7.86 -16.26
C GLN B 32 13.66 -7.07 -16.77
N TYR B 33 13.56 -6.96 -18.10
CA TYR B 33 12.47 -6.26 -18.79
C TYR B 33 11.11 -6.88 -18.53
N ALA B 34 11.03 -8.22 -18.56
CA ALA B 34 9.82 -8.97 -18.31
C ALA B 34 9.24 -8.64 -16.94
N ASN B 35 10.09 -8.71 -15.92
CA ASN B 35 9.70 -8.43 -14.55
C ASN B 35 9.41 -6.94 -14.28
N ASP B 36 9.88 -6.00 -15.11
CA ASP B 36 9.50 -4.58 -14.98
C ASP B 36 8.22 -4.20 -15.75
N ASN B 37 7.80 -5.01 -16.72
CA ASN B 37 6.46 -4.89 -17.32
C ASN B 37 5.47 -5.61 -16.38
N GLY B 38 5.91 -6.76 -15.86
CA GLY B 38 5.29 -7.59 -14.86
C GLY B 38 5.13 -9.08 -15.25
N VAL B 39 5.49 -9.46 -16.49
CA VAL B 39 5.38 -10.84 -16.96
C VAL B 39 6.47 -11.72 -16.38
N ASP B 40 6.13 -12.99 -16.23
CA ASP B 40 7.05 -14.06 -15.94
C ASP B 40 6.33 -15.39 -16.15
N GLY B 41 6.39 -15.91 -17.36
CA GLY B 41 5.75 -17.16 -17.79
C GLY B 41 6.67 -18.28 -18.30
N GLU B 42 6.16 -19.11 -19.23
CA GLU B 42 6.93 -20.17 -19.92
C GLU B 42 8.02 -19.57 -20.85
N TRP B 43 9.22 -19.35 -20.31
CA TRP B 43 10.35 -18.80 -21.04
C TRP B 43 10.75 -19.75 -22.17
N THR B 44 10.62 -19.24 -23.39
CA THR B 44 10.75 -19.96 -24.66
C THR B 44 11.71 -19.23 -25.60
N TYR B 45 12.17 -19.92 -26.64
CA TYR B 45 13.13 -19.40 -27.62
C TYR B 45 13.02 -20.11 -28.97
N ASP B 46 13.61 -19.52 -30.02
CA ASP B 46 13.58 -19.97 -31.41
C ASP B 46 14.94 -19.71 -32.08
N ASP B 47 15.31 -20.52 -33.07
CA ASP B 47 16.60 -20.44 -33.77
C ASP B 47 16.51 -20.25 -35.29
N ALA B 48 15.30 -20.07 -35.81
CA ALA B 48 15.04 -19.67 -37.18
C ALA B 48 14.88 -18.14 -37.27
N THR B 49 14.41 -17.50 -36.19
CA THR B 49 14.14 -16.05 -36.15
C THR B 49 14.77 -15.34 -34.94
N LYS B 50 15.37 -16.12 -34.02
CA LYS B 50 16.04 -15.65 -32.80
C LYS B 50 15.10 -14.87 -31.86
N THR B 51 13.89 -15.40 -31.65
CA THR B 51 12.81 -14.72 -30.91
C THR B 51 12.41 -15.49 -29.67
N PHE B 52 12.78 -14.95 -28.50
CA PHE B 52 12.28 -15.41 -27.21
C PHE B 52 10.76 -15.20 -27.10
N THR B 53 10.12 -15.92 -26.19
CA THR B 53 8.72 -15.72 -25.79
C THR B 53 8.60 -16.06 -24.30
N VAL B 54 7.57 -15.56 -23.64
CA VAL B 54 7.31 -15.82 -22.23
C VAL B 54 5.80 -15.72 -21.92
N THR B 55 5.10 -16.84 -22.06
CA THR B 55 3.65 -16.94 -21.86
C THR B 55 3.29 -17.19 -20.40
N GLU B 56 2.98 -16.10 -19.70
CA GLU B 56 2.41 -16.13 -18.35
C GLU B 56 0.94 -16.61 -18.34
N GLY B 57 0.29 -16.67 -19.52
CA GLY B 57 -1.03 -17.29 -19.76
C GLY B 57 -1.16 -18.80 -19.52
N SER B 58 -0.21 -19.43 -18.80
CA SER B 58 -0.24 -20.85 -18.37
C SER B 58 0.75 -21.19 -17.24
N HIS B 59 1.87 -20.46 -17.11
CA HIS B 59 2.98 -20.82 -16.22
C HIS B 59 3.61 -19.62 -15.48
N HIS B 60 4.57 -19.91 -14.58
CA HIS B 60 5.37 -18.97 -13.77
C HIS B 60 6.75 -19.62 -13.50
N HIS B 61 7.85 -18.86 -13.34
CA HIS B 61 9.21 -19.45 -13.31
C HIS B 61 10.22 -18.83 -12.32
N HIS B 62 10.08 -17.56 -11.93
CA HIS B 62 11.07 -16.84 -11.11
C HIS B 62 10.41 -16.01 -10.00
N HIS B 63 11.19 -15.67 -8.97
CA HIS B 63 10.84 -14.74 -7.88
C HIS B 63 11.83 -13.56 -7.80
N HIS B 64 12.47 -13.24 -8.93
CA HIS B 64 13.59 -12.32 -9.08
C HIS B 64 13.26 -10.85 -8.68
N MET B 65 12.00 -10.46 -8.77
CA MET B 65 11.47 -9.15 -8.34
C MET B 65 10.12 -9.32 -7.63
N HIS B 66 9.70 -8.29 -6.88
CA HIS B 66 8.45 -8.25 -6.09
C HIS B 66 7.14 -8.13 -6.90
N ARG B 67 7.11 -8.64 -8.15
CA ARG B 67 5.92 -8.67 -9.04
C ARG B 67 4.95 -9.82 -8.73
N ASP B 68 4.83 -10.15 -7.44
CA ASP B 68 4.06 -11.25 -6.85
C ASP B 68 2.82 -10.76 -6.07
N SER B 69 2.05 -11.72 -5.52
CA SER B 69 0.90 -11.55 -4.60
C SER B 69 -0.07 -10.39 -4.94
N CYS B 70 0.09 -9.22 -4.32
CA CYS B 70 -0.79 -8.06 -4.43
C CYS B 70 -0.03 -6.75 -4.19
N PRO B 71 -0.25 -5.68 -5.00
CA PRO B 71 0.26 -4.33 -4.70
C PRO B 71 -0.20 -3.83 -3.32
N LEU B 72 0.53 -2.85 -2.75
CA LEU B 72 0.20 -2.22 -1.46
C LEU B 72 0.23 -0.68 -1.59
N ASP B 73 -0.43 0.01 -0.65
CA ASP B 73 -0.75 1.44 -0.71
C ASP B 73 -0.35 2.28 0.52
N CYS B 74 -0.29 1.70 1.71
CA CYS B 74 0.01 2.42 2.95
C CYS B 74 1.48 2.88 3.10
N LYS B 75 2.35 2.51 2.15
CA LYS B 75 3.79 2.77 2.12
C LYS B 75 4.03 4.12 1.44
N VAL B 76 4.70 5.03 2.12
CA VAL B 76 4.82 6.44 1.76
C VAL B 76 6.27 6.89 1.58
N TYR B 77 6.52 7.69 0.54
CA TYR B 77 7.76 8.41 0.32
C TYR B 77 7.66 9.80 0.95
N VAL B 78 8.78 10.35 1.41
CA VAL B 78 8.85 11.75 1.82
C VAL B 78 10.23 12.33 1.50
N GLY B 79 10.25 13.52 0.91
CA GLY B 79 11.49 14.22 0.57
C GLY B 79 11.36 15.70 0.19
N ASN B 80 12.45 16.28 -0.31
CA ASN B 80 12.63 17.72 -0.56
C ASN B 80 12.05 18.59 0.59
N LEU B 81 12.35 18.19 1.82
CA LEU B 81 11.74 18.70 3.06
C LEU B 81 12.77 19.29 4.03
N GLY B 82 13.95 18.66 4.16
CA GLY B 82 14.99 19.09 5.11
C GLY B 82 14.89 18.42 6.49
N ASN B 83 14.30 17.23 6.58
CA ASN B 83 14.20 16.46 7.84
C ASN B 83 15.58 16.02 8.42
N ASN B 84 16.63 16.07 7.58
CA ASN B 84 18.04 15.81 7.89
C ASN B 84 18.26 14.54 8.74
N GLY B 85 17.52 13.47 8.42
CA GLY B 85 17.59 12.15 9.06
C GLY B 85 17.46 12.14 10.58
N ASN B 86 16.62 13.03 11.12
CA ASN B 86 16.37 13.19 12.56
C ASN B 86 14.90 12.86 12.94
N LYS B 87 14.07 12.52 11.94
CA LYS B 87 12.65 12.10 11.90
C LYS B 87 11.58 12.86 12.70
N THR B 88 11.93 13.55 13.78
CA THR B 88 11.03 14.14 14.77
C THR B 88 9.86 14.94 14.19
N GLU B 89 10.11 15.85 13.25
CA GLU B 89 9.04 16.67 12.70
C GLU B 89 8.21 15.88 11.69
N LEU B 90 8.83 15.13 10.76
CA LEU B 90 8.03 14.34 9.82
C LEU B 90 7.19 13.28 10.55
N GLU B 91 7.71 12.70 11.62
CA GLU B 91 7.05 11.69 12.45
C GLU B 91 5.80 12.26 13.16
N ARG B 92 5.90 13.44 13.80
CA ARG B 92 4.70 14.12 14.33
C ARG B 92 3.77 14.58 13.21
N ALA B 93 4.31 15.07 12.09
CA ALA B 93 3.53 15.58 10.96
C ALA B 93 2.65 14.50 10.35
N PHE B 94 3.19 13.29 10.21
CA PHE B 94 2.45 12.11 9.80
C PHE B 94 1.48 11.66 10.86
N GLY B 95 1.97 11.23 12.02
CA GLY B 95 1.12 10.68 13.06
C GLY B 95 0.00 11.63 13.57
N TYR B 96 0.12 12.94 13.33
CA TYR B 96 -0.92 13.96 13.51
C TYR B 96 -2.24 13.61 12.79
N TYR B 97 -2.17 13.25 11.49
CA TYR B 97 -3.34 12.85 10.68
C TYR B 97 -3.87 11.49 11.12
N GLY B 98 -2.95 10.55 11.34
CA GLY B 98 -3.32 9.22 11.87
C GLY B 98 -2.11 8.39 12.29
N PRO B 99 -2.23 7.36 13.14
CA PRO B 99 -1.06 6.71 13.70
C PRO B 99 -0.21 5.95 12.67
N LEU B 100 1.11 6.10 12.83
CA LEU B 100 2.14 5.46 12.02
C LEU B 100 2.35 3.98 12.41
N ARG B 101 2.85 3.18 11.47
CA ARG B 101 3.32 1.79 11.65
C ARG B 101 4.85 1.68 11.50
N SER B 102 5.49 2.57 10.73
CA SER B 102 6.96 2.72 10.66
C SER B 102 7.36 4.12 10.15
N VAL B 103 8.53 4.60 10.57
CA VAL B 103 9.20 5.81 10.04
C VAL B 103 10.70 5.54 9.87
N TRP B 104 11.22 5.89 8.70
CA TRP B 104 12.62 5.70 8.26
C TRP B 104 13.08 6.98 7.55
N VAL B 105 14.34 7.37 7.69
CA VAL B 105 14.86 8.69 7.24
C VAL B 105 16.28 8.61 6.69
N ALA B 106 16.55 7.44 6.13
CA ALA B 106 17.80 6.89 5.64
C ALA B 106 18.97 6.76 6.65
N ARG B 107 19.96 5.93 6.29
CA ARG B 107 21.14 5.59 7.13
C ARG B 107 22.20 6.69 7.18
N ASN B 108 22.22 7.58 6.18
CA ASN B 108 22.98 8.83 6.15
C ASN B 108 21.99 9.95 5.76
N PRO B 109 21.93 11.07 6.51
CA PRO B 109 20.88 12.08 6.41
C PRO B 109 20.79 12.75 5.03
N PRO B 110 19.73 12.48 4.23
CA PRO B 110 19.66 12.93 2.84
C PRO B 110 18.67 14.10 2.60
N GLY B 111 17.86 14.44 3.61
CA GLY B 111 16.72 15.37 3.50
C GLY B 111 15.41 14.67 3.11
N PHE B 112 15.52 13.45 2.56
CA PHE B 112 14.44 12.50 2.29
C PHE B 112 14.25 11.45 3.41
N ALA B 113 13.29 10.56 3.23
CA ALA B 113 12.78 9.60 4.18
C ALA B 113 11.75 8.65 3.52
N PHE B 114 11.32 7.63 4.25
CA PHE B 114 10.20 6.75 3.85
C PHE B 114 9.40 6.32 5.11
N VAL B 115 8.07 6.24 5.03
CA VAL B 115 7.19 5.89 6.16
C VAL B 115 6.11 4.88 5.78
N GLU B 116 5.37 4.39 6.77
CA GLU B 116 4.16 3.60 6.60
C GLU B 116 3.20 3.88 7.75
N PHE B 117 1.91 4.02 7.44
CA PHE B 117 0.86 4.26 8.42
C PHE B 117 0.13 2.98 8.84
N GLU B 118 -0.69 3.03 9.89
CA GLU B 118 -1.54 1.89 10.27
C GLU B 118 -2.70 1.63 9.28
N ASP B 119 -3.18 2.66 8.57
CA ASP B 119 -4.37 2.58 7.70
C ASP B 119 -4.20 3.48 6.46
N PRO B 120 -4.38 2.95 5.23
CA PRO B 120 -4.14 3.68 3.99
C PRO B 120 -5.14 4.82 3.73
N ARG B 121 -6.33 4.83 4.35
CA ARG B 121 -7.23 6.00 4.33
C ARG B 121 -6.52 7.20 4.95
N ASP B 122 -5.92 7.00 6.12
CA ASP B 122 -5.26 8.07 6.87
C ASP B 122 -3.90 8.41 6.25
N ALA B 123 -3.19 7.41 5.69
CA ALA B 123 -2.00 7.63 4.88
C ALA B 123 -2.30 8.50 3.65
N ALA B 124 -3.41 8.25 2.96
CA ALA B 124 -3.83 9.02 1.79
C ALA B 124 -4.27 10.44 2.18
N ASP B 125 -5.01 10.61 3.28
CA ASP B 125 -5.38 11.93 3.80
C ASP B 125 -4.13 12.75 4.19
N ALA B 126 -3.15 12.09 4.81
CA ALA B 126 -1.85 12.68 5.16
C ALA B 126 -1.07 13.08 3.90
N VAL B 127 -0.85 12.14 2.97
CA VAL B 127 -0.19 12.38 1.67
C VAL B 127 -0.83 13.55 0.91
N ARG B 128 -2.17 13.58 0.82
CA ARG B 128 -2.92 14.64 0.13
C ARG B 128 -2.62 16.02 0.71
N GLU B 129 -2.57 16.14 2.05
CA GLU B 129 -2.44 17.44 2.73
C GLU B 129 -1.00 17.82 3.12
N LEU B 130 -0.05 16.88 3.06
CA LEU B 130 1.38 17.10 3.30
C LEU B 130 2.15 17.53 2.04
N ASP B 131 1.84 16.96 0.88
CA ASP B 131 2.64 17.12 -0.35
C ASP B 131 2.71 18.56 -0.89
N GLY B 132 3.83 18.93 -1.54
CA GLY B 132 4.06 20.15 -2.33
C GLY B 132 3.96 21.53 -1.67
N ARG B 133 3.39 21.64 -0.47
CA ARG B 133 3.01 22.92 0.17
C ARG B 133 4.19 23.62 0.85
N THR B 134 4.71 22.98 1.91
CA THR B 134 5.69 23.42 2.94
C THR B 134 5.35 22.66 4.23
N LEU B 135 6.36 22.26 5.00
CA LEU B 135 6.16 21.60 6.32
C LEU B 135 7.29 21.98 7.30
N CYS B 136 8.54 21.66 6.94
CA CYS B 136 9.72 22.12 7.69
C CYS B 136 10.25 23.44 7.11
N GLY B 137 10.38 23.56 5.79
CA GLY B 137 10.68 24.83 5.10
C GLY B 137 11.35 24.69 3.74
N CYS B 138 10.78 23.86 2.84
CA CYS B 138 11.38 23.49 1.55
C CYS B 138 10.29 23.23 0.47
N ARG B 139 10.58 22.39 -0.54
CA ARG B 139 9.74 22.09 -1.71
C ARG B 139 9.23 20.66 -1.65
N VAL B 140 8.46 20.43 -0.58
CA VAL B 140 7.98 19.14 -0.05
C VAL B 140 7.50 18.17 -1.10
N ARG B 141 7.91 16.93 -0.93
CA ARG B 141 7.44 15.75 -1.64
C ARG B 141 6.98 14.77 -0.59
N VAL B 142 5.74 14.32 -0.68
CA VAL B 142 5.22 13.23 0.15
C VAL B 142 4.32 12.40 -0.78
N GLU B 143 4.67 11.14 -1.06
CA GLU B 143 4.03 10.36 -2.14
C GLU B 143 3.82 8.89 -1.76
N LEU B 144 3.28 8.07 -2.66
CA LEU B 144 3.26 6.61 -2.51
C LEU B 144 4.63 6.06 -2.95
N SER B 145 5.27 5.23 -2.12
CA SER B 145 6.66 4.79 -2.34
C SER B 145 6.81 3.78 -3.50
N ASN B 146 6.96 4.31 -4.72
CA ASN B 146 7.19 3.58 -5.98
C ASN B 146 8.62 3.00 -6.05
N GLY B 147 8.93 2.00 -5.21
CA GLY B 147 10.22 1.30 -5.21
C GLY B 147 10.22 -0.16 -4.71
N GLU B 148 9.34 -0.53 -3.77
CA GLU B 148 9.19 -1.91 -3.27
C GLU B 148 7.85 -2.12 -2.51
N LYS B 149 7.60 -3.36 -2.05
CA LYS B 149 6.50 -3.70 -1.11
C LYS B 149 6.92 -4.75 -0.07
N ARG B 150 6.29 -4.69 1.12
CA ARG B 150 6.47 -5.62 2.26
C ARG B 150 5.16 -5.88 3.00
N MET B 1 -24.27 -28.88 17.05
CA MET B 1 -24.02 -27.58 16.37
C MET B 1 -22.68 -27.63 15.62
N GLN B 2 -22.43 -26.68 14.72
CA GLN B 2 -21.21 -26.68 13.91
C GLN B 2 -20.00 -26.03 14.63
N TYR B 3 -18.80 -26.56 14.40
CA TYR B 3 -17.51 -26.10 14.91
C TYR B 3 -16.54 -25.92 13.73
N LYS B 4 -15.49 -25.12 13.88
CA LYS B 4 -14.49 -24.82 12.82
C LYS B 4 -13.14 -25.47 13.15
N LEU B 5 -12.25 -25.62 12.16
CA LEU B 5 -10.87 -26.09 12.26
C LEU B 5 -9.96 -25.34 11.29
N ILE B 6 -8.75 -24.99 11.72
CA ILE B 6 -7.63 -24.47 10.91
C ILE B 6 -6.51 -25.50 10.92
N LEU B 7 -5.99 -25.87 9.75
CA LEU B 7 -4.82 -26.72 9.52
C LEU B 7 -3.62 -25.89 9.04
N ASN B 8 -3.05 -25.07 9.90
CA ASN B 8 -1.77 -24.41 9.65
C ASN B 8 -0.65 -25.43 9.41
N GLY B 9 -0.11 -25.47 8.18
CA GLY B 9 0.97 -26.41 7.84
C GLY B 9 1.84 -26.04 6.63
N LYS B 10 2.94 -26.78 6.48
CA LYS B 10 4.08 -26.53 5.56
C LYS B 10 3.76 -26.10 4.12
N THR B 11 2.92 -26.84 3.41
CA THR B 11 2.71 -26.66 1.96
C THR B 11 1.25 -26.89 1.54
N LEU B 12 0.30 -26.70 2.47
CA LEU B 12 -1.10 -27.10 2.28
C LEU B 12 -2.15 -26.27 3.04
N LYS B 13 -1.73 -25.28 3.85
CA LYS B 13 -2.58 -24.57 4.83
C LYS B 13 -4.06 -24.45 4.48
N GLY B 14 -4.92 -24.77 5.44
CA GLY B 14 -6.35 -24.54 5.24
C GLY B 14 -7.25 -24.50 6.45
N GLU B 15 -8.56 -24.47 6.22
CA GLU B 15 -9.62 -24.47 7.25
C GLU B 15 -10.92 -25.11 6.73
N THR B 16 -11.74 -25.59 7.66
CA THR B 16 -13.00 -26.31 7.42
C THR B 16 -13.90 -26.24 8.65
N THR B 17 -15.04 -26.92 8.62
CA THR B 17 -16.00 -27.02 9.73
C THR B 17 -16.62 -28.41 9.81
N THR B 18 -17.35 -28.71 10.88
CA THR B 18 -18.08 -29.97 11.09
C THR B 18 -19.24 -29.79 12.04
N GLU B 19 -20.30 -30.57 11.87
CA GLU B 19 -21.37 -30.68 12.87
C GLU B 19 -20.84 -31.60 14.00
N ALA B 20 -20.77 -31.10 15.23
CA ALA B 20 -20.35 -31.85 16.42
C ALA B 20 -21.19 -31.53 17.68
N VAL B 21 -20.92 -32.24 18.77
CA VAL B 21 -21.47 -31.90 20.09
C VAL B 21 -20.66 -30.78 20.75
N ASP B 22 -19.33 -30.93 20.72
CA ASP B 22 -18.25 -30.05 21.19
C ASP B 22 -16.93 -30.80 20.90
N ALA B 23 -15.82 -30.52 21.59
CA ALA B 23 -14.58 -31.30 21.52
C ALA B 23 -14.78 -32.83 21.74
N ALA B 24 -15.89 -33.25 22.36
CA ALA B 24 -16.28 -34.65 22.49
C ALA B 24 -16.62 -35.33 21.14
N THR B 25 -16.71 -34.55 20.06
CA THR B 25 -16.99 -35.01 18.69
C THR B 25 -16.16 -34.25 17.64
N ALA B 26 -15.82 -32.97 17.86
CA ALA B 26 -14.94 -32.19 17.01
C ALA B 26 -13.48 -32.72 17.12
N GLU B 27 -13.04 -33.15 18.31
CA GLU B 27 -11.68 -33.69 18.51
C GLU B 27 -11.47 -35.15 18.04
N LYS B 28 -12.47 -35.76 17.38
CA LYS B 28 -12.36 -37.07 16.75
C LYS B 28 -12.95 -37.05 15.33
N VAL B 29 -13.09 -35.88 14.71
CA VAL B 29 -13.62 -35.73 13.33
C VAL B 29 -12.67 -34.93 12.45
N PHE B 30 -12.10 -33.84 12.97
CA PHE B 30 -11.03 -33.12 12.32
C PHE B 30 -9.76 -33.96 12.18
N LYS B 31 -9.55 -34.94 13.06
CA LYS B 31 -8.45 -35.91 13.01
C LYS B 31 -8.42 -36.70 11.68
N GLN B 32 -9.58 -36.90 11.03
CA GLN B 32 -9.65 -37.57 9.73
C GLN B 32 -9.26 -36.61 8.59
N TYR B 33 -9.91 -35.44 8.55
CA TYR B 33 -9.69 -34.41 7.53
C TYR B 33 -8.25 -33.87 7.56
N ALA B 34 -7.70 -33.65 8.76
CA ALA B 34 -6.36 -33.12 8.94
C ALA B 34 -5.31 -34.04 8.33
N ASN B 35 -5.38 -35.33 8.64
CA ASN B 35 -4.46 -36.32 8.10
C ASN B 35 -4.67 -36.59 6.59
N ASP B 36 -5.83 -36.25 6.03
CA ASP B 36 -6.09 -36.32 4.59
C ASP B 36 -5.50 -35.14 3.81
N ASN B 37 -5.43 -33.95 4.42
CA ASN B 37 -4.68 -32.83 3.84
C ASN B 37 -3.18 -33.00 4.16
N GLY B 38 -2.87 -33.60 5.32
CA GLY B 38 -1.60 -34.08 5.78
C GLY B 38 -1.00 -33.37 6.99
N VAL B 39 -1.80 -32.58 7.71
CA VAL B 39 -1.44 -31.96 8.99
C VAL B 39 -1.87 -32.79 10.19
N ASP B 40 -1.10 -32.66 11.27
CA ASP B 40 -1.44 -33.18 12.59
C ASP B 40 -0.53 -32.53 13.67
N GLY B 41 -0.48 -31.20 13.63
CA GLY B 41 0.29 -30.35 14.55
C GLY B 41 -0.31 -30.18 15.97
N GLU B 42 -0.06 -29.03 16.60
CA GLU B 42 -0.55 -28.67 17.94
C GLU B 42 -2.08 -28.46 17.98
N TRP B 43 -2.84 -29.50 18.30
CA TRP B 43 -4.30 -29.45 18.38
C TRP B 43 -4.73 -28.54 19.53
N THR B 44 -5.35 -27.44 19.13
CA THR B 44 -5.70 -26.27 19.93
C THR B 44 -7.15 -25.89 19.64
N TYR B 45 -7.80 -25.09 20.50
CA TYR B 45 -9.24 -24.82 20.49
C TYR B 45 -9.57 -23.47 21.16
N ASP B 46 -10.79 -22.98 20.99
CA ASP B 46 -11.30 -21.76 21.60
C ASP B 46 -12.76 -21.94 22.04
N ASP B 47 -13.21 -21.23 23.08
CA ASP B 47 -14.57 -21.37 23.64
C ASP B 47 -15.44 -20.11 23.52
N ALA B 48 -14.94 -19.07 22.85
CA ALA B 48 -15.66 -17.87 22.47
C ALA B 48 -16.06 -17.89 20.99
N THR B 49 -15.27 -18.56 20.14
CA THR B 49 -15.54 -18.71 18.70
C THR B 49 -15.56 -20.16 18.23
N LYS B 50 -15.37 -21.12 19.16
CA LYS B 50 -15.59 -22.57 18.95
C LYS B 50 -14.86 -23.11 17.70
N THR B 51 -13.62 -22.65 17.57
CA THR B 51 -12.76 -22.86 16.39
C THR B 51 -11.50 -23.58 16.83
N PHE B 52 -11.35 -24.83 16.38
CA PHE B 52 -10.12 -25.58 16.50
C PHE B 52 -9.02 -24.93 15.66
N THR B 53 -7.78 -25.19 16.02
CA THR B 53 -6.60 -24.84 15.23
C THR B 53 -5.57 -25.92 15.46
N VAL B 54 -4.92 -26.37 14.42
CA VAL B 54 -3.83 -27.33 14.46
C VAL B 54 -2.68 -26.77 13.64
N THR B 55 -1.50 -26.68 14.26
CA THR B 55 -0.35 -25.97 13.71
C THR B 55 0.90 -26.83 13.81
N GLU B 56 1.53 -27.16 12.67
CA GLU B 56 2.74 -27.98 12.62
C GLU B 56 4.00 -27.29 13.19
N GLY B 57 4.03 -27.03 14.51
CA GLY B 57 5.21 -26.56 15.24
C GLY B 57 5.32 -25.03 15.31
N SER B 58 4.31 -24.38 15.91
CA SER B 58 4.12 -22.92 16.08
C SER B 58 4.05 -22.06 14.79
N HIS B 59 4.37 -22.60 13.62
CA HIS B 59 4.33 -21.90 12.34
C HIS B 59 2.87 -21.73 11.84
N HIS B 60 2.17 -20.74 12.39
CA HIS B 60 0.78 -20.34 12.06
C HIS B 60 0.68 -19.74 10.64
N HIS B 61 0.95 -20.57 9.64
CA HIS B 61 1.10 -20.28 8.20
C HIS B 61 -0.17 -19.82 7.47
N HIS B 62 -1.21 -19.39 8.21
CA HIS B 62 -2.51 -19.02 7.66
C HIS B 62 -2.47 -17.81 6.71
N HIS B 63 -3.54 -17.65 5.93
CA HIS B 63 -3.74 -16.56 4.97
C HIS B 63 -5.18 -16.05 5.11
N HIS B 64 -5.47 -15.30 6.18
CA HIS B 64 -6.72 -14.55 6.39
C HIS B 64 -6.62 -13.44 7.46
N MET B 65 -5.41 -12.97 7.79
CA MET B 65 -5.12 -11.99 8.84
C MET B 65 -5.79 -10.64 8.55
N HIS B 66 -7.01 -10.43 9.06
CA HIS B 66 -7.90 -9.32 8.66
C HIS B 66 -8.06 -9.28 7.11
N ARG B 67 -8.30 -10.45 6.51
CA ARG B 67 -8.29 -10.70 5.04
C ARG B 67 -6.96 -10.28 4.37
N ASP B 68 -5.85 -10.46 5.08
CA ASP B 68 -4.47 -10.08 4.71
C ASP B 68 -4.34 -8.61 4.24
N SER B 69 -5.15 -7.70 4.80
CA SER B 69 -5.32 -6.30 4.38
C SER B 69 -4.15 -5.36 4.76
N CYS B 70 -2.93 -5.67 4.33
CA CYS B 70 -1.72 -4.87 4.54
C CYS B 70 -0.89 -4.67 3.24
N PRO B 71 -1.49 -4.09 2.17
CA PRO B 71 -0.85 -3.91 0.87
C PRO B 71 0.18 -2.77 0.85
N LEU B 72 0.89 -2.61 -0.29
CA LEU B 72 1.84 -1.51 -0.50
C LEU B 72 1.24 -0.10 -0.35
N ASP B 73 -0.08 0.06 -0.50
CA ASP B 73 -0.80 1.32 -0.26
C ASP B 73 -0.63 1.87 1.17
N CYS B 74 -0.28 1.01 2.15
CA CYS B 74 0.08 1.41 3.51
C CYS B 74 1.42 2.19 3.57
N LYS B 75 2.38 1.87 2.68
CA LYS B 75 3.71 2.47 2.64
C LYS B 75 3.72 3.79 1.85
N VAL B 76 4.62 4.68 2.23
CA VAL B 76 4.70 6.10 1.79
C VAL B 76 6.14 6.52 1.54
N TYR B 77 6.35 7.25 0.46
CA TYR B 77 7.58 7.98 0.15
C TYR B 77 7.45 9.38 0.75
N VAL B 78 8.55 9.97 1.20
CA VAL B 78 8.55 11.36 1.60
C VAL B 78 9.90 12.01 1.36
N GLY B 79 9.91 13.31 1.19
CA GLY B 79 11.10 14.15 1.19
C GLY B 79 10.81 15.42 1.99
N ASN B 80 11.76 15.92 2.76
CA ASN B 80 11.50 16.98 3.74
C ASN B 80 12.73 17.86 4.05
N LEU B 81 12.51 19.17 4.10
CA LEU B 81 13.45 20.26 4.41
C LEU B 81 14.61 20.46 3.41
N GLY B 82 15.24 19.38 2.94
CA GLY B 82 16.43 19.41 2.08
C GLY B 82 17.35 18.23 2.35
N ASN B 83 18.66 18.45 2.20
CA ASN B 83 19.78 17.56 2.58
C ASN B 83 19.86 17.26 4.11
N ASN B 84 18.78 16.72 4.67
CA ASN B 84 18.64 16.39 6.10
C ASN B 84 17.69 15.18 6.30
N GLY B 85 17.54 14.73 7.55
CA GLY B 85 16.68 13.59 7.90
C GLY B 85 16.52 13.43 9.41
N ASN B 86 15.32 13.70 9.93
CA ASN B 86 14.92 13.41 11.31
C ASN B 86 13.43 13.05 11.37
N LYS B 87 13.12 11.94 12.06
CA LYS B 87 11.77 11.38 12.22
C LYS B 87 10.78 12.24 13.01
N THR B 88 11.23 13.10 13.93
CA THR B 88 10.38 13.79 14.92
C THR B 88 9.16 14.53 14.36
N GLU B 89 9.36 15.57 13.53
CA GLU B 89 8.21 16.35 13.07
C GLU B 89 7.43 15.60 12.00
N LEU B 90 8.08 14.91 11.06
CA LEU B 90 7.32 14.11 10.09
C LEU B 90 6.46 13.05 10.79
N GLU B 91 6.92 12.43 11.88
CA GLU B 91 6.12 11.49 12.67
C GLU B 91 4.85 12.14 13.25
N ARG B 92 4.95 13.32 13.88
CA ARG B 92 3.72 14.01 14.33
C ARG B 92 2.85 14.46 13.16
N ALA B 93 3.45 14.96 12.07
CA ALA B 93 2.74 15.46 10.90
C ALA B 93 1.95 14.36 10.18
N PHE B 94 2.54 13.18 10.11
CA PHE B 94 1.92 11.97 9.60
C PHE B 94 0.88 11.41 10.57
N GLY B 95 1.29 11.02 11.77
CA GLY B 95 0.35 10.42 12.70
C GLY B 95 -0.81 11.34 13.15
N TYR B 96 -0.73 12.65 12.89
CA TYR B 96 -1.83 13.62 13.00
C TYR B 96 -3.06 13.18 12.16
N TYR B 97 -2.84 12.79 10.89
CA TYR B 97 -3.89 12.21 10.03
C TYR B 97 -4.31 10.85 10.57
N GLY B 98 -3.31 10.04 10.92
CA GLY B 98 -3.60 8.80 11.68
C GLY B 98 -2.39 7.89 11.92
N PRO B 99 -2.46 6.91 12.83
CA PRO B 99 -1.29 6.17 13.29
C PRO B 99 -0.50 5.47 12.17
N LEU B 100 0.82 5.55 12.30
CA LEU B 100 1.80 4.86 11.46
C LEU B 100 2.67 3.89 12.26
N ARG B 101 2.96 2.74 11.62
CA ARG B 101 3.78 1.65 12.17
C ARG B 101 5.26 2.01 12.14
N SER B 102 5.69 2.78 11.14
CA SER B 102 7.08 3.22 11.01
C SER B 102 7.24 4.56 10.28
N VAL B 103 8.32 5.23 10.63
CA VAL B 103 8.89 6.43 10.00
C VAL B 103 10.38 6.14 9.78
N TRP B 104 10.89 6.54 8.62
CA TRP B 104 12.26 6.27 8.17
C TRP B 104 12.83 7.49 7.43
N VAL B 105 14.13 7.70 7.54
CA VAL B 105 14.90 8.72 6.81
C VAL B 105 16.28 8.16 6.45
N ALA B 106 16.90 8.69 5.40
CA ALA B 106 18.12 8.10 4.84
C ALA B 106 19.35 8.38 5.70
N ARG B 107 19.83 7.35 6.41
CA ARG B 107 21.12 7.34 7.15
C ARG B 107 22.36 7.36 6.23
N ASN B 108 22.18 7.00 4.96
CA ASN B 108 23.15 7.17 3.87
C ASN B 108 23.19 8.70 3.51
N PRO B 109 23.61 9.17 2.31
CA PRO B 109 23.42 10.58 1.93
C PRO B 109 21.96 11.05 2.16
N PRO B 110 21.72 12.13 2.94
CA PRO B 110 20.37 12.58 3.28
C PRO B 110 19.74 13.41 2.14
N GLY B 111 18.41 13.53 2.14
CA GLY B 111 17.65 14.26 1.11
C GLY B 111 16.17 13.87 1.03
N PHE B 112 15.86 12.61 1.33
CA PHE B 112 14.50 12.05 1.36
C PHE B 112 14.31 11.05 2.52
N ALA B 113 13.14 10.43 2.59
CA ALA B 113 12.62 9.64 3.69
C ALA B 113 11.54 8.64 3.23
N PHE B 114 11.09 7.75 4.13
CA PHE B 114 9.95 6.83 3.87
C PHE B 114 9.11 6.56 5.14
N VAL B 115 7.93 5.94 5.01
CA VAL B 115 6.95 5.70 6.09
C VAL B 115 6.07 4.47 5.80
N GLU B 116 5.41 3.94 6.83
CA GLU B 116 4.32 2.96 6.71
C GLU B 116 3.19 3.32 7.69
N PHE B 117 2.07 3.82 7.17
CA PHE B 117 0.81 4.02 7.88
C PHE B 117 0.03 2.70 8.03
N GLU B 118 -0.81 2.58 9.07
CA GLU B 118 -1.63 1.37 9.24
C GLU B 118 -2.80 1.34 8.24
N ASP B 119 -3.66 2.37 8.24
CA ASP B 119 -4.73 2.54 7.25
C ASP B 119 -4.15 3.18 5.96
N PRO B 120 -4.29 2.57 4.77
CA PRO B 120 -3.89 3.24 3.52
C PRO B 120 -4.66 4.54 3.26
N ARG B 121 -5.84 4.75 3.88
CA ARG B 121 -6.55 6.04 3.87
C ARG B 121 -5.87 7.11 4.76
N ASP B 122 -5.13 6.72 5.81
CA ASP B 122 -4.28 7.69 6.54
C ASP B 122 -3.12 8.15 5.65
N ALA B 123 -2.47 7.23 4.94
CA ALA B 123 -1.46 7.56 3.94
C ALA B 123 -2.04 8.42 2.80
N ALA B 124 -3.25 8.13 2.33
CA ALA B 124 -3.94 8.95 1.33
C ALA B 124 -4.23 10.37 1.84
N ASP B 125 -4.80 10.54 3.04
CA ASP B 125 -5.01 11.85 3.67
C ASP B 125 -3.70 12.60 3.90
N ALA B 126 -2.65 11.88 4.31
CA ALA B 126 -1.32 12.43 4.49
C ALA B 126 -0.80 12.97 3.16
N VAL B 127 -0.68 12.14 2.11
CA VAL B 127 -0.32 12.56 0.74
C VAL B 127 -1.15 13.77 0.26
N ARG B 128 -2.47 13.73 0.48
CA ARG B 128 -3.46 14.73 0.04
C ARG B 128 -3.24 16.10 0.66
N GLU B 129 -2.82 16.17 1.93
CA GLU B 129 -2.64 17.43 2.65
C GLU B 129 -1.17 17.83 2.87
N LEU B 130 -0.23 16.89 2.77
CA LEU B 130 1.21 17.09 3.00
C LEU B 130 2.02 17.32 1.71
N ASP B 131 1.67 16.71 0.58
CA ASP B 131 2.54 16.73 -0.61
C ASP B 131 2.72 18.15 -1.18
N GLY B 132 3.93 18.69 -1.11
CA GLY B 132 4.24 20.07 -1.49
C GLY B 132 3.68 21.15 -0.54
N ARG B 133 3.25 20.77 0.68
CA ARG B 133 2.71 21.66 1.72
C ARG B 133 3.70 21.77 2.89
N THR B 134 4.49 22.85 2.86
CA THR B 134 5.43 23.36 3.87
C THR B 134 5.36 22.67 5.24
N LEU B 135 6.42 21.93 5.51
CA LEU B 135 6.67 21.13 6.72
C LEU B 135 8.19 21.18 6.96
N CYS B 136 8.61 21.34 8.22
CA CYS B 136 9.98 21.70 8.65
C CYS B 136 10.36 23.13 8.17
N GLY B 137 10.00 23.52 6.93
CA GLY B 137 10.01 24.89 6.45
C GLY B 137 10.99 25.28 5.34
N CYS B 138 11.08 24.49 4.26
CA CYS B 138 11.82 24.91 3.05
C CYS B 138 11.27 24.27 1.77
N ARG B 139 10.88 22.99 1.82
CA ARG B 139 10.14 22.21 0.80
C ARG B 139 9.82 20.81 1.32
N VAL B 140 8.78 20.17 0.77
CA VAL B 140 8.47 18.74 0.99
C VAL B 140 7.96 18.02 -0.27
N ARG B 141 8.02 16.70 -0.21
CA ARG B 141 7.43 15.69 -1.12
C ARG B 141 6.76 14.64 -0.25
N VAL B 142 5.60 14.13 -0.61
CA VAL B 142 5.01 12.95 0.06
C VAL B 142 4.18 12.16 -0.97
N GLU B 143 4.42 10.86 -1.17
CA GLU B 143 3.64 10.04 -2.12
C GLU B 143 3.40 8.63 -1.56
N LEU B 144 2.52 7.81 -2.14
CA LEU B 144 2.45 6.39 -1.78
C LEU B 144 3.66 5.67 -2.40
N SER B 145 4.21 4.63 -1.76
CA SER B 145 5.39 3.93 -2.31
C SER B 145 5.04 3.17 -3.60
N ASN B 146 5.69 3.54 -4.70
CA ASN B 146 5.43 3.06 -6.06
C ASN B 146 6.71 2.55 -6.78
N GLY B 147 7.88 2.60 -6.13
CA GLY B 147 9.17 2.22 -6.73
C GLY B 147 10.01 1.30 -5.84
N GLU B 148 10.82 0.46 -6.49
CA GLU B 148 11.85 -0.44 -5.94
C GLU B 148 12.67 -1.02 -7.13
N LYS B 149 13.86 -1.58 -6.88
CA LYS B 149 14.79 -2.07 -7.92
C LYS B 149 15.37 -3.47 -7.69
N ARG B 150 14.55 -4.38 -7.13
CA ARG B 150 14.93 -5.72 -6.65
C ARG B 150 14.10 -6.83 -7.30
N MET B 1 15.79 12.79 39.60
CA MET B 1 14.93 11.63 39.93
C MET B 1 15.34 10.44 39.06
N GLN B 2 15.27 9.21 39.57
CA GLN B 2 15.62 8.02 38.79
C GLN B 2 14.38 7.40 38.12
N TYR B 3 14.53 6.99 36.86
CA TYR B 3 13.49 6.45 35.99
C TYR B 3 13.96 5.09 35.45
N LYS B 4 13.03 4.20 35.09
CA LYS B 4 13.33 2.85 34.56
C LYS B 4 13.11 2.77 33.05
N LEU B 5 13.67 1.77 32.38
CA LEU B 5 13.46 1.44 30.97
C LEU B 5 13.45 -0.08 30.77
N ILE B 6 12.55 -0.58 29.92
CA ILE B 6 12.48 -1.97 29.46
C ILE B 6 12.72 -1.99 27.94
N LEU B 7 13.85 -2.54 27.51
CA LEU B 7 14.18 -2.84 26.12
C LEU B 7 13.52 -4.17 25.69
N ASN B 8 12.20 -4.19 25.51
CA ASN B 8 11.43 -5.29 24.90
C ASN B 8 11.82 -5.61 23.41
N GLY B 9 13.09 -5.97 23.15
CA GLY B 9 13.55 -6.32 21.80
C GLY B 9 13.41 -7.79 21.41
N LYS B 10 13.75 -8.10 20.16
CA LYS B 10 13.55 -9.43 19.54
C LYS B 10 14.29 -10.60 20.23
N THR B 11 15.61 -10.52 20.35
CA THR B 11 16.47 -11.65 20.78
C THR B 11 17.45 -11.33 21.92
N LEU B 12 17.38 -10.11 22.46
CA LEU B 12 18.35 -9.52 23.40
C LEU B 12 17.74 -8.81 24.63
N LYS B 13 16.40 -8.76 24.69
CA LYS B 13 15.60 -7.95 25.61
C LYS B 13 16.09 -7.86 27.06
N GLY B 14 15.85 -6.69 27.65
CA GLY B 14 16.05 -6.48 29.09
C GLY B 14 15.65 -5.12 29.65
N GLU B 15 16.25 -4.67 30.76
CA GLU B 15 15.85 -3.45 31.49
C GLU B 15 17.00 -2.78 32.26
N THR B 16 16.83 -1.49 32.57
CA THR B 16 17.80 -0.62 33.25
C THR B 16 17.09 0.58 33.89
N THR B 17 17.85 1.51 34.47
CA THR B 17 17.37 2.79 35.02
C THR B 17 18.37 3.93 34.73
N THR B 18 18.01 5.18 35.02
CA THR B 18 18.85 6.37 34.81
C THR B 18 18.41 7.50 35.73
N GLU B 19 19.31 8.42 36.05
CA GLU B 19 18.93 9.69 36.69
C GLU B 19 18.54 10.68 35.59
N ALA B 20 17.34 11.24 35.69
CA ALA B 20 16.77 12.21 34.77
C ALA B 20 15.93 13.29 35.48
N VAL B 21 15.48 14.31 34.74
CA VAL B 21 14.51 15.30 35.27
C VAL B 21 13.05 14.86 35.08
N ASP B 22 12.79 14.10 34.01
CA ASP B 22 11.57 13.38 33.56
C ASP B 22 11.83 12.92 32.10
N ALA B 23 10.81 12.66 31.29
CA ALA B 23 10.95 12.40 29.85
C ALA B 23 11.79 13.44 29.08
N ALA B 24 11.91 14.67 29.61
CA ALA B 24 12.80 15.71 29.06
C ALA B 24 14.29 15.37 29.16
N THR B 25 14.64 14.29 29.86
CA THR B 25 16.00 13.74 29.96
C THR B 25 16.01 12.21 29.80
N ALA B 26 15.00 11.50 30.30
CA ALA B 26 14.87 10.04 30.16
C ALA B 26 14.66 9.66 28.68
N GLU B 27 13.96 10.48 27.89
CA GLU B 27 13.78 10.24 26.45
C GLU B 27 15.00 10.61 25.58
N LYS B 28 16.13 11.01 26.17
CA LYS B 28 17.38 11.28 25.48
C LYS B 28 18.58 10.68 26.19
N VAL B 29 18.35 9.68 27.06
CA VAL B 29 19.40 8.95 27.79
C VAL B 29 19.33 7.45 27.54
N PHE B 30 18.12 6.89 27.55
CA PHE B 30 17.88 5.49 27.19
C PHE B 30 18.12 5.21 25.71
N LYS B 31 18.00 6.22 24.84
CA LYS B 31 18.31 6.14 23.40
C LYS B 31 19.73 5.63 23.10
N GLN B 32 20.67 5.91 24.00
CA GLN B 32 22.07 5.49 23.88
C GLN B 32 22.24 4.04 24.35
N TYR B 33 21.73 3.72 25.55
CA TYR B 33 21.75 2.37 26.12
C TYR B 33 21.01 1.36 25.24
N ALA B 34 19.86 1.74 24.70
CA ALA B 34 19.05 0.89 23.84
C ALA B 34 19.84 0.46 22.61
N ASN B 35 20.42 1.43 21.89
CA ASN B 35 21.25 1.19 20.72
C ASN B 35 22.55 0.44 21.03
N ASP B 36 23.05 0.50 22.27
CA ASP B 36 24.24 -0.24 22.70
C ASP B 36 23.95 -1.71 23.01
N ASN B 37 22.74 -2.03 23.47
CA ASN B 37 22.31 -3.44 23.55
C ASN B 37 21.93 -3.90 22.14
N GLY B 38 21.20 -3.03 21.42
CA GLY B 38 20.84 -3.09 20.03
C GLY B 38 19.33 -3.00 19.73
N VAL B 39 18.53 -2.56 20.71
CA VAL B 39 17.11 -2.20 20.55
C VAL B 39 16.94 -0.75 20.15
N ASP B 40 15.85 -0.46 19.44
CA ASP B 40 15.39 0.91 19.19
C ASP B 40 13.95 0.92 18.62
N GLY B 41 13.08 0.13 19.27
CA GLY B 41 11.68 -0.08 18.88
C GLY B 41 10.73 1.11 19.12
N GLU B 42 9.42 0.83 19.22
CA GLU B 42 8.42 1.83 19.64
C GLU B 42 8.74 2.29 21.07
N TRP B 43 8.90 3.59 21.31
CA TRP B 43 9.17 4.13 22.65
C TRP B 43 7.86 4.48 23.37
N THR B 44 7.75 4.05 24.62
CA THR B 44 6.57 4.12 25.49
C THR B 44 7.00 4.50 26.92
N TYR B 45 6.07 4.98 27.74
CA TYR B 45 6.34 5.52 29.09
C TYR B 45 5.08 5.41 29.97
N ASP B 46 5.24 5.59 31.29
CA ASP B 46 4.14 5.61 32.27
C ASP B 46 4.39 6.70 33.32
N ASP B 47 3.35 7.44 33.72
CA ASP B 47 3.50 8.57 34.66
C ASP B 47 3.28 8.21 36.15
N ALA B 48 2.81 7.00 36.45
CA ALA B 48 2.52 6.52 37.81
C ALA B 48 3.63 5.59 38.34
N THR B 49 4.31 4.88 37.43
CA THR B 49 5.46 4.01 37.76
C THR B 49 6.76 4.46 37.11
N LYS B 50 6.71 5.55 36.33
CA LYS B 50 7.88 6.28 35.79
C LYS B 50 8.87 5.36 35.08
N THR B 51 8.32 4.45 34.29
CA THR B 51 9.02 3.34 33.63
C THR B 51 8.79 3.42 32.12
N PHE B 52 9.85 3.72 31.38
CA PHE B 52 9.89 3.63 29.92
C PHE B 52 9.80 2.18 29.48
N THR B 53 9.39 1.96 28.24
CA THR B 53 9.39 0.65 27.59
C THR B 53 9.61 0.88 26.11
N VAL B 54 10.56 0.17 25.51
CA VAL B 54 10.86 0.23 24.08
C VAL B 54 10.73 -1.16 23.47
N THR B 55 9.71 -1.34 22.63
CA THR B 55 9.30 -2.65 22.11
C THR B 55 9.60 -2.74 20.61
N GLU B 56 10.44 -3.66 20.18
CA GLU B 56 10.74 -3.91 18.75
C GLU B 56 9.54 -4.53 17.99
N GLY B 57 8.52 -3.71 17.81
CA GLY B 57 7.28 -3.89 17.07
C GLY B 57 6.67 -2.50 16.81
N SER B 58 5.34 -2.44 16.70
CA SER B 58 4.60 -1.18 16.55
C SER B 58 3.30 -1.23 17.34
N HIS B 59 2.87 -0.09 17.91
CA HIS B 59 1.77 0.07 18.87
C HIS B 59 1.29 -1.22 19.56
N HIS B 60 2.14 -1.87 20.36
CA HIS B 60 1.92 -3.17 21.02
C HIS B 60 0.75 -3.24 22.05
N HIS B 61 -0.20 -2.32 21.94
CA HIS B 61 -1.40 -2.08 22.74
C HIS B 61 -2.63 -1.70 21.87
N HIS B 62 -2.49 -1.64 20.53
CA HIS B 62 -3.54 -1.26 19.57
C HIS B 62 -3.37 -1.91 18.19
N HIS B 63 -2.15 -1.92 17.64
CA HIS B 63 -1.81 -2.50 16.33
C HIS B 63 -2.01 -4.02 16.31
N HIS B 64 -2.63 -4.52 15.23
CA HIS B 64 -2.86 -5.92 14.94
C HIS B 64 -2.70 -6.19 13.44
N MET B 65 -2.07 -7.31 13.08
CA MET B 65 -1.91 -7.76 11.68
C MET B 65 -3.27 -8.09 11.05
N HIS B 66 -3.56 -7.54 9.87
CA HIS B 66 -4.81 -7.76 9.14
C HIS B 66 -4.73 -7.63 7.60
N ARG B 67 -3.68 -6.98 7.05
CA ARG B 67 -3.43 -6.86 5.58
C ARG B 67 -1.93 -6.79 5.22
N ASP B 68 -1.10 -6.93 6.23
CA ASP B 68 0.35 -6.67 6.26
C ASP B 68 1.22 -7.79 5.65
N SER B 69 0.61 -8.94 5.31
CA SER B 69 1.23 -10.01 4.53
C SER B 69 1.42 -9.63 3.05
N CYS B 70 0.57 -8.75 2.51
CA CYS B 70 0.56 -8.26 1.13
C CYS B 70 0.02 -6.81 1.05
N PRO B 71 0.71 -5.80 1.63
CA PRO B 71 0.28 -4.41 1.58
C PRO B 71 0.33 -3.87 0.14
N LEU B 72 -0.83 -3.51 -0.41
CA LEU B 72 -1.03 -3.10 -1.82
C LEU B 72 -0.51 -1.68 -2.10
N ASP B 73 0.81 -1.52 -2.12
CA ASP B 73 1.56 -0.30 -2.48
C ASP B 73 1.24 0.99 -1.69
N CYS B 74 0.43 0.92 -0.63
CA CYS B 74 0.12 2.07 0.23
C CYS B 74 1.27 2.49 1.17
N LYS B 75 2.45 1.84 1.06
CA LYS B 75 3.70 2.28 1.71
C LYS B 75 4.04 3.68 1.20
N VAL B 76 4.57 4.55 2.04
CA VAL B 76 4.71 5.99 1.74
C VAL B 76 6.17 6.45 1.68
N TYR B 77 6.45 7.28 0.69
CA TYR B 77 7.69 8.04 0.50
C TYR B 77 7.53 9.45 1.07
N VAL B 78 8.63 10.03 1.53
CA VAL B 78 8.69 11.45 1.88
C VAL B 78 10.08 12.03 1.62
N GLY B 79 10.13 13.25 1.10
CA GLY B 79 11.42 13.90 0.80
C GLY B 79 11.38 15.39 0.46
N ASN B 80 12.43 15.87 -0.21
CA ASN B 80 12.62 17.21 -0.78
C ASN B 80 12.96 18.32 0.24
N LEU B 81 12.67 18.12 1.53
CA LEU B 81 13.11 18.92 2.69
C LEU B 81 14.58 19.37 2.57
N GLY B 82 15.48 18.47 2.16
CA GLY B 82 16.88 18.77 1.78
C GLY B 82 17.83 19.27 2.89
N ASN B 83 17.36 19.49 4.12
CA ASN B 83 18.13 20.15 5.19
C ASN B 83 18.05 19.44 6.56
N ASN B 84 17.36 18.29 6.66
CA ASN B 84 17.32 17.45 7.86
C ASN B 84 16.92 16.00 7.51
N GLY B 85 17.41 15.03 8.28
CA GLY B 85 17.09 13.60 8.18
C GLY B 85 16.99 12.99 9.58
N ASN B 86 15.99 13.46 10.30
CA ASN B 86 15.52 12.93 11.58
C ASN B 86 13.98 12.90 11.56
N LYS B 87 13.39 11.91 12.22
CA LYS B 87 11.96 11.60 12.12
C LYS B 87 11.02 12.44 12.97
N THR B 88 11.49 13.22 13.94
CA THR B 88 10.64 13.88 14.96
C THR B 88 9.45 14.68 14.41
N GLU B 89 9.66 15.67 13.52
CA GLU B 89 8.53 16.45 13.03
C GLU B 89 7.71 15.64 12.02
N LEU B 90 8.32 14.93 11.07
CA LEU B 90 7.53 14.14 10.14
C LEU B 90 6.66 13.09 10.85
N GLU B 91 7.15 12.48 11.92
CA GLU B 91 6.38 11.57 12.77
C GLU B 91 5.16 12.24 13.39
N ARG B 92 5.30 13.42 14.03
CA ARG B 92 4.11 14.16 14.51
C ARG B 92 3.20 14.59 13.37
N ALA B 93 3.75 14.97 12.21
CA ALA B 93 3.00 15.50 11.08
C ALA B 93 2.15 14.44 10.40
N PHE B 94 2.72 13.23 10.24
CA PHE B 94 2.01 12.07 9.77
C PHE B 94 0.98 11.62 10.80
N GLY B 95 1.45 11.26 11.99
CA GLY B 95 0.59 10.75 13.03
C GLY B 95 -0.54 11.71 13.49
N TYR B 96 -0.42 13.02 13.19
CA TYR B 96 -1.48 14.03 13.32
C TYR B 96 -2.75 13.64 12.54
N TYR B 97 -2.62 13.23 11.27
CA TYR B 97 -3.73 12.72 10.45
C TYR B 97 -4.22 11.38 11.00
N GLY B 98 -3.27 10.52 11.36
CA GLY B 98 -3.60 9.30 12.12
C GLY B 98 -2.41 8.38 12.40
N PRO B 99 -2.50 7.42 13.33
CA PRO B 99 -1.34 6.69 13.81
C PRO B 99 -0.53 5.96 12.73
N LEU B 100 0.77 6.22 12.79
CA LEU B 100 1.81 5.53 12.05
C LEU B 100 2.08 4.13 12.61
N ARG B 101 2.65 3.26 11.76
CA ARG B 101 3.13 1.92 12.14
C ARG B 101 4.64 1.78 11.91
N SER B 102 5.19 2.48 10.92
CA SER B 102 6.64 2.59 10.69
C SER B 102 7.01 4.02 10.26
N VAL B 103 8.16 4.52 10.72
CA VAL B 103 8.71 5.84 10.36
C VAL B 103 10.23 5.70 10.21
N TRP B 104 10.78 6.08 9.06
CA TRP B 104 12.18 5.85 8.66
C TRP B 104 12.75 7.04 7.90
N VAL B 105 14.05 7.28 8.05
CA VAL B 105 14.82 8.26 7.26
C VAL B 105 16.19 7.67 6.93
N ALA B 106 16.78 8.06 5.80
CA ALA B 106 17.98 7.40 5.28
C ALA B 106 19.28 7.82 5.98
N ARG B 107 20.26 6.90 6.04
CA ARG B 107 21.55 7.11 6.72
C ARG B 107 22.61 7.92 5.93
N ASN B 108 22.23 8.57 4.83
CA ASN B 108 23.12 9.47 4.06
C ASN B 108 22.44 10.77 3.57
N PRO B 109 21.39 10.76 2.71
CA PRO B 109 20.79 12.00 2.19
C PRO B 109 19.90 12.67 3.25
N PRO B 110 20.24 13.86 3.79
CA PRO B 110 19.52 14.49 4.89
C PRO B 110 18.32 15.32 4.37
N GLY B 111 17.41 14.66 3.67
CA GLY B 111 16.23 15.29 3.05
C GLY B 111 15.30 14.30 2.36
N PHE B 112 15.34 13.04 2.77
CA PHE B 112 14.71 11.88 2.14
C PHE B 112 14.40 10.84 3.21
N ALA B 113 13.23 10.22 3.11
CA ALA B 113 12.64 9.38 4.14
C ALA B 113 11.54 8.44 3.61
N PHE B 114 11.08 7.52 4.47
CA PHE B 114 9.91 6.67 4.15
C PHE B 114 9.06 6.38 5.40
N VAL B 115 7.75 6.21 5.24
CA VAL B 115 6.81 5.88 6.34
C VAL B 115 5.77 4.84 5.93
N GLU B 116 5.03 4.35 6.92
CA GLU B 116 3.94 3.40 6.75
C GLU B 116 2.89 3.64 7.84
N PHE B 117 1.67 4.01 7.45
CA PHE B 117 0.58 4.21 8.41
C PHE B 117 -0.07 2.89 8.82
N GLU B 118 -0.71 2.89 9.98
CA GLU B 118 -1.44 1.72 10.51
C GLU B 118 -2.75 1.46 9.73
N ASP B 119 -3.23 2.46 8.99
CA ASP B 119 -4.42 2.45 8.14
C ASP B 119 -4.15 3.20 6.81
N PRO B 120 -4.59 2.67 5.64
CA PRO B 120 -4.25 3.26 4.34
C PRO B 120 -4.97 4.59 4.03
N ARG B 121 -6.08 4.90 4.69
CA ARG B 121 -6.77 6.20 4.56
C ARG B 121 -6.04 7.30 5.36
N ASP B 122 -5.37 6.96 6.46
CA ASP B 122 -4.45 7.90 7.15
C ASP B 122 -3.30 8.27 6.21
N ALA B 123 -2.70 7.27 5.54
CA ALA B 123 -1.69 7.51 4.50
C ALA B 123 -2.22 8.35 3.33
N ALA B 124 -3.45 8.12 2.85
CA ALA B 124 -4.03 8.90 1.76
C ALA B 124 -4.32 10.36 2.15
N ASP B 125 -4.87 10.61 3.35
CA ASP B 125 -5.03 11.97 3.87
C ASP B 125 -3.68 12.70 3.94
N ALA B 126 -2.62 12.01 4.39
CA ALA B 126 -1.28 12.55 4.37
C ALA B 126 -0.77 12.78 2.94
N VAL B 127 -0.95 11.82 2.03
CA VAL B 127 -0.45 11.90 0.65
C VAL B 127 -1.06 13.06 -0.16
N ARG B 128 -2.16 13.67 0.30
CA ARG B 128 -2.70 14.92 -0.31
C ARG B 128 -2.84 16.16 0.58
N GLU B 129 -2.60 16.08 1.90
CA GLU B 129 -2.53 17.27 2.77
C GLU B 129 -1.13 17.53 3.39
N LEU B 130 -0.26 16.51 3.44
CA LEU B 130 1.11 16.60 3.99
C LEU B 130 2.17 16.76 2.88
N ASP B 131 1.83 16.40 1.64
CA ASP B 131 2.61 16.67 0.42
C ASP B 131 2.64 18.17 0.06
N GLY B 132 3.76 18.67 -0.46
CA GLY B 132 3.94 20.01 -1.05
C GLY B 132 3.98 21.21 -0.10
N ARG B 133 3.13 21.23 0.94
CA ARG B 133 2.86 22.39 1.83
C ARG B 133 4.09 23.06 2.42
N THR B 134 4.99 22.27 3.03
CA THR B 134 6.22 22.56 3.81
C THR B 134 6.25 21.58 4.99
N LEU B 135 7.44 21.10 5.39
CA LEU B 135 7.61 20.14 6.50
C LEU B 135 9.06 20.18 6.94
N CYS B 136 9.30 20.26 8.25
CA CYS B 136 10.59 20.54 8.90
C CYS B 136 11.13 21.93 8.52
N GLY B 137 11.16 22.31 7.23
CA GLY B 137 11.45 23.71 6.88
C GLY B 137 11.64 24.08 5.42
N CYS B 138 11.17 23.25 4.49
CA CYS B 138 11.43 23.42 3.06
C CYS B 138 10.29 22.74 2.28
N ARG B 139 10.31 22.86 0.96
CA ARG B 139 9.32 22.24 0.07
C ARG B 139 9.48 20.73 0.19
N VAL B 140 8.36 20.05 0.42
CA VAL B 140 8.29 18.64 0.77
C VAL B 140 7.57 17.85 -0.32
N ARG B 141 8.03 16.62 -0.55
CA ARG B 141 7.36 15.62 -1.37
C ARG B 141 6.85 14.55 -0.41
N VAL B 142 5.63 14.06 -0.60
CA VAL B 142 5.12 12.90 0.13
C VAL B 142 4.25 12.10 -0.83
N GLU B 143 4.57 10.85 -1.14
CA GLU B 143 3.86 10.10 -2.20
C GLU B 143 3.70 8.61 -1.83
N LEU B 144 2.76 7.88 -2.43
CA LEU B 144 2.72 6.42 -2.26
C LEU B 144 3.73 5.77 -3.22
N SER B 145 4.22 4.58 -2.86
CA SER B 145 5.09 3.70 -3.66
C SER B 145 4.98 3.89 -5.19
N ASN B 146 6.09 4.26 -5.83
CA ASN B 146 6.21 4.57 -7.27
C ASN B 146 5.80 3.41 -8.21
N GLY B 147 4.50 3.30 -8.52
CA GLY B 147 3.90 2.27 -9.37
C GLY B 147 2.56 2.73 -9.99
N GLU B 148 1.81 1.78 -10.55
CA GLU B 148 0.53 2.00 -11.23
C GLU B 148 -0.49 0.90 -10.91
N LYS B 149 -1.78 1.28 -10.95
CA LYS B 149 -2.90 0.34 -10.95
C LYS B 149 -4.14 0.93 -11.63
N ARG B 150 -4.99 0.05 -12.17
CA ARG B 150 -6.33 0.33 -12.71
C ARG B 150 -7.37 -0.43 -11.88
N MET B 1 -17.18 -10.11 -40.43
CA MET B 1 -16.40 -10.66 -39.30
C MET B 1 -17.36 -11.17 -38.23
N GLN B 2 -16.98 -12.17 -37.43
CA GLN B 2 -17.83 -12.64 -36.33
C GLN B 2 -17.58 -11.85 -35.03
N TYR B 3 -18.66 -11.58 -34.29
CA TYR B 3 -18.72 -10.82 -33.03
C TYR B 3 -19.42 -11.68 -31.96
N LYS B 4 -19.15 -11.44 -30.69
CA LYS B 4 -19.71 -12.20 -29.55
C LYS B 4 -20.70 -11.38 -28.73
N LEU B 5 -21.53 -12.02 -27.90
CA LEU B 5 -22.48 -11.42 -26.96
C LEU B 5 -22.61 -12.27 -25.70
N ILE B 6 -22.67 -11.63 -24.52
CA ILE B 6 -22.93 -12.26 -23.20
C ILE B 6 -24.21 -11.68 -22.61
N LEU B 7 -25.26 -12.50 -22.57
CA LEU B 7 -26.52 -12.24 -21.88
C LEU B 7 -26.41 -12.55 -20.37
N ASN B 8 -25.70 -11.71 -19.62
CA ASN B 8 -25.62 -11.79 -18.15
C ASN B 8 -26.97 -11.54 -17.41
N GLY B 9 -27.95 -12.43 -17.56
CA GLY B 9 -29.30 -12.31 -16.97
C GLY B 9 -29.61 -13.28 -15.83
N LYS B 10 -30.52 -12.83 -14.95
CA LYS B 10 -30.92 -13.37 -13.63
C LYS B 10 -30.46 -14.79 -13.27
N THR B 11 -31.12 -15.81 -13.80
CA THR B 11 -30.85 -17.24 -13.56
C THR B 11 -30.63 -18.02 -14.86
N LEU B 12 -30.79 -17.34 -15.99
CA LEU B 12 -30.87 -17.90 -17.35
C LEU B 12 -29.63 -17.61 -18.22
N LYS B 13 -28.66 -16.86 -17.68
CA LYS B 13 -27.50 -16.28 -18.37
C LYS B 13 -26.89 -17.13 -19.48
N GLY B 14 -26.40 -16.45 -20.50
CA GLY B 14 -25.61 -17.13 -21.54
C GLY B 14 -24.81 -16.26 -22.48
N GLU B 15 -24.36 -16.85 -23.59
CA GLU B 15 -23.56 -16.18 -24.61
C GLU B 15 -23.74 -16.83 -26.00
N THR B 16 -23.46 -16.04 -27.03
CA THR B 16 -23.60 -16.39 -28.46
C THR B 16 -22.68 -15.52 -29.31
N THR B 17 -22.75 -15.66 -30.62
CA THR B 17 -22.01 -14.88 -31.61
C THR B 17 -22.87 -14.61 -32.85
N THR B 18 -22.38 -13.76 -33.76
CA THR B 18 -22.99 -13.54 -35.09
C THR B 18 -21.96 -13.03 -36.08
N GLU B 19 -22.18 -13.26 -37.38
CA GLU B 19 -21.42 -12.64 -38.46
C GLU B 19 -22.02 -11.24 -38.74
N ALA B 20 -21.23 -10.18 -38.53
CA ALA B 20 -21.63 -8.78 -38.70
C ALA B 20 -20.51 -7.94 -39.37
N VAL B 21 -20.76 -6.64 -39.62
CA VAL B 21 -19.69 -5.71 -40.04
C VAL B 21 -18.92 -5.16 -38.84
N ASP B 22 -19.65 -4.86 -37.76
CA ASP B 22 -19.25 -4.30 -36.44
C ASP B 22 -20.57 -4.02 -35.67
N ALA B 23 -20.58 -3.18 -34.64
CA ALA B 23 -21.79 -2.68 -33.97
C ALA B 23 -22.85 -2.09 -34.92
N ALA B 24 -22.48 -1.68 -36.14
CA ALA B 24 -23.43 -1.24 -37.17
C ALA B 24 -24.32 -2.38 -37.71
N THR B 25 -24.06 -3.62 -37.29
CA THR B 25 -24.86 -4.82 -37.59
C THR B 25 -25.05 -5.72 -36.34
N ALA B 26 -24.04 -5.86 -35.48
CA ALA B 26 -24.10 -6.63 -34.23
C ALA B 26 -25.06 -5.98 -33.22
N GLU B 27 -25.10 -4.64 -33.14
CA GLU B 27 -25.99 -3.90 -32.24
C GLU B 27 -27.46 -3.84 -32.71
N LYS B 28 -27.81 -4.52 -33.80
CA LYS B 28 -29.18 -4.70 -34.29
C LYS B 28 -29.48 -6.16 -34.61
N VAL B 29 -28.66 -7.08 -34.09
CA VAL B 29 -28.81 -8.54 -34.26
C VAL B 29 -29.02 -9.21 -32.90
N PHE B 30 -28.12 -8.94 -31.96
CA PHE B 30 -28.22 -9.45 -30.60
C PHE B 30 -29.47 -8.96 -29.87
N LYS B 31 -30.00 -7.80 -30.25
CA LYS B 31 -31.26 -7.24 -29.73
C LYS B 31 -32.45 -8.21 -29.85
N GLN B 32 -32.42 -9.07 -30.87
CA GLN B 32 -33.46 -10.08 -31.09
C GLN B 32 -33.19 -11.29 -30.19
N TYR B 33 -31.98 -11.88 -30.30
CA TYR B 33 -31.58 -13.08 -29.55
C TYR B 33 -31.65 -12.88 -28.03
N ALA B 34 -31.21 -11.73 -27.55
CA ALA B 34 -31.27 -11.36 -26.14
C ALA B 34 -32.70 -11.41 -25.61
N ASN B 35 -33.63 -10.74 -26.30
CA ASN B 35 -35.05 -10.74 -25.94
C ASN B 35 -35.76 -12.08 -26.23
N ASP B 36 -35.18 -12.97 -27.05
CA ASP B 36 -35.69 -14.33 -27.25
C ASP B 36 -35.32 -15.26 -26.09
N ASN B 37 -34.17 -15.03 -25.44
CA ASN B 37 -33.85 -15.70 -24.17
C ASN B 37 -34.62 -15.00 -23.04
N GLY B 38 -34.67 -13.67 -23.13
CA GLY B 38 -35.44 -12.73 -22.34
C GLY B 38 -34.60 -11.72 -21.54
N VAL B 39 -33.27 -11.70 -21.73
CA VAL B 39 -32.37 -10.70 -21.15
C VAL B 39 -32.42 -9.39 -21.92
N ASP B 40 -32.29 -8.29 -21.20
CA ASP B 40 -32.07 -6.97 -21.79
C ASP B 40 -31.58 -5.93 -20.76
N GLY B 41 -30.40 -6.16 -20.21
CA GLY B 41 -29.69 -5.27 -19.27
C GLY B 41 -28.72 -4.27 -19.90
N GLU B 42 -27.53 -4.10 -19.29
CA GLU B 42 -26.51 -3.10 -19.67
C GLU B 42 -25.85 -3.41 -21.03
N TRP B 43 -26.44 -2.95 -22.15
CA TRP B 43 -25.90 -3.17 -23.50
C TRP B 43 -24.54 -2.49 -23.63
N THR B 44 -23.52 -3.34 -23.69
CA THR B 44 -22.09 -3.00 -23.60
C THR B 44 -21.34 -3.75 -24.70
N TYR B 45 -20.12 -3.30 -25.01
CA TYR B 45 -19.29 -3.77 -26.12
C TYR B 45 -17.80 -3.52 -25.83
N ASP B 46 -16.92 -4.15 -26.59
CA ASP B 46 -15.47 -4.16 -26.41
C ASP B 46 -14.76 -4.14 -27.78
N ASP B 47 -13.51 -3.66 -27.83
CA ASP B 47 -12.72 -3.51 -29.07
C ASP B 47 -11.34 -4.19 -29.03
N ALA B 48 -11.01 -4.86 -27.93
CA ALA B 48 -9.86 -5.73 -27.80
C ALA B 48 -10.23 -7.16 -28.21
N THR B 49 -11.50 -7.55 -28.00
CA THR B 49 -11.99 -8.92 -28.25
C THR B 49 -13.28 -8.97 -29.08
N LYS B 50 -13.89 -7.80 -29.34
CA LYS B 50 -15.12 -7.62 -30.12
C LYS B 50 -16.32 -8.36 -29.52
N THR B 51 -16.51 -8.22 -28.19
CA THR B 51 -17.50 -8.98 -27.41
C THR B 51 -18.52 -8.06 -26.73
N PHE B 52 -19.77 -8.14 -27.16
CA PHE B 52 -20.90 -7.51 -26.49
C PHE B 52 -21.16 -8.15 -25.12
N THR B 53 -21.86 -7.44 -24.24
CA THR B 53 -22.40 -7.93 -22.96
C THR B 53 -23.72 -7.19 -22.69
N VAL B 54 -24.64 -7.80 -21.93
CA VAL B 54 -25.96 -7.25 -21.61
C VAL B 54 -26.44 -7.69 -20.23
N THR B 55 -25.71 -7.24 -19.20
CA THR B 55 -25.93 -7.57 -17.78
C THR B 55 -27.25 -7.02 -17.24
N GLU B 56 -28.30 -7.84 -17.22
CA GLU B 56 -29.57 -7.56 -16.54
C GLU B 56 -29.45 -7.78 -15.02
N GLY B 57 -28.59 -8.72 -14.62
CA GLY B 57 -28.27 -8.99 -13.20
C GLY B 57 -28.19 -10.47 -12.88
N SER B 58 -27.41 -11.25 -13.65
CA SER B 58 -27.12 -12.66 -13.35
C SER B 58 -26.62 -12.85 -11.90
N HIS B 59 -27.13 -13.89 -11.23
CA HIS B 59 -26.63 -14.33 -9.92
C HIS B 59 -25.15 -14.76 -9.93
N HIS B 60 -24.60 -15.03 -11.12
CA HIS B 60 -23.17 -15.22 -11.38
C HIS B 60 -22.66 -14.01 -12.18
N HIS B 61 -21.93 -13.11 -11.52
CA HIS B 61 -21.44 -11.84 -12.08
C HIS B 61 -19.90 -11.71 -12.06
N HIS B 62 -19.20 -12.84 -11.91
CA HIS B 62 -17.75 -13.07 -12.06
C HIS B 62 -16.85 -12.46 -10.96
N HIS B 63 -17.25 -11.32 -10.38
CA HIS B 63 -16.48 -10.56 -9.39
C HIS B 63 -16.08 -11.37 -8.13
N HIS B 64 -16.87 -12.37 -7.75
CA HIS B 64 -16.60 -13.27 -6.61
C HIS B 64 -15.35 -14.17 -6.80
N MET B 65 -14.82 -14.33 -8.02
CA MET B 65 -13.67 -15.19 -8.33
C MET B 65 -12.32 -14.68 -7.75
N HIS B 66 -12.26 -13.41 -7.32
CA HIS B 66 -11.07 -12.77 -6.76
C HIS B 66 -11.47 -11.70 -5.73
N ARG B 67 -10.50 -11.18 -4.94
CA ARG B 67 -10.70 -10.14 -3.91
C ARG B 67 -9.63 -9.06 -4.00
N ASP B 68 -8.36 -9.48 -3.95
CA ASP B 68 -7.04 -8.84 -4.15
C ASP B 68 -6.74 -7.45 -3.52
N SER B 69 -7.71 -6.54 -3.45
CA SER B 69 -7.63 -5.20 -2.87
C SER B 69 -7.59 -5.15 -1.33
N CYS B 70 -7.92 -6.27 -0.67
CA CYS B 70 -8.13 -6.33 0.78
C CYS B 70 -6.92 -6.06 1.70
N PRO B 71 -5.67 -6.49 1.41
CA PRO B 71 -4.55 -6.32 2.34
C PRO B 71 -4.05 -4.86 2.35
N LEU B 72 -4.03 -4.21 3.52
CA LEU B 72 -3.46 -2.87 3.69
C LEU B 72 -1.92 -2.88 3.51
N ASP B 73 -1.36 -1.70 3.26
CA ASP B 73 0.08 -1.46 3.13
C ASP B 73 0.44 -0.03 3.55
N CYS B 74 -0.24 0.97 2.96
CA CYS B 74 -0.18 2.39 3.32
C CYS B 74 1.24 2.99 3.41
N LYS B 75 2.22 2.43 2.69
CA LYS B 75 3.58 3.01 2.60
C LYS B 75 3.58 4.34 1.82
N VAL B 76 4.45 5.25 2.24
CA VAL B 76 4.57 6.63 1.73
C VAL B 76 6.04 6.97 1.47
N TYR B 77 6.25 7.84 0.50
CA TYR B 77 7.54 8.38 0.07
C TYR B 77 7.58 9.88 0.39
N VAL B 78 8.72 10.38 0.84
CA VAL B 78 8.91 11.81 1.12
C VAL B 78 10.32 12.30 0.78
N GLY B 79 10.42 13.53 0.26
CA GLY B 79 11.72 14.12 -0.07
C GLY B 79 11.80 15.65 -0.05
N ASN B 80 12.97 16.18 -0.46
CA ASN B 80 13.46 17.57 -0.49
C ASN B 80 13.37 18.44 0.79
N LEU B 81 12.62 18.01 1.82
CA LEU B 81 12.57 18.56 3.18
C LEU B 81 13.97 18.44 3.86
N GLY B 82 14.20 19.19 4.94
CA GLY B 82 15.38 19.10 5.82
C GLY B 82 15.06 19.59 7.23
N ASN B 83 15.65 18.96 8.25
CA ASN B 83 15.46 19.32 9.67
C ASN B 83 16.64 18.82 10.54
N ASN B 84 16.93 17.51 10.51
CA ASN B 84 18.06 16.85 11.17
C ASN B 84 18.45 15.50 10.51
N GLY B 85 17.50 14.80 9.89
CA GLY B 85 17.70 13.47 9.31
C GLY B 85 17.70 12.34 10.35
N ASN B 86 16.78 12.36 11.31
CA ASN B 86 16.56 11.22 12.22
C ASN B 86 15.19 10.54 11.99
N LYS B 87 14.09 11.34 12.00
CA LYS B 87 12.65 11.00 11.84
C LYS B 87 11.68 11.84 12.71
N THR B 88 12.10 12.41 13.83
CA THR B 88 11.24 13.03 14.86
C THR B 88 10.18 14.00 14.34
N GLU B 89 10.55 15.01 13.55
CA GLU B 89 9.59 15.99 13.03
C GLU B 89 8.62 15.32 12.06
N LEU B 90 9.12 14.66 11.02
CA LEU B 90 8.26 14.05 10.02
C LEU B 90 7.36 12.96 10.62
N GLU B 91 7.84 12.20 11.59
CA GLU B 91 7.05 11.23 12.35
C GLU B 91 5.85 11.88 13.06
N ARG B 92 6.02 13.05 13.70
CA ARG B 92 4.90 13.83 14.25
C ARG B 92 4.02 14.44 13.15
N ALA B 93 4.62 14.99 12.08
CA ALA B 93 3.90 15.57 10.94
C ALA B 93 2.94 14.56 10.27
N PHE B 94 3.42 13.34 10.08
CA PHE B 94 2.69 12.21 9.54
C PHE B 94 1.66 11.69 10.53
N GLY B 95 2.09 11.23 11.71
CA GLY B 95 1.16 10.61 12.63
C GLY B 95 0.07 11.54 13.20
N TYR B 96 0.22 12.87 13.02
CA TYR B 96 -0.80 13.89 13.25
C TYR B 96 -2.08 13.65 12.42
N TYR B 97 -1.95 13.42 11.11
CA TYR B 97 -3.09 13.03 10.25
C TYR B 97 -3.65 11.69 10.71
N GLY B 98 -2.74 10.76 11.04
CA GLY B 98 -3.14 9.52 11.73
C GLY B 98 -2.00 8.54 12.00
N PRO B 99 -2.13 7.63 12.96
CA PRO B 99 -0.99 6.83 13.43
C PRO B 99 -0.33 6.00 12.31
N LEU B 100 1.00 5.91 12.40
CA LEU B 100 1.85 5.17 11.47
C LEU B 100 2.78 4.18 12.21
N ARG B 101 3.13 3.08 11.52
CA ARG B 101 3.83 1.90 12.07
C ARG B 101 5.35 1.98 11.89
N SER B 102 5.80 2.49 10.75
CA SER B 102 7.23 2.54 10.39
C SER B 102 7.56 3.91 9.77
N VAL B 103 8.72 4.45 10.11
CA VAL B 103 9.20 5.76 9.64
C VAL B 103 10.71 5.69 9.48
N TRP B 104 11.22 6.11 8.32
CA TRP B 104 12.59 5.92 7.91
C TRP B 104 13.12 7.14 7.14
N VAL B 105 14.42 7.38 7.24
CA VAL B 105 15.13 8.36 6.41
C VAL B 105 16.49 7.79 6.03
N ALA B 106 17.00 8.23 4.88
CA ALA B 106 18.29 7.82 4.36
C ALA B 106 19.48 8.34 5.18
N ARG B 107 20.70 7.85 4.92
CA ARG B 107 21.92 8.14 5.71
C ARG B 107 22.58 9.48 5.36
N ASN B 108 21.71 10.48 5.26
CA ASN B 108 21.91 11.87 4.83
C ASN B 108 20.72 12.71 5.38
N PRO B 109 20.68 14.06 5.23
CA PRO B 109 19.49 14.85 5.52
C PRO B 109 18.22 14.26 4.83
N PRO B 110 17.00 14.49 5.35
CA PRO B 110 15.77 13.82 4.91
C PRO B 110 15.20 14.41 3.60
N GLY B 111 16.09 14.83 2.69
CA GLY B 111 15.76 15.21 1.32
C GLY B 111 15.32 13.99 0.48
N PHE B 112 15.41 12.80 1.07
CA PHE B 112 14.90 11.53 0.56
C PHE B 112 14.73 10.56 1.76
N ALA B 113 13.51 10.05 1.95
CA ALA B 113 13.06 9.31 3.13
C ALA B 113 11.74 8.53 2.87
N PHE B 114 11.32 7.67 3.81
CA PHE B 114 10.13 6.79 3.59
C PHE B 114 9.29 6.55 4.87
N VAL B 115 8.04 6.09 4.72
CA VAL B 115 7.05 5.89 5.80
C VAL B 115 6.15 4.67 5.52
N GLU B 116 5.46 4.20 6.56
CA GLU B 116 4.39 3.20 6.52
C GLU B 116 3.28 3.54 7.53
N PHE B 117 2.19 4.14 7.05
CA PHE B 117 0.95 4.36 7.83
C PHE B 117 0.20 3.03 8.14
N GLU B 118 -0.86 3.10 8.94
CA GLU B 118 -1.68 1.94 9.34
C GLU B 118 -3.17 2.05 8.90
N ASP B 119 -3.55 3.14 8.22
CA ASP B 119 -4.92 3.35 7.71
C ASP B 119 -4.87 4.18 6.41
N PRO B 120 -5.46 3.71 5.29
CA PRO B 120 -5.36 4.37 3.98
C PRO B 120 -6.10 5.71 3.91
N ARG B 121 -7.13 5.96 4.74
CA ARG B 121 -7.75 7.28 4.88
C ARG B 121 -6.74 8.31 5.38
N ASP B 122 -6.05 7.98 6.47
CA ASP B 122 -5.12 8.90 7.11
C ASP B 122 -3.82 9.04 6.31
N ALA B 123 -3.35 7.95 5.70
CA ALA B 123 -2.23 8.00 4.76
C ALA B 123 -2.56 8.82 3.50
N ALA B 124 -3.79 8.77 2.98
CA ALA B 124 -4.22 9.60 1.86
C ALA B 124 -4.31 11.09 2.24
N ASP B 125 -4.92 11.41 3.39
CA ASP B 125 -4.92 12.77 3.94
C ASP B 125 -3.50 13.30 4.14
N ALA B 126 -2.59 12.47 4.66
CA ALA B 126 -1.18 12.82 4.79
C ALA B 126 -0.55 13.06 3.41
N VAL B 127 -0.60 12.10 2.50
CA VAL B 127 -0.07 12.19 1.13
C VAL B 127 -0.58 13.42 0.34
N ARG B 128 -1.84 13.83 0.56
CA ARG B 128 -2.49 14.92 -0.21
C ARG B 128 -2.52 16.27 0.51
N GLU B 129 -2.00 16.37 1.74
CA GLU B 129 -1.76 17.64 2.45
C GLU B 129 -0.26 17.91 2.73
N LEU B 130 0.57 16.85 2.78
CA LEU B 130 2.03 16.89 2.82
C LEU B 130 2.64 16.84 1.40
N ASP B 131 1.84 16.91 0.34
CA ASP B 131 2.18 16.67 -1.08
C ASP B 131 3.49 17.25 -1.66
N GLY B 132 4.02 18.35 -1.12
CA GLY B 132 5.14 19.11 -1.69
C GLY B 132 5.35 20.52 -1.13
N ARG B 133 4.29 21.17 -0.62
CA ARG B 133 4.22 22.60 -0.22
C ARG B 133 5.47 23.13 0.51
N THR B 134 5.66 22.67 1.75
CA THR B 134 6.69 22.98 2.75
C THR B 134 6.29 22.24 4.03
N LEU B 135 7.25 21.91 4.91
CA LEU B 135 6.97 21.35 6.24
C LEU B 135 7.87 21.97 7.31
N CYS B 136 9.19 21.80 7.22
CA CYS B 136 10.14 22.54 8.05
C CYS B 136 10.42 23.92 7.43
N GLY B 137 10.78 23.95 6.13
CA GLY B 137 11.00 25.23 5.44
C GLY B 137 11.62 25.07 4.05
N CYS B 138 11.25 23.97 3.39
CA CYS B 138 11.81 23.41 2.19
C CYS B 138 10.75 22.44 1.63
N ARG B 139 10.82 22.14 0.34
CA ARG B 139 9.76 21.43 -0.39
C ARG B 139 9.71 19.97 0.08
N VAL B 140 8.52 19.50 0.42
CA VAL B 140 8.27 18.21 1.09
C VAL B 140 7.61 17.26 0.10
N ARG B 141 8.28 17.01 -1.03
CA ARG B 141 7.70 16.27 -2.17
C ARG B 141 7.31 14.86 -1.71
N VAL B 142 6.02 14.55 -1.68
CA VAL B 142 5.50 13.29 -1.11
C VAL B 142 4.73 12.48 -2.15
N GLU B 143 4.84 11.15 -2.12
CA GLU B 143 4.03 10.23 -2.93
C GLU B 143 3.63 8.98 -2.11
N LEU B 144 2.77 8.11 -2.62
CA LEU B 144 2.52 6.79 -2.04
C LEU B 144 3.63 5.85 -2.53
N SER B 145 4.32 5.14 -1.62
CA SER B 145 5.54 4.39 -1.96
C SER B 145 5.27 3.18 -2.85
N ASN B 146 6.14 2.97 -3.87
CA ASN B 146 6.28 1.82 -4.76
C ASN B 146 5.07 1.51 -5.70
N GLY B 147 3.84 1.54 -5.19
CA GLY B 147 2.60 1.18 -5.89
C GLY B 147 1.41 0.98 -4.92
N GLU B 148 0.24 0.66 -5.46
CA GLU B 148 -1.01 0.47 -4.68
C GLU B 148 -1.75 -0.84 -5.09
N LYS B 149 -2.64 -1.36 -4.23
CA LYS B 149 -3.28 -2.69 -4.40
C LYS B 149 -4.56 -2.65 -5.25
N ARG B 150 -4.37 -2.11 -6.45
CA ARG B 150 -5.38 -1.91 -7.51
C ARG B 150 -4.95 -2.56 -8.84
N MET B 1 -24.68 -0.36 -30.13
CA MET B 1 -24.11 0.73 -29.29
C MET B 1 -22.83 0.27 -28.59
N GLN B 2 -22.95 -0.70 -27.68
CA GLN B 2 -21.95 -1.19 -26.71
C GLN B 2 -21.45 -0.13 -25.71
N TYR B 3 -21.44 -0.52 -24.43
CA TYR B 3 -21.09 0.29 -23.26
C TYR B 3 -20.04 -0.45 -22.44
N LYS B 4 -19.21 0.27 -21.67
CA LYS B 4 -18.08 -0.29 -20.91
C LYS B 4 -18.32 -0.23 -19.40
N LEU B 5 -17.59 -1.01 -18.61
CA LEU B 5 -17.60 -1.05 -17.16
C LEU B 5 -16.20 -1.32 -16.61
N ILE B 6 -15.75 -0.55 -15.60
CA ILE B 6 -14.50 -0.76 -14.85
C ILE B 6 -14.82 -1.11 -13.38
N LEU B 7 -14.52 -2.33 -12.95
CA LEU B 7 -14.62 -2.84 -11.57
C LEU B 7 -13.36 -2.49 -10.73
N ASN B 8 -12.84 -1.25 -10.81
CA ASN B 8 -11.61 -0.86 -10.12
C ASN B 8 -11.70 -1.05 -8.60
N GLY B 9 -10.76 -1.80 -8.02
CA GLY B 9 -10.65 -1.92 -6.57
C GLY B 9 -9.25 -2.08 -6.00
N LYS B 10 -9.23 -2.53 -4.73
CA LYS B 10 -8.02 -2.91 -3.98
C LYS B 10 -8.00 -4.40 -3.64
N THR B 11 -9.18 -4.98 -3.47
CA THR B 11 -9.38 -6.42 -3.31
C THR B 11 -9.13 -7.16 -4.63
N LEU B 12 -9.48 -6.50 -5.75
CA LEU B 12 -9.20 -6.85 -7.14
C LEU B 12 -9.43 -5.63 -8.03
N LYS B 13 -9.33 -5.77 -9.35
CA LYS B 13 -9.78 -4.80 -10.35
C LYS B 13 -9.98 -5.49 -11.70
N GLY B 14 -10.88 -4.95 -12.50
CA GLY B 14 -11.02 -5.35 -13.90
C GLY B 14 -11.99 -4.51 -14.73
N GLU B 15 -12.30 -4.93 -15.96
CA GLU B 15 -13.22 -4.22 -16.87
C GLU B 15 -13.86 -5.17 -17.92
N THR B 16 -15.00 -4.75 -18.46
CA THR B 16 -15.79 -5.46 -19.49
C THR B 16 -16.65 -4.47 -20.27
N THR B 17 -17.48 -4.98 -21.18
CA THR B 17 -18.48 -4.22 -21.94
C THR B 17 -19.77 -5.04 -22.12
N THR B 18 -20.81 -4.44 -22.69
CA THR B 18 -22.05 -5.12 -23.08
C THR B 18 -22.77 -4.34 -24.17
N GLU B 19 -23.54 -5.03 -25.01
CA GLU B 19 -24.49 -4.34 -25.89
C GLU B 19 -25.70 -3.97 -25.01
N ALA B 20 -26.07 -2.70 -25.00
CA ALA B 20 -27.21 -2.16 -24.26
C ALA B 20 -27.90 -1.03 -25.04
N VAL B 21 -29.03 -0.53 -24.53
CA VAL B 21 -29.66 0.69 -25.06
C VAL B 21 -28.88 1.93 -24.58
N ASP B 22 -28.59 1.95 -23.27
CA ASP B 22 -27.87 2.96 -22.48
C ASP B 22 -27.87 2.45 -21.03
N ALA B 23 -27.71 3.30 -20.00
CA ALA B 23 -27.91 2.94 -18.59
C ALA B 23 -29.28 2.28 -18.31
N ALA B 24 -30.28 2.47 -19.18
CA ALA B 24 -31.57 1.78 -19.13
C ALA B 24 -31.48 0.25 -19.34
N THR B 25 -30.28 -0.23 -19.70
CA THR B 25 -29.98 -1.67 -19.88
C THR B 25 -28.60 -2.02 -19.30
N ALA B 26 -27.59 -1.15 -19.43
CA ALA B 26 -26.24 -1.34 -18.88
C ALA B 26 -26.26 -1.34 -17.33
N GLU B 27 -27.09 -0.49 -16.71
CA GLU B 27 -27.20 -0.39 -15.25
C GLU B 27 -27.96 -1.56 -14.60
N LYS B 28 -28.39 -2.56 -15.38
CA LYS B 28 -29.01 -3.80 -14.90
C LYS B 28 -28.36 -5.02 -15.54
N VAL B 29 -27.14 -4.86 -16.08
CA VAL B 29 -26.34 -5.93 -16.70
C VAL B 29 -25.03 -6.10 -15.95
N PHE B 30 -24.32 -4.99 -15.77
CA PHE B 30 -23.05 -4.95 -15.05
C PHE B 30 -23.19 -5.34 -13.58
N LYS B 31 -24.37 -5.15 -12.99
CA LYS B 31 -24.70 -5.54 -11.61
C LYS B 31 -24.47 -7.03 -11.36
N GLN B 32 -24.69 -7.87 -12.38
CA GLN B 32 -24.50 -9.32 -12.30
C GLN B 32 -23.01 -9.67 -12.43
N TYR B 33 -22.35 -9.13 -13.46
CA TYR B 33 -20.92 -9.33 -13.73
C TYR B 33 -20.04 -8.87 -12.57
N ALA B 34 -20.37 -7.73 -11.97
CA ALA B 34 -19.64 -7.19 -10.85
C ALA B 34 -19.68 -8.10 -9.64
N ASN B 35 -20.87 -8.62 -9.32
CA ASN B 35 -21.08 -9.54 -8.23
C ASN B 35 -20.49 -10.95 -8.47
N ASP B 36 -20.15 -11.34 -9.71
CA ASP B 36 -19.41 -12.59 -9.97
C ASP B 36 -17.87 -12.43 -10.00
N ASN B 37 -17.37 -11.20 -10.13
CA ASN B 37 -15.95 -10.89 -9.91
C ASN B 37 -15.71 -10.56 -8.44
N GLY B 38 -16.71 -9.97 -7.77
CA GLY B 38 -16.82 -9.72 -6.36
C GLY B 38 -16.78 -8.24 -5.96
N VAL B 39 -16.80 -7.33 -6.94
CA VAL B 39 -16.90 -5.88 -6.70
C VAL B 39 -18.34 -5.44 -6.55
N ASP B 40 -18.51 -4.34 -5.80
CA ASP B 40 -19.77 -3.61 -5.72
C ASP B 40 -19.58 -2.18 -5.16
N GLY B 41 -18.64 -1.46 -5.79
CA GLY B 41 -18.27 -0.07 -5.52
C GLY B 41 -19.29 1.04 -5.89
N GLU B 42 -18.77 2.25 -6.13
CA GLU B 42 -19.50 3.54 -6.27
C GLU B 42 -20.53 3.77 -7.40
N TRP B 43 -20.75 2.77 -8.26
CA TRP B 43 -21.59 2.74 -9.45
C TRP B 43 -21.75 4.09 -10.17
N THR B 44 -20.69 4.48 -10.87
CA THR B 44 -20.62 5.68 -11.71
C THR B 44 -20.80 5.35 -13.19
N TYR B 45 -21.04 6.38 -14.00
CA TYR B 45 -21.22 6.31 -15.46
C TYR B 45 -20.79 7.64 -16.12
N ASP B 46 -20.60 7.64 -17.44
CA ASP B 46 -20.15 8.79 -18.22
C ASP B 46 -20.90 8.89 -19.56
N ASP B 47 -20.74 10.02 -20.26
CA ASP B 47 -21.31 10.29 -21.60
C ASP B 47 -20.29 10.81 -22.63
N ALA B 48 -19.06 11.09 -22.22
CA ALA B 48 -17.95 11.40 -23.12
C ALA B 48 -17.40 10.12 -23.75
N THR B 49 -17.44 9.01 -23.00
CA THR B 49 -16.99 7.69 -23.44
C THR B 49 -17.91 6.53 -23.00
N LYS B 50 -19.08 6.83 -22.43
CA LYS B 50 -20.16 5.84 -22.17
C LYS B 50 -19.67 4.61 -21.38
N THR B 51 -18.86 4.90 -20.38
CA THR B 51 -18.09 3.93 -19.59
C THR B 51 -18.48 4.04 -18.12
N PHE B 52 -19.10 2.98 -17.60
CA PHE B 52 -19.34 2.81 -16.17
C PHE B 52 -18.03 2.63 -15.43
N THR B 53 -18.04 2.93 -14.12
CA THR B 53 -16.92 2.64 -13.21
C THR B 53 -17.50 2.39 -11.83
N VAL B 54 -17.07 1.34 -11.15
CA VAL B 54 -17.66 0.86 -9.89
C VAL B 54 -16.55 0.66 -8.85
N THR B 55 -15.94 1.77 -8.47
CA THR B 55 -14.77 1.82 -7.59
C THR B 55 -15.00 1.18 -6.22
N GLU B 56 -14.54 -0.05 -6.05
CA GLU B 56 -14.53 -0.84 -4.81
C GLU B 56 -13.64 -0.24 -3.71
N GLY B 57 -12.78 0.73 -4.05
CA GLY B 57 -12.04 1.56 -3.10
C GLY B 57 -12.96 2.49 -2.28
N SER B 58 -14.16 2.80 -2.78
CA SER B 58 -15.27 3.56 -2.18
C SER B 58 -15.01 5.01 -1.69
N HIS B 59 -13.76 5.40 -1.42
CA HIS B 59 -13.39 6.66 -0.76
C HIS B 59 -12.78 7.69 -1.73
N HIS B 60 -12.49 7.31 -2.98
CA HIS B 60 -12.02 8.20 -4.05
C HIS B 60 -12.47 7.69 -5.42
N HIS B 61 -12.81 8.60 -6.32
CA HIS B 61 -13.28 8.34 -7.69
C HIS B 61 -12.17 7.81 -8.62
N HIS B 62 -11.88 6.50 -8.59
CA HIS B 62 -10.86 5.86 -9.43
C HIS B 62 -11.31 5.67 -10.90
N HIS B 63 -11.74 6.76 -11.55
CA HIS B 63 -12.18 6.81 -12.96
C HIS B 63 -11.02 6.73 -13.98
N HIS B 64 -10.02 5.88 -13.72
CA HIS B 64 -8.75 5.82 -14.46
C HIS B 64 -8.16 4.40 -14.52
N MET B 65 -7.19 4.19 -15.42
CA MET B 65 -6.37 2.96 -15.46
C MET B 65 -5.45 2.82 -14.24
N HIS B 66 -4.75 1.68 -14.11
CA HIS B 66 -3.92 1.30 -12.96
C HIS B 66 -2.59 2.08 -12.81
N ARG B 67 -2.65 3.41 -12.86
CA ARG B 67 -1.49 4.33 -12.74
C ARG B 67 -0.82 4.33 -11.36
N ASP B 68 0.24 5.13 -11.26
CA ASP B 68 1.02 5.44 -10.06
C ASP B 68 0.25 6.11 -8.91
N SER B 69 0.78 6.01 -7.70
CA SER B 69 0.40 6.70 -6.46
C SER B 69 -1.09 6.62 -6.03
N CYS B 70 -1.83 5.63 -6.52
CA CYS B 70 -3.25 5.46 -6.17
C CYS B 70 -3.45 5.02 -4.70
N PRO B 71 -4.53 5.46 -4.01
CA PRO B 71 -4.96 5.03 -2.65
C PRO B 71 -5.21 3.53 -2.39
N LEU B 72 -4.23 2.65 -2.66
CA LEU B 72 -4.36 1.18 -2.68
C LEU B 72 -3.49 0.45 -1.63
N ASP B 73 -2.71 1.18 -0.83
CA ASP B 73 -1.80 0.66 0.20
C ASP B 73 -1.55 1.74 1.29
N CYS B 74 -0.92 1.36 2.40
CA CYS B 74 -0.51 2.26 3.49
C CYS B 74 0.94 2.75 3.37
N LYS B 75 1.73 2.21 2.43
CA LYS B 75 3.14 2.58 2.21
C LYS B 75 3.25 3.95 1.54
N VAL B 76 4.08 4.83 2.10
CA VAL B 76 4.21 6.24 1.72
C VAL B 76 5.67 6.62 1.50
N TYR B 77 5.92 7.33 0.40
CA TYR B 77 7.19 7.99 0.10
C TYR B 77 7.16 9.41 0.66
N VAL B 78 8.31 9.91 1.09
CA VAL B 78 8.44 11.31 1.46
C VAL B 78 9.85 11.83 1.21
N GLY B 79 9.96 13.12 0.97
CA GLY B 79 11.21 13.86 0.97
C GLY B 79 11.00 15.16 1.75
N ASN B 80 11.98 15.56 2.56
CA ASN B 80 11.82 16.63 3.57
C ASN B 80 13.09 17.47 3.77
N LEU B 81 12.90 18.72 4.23
CA LEU B 81 13.88 19.76 4.60
C LEU B 81 14.92 20.20 3.53
N GLY B 82 15.30 19.34 2.58
CA GLY B 82 16.26 19.67 1.52
C GLY B 82 17.72 19.76 1.97
N ASN B 83 18.10 19.07 3.06
CA ASN B 83 19.46 19.06 3.61
C ASN B 83 19.91 17.69 4.13
N ASN B 84 19.06 17.02 4.91
CA ASN B 84 19.28 15.70 5.49
C ASN B 84 17.93 15.08 5.94
N GLY B 85 17.93 13.78 6.22
CA GLY B 85 16.78 13.10 6.82
C GLY B 85 16.76 13.25 8.34
N ASN B 86 15.56 13.48 8.88
CA ASN B 86 15.23 13.41 10.31
C ASN B 86 13.73 13.14 10.43
N LYS B 87 13.34 12.31 11.40
CA LYS B 87 11.96 11.78 11.50
C LYS B 87 11.04 12.58 12.42
N THR B 88 11.54 13.43 13.33
CA THR B 88 10.75 14.07 14.40
C THR B 88 9.45 14.70 13.93
N GLU B 89 9.50 15.70 13.05
CA GLU B 89 8.28 16.38 12.64
C GLU B 89 7.50 15.52 11.66
N LEU B 90 8.13 14.86 10.67
CA LEU B 90 7.35 14.04 9.76
C LEU B 90 6.59 12.91 10.47
N GLU B 91 7.17 12.31 11.51
CA GLU B 91 6.51 11.31 12.36
C GLU B 91 5.27 11.87 13.07
N ARG B 92 5.35 13.05 13.72
CA ARG B 92 4.13 13.68 14.26
C ARG B 92 3.16 14.11 13.15
N ALA B 93 3.67 14.64 12.04
CA ALA B 93 2.89 15.20 10.94
C ALA B 93 2.06 14.12 10.26
N PHE B 94 2.67 12.96 10.03
CA PHE B 94 2.00 11.78 9.52
C PHE B 94 0.94 11.27 10.49
N GLY B 95 1.36 10.83 11.67
CA GLY B 95 0.44 10.23 12.60
C GLY B 95 -0.70 11.15 13.10
N TYR B 96 -0.56 12.47 12.93
CA TYR B 96 -1.61 13.48 13.12
C TYR B 96 -2.85 13.22 12.25
N TYR B 97 -2.68 13.01 10.93
CA TYR B 97 -3.78 12.70 10.01
C TYR B 97 -4.35 11.32 10.28
N GLY B 98 -3.48 10.37 10.61
CA GLY B 98 -3.91 9.06 11.13
C GLY B 98 -2.75 8.17 11.57
N PRO B 99 -2.93 7.19 12.47
CA PRO B 99 -1.81 6.48 13.08
C PRO B 99 -0.95 5.71 12.05
N LEU B 100 0.35 5.58 12.35
CA LEU B 100 1.29 4.84 11.52
C LEU B 100 2.18 3.87 12.32
N ARG B 101 2.74 2.87 11.60
CA ARG B 101 3.43 1.69 12.17
C ARG B 101 4.89 1.55 11.72
N SER B 102 5.35 2.35 10.76
CA SER B 102 6.77 2.47 10.39
C SER B 102 7.07 3.89 9.89
N VAL B 103 8.23 4.42 10.29
CA VAL B 103 8.78 5.71 9.85
C VAL B 103 10.31 5.58 9.74
N TRP B 104 10.85 5.89 8.57
CA TRP B 104 12.28 5.84 8.25
C TRP B 104 12.72 7.05 7.43
N VAL B 105 13.99 7.45 7.55
CA VAL B 105 14.59 8.56 6.77
C VAL B 105 16.05 8.26 6.44
N ALA B 106 16.55 8.78 5.32
CA ALA B 106 17.95 8.61 4.92
C ALA B 106 18.86 9.60 5.68
N ARG B 107 19.68 9.07 6.60
CA ARG B 107 20.56 9.80 7.53
C ARG B 107 21.75 10.55 6.90
N ASN B 108 21.66 10.88 5.61
CA ASN B 108 22.71 11.47 4.76
C ASN B 108 22.10 12.47 3.73
N PRO B 109 22.91 13.24 2.98
CA PRO B 109 22.45 14.33 2.10
C PRO B 109 21.27 14.08 1.13
N PRO B 110 21.02 12.86 0.59
CA PRO B 110 19.79 12.53 -0.15
C PRO B 110 18.49 13.00 0.51
N GLY B 111 18.43 13.04 1.84
CA GLY B 111 17.39 13.67 2.66
C GLY B 111 15.95 13.12 2.57
N PHE B 112 15.65 12.27 1.58
CA PHE B 112 14.35 11.60 1.47
C PHE B 112 14.09 10.58 2.61
N ALA B 113 12.90 9.99 2.61
CA ALA B 113 12.33 9.20 3.68
C ALA B 113 11.22 8.24 3.21
N PHE B 114 10.79 7.36 4.12
CA PHE B 114 9.70 6.40 3.85
C PHE B 114 8.85 6.07 5.10
N VAL B 115 7.62 5.61 4.90
CA VAL B 115 6.63 5.35 5.95
C VAL B 115 5.67 4.21 5.60
N GLU B 116 5.06 3.60 6.62
CA GLU B 116 3.92 2.70 6.49
C GLU B 116 2.86 3.11 7.54
N PHE B 117 1.72 3.63 7.07
CA PHE B 117 0.55 3.96 7.89
C PHE B 117 -0.25 2.72 8.35
N GLU B 118 -1.18 2.90 9.29
CA GLU B 118 -2.04 1.79 9.74
C GLU B 118 -3.07 1.38 8.67
N ASP B 119 -3.72 2.35 8.02
CA ASP B 119 -4.73 2.14 6.96
C ASP B 119 -4.48 3.03 5.72
N PRO B 120 -4.95 2.64 4.51
CA PRO B 120 -4.79 3.42 3.28
C PRO B 120 -5.40 4.83 3.33
N ARG B 121 -6.49 5.07 4.08
CA ARG B 121 -7.04 6.42 4.27
C ARG B 121 -6.12 7.30 5.12
N ASP B 122 -5.48 6.76 6.15
CA ASP B 122 -4.48 7.51 6.93
C ASP B 122 -3.35 8.01 6.00
N ALA B 123 -2.82 7.11 5.18
CA ALA B 123 -1.83 7.45 4.16
C ALA B 123 -2.37 8.42 3.11
N ALA B 124 -3.59 8.23 2.60
CA ALA B 124 -4.16 9.09 1.56
C ALA B 124 -4.39 10.53 2.06
N ASP B 125 -4.95 10.71 3.26
CA ASP B 125 -5.12 12.04 3.85
C ASP B 125 -3.76 12.68 4.14
N ALA B 126 -2.78 11.91 4.62
CA ALA B 126 -1.44 12.40 4.88
C ALA B 126 -0.73 12.82 3.58
N VAL B 127 -0.66 11.94 2.57
CA VAL B 127 -0.08 12.20 1.24
C VAL B 127 -0.70 13.44 0.59
N ARG B 128 -2.03 13.61 0.69
CA ARG B 128 -2.74 14.76 0.11
C ARG B 128 -2.42 16.07 0.85
N GLU B 129 -2.30 16.05 2.18
CA GLU B 129 -2.07 17.25 2.99
C GLU B 129 -0.59 17.50 3.36
N LEU B 130 0.31 16.62 2.92
CA LEU B 130 1.77 16.75 3.03
C LEU B 130 2.47 16.89 1.66
N ASP B 131 1.77 16.52 0.57
CA ASP B 131 2.02 16.68 -0.88
C ASP B 131 3.37 17.26 -1.37
N GLY B 132 3.73 18.43 -0.89
CA GLY B 132 4.93 19.21 -1.18
C GLY B 132 4.95 20.67 -0.69
N ARG B 133 4.01 21.05 0.19
CA ARG B 133 3.72 22.43 0.60
C ARG B 133 4.80 23.08 1.47
N THR B 134 5.25 22.40 2.53
CA THR B 134 6.33 22.73 3.49
C THR B 134 6.20 21.80 4.71
N LEU B 135 7.33 21.44 5.31
CA LEU B 135 7.47 20.61 6.52
C LEU B 135 8.92 20.78 7.00
N CYS B 136 9.15 20.74 8.32
CA CYS B 136 10.37 21.14 9.04
C CYS B 136 10.68 22.64 8.89
N GLY B 137 10.48 23.20 7.68
CA GLY B 137 10.48 24.62 7.36
C GLY B 137 11.07 24.98 6.00
N CYS B 138 11.01 24.07 5.03
CA CYS B 138 11.63 24.21 3.72
C CYS B 138 10.75 23.44 2.71
N ARG B 139 11.32 22.93 1.62
CA ARG B 139 10.60 22.04 0.71
C ARG B 139 10.39 20.67 1.36
N VAL B 140 9.21 20.11 1.09
CA VAL B 140 8.82 18.73 1.36
C VAL B 140 8.23 18.20 0.05
N ARG B 141 7.99 16.91 -0.05
CA ARG B 141 7.22 16.24 -1.12
C ARG B 141 6.81 14.87 -0.61
N VAL B 142 5.55 14.47 -0.78
CA VAL B 142 5.05 13.21 -0.21
C VAL B 142 4.14 12.49 -1.21
N GLU B 143 4.31 11.18 -1.39
CA GLU B 143 3.56 10.39 -2.39
C GLU B 143 3.16 9.02 -1.83
N LEU B 144 2.18 8.35 -2.43
CA LEU B 144 1.91 6.94 -2.10
C LEU B 144 2.98 6.11 -2.82
N SER B 145 3.59 5.13 -2.15
CA SER B 145 4.77 4.43 -2.69
C SER B 145 4.48 3.64 -3.97
N ASN B 146 5.50 3.52 -4.84
CA ASN B 146 5.44 2.89 -6.16
C ASN B 146 6.65 1.96 -6.41
N GLY B 147 6.50 1.03 -7.35
CA GLY B 147 7.60 0.18 -7.83
C GLY B 147 8.72 0.97 -8.53
N GLU B 148 8.40 2.12 -9.12
CA GLU B 148 9.34 3.10 -9.66
C GLU B 148 8.71 4.52 -9.65
N LYS B 149 9.55 5.53 -9.37
CA LYS B 149 9.34 6.99 -9.49
C LYS B 149 10.46 7.75 -8.77
N ARG B 150 10.57 9.05 -9.11
CA ARG B 150 11.40 10.06 -8.45
C ARG B 150 10.63 11.36 -8.24
N MET B 1 -20.16 -24.72 14.72
CA MET B 1 -20.19 -23.45 13.96
C MET B 1 -19.13 -23.39 12.84
N GLN B 2 -17.88 -23.80 13.12
CA GLN B 2 -16.67 -23.65 12.30
C GLN B 2 -16.23 -22.18 12.05
N TYR B 3 -14.92 -21.96 12.14
CA TYR B 3 -14.22 -20.69 12.03
C TYR B 3 -13.09 -20.82 11.01
N LYS B 4 -12.75 -19.74 10.30
CA LYS B 4 -11.69 -19.71 9.27
C LYS B 4 -10.42 -19.00 9.78
N LEU B 5 -9.29 -19.22 9.11
CA LEU B 5 -7.99 -18.59 9.37
C LEU B 5 -7.24 -18.37 8.04
N ILE B 6 -6.59 -17.21 7.87
CA ILE B 6 -5.71 -16.86 6.74
C ILE B 6 -4.29 -16.60 7.26
N LEU B 7 -3.34 -17.45 6.87
CA LEU B 7 -1.90 -17.31 7.10
C LEU B 7 -1.26 -16.45 5.99
N ASN B 8 -1.59 -15.16 5.91
CA ASN B 8 -1.11 -14.24 4.86
C ASN B 8 0.40 -13.94 4.92
N GLY B 9 1.27 -14.89 4.55
CA GLY B 9 2.73 -14.68 4.51
C GLY B 9 3.35 -14.74 3.12
N LYS B 10 4.20 -13.75 2.87
CA LYS B 10 4.79 -13.39 1.58
C LYS B 10 5.36 -14.54 0.71
N THR B 11 6.00 -15.52 1.33
CA THR B 11 6.71 -16.63 0.64
C THR B 11 5.95 -17.96 0.70
N LEU B 12 4.88 -18.04 1.51
CA LEU B 12 4.23 -19.32 1.88
C LEU B 12 2.71 -19.30 2.12
N LYS B 13 2.05 -18.15 1.93
CA LYS B 13 0.65 -17.89 2.33
C LYS B 13 -0.35 -19.03 2.15
N GLY B 14 -1.29 -19.06 3.07
CA GLY B 14 -2.47 -19.93 2.93
C GLY B 14 -3.63 -19.70 3.89
N GLU B 15 -4.50 -20.70 4.04
CA GLU B 15 -5.73 -20.64 4.85
C GLU B 15 -6.06 -22.01 5.49
N THR B 16 -6.97 -22.03 6.46
CA THR B 16 -7.59 -23.23 7.04
C THR B 16 -8.88 -22.85 7.76
N THR B 17 -9.53 -23.83 8.37
CA THR B 17 -10.69 -23.69 9.24
C THR B 17 -10.57 -24.67 10.42
N THR B 18 -11.45 -24.53 11.42
CA THR B 18 -11.59 -25.51 12.51
C THR B 18 -12.97 -25.42 13.14
N GLU B 19 -13.44 -26.50 13.76
CA GLU B 19 -14.64 -26.46 14.60
C GLU B 19 -14.22 -25.98 16.01
N ALA B 20 -14.78 -24.87 16.45
CA ALA B 20 -14.48 -24.20 17.72
C ALA B 20 -15.75 -23.65 18.40
N VAL B 21 -15.62 -23.14 19.63
CA VAL B 21 -16.69 -22.39 20.29
C VAL B 21 -16.77 -20.96 19.73
N ASP B 22 -15.61 -20.31 19.63
CA ASP B 22 -15.29 -18.95 19.13
C ASP B 22 -13.77 -18.77 19.33
N ALA B 23 -13.24 -17.55 19.42
CA ALA B 23 -11.85 -17.27 19.83
C ALA B 23 -11.43 -17.95 21.15
N ALA B 24 -12.38 -18.35 21.99
CA ALA B 24 -12.13 -19.16 23.19
C ALA B 24 -11.61 -20.58 22.89
N THR B 25 -11.58 -20.97 21.62
CA THR B 25 -11.07 -22.25 21.12
C THR B 25 -10.29 -22.09 19.81
N ALA B 26 -10.73 -21.21 18.90
CA ALA B 26 -10.06 -20.91 17.62
C ALA B 26 -8.71 -20.21 17.85
N GLU B 27 -8.63 -19.30 18.84
CA GLU B 27 -7.39 -18.57 19.17
C GLU B 27 -6.32 -19.41 19.89
N LYS B 28 -6.57 -20.71 20.10
CA LYS B 28 -5.61 -21.67 20.65
C LYS B 28 -5.55 -22.94 19.80
N VAL B 29 -6.01 -22.88 18.55
CA VAL B 29 -5.97 -23.99 17.57
C VAL B 29 -5.15 -23.59 16.36
N PHE B 30 -5.48 -22.45 15.78
CA PHE B 30 -4.76 -21.89 14.64
C PHE B 30 -3.29 -21.61 14.95
N LYS B 31 -2.97 -21.34 16.23
CA LYS B 31 -1.61 -21.16 16.74
C LYS B 31 -0.71 -22.37 16.46
N GLN B 32 -1.28 -23.59 16.41
CA GLN B 32 -0.51 -24.81 16.08
C GLN B 32 -0.25 -24.90 14.57
N TYR B 33 -1.32 -24.79 13.77
CA TYR B 33 -1.28 -24.89 12.31
C TYR B 33 -0.41 -23.79 11.67
N ALA B 34 -0.52 -22.57 12.17
CA ALA B 34 0.27 -21.44 11.70
C ALA B 34 1.76 -21.71 11.84
N ASN B 35 2.18 -22.12 13.03
CA ASN B 35 3.58 -22.42 13.31
C ASN B 35 4.08 -23.71 12.64
N ASP B 36 3.18 -24.58 12.16
CA ASP B 36 3.54 -25.75 11.35
C ASP B 36 3.76 -25.42 9.87
N ASN B 37 3.05 -24.41 9.34
CA ASN B 37 3.36 -23.84 8.01
C ASN B 37 4.59 -22.93 8.15
N GLY B 38 4.66 -22.23 9.30
CA GLY B 38 5.72 -21.41 9.81
C GLY B 38 5.35 -19.94 10.01
N VAL B 39 4.13 -19.54 9.65
CA VAL B 39 3.62 -18.17 9.88
C VAL B 39 3.32 -17.92 11.35
N ASP B 40 3.50 -16.65 11.73
CA ASP B 40 3.05 -16.10 13.01
C ASP B 40 3.09 -14.55 12.95
N GLY B 41 2.45 -14.03 11.90
CA GLY B 41 2.17 -12.61 11.65
C GLY B 41 1.25 -11.90 12.65
N GLU B 42 0.63 -10.80 12.22
CA GLU B 42 -0.32 -10.02 13.02
C GLU B 42 -1.67 -10.75 13.21
N TRP B 43 -1.84 -11.47 14.33
CA TRP B 43 -3.06 -12.24 14.63
C TRP B 43 -4.26 -11.30 14.70
N THR B 44 -5.20 -11.56 13.81
CA THR B 44 -6.41 -10.77 13.55
C THR B 44 -7.64 -11.68 13.55
N TYR B 45 -8.82 -11.09 13.72
CA TYR B 45 -10.11 -11.79 13.74
C TYR B 45 -11.25 -10.87 13.29
N ASP B 46 -12.41 -11.45 12.97
CA ASP B 46 -13.60 -10.77 12.46
C ASP B 46 -14.88 -11.37 13.08
N ASP B 47 -16.01 -10.66 12.97
CA ASP B 47 -17.31 -11.07 13.52
C ASP B 47 -18.48 -10.93 12.53
N ALA B 48 -18.24 -10.43 11.32
CA ALA B 48 -19.20 -10.45 10.23
C ALA B 48 -19.18 -11.82 9.53
N THR B 49 -18.01 -12.48 9.56
CA THR B 49 -17.71 -13.71 8.82
C THR B 49 -17.00 -14.76 9.68
N LYS B 50 -16.51 -14.38 10.86
CA LYS B 50 -15.83 -15.24 11.83
C LYS B 50 -14.53 -15.84 11.28
N THR B 51 -13.71 -14.98 10.65
CA THR B 51 -12.49 -15.36 9.94
C THR B 51 -11.27 -14.71 10.57
N PHE B 52 -10.39 -15.52 11.15
CA PHE B 52 -9.05 -15.11 11.59
C PHE B 52 -8.16 -14.76 10.41
N THR B 53 -7.11 -13.98 10.67
CA THR B 53 -6.03 -13.69 9.73
C THR B 53 -4.73 -13.55 10.54
N VAL B 54 -3.57 -13.69 9.90
CA VAL B 54 -2.26 -13.59 10.56
C VAL B 54 -1.19 -13.13 9.57
N THR B 55 -1.30 -11.86 9.15
CA THR B 55 -0.47 -11.30 8.07
C THR B 55 1.01 -11.20 8.48
N GLU B 56 1.84 -11.98 7.80
CA GLU B 56 3.24 -12.21 8.13
C GLU B 56 4.18 -11.09 7.67
N GLY B 57 4.29 -10.08 8.53
CA GLY B 57 5.26 -8.98 8.49
C GLY B 57 6.06 -8.96 9.80
N SER B 58 6.38 -10.13 10.35
CA SER B 58 6.95 -10.33 11.70
C SER B 58 8.23 -11.17 11.71
N HIS B 59 8.48 -11.95 10.66
CA HIS B 59 9.61 -12.87 10.49
C HIS B 59 10.22 -12.65 9.09
N HIS B 60 10.90 -11.52 8.92
CA HIS B 60 11.54 -11.12 7.65
C HIS B 60 12.59 -12.15 7.14
N HIS B 61 13.10 -13.03 8.00
CA HIS B 61 13.95 -14.16 7.60
C HIS B 61 13.27 -15.19 6.67
N HIS B 62 11.93 -15.21 6.61
CA HIS B 62 11.18 -16.00 5.60
C HIS B 62 11.16 -15.35 4.20
N HIS B 63 11.59 -14.08 4.05
CA HIS B 63 11.43 -13.33 2.80
C HIS B 63 12.15 -13.99 1.60
N HIS B 64 11.49 -13.92 0.45
CA HIS B 64 11.96 -14.35 -0.88
C HIS B 64 11.37 -13.40 -1.93
N MET B 65 11.76 -13.53 -3.20
CA MET B 65 11.36 -12.66 -4.32
C MET B 65 9.86 -12.74 -4.66
N HIS B 66 9.00 -12.13 -3.84
CA HIS B 66 7.55 -12.22 -3.91
C HIS B 66 6.84 -10.89 -3.59
N ARG B 67 5.84 -10.58 -4.41
CA ARG B 67 4.83 -9.52 -4.22
C ARG B 67 3.43 -10.00 -4.64
N ASP B 68 3.27 -11.29 -4.96
CA ASP B 68 1.97 -11.92 -5.16
C ASP B 68 1.14 -11.89 -3.85
N SER B 69 -0.18 -12.07 -3.95
CA SER B 69 -1.15 -12.05 -2.84
C SER B 69 -1.28 -10.72 -2.07
N CYS B 70 -0.31 -9.82 -2.19
CA CYS B 70 -0.34 -8.43 -1.70
C CYS B 70 0.44 -7.50 -2.67
N PRO B 71 -0.04 -7.27 -3.91
CA PRO B 71 0.66 -6.51 -4.96
C PRO B 71 1.09 -5.07 -4.61
N LEU B 72 0.50 -4.49 -3.57
CA LEU B 72 0.81 -3.14 -3.05
C LEU B 72 0.74 -3.15 -1.52
N ASP B 73 0.99 -2.01 -0.87
CA ASP B 73 1.13 -1.90 0.58
C ASP B 73 0.64 -0.53 1.09
N CYS B 74 0.48 -0.36 2.41
CA CYS B 74 0.09 0.90 3.07
C CYS B 74 1.26 1.92 3.15
N LYS B 75 2.12 1.93 2.13
CA LYS B 75 3.42 2.62 2.06
C LYS B 75 3.33 3.91 1.26
N VAL B 76 4.01 4.93 1.77
CA VAL B 76 4.07 6.30 1.25
C VAL B 76 5.53 6.78 1.27
N TYR B 77 5.81 7.72 0.38
CA TYR B 77 7.10 8.32 0.10
C TYR B 77 7.09 9.79 0.53
N VAL B 78 8.23 10.32 0.95
CA VAL B 78 8.39 11.76 1.16
C VAL B 78 9.79 12.23 0.80
N GLY B 79 9.88 13.40 0.17
CA GLY B 79 11.19 14.01 -0.14
C GLY B 79 11.21 15.53 -0.30
N ASN B 80 12.38 16.08 -0.63
CA ASN B 80 12.66 17.52 -0.70
C ASN B 80 12.16 18.28 0.54
N LEU B 81 12.71 17.94 1.70
CA LEU B 81 12.20 18.40 3.01
C LEU B 81 13.13 19.32 3.82
N GLY B 82 14.42 19.43 3.51
CA GLY B 82 15.36 20.39 4.16
C GLY B 82 16.49 19.75 4.99
N ASN B 83 17.23 20.60 5.72
CA ASN B 83 18.36 20.26 6.60
C ASN B 83 17.90 19.68 7.97
N ASN B 84 16.94 18.76 7.94
CA ASN B 84 16.19 18.22 9.08
C ASN B 84 15.77 16.77 8.76
N GLY B 85 15.48 15.92 9.75
CA GLY B 85 15.29 14.49 9.50
C GLY B 85 15.35 13.57 10.74
N ASN B 86 15.97 12.41 10.54
CA ASN B 86 16.06 11.21 11.39
C ASN B 86 14.72 10.48 11.58
N LYS B 87 13.64 11.25 11.79
CA LYS B 87 12.19 10.94 11.79
C LYS B 87 11.36 11.84 12.71
N THR B 88 11.87 12.31 13.85
CA THR B 88 11.11 12.99 14.92
C THR B 88 10.02 13.97 14.44
N GLU B 89 10.42 14.98 13.67
CA GLU B 89 9.50 15.99 13.18
C GLU B 89 8.47 15.38 12.24
N LEU B 90 8.94 14.72 11.18
CA LEU B 90 8.05 14.21 10.15
C LEU B 90 7.14 13.10 10.68
N GLU B 91 7.59 12.36 11.69
CA GLU B 91 6.85 11.31 12.39
C GLU B 91 5.65 11.89 13.13
N ARG B 92 5.81 12.99 13.91
CA ARG B 92 4.62 13.67 14.46
C ARG B 92 3.80 14.36 13.38
N ALA B 93 4.41 14.86 12.30
CA ALA B 93 3.70 15.47 11.17
C ALA B 93 2.76 14.48 10.48
N PHE B 94 3.25 13.28 10.23
CA PHE B 94 2.50 12.15 9.71
C PHE B 94 1.43 11.71 10.69
N GLY B 95 1.83 11.21 11.86
CA GLY B 95 0.91 10.75 12.88
C GLY B 95 -0.19 11.74 13.32
N TYR B 96 0.01 13.05 13.12
CA TYR B 96 -1.00 14.11 13.27
C TYR B 96 -2.25 13.88 12.39
N TYR B 97 -2.08 13.63 11.07
CA TYR B 97 -3.20 13.30 10.16
C TYR B 97 -3.85 11.98 10.59
N GLY B 98 -3.00 11.04 11.03
CA GLY B 98 -3.49 9.83 11.69
C GLY B 98 -2.40 8.82 12.03
N PRO B 99 -2.64 7.81 12.88
CA PRO B 99 -1.57 6.97 13.42
C PRO B 99 -0.79 6.20 12.35
N LEU B 100 0.53 6.39 12.43
CA LEU B 100 1.55 5.67 11.69
C LEU B 100 1.61 4.17 12.04
N ARG B 101 2.23 3.41 11.15
CA ARG B 101 2.61 2.00 11.35
C ARG B 101 4.14 1.85 11.46
N SER B 102 4.90 2.64 10.69
CA SER B 102 6.37 2.78 10.78
C SER B 102 6.86 3.97 9.95
N VAL B 103 8.08 4.44 10.23
CA VAL B 103 8.77 5.53 9.52
C VAL B 103 10.27 5.20 9.42
N TRP B 104 10.88 5.53 8.27
CA TRP B 104 12.31 5.32 7.98
C TRP B 104 12.87 6.52 7.22
N VAL B 105 14.11 6.92 7.49
CA VAL B 105 14.82 7.89 6.66
C VAL B 105 16.30 7.49 6.56
N ALA B 106 16.93 7.76 5.42
CA ALA B 106 18.33 7.41 5.19
C ALA B 106 19.31 7.99 6.23
N ARG B 107 20.44 7.30 6.44
CA ARG B 107 21.59 7.80 7.22
C ARG B 107 22.38 8.83 6.39
N ASN B 108 22.49 8.56 5.08
CA ASN B 108 22.96 9.54 4.09
C ASN B 108 21.94 10.71 4.01
N PRO B 109 22.34 11.92 3.57
CA PRO B 109 21.56 13.17 3.65
C PRO B 109 20.01 13.04 3.73
N PRO B 110 19.41 13.10 4.94
CA PRO B 110 17.99 12.86 5.25
C PRO B 110 16.90 13.70 4.53
N GLY B 111 17.22 14.40 3.44
CA GLY B 111 16.29 15.22 2.64
C GLY B 111 15.25 14.41 1.83
N PHE B 112 15.12 13.13 2.15
CA PHE B 112 14.37 12.07 1.47
C PHE B 112 14.10 10.97 2.53
N ALA B 113 12.93 10.32 2.48
CA ALA B 113 12.45 9.43 3.54
C ALA B 113 11.29 8.52 3.07
N PHE B 114 10.91 7.55 3.91
CA PHE B 114 9.78 6.61 3.67
C PHE B 114 8.90 6.42 4.92
N VAL B 115 7.65 6.01 4.72
CA VAL B 115 6.61 5.95 5.77
C VAL B 115 5.52 4.94 5.43
N GLU B 116 4.84 4.43 6.45
CA GLU B 116 3.61 3.64 6.34
C GLU B 116 2.68 3.96 7.51
N PHE B 117 1.37 3.85 7.28
CA PHE B 117 0.31 4.26 8.22
C PHE B 117 -0.60 3.07 8.59
N GLU B 118 -1.35 3.17 9.69
CA GLU B 118 -2.19 2.07 10.21
C GLU B 118 -3.55 1.98 9.50
N ASP B 119 -4.01 3.07 8.87
CA ASP B 119 -5.16 3.14 7.98
C ASP B 119 -4.70 3.76 6.64
N PRO B 120 -4.91 3.11 5.48
CA PRO B 120 -4.66 3.70 4.16
C PRO B 120 -5.26 5.10 3.97
N ARG B 121 -6.37 5.42 4.65
CA ARG B 121 -7.00 6.75 4.66
C ARG B 121 -6.18 7.79 5.43
N ASP B 122 -5.37 7.39 6.42
CA ASP B 122 -4.39 8.31 7.07
C ASP B 122 -3.29 8.69 6.06
N ALA B 123 -2.76 7.69 5.35
CA ALA B 123 -1.81 7.94 4.26
C ALA B 123 -2.44 8.74 3.12
N ALA B 124 -3.73 8.56 2.79
CA ALA B 124 -4.43 9.38 1.80
C ALA B 124 -4.61 10.84 2.24
N ASP B 125 -5.03 11.07 3.50
CA ASP B 125 -5.04 12.41 4.10
C ASP B 125 -3.67 13.07 3.99
N ALA B 126 -2.59 12.35 4.32
CA ALA B 126 -1.23 12.85 4.18
C ALA B 126 -0.87 13.12 2.70
N VAL B 127 -1.06 12.16 1.80
CA VAL B 127 -0.79 12.28 0.35
C VAL B 127 -1.55 13.44 -0.34
N ARG B 128 -2.61 14.00 0.26
CA ARG B 128 -3.30 15.21 -0.24
C ARG B 128 -3.26 16.44 0.67
N GLU B 129 -2.67 16.36 1.87
CA GLU B 129 -2.64 17.43 2.88
C GLU B 129 -1.23 17.68 3.50
N LEU B 130 -0.22 16.91 3.09
CA LEU B 130 1.18 16.92 3.56
C LEU B 130 2.16 17.05 2.37
N ASP B 131 1.65 17.01 1.13
CA ASP B 131 2.38 17.15 -0.14
C ASP B 131 2.55 18.61 -0.58
N GLY B 132 3.75 19.01 -1.02
CA GLY B 132 4.04 20.38 -1.48
C GLY B 132 3.64 21.47 -0.48
N ARG B 133 3.81 21.24 0.82
CA ARG B 133 3.28 22.10 1.91
C ARG B 133 4.33 22.86 2.71
N THR B 134 5.60 22.44 2.62
CA THR B 134 6.75 22.84 3.46
C THR B 134 6.51 22.44 4.92
N LEU B 135 7.53 21.79 5.54
CA LEU B 135 7.36 21.15 6.85
C LEU B 135 8.67 21.15 7.65
N CYS B 136 9.59 20.23 7.32
CA CYS B 136 10.89 20.11 7.96
C CYS B 136 11.80 21.32 7.60
N GLY B 137 11.50 22.00 6.49
CA GLY B 137 12.10 23.27 6.10
C GLY B 137 12.02 23.63 4.59
N CYS B 138 11.83 22.64 3.71
CA CYS B 138 11.95 22.81 2.25
C CYS B 138 10.58 22.81 1.54
N ARG B 139 10.06 21.65 1.09
CA ARG B 139 8.86 21.58 0.22
C ARG B 139 7.88 20.43 0.48
N VAL B 140 8.41 19.32 0.97
CA VAL B 140 7.81 18.00 1.19
C VAL B 140 6.98 17.45 0.02
N ARG B 141 7.61 16.99 -1.07
CA ARG B 141 6.89 16.18 -2.08
C ARG B 141 6.50 14.87 -1.36
N VAL B 142 5.27 14.38 -1.50
CA VAL B 142 4.80 13.18 -0.78
C VAL B 142 3.92 12.36 -1.74
N GLU B 143 4.17 11.05 -1.89
CA GLU B 143 3.51 10.19 -2.90
C GLU B 143 3.27 8.78 -2.37
N LEU B 144 2.54 7.90 -3.06
CA LEU B 144 2.52 6.48 -2.69
C LEU B 144 3.86 5.84 -3.09
N SER B 145 4.45 5.03 -2.21
CA SER B 145 5.80 4.48 -2.41
C SER B 145 5.81 3.26 -3.35
N ASN B 146 6.85 3.17 -4.19
CA ASN B 146 7.06 2.13 -5.20
C ASN B 146 6.92 0.66 -4.71
N GLY B 147 7.15 0.37 -3.43
CA GLY B 147 7.03 -0.97 -2.85
C GLY B 147 7.58 -1.05 -1.43
N GLU B 148 7.70 -2.26 -0.89
CA GLU B 148 8.39 -2.59 0.38
C GLU B 148 8.62 -4.11 0.51
N LYS B 149 9.47 -4.54 1.45
CA LYS B 149 9.67 -5.96 1.82
C LYS B 149 9.18 -6.26 3.23
N ARG B 150 8.62 -7.46 3.40
CA ARG B 150 7.89 -7.95 4.59
C ARG B 150 8.38 -9.36 4.95
N MET B 1 -5.57 -31.95 -20.95
CA MET B 1 -5.50 -32.46 -19.55
C MET B 1 -5.65 -31.29 -18.58
N GLN B 2 -6.24 -31.49 -17.39
CA GLN B 2 -6.37 -30.42 -16.40
C GLN B 2 -5.11 -30.29 -15.51
N TYR B 3 -4.73 -29.07 -15.16
CA TYR B 3 -3.58 -28.69 -14.34
C TYR B 3 -4.05 -27.79 -13.19
N LYS B 4 -3.34 -27.76 -12.06
CA LYS B 4 -3.67 -26.92 -10.88
C LYS B 4 -2.73 -25.71 -10.80
N LEU B 5 -3.12 -24.67 -10.06
CA LEU B 5 -2.34 -23.47 -9.77
C LEU B 5 -2.64 -22.98 -8.33
N ILE B 6 -1.60 -22.61 -7.58
CA ILE B 6 -1.67 -21.97 -6.26
C ILE B 6 -1.11 -20.55 -6.34
N LEU B 7 -1.98 -19.54 -6.22
CA LEU B 7 -1.61 -18.15 -6.06
C LEU B 7 -1.22 -17.93 -4.59
N ASN B 8 -0.01 -18.32 -4.22
CA ASN B 8 0.63 -18.00 -2.92
C ASN B 8 0.86 -16.46 -2.76
N GLY B 9 -0.17 -15.65 -3.00
CA GLY B 9 -0.11 -14.20 -3.03
C GLY B 9 -0.36 -13.59 -1.67
N LYS B 10 0.65 -13.71 -0.81
CA LYS B 10 0.83 -13.13 0.53
C LYS B 10 -0.47 -12.77 1.27
N THR B 11 -1.01 -11.59 0.99
CA THR B 11 -2.13 -10.95 1.68
C THR B 11 -3.48 -11.58 1.32
N LEU B 12 -3.66 -12.08 0.08
CA LEU B 12 -4.97 -12.48 -0.46
C LEU B 12 -5.13 -14.00 -0.65
N LYS B 13 -4.04 -14.67 -1.05
CA LYS B 13 -3.81 -16.05 -1.54
C LYS B 13 -4.97 -16.97 -1.96
N GLY B 14 -4.74 -17.80 -2.97
CA GLY B 14 -5.67 -18.88 -3.33
C GLY B 14 -5.18 -19.95 -4.31
N GLU B 15 -6.10 -20.70 -4.92
CA GLU B 15 -5.81 -21.78 -5.89
C GLU B 15 -7.01 -22.07 -6.82
N THR B 16 -6.72 -22.66 -8.00
CA THR B 16 -7.68 -23.05 -9.03
C THR B 16 -7.05 -24.10 -9.95
N THR B 17 -7.73 -24.46 -11.04
CA THR B 17 -7.28 -25.39 -12.07
C THR B 17 -7.64 -24.86 -13.47
N THR B 18 -7.11 -25.49 -14.52
CA THR B 18 -7.41 -25.15 -15.93
C THR B 18 -7.20 -26.36 -16.83
N GLU B 19 -7.92 -26.43 -17.94
CA GLU B 19 -7.67 -27.41 -19.00
C GLU B 19 -6.56 -26.87 -19.93
N ALA B 20 -5.41 -27.56 -19.97
CA ALA B 20 -4.24 -27.19 -20.78
C ALA B 20 -3.59 -28.40 -21.50
N VAL B 21 -2.56 -28.15 -22.32
CA VAL B 21 -1.71 -29.22 -22.88
C VAL B 21 -0.68 -29.69 -21.83
N ASP B 22 0.00 -28.72 -21.22
CA ASP B 22 1.06 -28.77 -20.18
C ASP B 22 1.47 -27.31 -19.93
N ALA B 23 2.66 -27.00 -19.40
CA ALA B 23 3.20 -25.64 -19.31
C ALA B 23 3.19 -24.85 -20.64
N ALA B 24 3.09 -25.53 -21.79
CA ALA B 24 2.92 -24.91 -23.11
C ALA B 24 1.57 -24.17 -23.27
N THR B 25 0.64 -24.35 -22.32
CA THR B 25 -0.69 -23.74 -22.28
C THR B 25 -1.09 -23.31 -20.86
N ALA B 26 -0.67 -24.03 -19.82
CA ALA B 26 -0.89 -23.67 -18.42
C ALA B 26 -0.09 -22.41 -18.04
N GLU B 27 1.13 -22.25 -18.58
CA GLU B 27 1.96 -21.06 -18.32
C GLU B 27 1.53 -19.79 -19.07
N LYS B 28 0.41 -19.80 -19.80
CA LYS B 28 -0.17 -18.62 -20.44
C LYS B 28 -1.69 -18.54 -20.22
N VAL B 29 -2.22 -19.27 -19.24
CA VAL B 29 -3.65 -19.25 -18.87
C VAL B 29 -3.88 -18.80 -17.43
N PHE B 30 -3.04 -19.28 -16.51
CA PHE B 30 -3.01 -18.85 -15.12
C PHE B 30 -2.53 -17.41 -14.95
N LYS B 31 -1.71 -16.91 -15.88
CA LYS B 31 -1.23 -15.51 -15.92
C LYS B 31 -2.37 -14.49 -15.91
N GLN B 32 -3.53 -14.86 -16.46
CA GLN B 32 -4.74 -14.02 -16.48
C GLN B 32 -5.46 -14.10 -15.13
N TYR B 33 -5.76 -15.32 -14.66
CA TYR B 33 -6.43 -15.58 -13.38
C TYR B 33 -5.67 -14.98 -12.19
N ALA B 34 -4.35 -15.13 -12.19
CA ALA B 34 -3.46 -14.55 -11.20
C ALA B 34 -3.65 -13.04 -11.10
N ASN B 35 -3.54 -12.35 -12.24
CA ASN B 35 -3.74 -10.91 -12.33
C ASN B 35 -5.21 -10.48 -12.13
N ASP B 36 -6.19 -11.38 -12.21
CA ASP B 36 -7.59 -11.08 -11.84
C ASP B 36 -7.80 -11.10 -10.32
N ASN B 37 -7.05 -11.93 -9.60
CA ASN B 37 -6.98 -11.84 -8.13
C ASN B 37 -6.06 -10.68 -7.74
N GLY B 38 -4.99 -10.53 -8.54
CA GLY B 38 -4.00 -9.49 -8.59
C GLY B 38 -2.56 -10.00 -8.43
N VAL B 39 -2.36 -11.27 -8.04
CA VAL B 39 -1.04 -11.88 -7.79
C VAL B 39 -0.18 -11.90 -9.04
N ASP B 40 1.13 -11.79 -8.83
CA ASP B 40 2.11 -12.02 -9.88
C ASP B 40 3.55 -12.23 -9.35
N GLY B 41 3.73 -13.27 -8.54
CA GLY B 41 4.97 -13.64 -7.85
C GLY B 41 5.94 -14.55 -8.64
N GLU B 42 6.72 -15.36 -7.91
CA GLU B 42 7.65 -16.39 -8.43
C GLU B 42 6.89 -17.60 -9.01
N TRP B 43 6.65 -17.61 -10.32
CA TRP B 43 5.93 -18.68 -11.01
C TRP B 43 6.71 -19.99 -10.93
N THR B 44 6.03 -21.03 -10.50
CA THR B 44 6.55 -22.34 -10.15
C THR B 44 5.68 -23.45 -10.74
N TYR B 45 6.21 -24.68 -10.81
CA TYR B 45 5.50 -25.85 -11.38
C TYR B 45 6.03 -27.17 -10.79
N ASP B 46 5.33 -28.27 -11.03
CA ASP B 46 5.62 -29.62 -10.53
C ASP B 46 5.24 -30.67 -11.59
N ASP B 47 5.77 -31.90 -11.47
CA ASP B 47 5.52 -33.03 -12.38
C ASP B 47 5.13 -34.34 -11.67
N ALA B 48 5.09 -34.36 -10.34
CA ALA B 48 4.54 -35.46 -9.57
C ALA B 48 3.00 -35.37 -9.50
N THR B 49 2.50 -34.12 -9.56
CA THR B 49 1.08 -33.77 -9.37
C THR B 49 0.55 -32.79 -10.41
N LYS B 50 1.46 -32.17 -11.20
CA LYS B 50 1.15 -31.22 -12.28
C LYS B 50 0.47 -29.95 -11.76
N THR B 51 1.06 -29.38 -10.70
CA THR B 51 0.51 -28.23 -9.97
C THR B 51 1.44 -27.02 -10.04
N PHE B 52 1.01 -25.97 -10.76
CA PHE B 52 1.64 -24.66 -10.77
C PHE B 52 1.53 -24.00 -9.37
N THR B 53 2.39 -23.01 -9.12
CA THR B 53 2.33 -22.13 -7.95
C THR B 53 2.84 -20.75 -8.37
N VAL B 54 2.53 -19.71 -7.61
CA VAL B 54 3.07 -18.37 -7.77
C VAL B 54 3.13 -17.63 -6.42
N THR B 55 4.28 -17.71 -5.77
CA THR B 55 4.50 -17.09 -4.45
C THR B 55 4.92 -15.63 -4.60
N GLU B 56 4.10 -14.70 -4.10
CA GLU B 56 4.35 -13.25 -4.14
C GLU B 56 5.44 -12.77 -3.15
N GLY B 57 6.59 -13.46 -3.12
CA GLY B 57 7.81 -13.05 -2.41
C GLY B 57 8.36 -11.70 -2.90
N SER B 58 7.92 -11.25 -4.08
CA SER B 58 8.10 -9.91 -4.65
C SER B 58 7.48 -8.78 -3.83
N HIS B 59 6.62 -9.08 -2.85
CA HIS B 59 5.99 -8.24 -1.81
C HIS B 59 5.14 -7.01 -2.23
N HIS B 60 5.19 -6.56 -3.49
CA HIS B 60 4.47 -5.37 -4.00
C HIS B 60 2.93 -5.52 -4.13
N HIS B 61 2.37 -6.66 -3.72
CA HIS B 61 0.93 -7.00 -3.61
C HIS B 61 0.21 -7.26 -4.96
N HIS B 62 0.41 -6.43 -5.98
CA HIS B 62 -0.34 -6.57 -7.24
C HIS B 62 0.46 -6.15 -8.49
N HIS B 63 0.39 -7.03 -9.49
CA HIS B 63 0.94 -6.92 -10.85
C HIS B 63 2.47 -6.78 -10.96
N HIS B 64 3.05 -7.26 -12.06
CA HIS B 64 4.47 -7.15 -12.41
C HIS B 64 4.66 -7.17 -13.95
N MET B 65 5.81 -6.73 -14.46
CA MET B 65 6.10 -6.46 -15.89
C MET B 65 5.19 -5.37 -16.51
N HIS B 66 4.34 -4.74 -15.68
CA HIS B 66 3.33 -3.72 -15.98
C HIS B 66 3.17 -2.83 -14.74
N ARG B 67 2.63 -1.59 -14.89
CA ARG B 67 2.34 -0.70 -13.74
C ARG B 67 1.08 0.15 -13.91
N ASP B 68 -0.06 -0.52 -13.92
CA ASP B 68 -1.39 0.10 -13.86
C ASP B 68 -1.75 0.71 -12.48
N SER B 69 -1.24 0.14 -11.38
CA SER B 69 -1.59 0.51 -10.00
C SER B 69 -0.55 0.07 -8.96
N CYS B 70 -0.60 0.66 -7.76
CA CYS B 70 0.22 0.31 -6.59
C CYS B 70 -0.56 0.62 -5.28
N PRO B 71 -0.11 0.11 -4.10
CA PRO B 71 -0.78 0.38 -2.83
C PRO B 71 -0.72 1.86 -2.44
N LEU B 72 -1.68 2.29 -1.61
CA LEU B 72 -1.91 3.70 -1.25
C LEU B 72 -1.76 3.95 0.27
N ASP B 73 -1.21 2.98 0.98
CA ASP B 73 -1.19 2.90 2.45
C ASP B 73 -0.06 2.00 3.01
N CYS B 74 0.20 0.86 2.35
CA CYS B 74 1.15 -0.17 2.77
C CYS B 74 2.62 0.32 2.72
N LYS B 75 2.90 1.33 1.89
CA LYS B 75 4.13 2.14 1.82
C LYS B 75 3.87 3.39 0.97
N VAL B 76 4.23 4.54 1.52
CA VAL B 76 4.18 5.88 0.91
C VAL B 76 5.61 6.43 0.85
N TYR B 77 5.88 7.28 -0.12
CA TYR B 77 7.16 7.94 -0.33
C TYR B 77 7.12 9.36 0.25
N VAL B 78 8.27 9.89 0.69
CA VAL B 78 8.33 11.27 1.16
C VAL B 78 9.74 11.85 1.04
N GLY B 79 9.80 13.17 0.87
CA GLY B 79 11.04 13.95 0.97
C GLY B 79 10.73 15.37 1.44
N ASN B 80 11.51 15.88 2.41
CA ASN B 80 11.20 17.13 3.11
C ASN B 80 12.46 17.93 3.51
N LEU B 81 12.32 19.26 3.59
CA LEU B 81 13.33 20.28 3.90
C LEU B 81 14.53 20.36 2.91
N GLY B 82 15.01 19.22 2.41
CA GLY B 82 16.25 19.06 1.66
C GLY B 82 17.51 19.23 2.52
N ASN B 83 18.67 18.80 1.98
CA ASN B 83 20.01 18.82 2.61
C ASN B 83 20.18 18.08 3.97
N ASN B 84 19.11 17.61 4.62
CA ASN B 84 19.15 16.74 5.80
C ASN B 84 17.85 15.92 5.98
N GLY B 85 17.90 14.86 6.79
CA GLY B 85 16.80 13.92 7.05
C GLY B 85 16.74 13.50 8.52
N ASN B 86 15.57 13.63 9.13
CA ASN B 86 15.25 13.12 10.45
C ASN B 86 13.75 12.77 10.54
N LYS B 87 13.43 11.61 11.10
CA LYS B 87 12.07 11.08 11.23
C LYS B 87 11.16 11.84 12.18
N THR B 88 11.68 12.59 13.16
CA THR B 88 10.89 13.17 14.27
C THR B 88 9.67 13.99 13.83
N GLU B 89 9.83 15.03 12.99
CA GLU B 89 8.67 15.84 12.62
C GLU B 89 7.80 15.11 11.61
N LEU B 90 8.35 14.45 10.59
CA LEU B 90 7.49 13.74 9.64
C LEU B 90 6.68 12.62 10.33
N GLU B 91 7.24 11.93 11.33
CA GLU B 91 6.52 10.95 12.15
C GLU B 91 5.33 11.58 12.89
N ARG B 92 5.51 12.70 13.60
CA ARG B 92 4.35 13.39 14.20
C ARG B 92 3.40 13.95 13.15
N ALA B 93 3.91 14.42 12.01
CA ALA B 93 3.12 15.03 10.94
C ALA B 93 2.18 14.01 10.28
N PHE B 94 2.70 12.81 10.02
CA PHE B 94 1.93 11.68 9.52
C PHE B 94 0.95 11.17 10.57
N GLY B 95 1.46 10.69 11.70
CA GLY B 95 0.60 10.15 12.74
C GLY B 95 -0.44 11.12 13.34
N TYR B 96 -0.27 12.45 13.16
CA TYR B 96 -1.28 13.48 13.45
C TYR B 96 -2.61 13.21 12.73
N TYR B 97 -2.58 12.95 11.41
CA TYR B 97 -3.75 12.58 10.61
C TYR B 97 -4.28 11.22 11.06
N GLY B 98 -3.36 10.27 11.29
CA GLY B 98 -3.73 9.01 11.95
C GLY B 98 -2.58 8.02 12.12
N PRO B 99 -2.64 7.04 13.04
CA PRO B 99 -1.49 6.21 13.40
C PRO B 99 -0.74 5.56 12.23
N LEU B 100 0.57 5.79 12.25
CA LEU B 100 1.55 5.12 11.40
C LEU B 100 1.68 3.63 11.77
N ARG B 101 2.08 2.83 10.77
CA ARG B 101 2.48 1.42 10.91
C ARG B 101 4.01 1.28 10.97
N SER B 102 4.75 2.18 10.31
CA SER B 102 6.21 2.36 10.41
C SER B 102 6.67 3.65 9.71
N VAL B 103 7.89 4.10 10.03
CA VAL B 103 8.54 5.29 9.46
C VAL B 103 10.02 5.01 9.21
N TRP B 104 10.56 5.50 8.09
CA TRP B 104 11.95 5.33 7.67
C TRP B 104 12.46 6.58 6.95
N VAL B 105 13.71 6.97 7.21
CA VAL B 105 14.41 7.98 6.41
C VAL B 105 15.89 7.57 6.35
N ALA B 106 16.59 7.91 5.27
CA ALA B 106 18.03 7.64 5.17
C ALA B 106 18.81 8.31 6.31
N ARG B 107 19.66 7.55 7.03
CA ARG B 107 20.53 8.13 8.08
C ARG B 107 21.72 8.90 7.48
N ASN B 108 22.14 8.51 6.28
CA ASN B 108 23.06 9.29 5.45
C ASN B 108 22.39 10.65 5.10
N PRO B 109 23.10 11.79 4.96
CA PRO B 109 22.48 13.13 4.84
C PRO B 109 21.32 13.34 3.84
N PRO B 110 21.21 12.64 2.68
CA PRO B 110 20.06 12.72 1.78
C PRO B 110 18.67 12.63 2.45
N GLY B 111 18.02 13.79 2.56
CA GLY B 111 16.69 14.10 3.11
C GLY B 111 15.50 13.56 2.30
N PHE B 112 15.54 12.26 2.04
CA PHE B 112 14.56 11.46 1.33
C PHE B 112 14.14 10.30 2.28
N ALA B 113 12.92 9.80 2.15
CA ALA B 113 12.30 8.93 3.16
C ALA B 113 11.16 8.03 2.64
N PHE B 114 10.66 7.17 3.53
CA PHE B 114 9.44 6.36 3.29
C PHE B 114 8.63 6.15 4.59
N VAL B 115 7.31 6.04 4.51
CA VAL B 115 6.45 5.68 5.66
C VAL B 115 5.35 4.70 5.28
N GLU B 116 4.62 4.18 6.26
CA GLU B 116 3.40 3.40 6.04
C GLU B 116 2.43 3.62 7.21
N PHE B 117 1.13 3.47 6.93
CA PHE B 117 0.05 3.84 7.84
C PHE B 117 -0.87 2.65 8.17
N GLU B 118 -1.52 2.69 9.33
CA GLU B 118 -2.46 1.66 9.79
C GLU B 118 -3.80 1.68 9.02
N ASP B 119 -4.13 2.77 8.32
CA ASP B 119 -5.43 2.98 7.64
C ASP B 119 -5.30 3.80 6.33
N PRO B 120 -5.81 3.30 5.18
CA PRO B 120 -5.84 4.02 3.90
C PRO B 120 -6.48 5.42 3.96
N ARG B 121 -7.54 5.62 4.76
CA ARG B 121 -8.15 6.95 4.97
C ARG B 121 -7.12 7.95 5.48
N ASP B 122 -6.36 7.55 6.49
CA ASP B 122 -5.41 8.44 7.16
C ASP B 122 -4.15 8.65 6.32
N ALA B 123 -3.68 7.62 5.60
CA ALA B 123 -2.63 7.75 4.60
C ALA B 123 -3.02 8.72 3.48
N ALA B 124 -4.25 8.61 2.96
CA ALA B 124 -4.77 9.46 1.90
C ALA B 124 -4.95 10.91 2.37
N ASP B 125 -5.54 11.14 3.55
CA ASP B 125 -5.73 12.48 4.10
C ASP B 125 -4.40 13.14 4.50
N ALA B 126 -3.43 12.35 4.97
CA ALA B 126 -2.06 12.79 5.19
C ALA B 126 -1.45 13.27 3.87
N VAL B 127 -1.40 12.42 2.83
CA VAL B 127 -0.95 12.79 1.47
C VAL B 127 -1.65 14.06 0.95
N ARG B 128 -2.97 14.18 1.15
CA ARG B 128 -3.81 15.32 0.74
C ARG B 128 -3.40 16.66 1.39
N GLU B 129 -2.89 16.61 2.62
CA GLU B 129 -2.52 17.81 3.41
C GLU B 129 -0.99 18.01 3.60
N LEU B 130 -0.16 17.01 3.23
CA LEU B 130 1.30 17.02 3.41
C LEU B 130 2.08 17.36 2.13
N ASP B 131 1.60 16.96 0.95
CA ASP B 131 2.34 17.09 -0.31
C ASP B 131 2.54 18.55 -0.77
N GLY B 132 3.71 18.86 -1.33
CA GLY B 132 4.05 20.11 -2.05
C GLY B 132 4.19 21.41 -1.27
N ARG B 133 3.56 21.54 -0.10
CA ARG B 133 3.42 22.80 0.67
C ARG B 133 4.72 23.29 1.33
N THR B 134 5.03 22.71 2.49
CA THR B 134 6.13 23.01 3.43
C THR B 134 6.04 22.02 4.60
N LEU B 135 7.18 21.53 5.11
CA LEU B 135 7.28 20.61 6.27
C LEU B 135 8.70 20.75 6.82
N CYS B 136 8.86 20.83 8.14
CA CYS B 136 10.07 21.22 8.87
C CYS B 136 10.39 22.71 8.65
N GLY B 137 10.29 23.19 7.40
CA GLY B 137 10.33 24.62 7.06
C GLY B 137 10.63 24.99 5.61
N CYS B 138 10.59 24.04 4.67
CA CYS B 138 10.93 24.27 3.26
C CYS B 138 10.26 23.17 2.42
N ARG B 139 10.66 23.09 1.15
CA ARG B 139 10.27 22.10 0.12
C ARG B 139 9.95 20.71 0.69
N VAL B 140 8.71 20.27 0.50
CA VAL B 140 8.23 18.91 0.81
C VAL B 140 7.50 18.34 -0.41
N ARG B 141 7.58 17.01 -0.57
CA ARG B 141 6.86 16.20 -1.55
C ARG B 141 6.60 14.83 -0.97
N VAL B 142 5.43 14.27 -1.22
CA VAL B 142 4.93 13.04 -0.56
C VAL B 142 4.08 12.27 -1.58
N GLU B 143 4.37 10.99 -1.84
CA GLU B 143 3.71 10.20 -2.89
C GLU B 143 3.34 8.80 -2.38
N LEU B 144 2.73 7.96 -3.22
CA LEU B 144 2.53 6.54 -2.93
C LEU B 144 3.65 5.73 -3.61
N SER B 145 4.21 4.74 -2.91
CA SER B 145 5.44 4.07 -3.37
C SER B 145 5.28 3.27 -4.67
N ASN B 146 6.40 3.05 -5.36
CA ASN B 146 6.52 2.14 -6.51
C ASN B 146 5.59 2.51 -7.69
N GLY B 147 5.30 3.80 -7.88
CA GLY B 147 4.44 4.31 -8.96
C GLY B 147 5.02 4.19 -10.37
N GLU B 148 6.27 3.71 -10.50
CA GLU B 148 7.06 3.70 -11.74
C GLU B 148 7.79 2.37 -12.03
N LYS B 149 8.20 1.60 -11.01
CA LYS B 149 8.73 0.23 -11.17
C LYS B 149 7.60 -0.66 -11.63
N ARG B 150 7.88 -1.59 -12.54
CA ARG B 150 6.87 -2.37 -13.25
C ARG B 150 7.05 -3.86 -12.97
N MET B 1 -47.62 54.49 -19.80
CA MET B 1 -47.81 53.02 -19.85
C MET B 1 -46.79 52.33 -18.95
N GLN B 2 -47.12 51.21 -18.30
CA GLN B 2 -46.17 50.50 -17.43
C GLN B 2 -45.28 49.52 -18.24
N TYR B 3 -43.99 49.42 -17.86
CA TYR B 3 -42.95 48.59 -18.47
C TYR B 3 -42.29 47.72 -17.39
N LYS B 4 -41.70 46.58 -17.73
CA LYS B 4 -41.04 45.65 -16.79
C LYS B 4 -39.51 45.71 -16.92
N LEU B 5 -38.76 45.22 -15.92
CA LEU B 5 -37.29 45.12 -15.89
C LEU B 5 -36.84 43.90 -15.06
N ILE B 6 -35.92 43.08 -15.58
CA ILE B 6 -35.30 41.92 -14.89
C ILE B 6 -33.81 42.19 -14.58
N LEU B 7 -33.46 42.15 -13.30
CA LEU B 7 -32.11 42.40 -12.76
C LEU B 7 -31.35 41.09 -12.52
N ASN B 8 -31.10 40.28 -13.54
CA ASN B 8 -30.29 39.06 -13.43
C ASN B 8 -28.80 39.33 -13.08
N GLY B 9 -28.50 39.73 -11.85
CA GLY B 9 -27.14 40.11 -11.41
C GLY B 9 -26.22 38.96 -11.01
N LYS B 10 -26.52 37.76 -11.52
CA LYS B 10 -25.90 36.46 -11.29
C LYS B 10 -25.73 35.97 -9.85
N THR B 11 -24.98 36.70 -9.03
CA THR B 11 -24.76 36.44 -7.60
C THR B 11 -26.04 36.74 -6.79
N LEU B 12 -26.85 37.66 -7.33
CA LEU B 12 -28.21 38.01 -6.94
C LEU B 12 -29.07 38.09 -8.21
N LYS B 13 -30.39 38.19 -8.07
CA LYS B 13 -31.31 38.50 -9.17
C LYS B 13 -32.62 39.11 -8.68
N GLY B 14 -33.32 39.79 -9.58
CA GLY B 14 -34.69 40.24 -9.33
C GLY B 14 -35.46 40.77 -10.56
N GLU B 15 -36.60 41.40 -10.32
CA GLU B 15 -37.43 42.09 -11.33
C GLU B 15 -38.39 43.13 -10.71
N THR B 16 -38.77 44.15 -11.48
CA THR B 16 -39.74 45.18 -11.10
C THR B 16 -40.41 45.76 -12.36
N THR B 17 -41.19 46.81 -12.21
CA THR B 17 -41.86 47.54 -13.30
C THR B 17 -41.84 49.06 -13.01
N THR B 18 -42.28 49.87 -13.97
CA THR B 18 -42.36 51.34 -13.83
C THR B 18 -43.35 51.93 -14.82
N GLU B 19 -44.00 53.03 -14.46
CA GLU B 19 -44.77 53.82 -15.42
C GLU B 19 -43.76 54.65 -16.23
N ALA B 20 -43.74 54.47 -17.55
CA ALA B 20 -42.93 55.23 -18.50
C ALA B 20 -43.68 55.60 -19.80
N VAL B 21 -43.04 56.36 -20.69
CA VAL B 21 -43.54 56.58 -22.05
C VAL B 21 -43.23 55.37 -22.95
N ASP B 22 -41.97 54.93 -22.87
CA ASP B 22 -41.30 53.79 -23.55
C ASP B 22 -39.82 53.83 -23.09
N ALA B 23 -38.86 53.27 -23.81
CA ALA B 23 -37.42 53.42 -23.53
C ALA B 23 -36.96 54.89 -23.37
N ALA B 24 -37.73 55.87 -23.88
CA ALA B 24 -37.48 57.30 -23.68
C ALA B 24 -37.65 57.75 -22.22
N THR B 25 -38.18 56.88 -21.35
CA THR B 25 -38.38 57.10 -19.91
C THR B 25 -38.05 55.86 -19.06
N ALA B 26 -38.28 54.65 -19.58
CA ALA B 26 -37.92 53.39 -18.92
C ALA B 26 -36.38 53.24 -18.86
N GLU B 27 -35.65 53.68 -19.89
CA GLU B 27 -34.18 53.64 -19.93
C GLU B 27 -33.47 54.72 -19.07
N LYS B 28 -34.21 55.52 -18.31
CA LYS B 28 -33.67 56.49 -17.35
C LYS B 28 -34.42 56.45 -16.01
N VAL B 29 -35.15 55.37 -15.73
CA VAL B 29 -35.87 55.16 -14.45
C VAL B 29 -35.42 53.89 -13.73
N PHE B 30 -35.22 52.81 -14.49
CA PHE B 30 -34.66 51.56 -14.02
C PHE B 30 -33.18 51.67 -13.65
N LYS B 31 -32.45 52.60 -14.25
CA LYS B 31 -31.03 52.89 -13.94
C LYS B 31 -30.80 53.20 -12.46
N GLN B 32 -31.79 53.83 -11.80
CA GLN B 32 -31.73 54.19 -10.38
C GLN B 32 -32.05 52.97 -9.49
N TYR B 33 -33.15 52.28 -9.80
CA TYR B 33 -33.62 51.09 -9.08
C TYR B 33 -32.61 49.94 -9.19
N ALA B 34 -32.02 49.73 -10.36
CA ALA B 34 -31.03 48.71 -10.60
C ALA B 34 -29.77 48.92 -9.76
N ASN B 35 -29.25 50.15 -9.70
CA ASN B 35 -28.14 50.51 -8.83
C ASN B 35 -28.48 50.43 -7.32
N ASP B 36 -29.77 50.46 -6.93
CA ASP B 36 -30.20 50.26 -5.54
C ASP B 36 -30.24 48.79 -5.13
N ASN B 37 -30.53 47.88 -6.08
CA ASN B 37 -30.34 46.44 -5.88
C ASN B 37 -28.84 46.11 -5.95
N GLY B 38 -28.17 46.83 -6.86
CA GLY B 38 -26.76 46.82 -7.15
C GLY B 38 -26.41 46.23 -8.51
N VAL B 39 -27.41 45.80 -9.31
CA VAL B 39 -27.18 45.27 -10.65
C VAL B 39 -26.92 46.39 -11.63
N ASP B 40 -26.02 46.14 -12.58
CA ASP B 40 -25.82 47.04 -13.72
C ASP B 40 -25.13 46.36 -14.93
N GLY B 41 -25.69 45.21 -15.34
CA GLY B 41 -25.26 44.39 -16.48
C GLY B 41 -25.75 44.85 -17.87
N GLU B 42 -26.01 43.87 -18.76
CA GLU B 42 -26.45 44.07 -20.15
C GLU B 42 -27.83 44.75 -20.25
N TRP B 43 -27.89 46.08 -20.38
CA TRP B 43 -29.17 46.79 -20.52
C TRP B 43 -29.85 46.38 -21.83
N THR B 44 -30.93 45.61 -21.69
CA THR B 44 -31.68 44.96 -22.75
C THR B 44 -33.15 45.37 -22.71
N TYR B 45 -33.87 45.12 -23.80
CA TYR B 45 -35.28 45.46 -23.94
C TYR B 45 -36.00 44.56 -24.96
N ASP B 46 -37.34 44.59 -24.97
CA ASP B 46 -38.22 43.78 -25.81
C ASP B 46 -39.46 44.60 -26.23
N ASP B 47 -40.17 44.14 -27.27
CA ASP B 47 -41.38 44.78 -27.81
C ASP B 47 -42.58 43.83 -28.00
N ALA B 48 -42.42 42.54 -27.72
CA ALA B 48 -43.51 41.59 -27.65
C ALA B 48 -44.24 41.69 -26.31
N THR B 49 -43.49 42.09 -25.27
CA THR B 49 -43.91 42.11 -23.86
C THR B 49 -43.53 43.39 -23.13
N LYS B 50 -42.66 44.22 -23.74
CA LYS B 50 -42.20 45.51 -23.23
C LYS B 50 -41.41 45.38 -21.91
N THR B 51 -40.48 44.43 -21.90
CA THR B 51 -39.71 44.02 -20.72
C THR B 51 -38.21 44.27 -20.89
N PHE B 52 -37.68 45.21 -20.12
CA PHE B 52 -36.25 45.45 -19.96
C PHE B 52 -35.59 44.25 -19.26
N THR B 53 -34.27 44.14 -19.37
CA THR B 53 -33.43 43.20 -18.61
C THR B 53 -32.06 43.86 -18.38
N VAL B 54 -31.28 43.40 -17.40
CA VAL B 54 -29.97 43.94 -17.02
C VAL B 54 -29.05 42.84 -16.46
N THR B 55 -28.84 41.79 -17.24
CA THR B 55 -28.04 40.61 -16.87
C THR B 55 -26.56 40.96 -16.64
N GLU B 56 -26.05 40.87 -15.41
CA GLU B 56 -24.64 41.10 -15.06
C GLU B 56 -23.74 39.90 -15.45
N GLY B 57 -23.65 39.63 -16.76
CA GLY B 57 -22.79 38.60 -17.36
C GLY B 57 -22.82 37.26 -16.63
N SER B 58 -23.97 36.58 -16.64
CA SER B 58 -24.33 35.38 -15.86
C SER B 58 -23.54 34.09 -16.13
N HIS B 59 -22.29 34.20 -16.59
CA HIS B 59 -21.28 33.14 -16.75
C HIS B 59 -20.72 32.63 -15.40
N HIS B 60 -21.56 32.49 -14.37
CA HIS B 60 -21.18 32.13 -13.01
C HIS B 60 -20.58 30.71 -12.93
N HIS B 61 -19.24 30.62 -12.99
CA HIS B 61 -18.50 29.38 -12.81
C HIS B 61 -18.80 28.73 -11.45
N HIS B 62 -18.77 27.39 -11.42
CA HIS B 62 -18.90 26.55 -10.23
C HIS B 62 -18.32 25.15 -10.52
N HIS B 63 -17.91 24.43 -9.48
CA HIS B 63 -17.50 23.03 -9.56
C HIS B 63 -17.64 22.30 -8.21
N HIS B 64 -17.41 20.99 -8.20
CA HIS B 64 -17.31 20.16 -7.01
C HIS B 64 -16.13 19.17 -7.13
N MET B 65 -15.65 18.65 -6.00
CA MET B 65 -14.53 17.70 -5.90
C MET B 65 -14.77 16.69 -4.77
N HIS B 66 -14.05 15.56 -4.82
CA HIS B 66 -14.11 14.47 -3.84
C HIS B 66 -12.74 13.77 -3.67
N ARG B 67 -12.66 12.85 -2.70
CA ARG B 67 -11.47 12.03 -2.40
C ARG B 67 -11.85 10.56 -2.13
N ASP B 68 -10.83 9.74 -1.85
CA ASP B 68 -10.90 8.29 -1.69
C ASP B 68 -10.02 7.81 -0.51
N SER B 69 -10.08 6.51 -0.23
CA SER B 69 -9.19 5.80 0.70
C SER B 69 -8.99 4.34 0.27
N CYS B 70 -8.73 4.08 -1.03
CA CYS B 70 -8.59 2.71 -1.56
C CYS B 70 -7.54 2.55 -2.69
N PRO B 71 -7.60 3.28 -3.83
CA PRO B 71 -6.54 3.31 -4.86
C PRO B 71 -5.24 4.05 -4.42
N LEU B 72 -4.91 4.02 -3.12
CA LEU B 72 -3.75 4.66 -2.49
C LEU B 72 -3.11 3.70 -1.48
N ASP B 73 -1.81 3.44 -1.61
CA ASP B 73 -1.08 2.49 -0.75
C ASP B 73 -0.76 3.09 0.64
N CYS B 74 -0.86 2.26 1.68
CA CYS B 74 -0.56 2.64 3.07
C CYS B 74 0.94 2.89 3.35
N LYS B 75 1.84 2.39 2.49
CA LYS B 75 3.27 2.71 2.46
C LYS B 75 3.44 3.96 1.61
N VAL B 76 4.09 4.99 2.14
CA VAL B 76 4.20 6.31 1.51
C VAL B 76 5.64 6.84 1.59
N TYR B 77 6.07 7.44 0.49
CA TYR B 77 7.34 8.10 0.27
C TYR B 77 7.30 9.53 0.80
N VAL B 78 8.43 10.10 1.22
CA VAL B 78 8.47 11.48 1.67
C VAL B 78 9.82 12.17 1.49
N GLY B 79 9.74 13.49 1.26
CA GLY B 79 10.86 14.43 1.31
C GLY B 79 10.39 15.81 1.81
N ASN B 80 11.20 16.50 2.60
CA ASN B 80 10.82 17.75 3.27
C ASN B 80 12.01 18.71 3.50
N LEU B 81 11.71 19.99 3.76
CA LEU B 81 12.57 21.10 4.21
C LEU B 81 13.81 21.43 3.34
N GLY B 82 14.74 20.50 3.21
CA GLY B 82 16.00 20.62 2.45
C GLY B 82 16.87 19.39 2.66
N ASN B 83 17.03 19.00 3.93
CA ASN B 83 17.61 17.73 4.38
C ASN B 83 16.99 17.34 5.74
N ASN B 84 16.82 16.04 5.98
CA ASN B 84 16.21 15.48 7.19
C ASN B 84 16.52 13.99 7.33
N GLY B 85 17.25 13.62 8.38
CA GLY B 85 17.47 12.23 8.81
C GLY B 85 17.24 12.06 10.31
N ASN B 86 16.28 12.80 10.87
CA ASN B 86 15.99 12.88 12.31
C ASN B 86 14.54 12.49 12.64
N LYS B 87 13.66 12.33 11.64
CA LYS B 87 12.26 11.83 11.68
C LYS B 87 11.27 12.45 12.69
N THR B 88 11.67 13.45 13.49
CA THR B 88 10.79 14.22 14.38
C THR B 88 9.67 14.92 13.62
N GLU B 89 10.05 15.67 12.56
CA GLU B 89 9.09 16.37 11.72
C GLU B 89 8.13 15.35 11.12
N LEU B 90 8.68 14.35 10.44
CA LEU B 90 7.95 13.29 9.76
C LEU B 90 6.89 12.70 10.69
N GLU B 91 7.35 12.17 11.82
CA GLU B 91 6.52 11.39 12.74
C GLU B 91 5.34 12.21 13.28
N ARG B 92 5.55 13.48 13.64
CA ARG B 92 4.45 14.36 14.04
C ARG B 92 3.59 14.82 12.86
N ALA B 93 4.18 15.05 11.69
CA ALA B 93 3.44 15.55 10.52
C ALA B 93 2.46 14.51 9.99
N PHE B 94 2.92 13.28 9.90
CA PHE B 94 2.15 12.10 9.54
C PHE B 94 1.17 11.73 10.63
N GLY B 95 1.70 11.42 11.81
CA GLY B 95 0.86 10.96 12.89
C GLY B 95 -0.14 12.03 13.40
N TYR B 96 0.00 13.31 13.02
CA TYR B 96 -1.02 14.36 13.21
C TYR B 96 -2.35 13.96 12.54
N TYR B 97 -2.31 13.54 11.26
CA TYR B 97 -3.46 12.98 10.54
C TYR B 97 -3.91 11.69 11.21
N GLY B 98 -2.95 10.81 11.51
CA GLY B 98 -3.24 9.64 12.37
C GLY B 98 -2.07 8.66 12.56
N PRO B 99 -2.01 7.89 13.66
CA PRO B 99 -0.85 7.09 14.05
C PRO B 99 -0.24 6.22 12.95
N LEU B 100 1.06 6.43 12.74
CA LEU B 100 1.93 5.62 11.91
C LEU B 100 2.16 4.22 12.49
N ARG B 101 2.44 3.25 11.60
CA ARG B 101 2.95 1.93 11.98
C ARG B 101 4.46 2.07 12.26
N SER B 102 5.16 2.87 11.44
CA SER B 102 6.55 3.33 11.65
C SER B 102 7.00 4.38 10.60
N VAL B 103 8.16 5.02 10.86
CA VAL B 103 8.88 5.91 9.93
C VAL B 103 10.35 5.47 9.81
N TRP B 104 10.92 5.63 8.62
CA TRP B 104 12.29 5.28 8.24
C TRP B 104 12.93 6.43 7.46
N VAL B 105 14.22 6.66 7.68
CA VAL B 105 15.02 7.65 6.94
C VAL B 105 16.44 7.11 6.74
N ALA B 106 17.09 7.55 5.68
CA ALA B 106 18.41 7.01 5.31
C ALA B 106 19.54 7.38 6.31
N ARG B 107 20.54 6.50 6.36
CA ARG B 107 21.67 6.40 7.31
C ARG B 107 22.51 7.68 7.52
N ASN B 108 22.61 8.54 6.52
CA ASN B 108 23.49 9.73 6.50
C ASN B 108 22.70 10.94 5.95
N PRO B 109 22.70 12.11 6.63
CA PRO B 109 21.85 13.30 6.40
C PRO B 109 21.25 13.47 4.98
N PRO B 110 20.11 12.82 4.70
CA PRO B 110 19.57 12.69 3.36
C PRO B 110 18.56 13.80 3.01
N GLY B 111 18.15 13.85 1.75
CA GLY B 111 17.13 14.77 1.22
C GLY B 111 15.73 14.15 1.13
N PHE B 112 15.50 12.99 1.74
CA PHE B 112 14.29 12.16 1.59
C PHE B 112 14.14 11.11 2.73
N ALA B 113 13.09 10.29 2.68
CA ALA B 113 12.64 9.39 3.75
C ALA B 113 11.52 8.42 3.27
N PHE B 114 11.08 7.49 4.12
CA PHE B 114 9.92 6.60 3.83
C PHE B 114 9.07 6.29 5.09
N VAL B 115 7.75 6.05 4.94
CA VAL B 115 6.81 5.76 6.05
C VAL B 115 5.71 4.77 5.73
N GLU B 116 5.02 4.31 6.78
CA GLU B 116 3.88 3.41 6.71
C GLU B 116 2.87 3.71 7.83
N PHE B 117 1.58 3.83 7.45
CA PHE B 117 0.45 4.01 8.38
C PHE B 117 -0.39 2.75 8.57
N GLU B 118 -0.31 1.79 7.64
CA GLU B 118 -1.15 0.59 7.47
C GLU B 118 -2.68 0.81 7.33
N ASP B 119 -3.19 2.01 7.62
CA ASP B 119 -4.56 2.45 7.33
C ASP B 119 -4.59 3.33 6.06
N PRO B 120 -5.51 3.09 5.10
CA PRO B 120 -5.50 3.78 3.82
C PRO B 120 -6.06 5.21 3.86
N ARG B 121 -6.93 5.58 4.83
CA ARG B 121 -7.42 6.98 4.95
C ARG B 121 -6.39 7.85 5.68
N ASP B 122 -5.72 7.30 6.69
CA ASP B 122 -4.59 7.96 7.35
C ASP B 122 -3.54 8.35 6.32
N ALA B 123 -3.10 7.37 5.51
CA ALA B 123 -2.15 7.61 4.43
C ALA B 123 -2.72 8.52 3.33
N ALA B 124 -3.99 8.38 2.91
CA ALA B 124 -4.59 9.25 1.90
C ALA B 124 -4.57 10.74 2.29
N ASP B 125 -4.94 11.07 3.53
CA ASP B 125 -4.86 12.45 4.03
C ASP B 125 -3.39 12.92 4.10
N ALA B 126 -2.52 12.01 4.53
CA ALA B 126 -1.07 12.18 4.64
C ALA B 126 -0.31 12.00 3.30
N VAL B 127 -1.01 11.89 2.17
CA VAL B 127 -0.46 11.86 0.80
C VAL B 127 -1.06 12.98 -0.07
N ARG B 128 -2.26 13.48 0.25
CA ARG B 128 -2.95 14.50 -0.58
C ARG B 128 -3.19 15.86 0.09
N GLU B 129 -2.80 16.04 1.35
CA GLU B 129 -2.75 17.34 2.03
C GLU B 129 -1.36 17.60 2.64
N LEU B 130 -0.68 16.56 3.12
CA LEU B 130 0.73 16.56 3.55
C LEU B 130 1.75 16.69 2.39
N ASP B 131 1.33 17.09 1.19
CA ASP B 131 2.13 17.06 -0.05
C ASP B 131 2.08 18.39 -0.82
N GLY B 132 3.23 18.79 -1.35
CA GLY B 132 3.45 19.96 -2.22
C GLY B 132 3.31 21.37 -1.60
N ARG B 133 2.63 21.52 -0.45
CA ARG B 133 2.23 22.85 0.09
C ARG B 133 3.21 23.59 1.02
N THR B 134 3.99 22.91 1.87
CA THR B 134 4.97 23.35 2.90
C THR B 134 4.94 22.38 4.09
N LEU B 135 6.03 22.21 4.85
CA LEU B 135 6.01 21.48 6.14
C LEU B 135 6.68 22.26 7.29
N CYS B 136 7.96 22.03 7.63
CA CYS B 136 8.67 22.88 8.61
C CYS B 136 8.66 24.37 8.18
N GLY B 137 8.82 24.62 6.88
CA GLY B 137 8.68 25.96 6.29
C GLY B 137 9.30 26.13 4.89
N CYS B 138 9.32 25.06 4.09
CA CYS B 138 9.94 24.98 2.76
C CYS B 138 9.27 23.76 2.08
N ARG B 139 9.88 23.21 1.02
CA ARG B 139 9.39 22.06 0.28
C ARG B 139 8.82 20.91 1.15
N VAL B 140 7.75 20.31 0.67
CA VAL B 140 7.20 19.03 1.15
C VAL B 140 6.74 18.24 -0.07
N ARG B 141 7.10 16.97 -0.16
CA ARG B 141 6.88 16.13 -1.33
C ARG B 141 6.66 14.70 -0.85
N VAL B 142 5.41 14.26 -0.86
CA VAL B 142 4.97 13.02 -0.21
C VAL B 142 4.03 12.25 -1.12
N GLU B 143 4.25 10.95 -1.38
CA GLU B 143 3.48 10.22 -2.39
C GLU B 143 3.29 8.74 -2.00
N LEU B 144 2.21 8.08 -2.42
CA LEU B 144 2.11 6.63 -2.18
C LEU B 144 3.17 5.85 -2.97
N SER B 145 3.57 4.67 -2.49
CA SER B 145 4.73 3.93 -3.01
C SER B 145 4.61 3.49 -4.47
N ASN B 146 5.23 4.26 -5.37
CA ASN B 146 5.45 3.93 -6.79
C ASN B 146 6.84 3.25 -6.90
N GLY B 147 7.07 2.28 -6.01
CA GLY B 147 8.35 1.62 -5.73
C GLY B 147 8.13 0.35 -4.89
N GLU B 148 8.93 0.17 -3.84
CA GLU B 148 8.87 -1.00 -2.94
C GLU B 148 7.98 -0.76 -1.70
N LYS B 149 7.68 -1.80 -0.91
CA LYS B 149 7.03 -1.68 0.42
C LYS B 149 7.39 -2.82 1.37
N ARG B 150 7.21 -2.56 2.68
CA ARG B 150 7.53 -3.42 3.83
C ARG B 150 7.00 -2.80 5.12
N MET B 1 20.36 -18.92 -35.37
CA MET B 1 19.84 -20.18 -34.81
C MET B 1 18.77 -19.86 -33.76
N GLN B 2 17.76 -20.72 -33.56
CA GLN B 2 16.76 -20.48 -32.52
C GLN B 2 17.25 -20.91 -31.12
N TYR B 3 16.87 -20.16 -30.09
CA TYR B 3 17.12 -20.38 -28.67
C TYR B 3 15.78 -20.38 -27.91
N LYS B 4 15.70 -21.04 -26.76
CA LYS B 4 14.49 -21.13 -25.91
C LYS B 4 14.63 -20.28 -24.64
N LEU B 5 13.51 -19.95 -23.99
CA LEU B 5 13.43 -19.28 -22.69
C LEU B 5 12.27 -19.85 -21.85
N ILE B 6 12.49 -20.01 -20.55
CA ILE B 6 11.47 -20.44 -19.57
C ILE B 6 11.29 -19.39 -18.50
N LEU B 7 10.10 -18.82 -18.49
CA LEU B 7 9.61 -17.80 -17.58
C LEU B 7 9.00 -18.48 -16.35
N ASN B 8 9.84 -19.13 -15.52
CA ASN B 8 9.47 -19.85 -14.30
C ASN B 8 8.86 -18.96 -13.17
N GLY B 9 7.77 -18.22 -13.44
CA GLY B 9 7.12 -17.34 -12.46
C GLY B 9 5.95 -17.96 -11.71
N LYS B 10 5.97 -17.75 -10.40
CA LYS B 10 5.11 -18.34 -9.36
C LYS B 10 3.67 -18.71 -9.73
N THR B 11 2.95 -17.79 -10.36
CA THR B 11 1.50 -17.88 -10.60
C THR B 11 1.10 -17.68 -12.08
N LEU B 12 2.09 -17.58 -12.97
CA LEU B 12 1.91 -17.21 -14.39
C LEU B 12 2.84 -17.93 -15.38
N LYS B 13 3.75 -18.79 -14.89
CA LYS B 13 4.86 -19.39 -15.65
C LYS B 13 4.56 -19.83 -17.08
N GLY B 14 5.60 -19.73 -17.90
CA GLY B 14 5.59 -20.30 -19.24
C GLY B 14 6.92 -20.35 -19.99
N GLU B 15 6.88 -20.42 -21.32
CA GLU B 15 8.05 -20.59 -22.20
C GLU B 15 7.90 -19.79 -23.51
N THR B 16 9.02 -19.58 -24.21
CA THR B 16 9.08 -19.03 -25.58
C THR B 16 10.38 -19.41 -26.24
N THR B 17 10.59 -18.94 -27.48
CA THR B 17 11.84 -19.07 -28.24
C THR B 17 12.11 -17.79 -29.04
N THR B 18 13.31 -17.66 -29.60
CA THR B 18 13.71 -16.55 -30.48
C THR B 18 14.81 -16.97 -31.44
N GLU B 19 14.85 -16.39 -32.63
CA GLU B 19 16.00 -16.51 -33.52
C GLU B 19 17.09 -15.54 -33.01
N ALA B 20 18.27 -16.07 -32.63
CA ALA B 20 19.41 -15.29 -32.16
C ALA B 20 20.76 -15.80 -32.71
N VAL B 21 21.85 -15.10 -32.39
CA VAL B 21 23.21 -15.60 -32.64
C VAL B 21 23.63 -16.60 -31.55
N ASP B 22 23.40 -16.22 -30.29
CA ASP B 22 23.64 -16.92 -29.01
C ASP B 22 23.18 -15.93 -27.90
N ALA B 23 23.66 -16.03 -26.65
CA ALA B 23 23.46 -15.01 -25.61
C ALA B 23 23.84 -13.58 -26.03
N ALA B 24 24.65 -13.40 -27.08
CA ALA B 24 24.96 -12.10 -27.68
C ALA B 24 23.74 -11.43 -28.35
N THR B 25 22.62 -12.15 -28.47
CA THR B 25 21.35 -11.66 -29.02
C THR B 25 20.13 -12.19 -28.23
N ALA B 26 20.19 -13.43 -27.72
CA ALA B 26 19.14 -14.05 -26.89
C ALA B 26 19.05 -13.36 -25.51
N GLU B 27 20.20 -12.94 -24.93
CA GLU B 27 20.23 -12.26 -23.62
C GLU B 27 19.81 -10.78 -23.66
N LYS B 28 19.31 -10.30 -24.80
CA LYS B 28 18.76 -8.95 -24.97
C LYS B 28 17.44 -8.96 -25.74
N VAL B 29 16.81 -10.13 -25.90
CA VAL B 29 15.52 -10.29 -26.61
C VAL B 29 14.42 -10.86 -25.72
N PHE B 30 14.76 -11.87 -24.90
CA PHE B 30 13.89 -12.37 -23.85
C PHE B 30 13.64 -11.32 -22.77
N LYS B 31 14.57 -10.39 -22.56
CA LYS B 31 14.46 -9.25 -21.61
C LYS B 31 13.33 -8.27 -21.92
N GLN B 32 12.62 -8.48 -23.02
CA GLN B 32 11.38 -7.77 -23.34
C GLN B 32 10.19 -8.73 -23.15
N TYR B 33 10.23 -9.92 -23.78
CA TYR B 33 9.12 -10.88 -23.73
C TYR B 33 8.81 -11.35 -22.30
N ALA B 34 9.83 -11.69 -21.53
CA ALA B 34 9.68 -12.06 -20.13
C ALA B 34 8.99 -10.96 -19.34
N ASN B 35 9.55 -9.76 -19.46
CA ASN B 35 9.13 -8.55 -18.77
C ASN B 35 7.75 -8.05 -19.22
N ASP B 36 7.26 -8.49 -20.40
CA ASP B 36 5.92 -8.20 -20.92
C ASP B 36 4.87 -9.19 -20.37
N ASN B 37 5.26 -10.44 -20.12
CA ASN B 37 4.40 -11.38 -19.36
C ASN B 37 4.42 -10.95 -17.88
N GLY B 38 5.57 -10.43 -17.46
CA GLY B 38 5.86 -9.81 -16.19
C GLY B 38 6.99 -10.48 -15.41
N VAL B 39 7.52 -11.62 -15.88
CA VAL B 39 8.67 -12.27 -15.26
C VAL B 39 9.94 -11.46 -15.43
N ASP B 40 10.81 -11.58 -14.44
CA ASP B 40 12.16 -11.02 -14.44
C ASP B 40 13.05 -11.65 -13.36
N GLY B 41 12.81 -12.95 -13.11
CA GLY B 41 13.51 -13.82 -12.14
C GLY B 41 15.04 -13.97 -12.26
N GLU B 42 15.58 -15.06 -11.69
CA GLU B 42 16.99 -15.45 -11.84
C GLU B 42 17.33 -15.85 -13.30
N TRP B 43 17.72 -14.87 -14.11
CA TRP B 43 18.08 -15.07 -15.52
C TRP B 43 19.24 -16.06 -15.63
N THR B 44 18.94 -17.17 -16.30
CA THR B 44 19.78 -18.36 -16.42
C THR B 44 19.88 -18.79 -17.87
N TYR B 45 20.88 -19.63 -18.18
CA TYR B 45 21.12 -20.16 -19.52
C TYR B 45 21.83 -21.53 -19.45
N ASP B 46 21.83 -22.26 -20.56
CA ASP B 46 22.34 -23.63 -20.71
C ASP B 46 23.06 -23.77 -22.07
N ASP B 47 24.02 -24.70 -22.17
CA ASP B 47 24.84 -24.93 -23.37
C ASP B 47 24.82 -26.37 -23.89
N ALA B 48 24.02 -27.24 -23.26
CA ALA B 48 23.70 -28.58 -23.73
C ALA B 48 22.43 -28.56 -24.58
N THR B 49 21.51 -27.63 -24.31
CA THR B 49 20.21 -27.53 -25.00
C THR B 49 19.88 -26.12 -25.51
N LYS B 50 20.72 -25.12 -25.16
CA LYS B 50 20.60 -23.72 -25.55
C LYS B 50 19.29 -23.07 -25.06
N THR B 51 18.93 -23.31 -23.79
CA THR B 51 17.64 -22.90 -23.21
C THR B 51 17.83 -21.96 -22.03
N PHE B 52 17.43 -20.70 -22.19
CA PHE B 52 17.32 -19.73 -21.11
C PHE B 52 16.26 -20.17 -20.09
N THR B 53 16.38 -19.66 -18.87
CA THR B 53 15.38 -19.78 -17.80
C THR B 53 15.40 -18.47 -17.00
N VAL B 54 14.35 -18.18 -16.25
CA VAL B 54 14.19 -16.94 -15.48
C VAL B 54 13.20 -17.18 -14.33
N THR B 55 13.65 -17.97 -13.34
CA THR B 55 12.83 -18.41 -12.19
C THR B 55 12.52 -17.24 -11.26
N GLU B 56 11.24 -16.88 -11.20
CA GLU B 56 10.69 -15.68 -10.60
C GLU B 56 9.81 -16.00 -9.37
N GLY B 57 10.53 -16.11 -8.25
CA GLY B 57 10.04 -16.24 -6.88
C GLY B 57 11.15 -15.80 -5.91
N SER B 58 12.38 -16.23 -6.21
CA SER B 58 13.65 -15.78 -5.61
C SER B 58 13.92 -14.29 -5.86
N HIS B 59 13.70 -13.85 -7.10
CA HIS B 59 13.69 -12.45 -7.57
C HIS B 59 12.34 -12.17 -8.24
N HIS B 60 11.26 -12.28 -7.46
CA HIS B 60 9.90 -12.03 -7.92
C HIS B 60 9.71 -10.60 -8.50
N HIS B 61 8.85 -10.52 -9.51
CA HIS B 61 8.37 -9.35 -10.26
C HIS B 61 9.43 -8.53 -11.02
N HIS B 62 9.04 -8.02 -12.21
CA HIS B 62 9.86 -7.06 -12.96
C HIS B 62 9.97 -5.72 -12.25
N HIS B 63 8.84 -5.11 -11.87
CA HIS B 63 8.76 -3.90 -11.03
C HIS B 63 7.30 -3.58 -10.67
N HIS B 64 6.50 -3.22 -11.68
CA HIS B 64 5.06 -2.85 -11.66
C HIS B 64 4.65 -1.64 -10.77
N MET B 65 5.14 -1.58 -9.53
CA MET B 65 4.95 -0.46 -8.58
C MET B 65 6.00 -0.52 -7.45
N HIS B 66 6.24 -1.70 -6.90
CA HIS B 66 7.20 -2.00 -5.82
C HIS B 66 7.60 -3.47 -5.91
N ARG B 67 8.90 -3.78 -5.99
CA ARG B 67 9.38 -5.16 -6.23
C ARG B 67 9.38 -6.02 -4.96
N ASP B 68 8.20 -6.54 -4.62
CA ASP B 68 7.98 -7.56 -3.59
C ASP B 68 7.02 -8.68 -4.08
N SER B 69 6.70 -9.65 -3.22
CA SER B 69 5.82 -10.80 -3.53
C SER B 69 4.42 -10.40 -4.01
N CYS B 70 3.91 -9.22 -3.63
CA CYS B 70 2.63 -8.66 -4.04
C CYS B 70 2.71 -7.12 -4.10
N PRO B 71 3.12 -6.53 -5.26
CA PRO B 71 3.41 -5.10 -5.48
C PRO B 71 2.38 -4.03 -5.05
N LEU B 72 1.21 -4.40 -4.51
CA LEU B 72 0.20 -3.53 -3.89
C LEU B 72 0.68 -2.98 -2.51
N ASP B 73 1.85 -2.35 -2.50
CA ASP B 73 2.50 -1.79 -1.31
C ASP B 73 1.70 -0.65 -0.65
N CYS B 74 1.94 -0.42 0.64
CA CYS B 74 1.28 0.58 1.49
C CYS B 74 2.28 1.62 2.06
N LYS B 75 3.60 1.40 1.90
CA LYS B 75 4.62 2.39 2.31
C LYS B 75 4.48 3.71 1.53
N VAL B 76 4.83 4.78 2.21
CA VAL B 76 4.62 6.19 1.86
C VAL B 76 5.98 6.87 1.74
N TYR B 77 6.27 7.53 0.62
CA TYR B 77 7.49 8.27 0.41
C TYR B 77 7.41 9.62 1.11
N VAL B 78 8.55 10.16 1.50
CA VAL B 78 8.63 11.54 1.99
C VAL B 78 10.02 12.16 1.80
N GLY B 79 10.05 13.48 1.70
CA GLY B 79 11.24 14.33 1.75
C GLY B 79 10.87 15.73 2.24
N ASN B 80 11.68 16.33 3.11
CA ASN B 80 11.33 17.56 3.84
C ASN B 80 12.43 18.62 3.73
N LEU B 81 12.02 19.90 3.60
CA LEU B 81 12.77 21.14 3.34
C LEU B 81 13.61 21.11 2.04
N GLY B 82 14.43 20.08 1.89
CA GLY B 82 15.22 19.71 0.72
C GLY B 82 16.16 18.56 1.11
N ASN B 83 16.92 18.77 2.20
CA ASN B 83 17.79 17.76 2.82
C ASN B 83 17.82 17.94 4.36
N ASN B 84 16.84 17.37 5.10
CA ASN B 84 16.86 17.35 6.58
C ASN B 84 16.62 15.99 7.26
N GLY B 85 16.31 14.91 6.51
CA GLY B 85 16.20 13.49 6.91
C GLY B 85 16.29 13.17 8.41
N ASN B 86 15.22 13.43 9.16
CA ASN B 86 15.10 13.12 10.59
C ASN B 86 13.67 12.67 10.91
N LYS B 87 13.54 11.53 11.61
CA LYS B 87 12.25 10.86 11.86
C LYS B 87 11.30 11.62 12.79
N THR B 88 11.78 12.40 13.75
CA THR B 88 10.95 13.03 14.81
C THR B 88 9.85 13.91 14.23
N GLU B 89 10.23 14.84 13.35
CA GLU B 89 9.30 15.79 12.76
C GLU B 89 8.23 15.03 11.97
N LEU B 90 8.66 14.26 10.97
CA LEU B 90 7.71 13.62 10.08
C LEU B 90 6.84 12.60 10.82
N GLU B 91 7.37 11.90 11.84
CA GLU B 91 6.59 11.00 12.68
C GLU B 91 5.40 11.71 13.33
N ARG B 92 5.61 12.87 13.98
CA ARG B 92 4.46 13.63 14.50
C ARG B 92 3.60 14.23 13.38
N ALA B 93 4.21 14.63 12.25
CA ALA B 93 3.49 15.22 11.12
C ALA B 93 2.51 14.24 10.47
N PHE B 94 2.91 12.98 10.37
CA PHE B 94 2.12 11.88 9.86
C PHE B 94 1.09 11.42 10.89
N GLY B 95 1.57 10.93 12.04
CA GLY B 95 0.69 10.51 13.12
C GLY B 95 -0.36 11.55 13.56
N TYR B 96 -0.14 12.85 13.31
CA TYR B 96 -1.15 13.93 13.45
C TYR B 96 -2.47 13.62 12.70
N TYR B 97 -2.41 13.26 11.41
CA TYR B 97 -3.58 12.93 10.58
C TYR B 97 -4.20 11.60 11.02
N GLY B 98 -3.35 10.61 11.27
CA GLY B 98 -3.80 9.31 11.80
C GLY B 98 -2.65 8.40 12.22
N PRO B 99 -2.86 7.33 13.02
CA PRO B 99 -1.73 6.60 13.60
C PRO B 99 -0.89 5.83 12.56
N LEU B 100 0.42 6.00 12.70
CA LEU B 100 1.46 5.33 11.92
C LEU B 100 1.57 3.83 12.26
N ARG B 101 2.31 3.10 11.40
CA ARG B 101 2.66 1.68 11.51
C ARG B 101 4.16 1.43 11.30
N SER B 102 4.86 2.33 10.59
CA SER B 102 6.33 2.35 10.49
C SER B 102 6.83 3.76 10.11
N VAL B 103 8.05 4.12 10.51
CA VAL B 103 8.74 5.37 10.13
C VAL B 103 10.25 5.09 9.97
N TRP B 104 10.83 5.55 8.87
CA TRP B 104 12.26 5.43 8.52
C TRP B 104 12.76 6.68 7.77
N VAL B 105 14.05 7.00 7.86
CA VAL B 105 14.67 8.04 7.01
C VAL B 105 16.06 7.61 6.51
N ALA B 106 16.46 8.10 5.33
CA ALA B 106 17.69 7.68 4.66
C ALA B 106 18.95 8.40 5.19
N ARG B 107 19.44 7.94 6.36
CA ARG B 107 20.67 8.33 7.09
C ARG B 107 20.74 9.77 7.62
N ASN B 108 20.34 10.74 6.80
CA ASN B 108 20.16 12.20 7.01
C ASN B 108 20.58 13.02 5.76
N PRO B 109 21.85 12.97 5.28
CA PRO B 109 22.29 13.74 4.12
C PRO B 109 21.49 13.50 2.81
N PRO B 110 21.11 12.26 2.43
CA PRO B 110 20.18 11.97 1.33
C PRO B 110 18.83 12.72 1.39
N GLY B 111 18.44 13.24 2.55
CA GLY B 111 17.30 14.15 2.74
C GLY B 111 15.92 13.50 2.82
N PHE B 112 15.68 12.49 1.99
CA PHE B 112 14.43 11.74 1.92
C PHE B 112 14.24 10.71 3.05
N ALA B 113 13.02 10.16 3.09
CA ALA B 113 12.50 9.28 4.10
C ALA B 113 11.38 8.35 3.55
N PHE B 114 10.94 7.42 4.39
CA PHE B 114 9.76 6.58 4.13
C PHE B 114 8.96 6.25 5.40
N VAL B 115 7.65 6.11 5.29
CA VAL B 115 6.74 5.72 6.40
C VAL B 115 5.70 4.70 5.97
N GLU B 116 4.84 4.29 6.90
CA GLU B 116 3.65 3.48 6.64
C GLU B 116 2.61 3.78 7.74
N PHE B 117 1.31 3.66 7.44
CA PHE B 117 0.21 3.98 8.37
C PHE B 117 -0.66 2.75 8.71
N GLU B 118 -1.50 2.88 9.75
CA GLU B 118 -2.53 1.89 10.12
C GLU B 118 -3.46 1.53 8.95
N ASP B 119 -3.75 2.50 8.08
CA ASP B 119 -4.75 2.41 7.01
C ASP B 119 -4.36 3.35 5.83
N PRO B 120 -4.44 2.91 4.56
CA PRO B 120 -4.31 3.74 3.37
C PRO B 120 -5.14 5.03 3.39
N ARG B 121 -6.30 5.07 4.07
CA ARG B 121 -7.08 6.31 4.30
C ARG B 121 -6.22 7.42 4.94
N ASP B 122 -5.35 7.04 5.88
CA ASP B 122 -4.58 7.99 6.70
C ASP B 122 -3.34 8.42 5.92
N ALA B 123 -2.67 7.48 5.24
CA ALA B 123 -1.60 7.77 4.30
C ALA B 123 -2.06 8.72 3.17
N ALA B 124 -3.24 8.47 2.58
CA ALA B 124 -3.80 9.29 1.51
C ALA B 124 -4.16 10.71 1.99
N ASP B 125 -4.80 10.86 3.16
CA ASP B 125 -5.17 12.17 3.68
C ASP B 125 -3.95 12.96 4.24
N ALA B 126 -2.97 12.23 4.76
CA ALA B 126 -1.67 12.79 5.11
C ALA B 126 -0.99 13.34 3.84
N VAL B 127 -0.82 12.53 2.78
CA VAL B 127 -0.35 12.97 1.44
C VAL B 127 -1.13 14.19 0.94
N ARG B 128 -2.47 14.19 1.05
CA ARG B 128 -3.37 15.29 0.63
C ARG B 128 -2.95 16.63 1.20
N GLU B 129 -2.57 16.71 2.47
CA GLU B 129 -2.23 17.99 3.11
C GLU B 129 -0.74 18.15 3.54
N LEU B 130 0.10 17.15 3.25
CA LEU B 130 1.56 17.19 3.46
C LEU B 130 2.38 17.51 2.20
N ASP B 131 2.00 17.01 1.02
CA ASP B 131 2.85 17.07 -0.19
C ASP B 131 3.13 18.49 -0.74
N GLY B 132 4.30 18.64 -1.37
CA GLY B 132 4.76 19.78 -2.16
C GLY B 132 5.07 21.10 -1.44
N ARG B 133 4.09 21.63 -0.71
CA ARG B 133 4.06 22.99 -0.13
C ARG B 133 5.17 23.31 0.88
N THR B 134 5.11 22.70 2.06
CA THR B 134 5.95 22.99 3.24
C THR B 134 5.62 21.97 4.34
N LEU B 135 6.63 21.64 5.15
CA LEU B 135 6.47 20.86 6.39
C LEU B 135 7.42 21.42 7.48
N CYS B 136 8.75 21.38 7.28
CA CYS B 136 9.70 22.09 8.15
C CYS B 136 9.61 23.62 7.97
N GLY B 137 9.54 24.06 6.70
CA GLY B 137 9.50 25.47 6.32
C GLY B 137 10.02 25.82 4.91
N CYS B 138 10.18 24.82 4.03
CA CYS B 138 10.52 24.97 2.62
C CYS B 138 9.90 23.79 1.85
N ARG B 139 9.99 23.79 0.52
CA ARG B 139 9.28 22.87 -0.39
C ARG B 139 9.64 21.41 -0.08
N VAL B 140 8.60 20.58 0.04
CA VAL B 140 8.66 19.16 0.45
C VAL B 140 8.15 18.22 -0.65
N ARG B 141 8.19 16.93 -0.36
CA ARG B 141 7.65 15.81 -1.15
C ARG B 141 7.02 14.81 -0.19
N VAL B 142 5.82 14.32 -0.46
CA VAL B 142 5.23 13.18 0.27
C VAL B 142 4.35 12.40 -0.72
N GLU B 143 4.60 11.11 -0.92
CA GLU B 143 3.96 10.32 -1.99
C GLU B 143 3.78 8.84 -1.58
N LEU B 144 3.57 7.92 -2.53
CA LEU B 144 3.49 6.47 -2.29
C LEU B 144 4.61 5.76 -3.08
N SER B 145 5.16 4.67 -2.53
CA SER B 145 6.27 3.89 -3.12
C SER B 145 6.18 3.68 -4.63
N ASN B 146 7.26 3.98 -5.36
CA ASN B 146 7.34 3.79 -6.81
C ASN B 146 8.75 3.46 -7.34
N GLY B 147 9.81 3.57 -6.53
CA GLY B 147 11.20 3.50 -7.01
C GLY B 147 12.12 2.41 -6.44
N GLU B 148 13.41 2.56 -6.76
CA GLU B 148 14.50 1.59 -6.55
C GLU B 148 15.88 2.26 -6.78
N LYS B 149 16.04 2.95 -7.93
CA LYS B 149 17.14 3.85 -8.33
C LYS B 149 16.68 5.09 -9.11
N ARG B 150 15.38 5.40 -8.98
CA ARG B 150 14.68 6.48 -9.70
C ARG B 150 13.36 6.91 -9.03
#